data_6WL8
#
_entry.id   6WL8
#
_entity_poly.entity_id   1
_entity_poly.type   'polypeptide(L)'
_entity_poly.pdbx_seq_one_letter_code
;QAKILEADAEILKAYAKILEAHAEILKAQ
;
_entity_poly.pdbx_strand_id   A,0,B,2,C,3,D,4,E,5,F,6,G,7,H,8,I,9,J,AA,K,BA,L,CA,M,DA,N,EA,O,FA,P,GA,Q,HA,R,IA,S,JA,T,KA,U,LA,V,MA,W,NA,X,OA,Y,PA,Z,QA,a,RA,b,SA,c,TA,d,UA,e,VA,f,WA,g,XA,h,YA,i,ZA,j,aA,k,bA,l,cA,m,dA,n,eA,o,fA,p,gA,q,hA,r,iA,s,jA,t,kA,u,lA,v,mA,w,nA,x,oA,y,pA,z,qA,1,rA
#
# COMPACT_ATOMS: atom_id res chain seq x y z
N GLN A 1 -24.73 27.95 -3.49
CA GLN A 1 -23.80 28.94 -4.00
C GLN A 1 -22.37 28.43 -3.95
N ALA A 2 -22.14 27.43 -3.09
CA ALA A 2 -20.79 26.93 -2.87
C ALA A 2 -20.24 26.23 -4.10
N LYS A 3 -21.12 25.61 -4.89
CA LYS A 3 -20.67 24.89 -6.07
C LYS A 3 -20.21 25.85 -7.15
N ILE A 4 -20.76 27.06 -7.17
CA ILE A 4 -20.31 28.07 -8.13
C ILE A 4 -18.86 28.48 -7.85
N LEU A 5 -18.56 28.73 -6.59
CA LEU A 5 -17.20 29.11 -6.22
C LEU A 5 -16.25 27.93 -6.36
N GLU A 6 -16.76 26.72 -6.13
CA GLU A 6 -15.96 25.53 -6.39
C GLU A 6 -15.63 25.39 -7.87
N ALA A 7 -16.58 25.74 -8.74
CA ALA A 7 -16.31 25.71 -10.17
C ALA A 7 -15.31 26.79 -10.57
N ASP A 8 -15.37 27.94 -9.90
CA ASP A 8 -14.37 28.98 -10.11
C ASP A 8 -12.98 28.48 -9.74
N ALA A 9 -12.89 27.78 -8.62
CA ALA A 9 -11.62 27.20 -8.21
C ALA A 9 -11.15 26.14 -9.20
N GLU A 10 -12.08 25.41 -9.79
CA GLU A 10 -11.71 24.42 -10.80
C GLU A 10 -11.20 25.09 -12.07
N ILE A 11 -11.78 26.24 -12.42
CA ILE A 11 -11.31 27.02 -13.57
C ILE A 11 -9.87 27.47 -13.34
N LEU A 12 -9.59 28.04 -12.17
CA LEU A 12 -8.25 28.56 -11.93
C LEU A 12 -7.25 27.43 -11.75
N LYS A 13 -7.68 26.28 -11.22
CA LYS A 13 -6.79 25.12 -11.14
C LYS A 13 -6.47 24.59 -12.52
N ALA A 14 -7.43 24.61 -13.43
CA ALA A 14 -7.17 24.24 -14.81
C ALA A 14 -6.16 25.18 -15.44
N TYR A 15 -6.28 26.47 -15.14
CA TYR A 15 -5.31 27.44 -15.64
C TYR A 15 -3.92 27.18 -15.09
N ALA A 16 -3.84 26.78 -13.82
CA ALA A 16 -2.55 26.44 -13.22
C ALA A 16 -1.96 25.21 -13.87
N LYS A 17 -2.81 24.26 -14.28
CA LYS A 17 -2.31 23.07 -14.96
C LYS A 17 -1.82 23.43 -16.36
N ILE A 18 -2.45 24.42 -17.00
CA ILE A 18 -1.96 24.92 -18.28
C ILE A 18 -0.56 25.49 -18.13
N LEU A 19 -0.37 26.31 -17.09
CA LEU A 19 0.95 26.93 -16.91
C LEU A 19 2.00 25.91 -16.51
N GLU A 20 1.61 24.89 -15.74
CA GLU A 20 2.56 23.83 -15.41
C GLU A 20 2.94 23.02 -16.64
N ALA A 21 2.00 22.80 -17.55
CA ALA A 21 2.32 22.09 -18.79
C ALA A 21 3.25 22.92 -19.65
N HIS A 22 3.01 24.23 -19.72
CA HIS A 22 3.90 25.12 -20.48
C HIS A 22 5.29 25.15 -19.89
N ALA A 23 5.35 25.10 -18.55
CA ALA A 23 6.63 25.02 -17.86
C ALA A 23 7.33 23.71 -18.16
N GLU A 24 6.57 22.63 -18.28
CA GLU A 24 7.20 21.34 -18.53
C GLU A 24 7.73 21.27 -19.96
N ILE A 25 7.05 21.96 -20.89
CA ILE A 25 7.57 22.13 -22.24
C ILE A 25 8.90 22.88 -22.21
N LEU A 26 8.90 24.05 -21.56
CA LEU A 26 10.07 24.91 -21.61
C LEU A 26 11.24 24.32 -20.82
N LYS A 27 10.94 23.49 -19.83
CA LYS A 27 11.98 22.76 -19.13
C LYS A 27 12.51 21.62 -19.98
N ALA A 28 11.64 20.96 -20.74
CA ALA A 28 12.08 19.77 -21.46
C ALA A 28 12.86 20.13 -22.73
N GLN A 29 12.82 21.39 -23.15
CA GLN A 29 13.50 21.79 -24.39
C GLN A 29 15.01 21.72 -24.27
N GLN B 1 -20.30 38.50 -8.91
CA GLN B 1 -19.49 37.37 -9.36
C GLN B 1 -19.10 37.51 -10.82
N ALA B 2 -19.83 38.38 -11.54
CA ALA B 2 -19.54 38.58 -12.95
C ALA B 2 -18.20 39.26 -13.16
N LYS B 3 -17.74 40.02 -12.16
CA LYS B 3 -16.40 40.60 -12.22
C LYS B 3 -15.33 39.52 -12.23
N ILE B 4 -15.57 38.42 -11.52
CA ILE B 4 -14.61 37.32 -11.48
C ILE B 4 -14.51 36.66 -12.85
N LEU B 5 -15.65 36.43 -13.50
CA LEU B 5 -15.64 35.82 -14.82
C LEU B 5 -15.03 36.75 -15.86
N GLU B 6 -15.29 38.05 -15.72
CA GLU B 6 -14.68 39.02 -16.63
C GLU B 6 -13.17 39.08 -16.42
N ALA B 7 -12.73 38.91 -15.18
CA ALA B 7 -11.30 38.88 -14.91
C ALA B 7 -10.68 37.61 -15.48
N ASP B 8 -11.41 36.50 -15.45
CA ASP B 8 -10.96 35.28 -16.12
C ASP B 8 -10.83 35.50 -17.62
N ALA B 9 -11.78 36.23 -18.21
CA ALA B 9 -11.70 36.56 -19.62
C ALA B 9 -10.49 37.42 -19.93
N GLU B 10 -10.19 38.37 -19.06
CA GLU B 10 -9.02 39.22 -19.26
C GLU B 10 -7.72 38.42 -19.13
N ILE B 11 -7.69 37.48 -18.18
CA ILE B 11 -6.52 36.62 -17.98
C ILE B 11 -6.30 35.76 -19.21
N LEU B 12 -7.37 35.17 -19.73
CA LEU B 12 -7.24 34.30 -20.89
C LEU B 12 -6.90 35.08 -22.15
N LYS B 13 -7.39 36.31 -22.26
CA LYS B 13 -7.00 37.17 -23.37
C LYS B 13 -5.54 37.55 -23.29
N ALA B 14 -5.03 37.76 -22.07
CA ALA B 14 -3.62 38.06 -21.89
C ALA B 14 -2.76 36.85 -22.24
N TYR B 15 -3.23 35.65 -21.90
CA TYR B 15 -2.52 34.44 -22.29
C TYR B 15 -2.53 34.25 -23.80
N ALA B 16 -3.63 34.64 -24.44
CA ALA B 16 -3.71 34.58 -25.89
C ALA B 16 -2.74 35.56 -26.54
N LYS B 17 -2.60 36.75 -25.95
CA LYS B 17 -1.66 37.74 -26.47
C LYS B 17 -0.22 37.26 -26.30
N ILE B 18 0.07 36.62 -25.16
CA ILE B 18 1.41 36.08 -24.93
C ILE B 18 1.71 34.98 -25.93
N LEU B 19 0.73 34.12 -26.21
CA LEU B 19 0.93 33.05 -27.18
C LEU B 19 1.04 33.59 -28.60
N GLU B 20 0.35 34.71 -28.89
CA GLU B 20 0.48 35.33 -30.19
C GLU B 20 1.86 35.95 -30.38
N ALA B 21 2.40 36.58 -29.33
CA ALA B 21 3.74 37.12 -29.41
C ALA B 21 4.78 36.01 -29.53
N HIS B 22 4.53 34.88 -28.84
CA HIS B 22 5.40 33.73 -28.99
C HIS B 22 5.33 33.15 -30.40
N ALA B 23 4.13 33.19 -31.00
CA ALA B 23 3.97 32.73 -32.38
C ALA B 23 4.71 33.63 -33.35
N GLU B 24 4.67 34.94 -33.11
CA GLU B 24 5.38 35.87 -33.98
C GLU B 24 6.89 35.72 -33.83
N ILE B 25 7.36 35.48 -32.60
CA ILE B 25 8.80 35.38 -32.40
C ILE B 25 9.33 34.04 -32.86
N LEU B 26 8.47 33.02 -32.95
CA LEU B 26 8.88 31.78 -33.61
C LEU B 26 8.74 31.87 -35.12
N LYS B 27 7.86 32.75 -35.60
CA LYS B 27 7.82 33.05 -37.02
C LYS B 27 9.08 33.78 -37.47
N ALA B 28 9.62 34.64 -36.60
CA ALA B 28 10.84 35.38 -36.93
C ALA B 28 12.06 34.48 -36.99
N GLN B 29 12.09 33.42 -36.20
CA GLN B 29 13.22 32.49 -36.20
C GLN B 29 13.18 31.59 -37.43
N GLN C 1 -10.40 -28.51 23.05
CA GLN C 1 -10.30 -27.77 24.30
C GLN C 1 -9.60 -26.44 24.10
N ALA C 2 -8.93 -26.31 22.95
CA ALA C 2 -8.10 -25.13 22.71
C ALA C 2 -8.95 -23.88 22.54
N LYS C 3 -10.16 -24.04 22.00
CA LYS C 3 -11.03 -22.88 21.79
C LYS C 3 -11.56 -22.34 23.12
N ILE C 4 -11.68 -23.21 24.12
CA ILE C 4 -12.10 -22.76 25.45
C ILE C 4 -11.04 -21.86 26.08
N LEU C 5 -9.79 -22.29 26.00
CA LEU C 5 -8.69 -21.49 26.55
C LEU C 5 -8.49 -20.22 25.74
N GLU C 6 -8.72 -20.30 24.42
CA GLU C 6 -8.68 -19.12 23.58
C GLU C 6 -9.76 -18.12 23.97
N ALA C 7 -10.94 -18.62 24.34
CA ALA C 7 -12.01 -17.74 24.79
C ALA C 7 -11.68 -17.13 26.15
N ASP C 8 -11.00 -17.89 27.01
CA ASP C 8 -10.52 -17.33 28.27
C ASP C 8 -9.54 -16.19 28.03
N ALA C 9 -8.63 -16.40 27.07
CA ALA C 9 -7.69 -15.34 26.71
C ALA C 9 -8.41 -14.13 26.13
N GLU C 10 -9.49 -14.36 25.40
CA GLU C 10 -10.29 -13.25 24.88
C GLU C 10 -10.98 -12.49 26.00
N ILE C 11 -11.43 -13.20 27.04
CA ILE C 11 -12.04 -12.57 28.21
C ILE C 11 -11.04 -11.66 28.89
N LEU C 12 -9.84 -12.16 29.14
CA LEU C 12 -8.87 -11.35 29.88
C LEU C 12 -8.32 -10.23 29.00
N LYS C 13 -8.27 -10.43 27.68
CA LYS C 13 -7.88 -9.35 26.78
C LYS C 13 -8.93 -8.26 26.76
N ALA C 14 -10.20 -8.63 26.83
CA ALA C 14 -11.26 -7.64 26.94
C ALA C 14 -11.15 -6.87 28.24
N TYR C 15 -10.78 -7.55 29.32
CA TYR C 15 -10.53 -6.87 30.58
C TYR C 15 -9.37 -5.88 30.47
N ALA C 16 -8.33 -6.27 29.72
CA ALA C 16 -7.22 -5.36 29.49
C ALA C 16 -7.64 -4.14 28.70
N LYS C 17 -8.56 -4.32 27.76
CA LYS C 17 -9.07 -3.19 26.99
C LYS C 17 -9.92 -2.28 27.87
N ILE C 18 -10.61 -2.87 28.85
CA ILE C 18 -11.37 -2.07 29.83
C ILE C 18 -10.43 -1.17 30.62
N LEU C 19 -9.35 -1.75 31.14
CA LEU C 19 -8.45 -0.94 31.97
C LEU C 19 -7.68 0.07 31.13
N GLU C 20 -7.39 -0.26 29.87
CA GLU C 20 -6.76 0.72 28.99
C GLU C 20 -7.68 1.88 28.69
N ALA C 21 -8.98 1.60 28.52
CA ALA C 21 -9.94 2.68 28.30
C ALA C 21 -10.08 3.55 29.54
N HIS C 22 -10.06 2.92 30.72
CA HIS C 22 -10.18 3.69 31.95
C HIS C 22 -8.94 4.55 32.15
N ALA C 23 -7.77 4.03 31.77
CA ALA C 23 -6.55 4.81 31.78
C ALA C 23 -6.62 5.94 30.77
N GLU C 24 -7.30 5.71 29.65
CA GLU C 24 -7.40 6.76 28.64
C GLU C 24 -8.29 7.89 29.13
N ILE C 25 -9.34 7.55 29.91
CA ILE C 25 -10.13 8.57 30.59
C ILE C 25 -9.27 9.36 31.55
N LEU C 26 -8.53 8.64 32.41
CA LEU C 26 -7.81 9.31 33.49
C LEU C 26 -6.64 10.12 32.96
N LYS C 27 -6.10 9.71 31.81
CA LYS C 27 -5.10 10.53 31.12
C LYS C 27 -5.75 11.73 30.47
N ALA C 28 -6.97 11.57 29.98
CA ALA C 28 -7.62 12.67 29.27
C ALA C 28 -8.10 13.76 30.21
N GLN C 29 -8.25 13.46 31.49
CA GLN C 29 -8.76 14.44 32.46
C GLN C 29 -7.77 15.57 32.68
N GLN D 1 -11.75 -26.41 35.21
CA GLN D 1 -11.56 -25.07 34.68
C GLN D 1 -12.50 -24.08 35.33
N ALA D 2 -13.35 -24.60 36.23
CA ALA D 2 -14.32 -23.73 36.91
C ALA D 2 -13.64 -22.79 37.88
N LYS D 3 -12.44 -23.15 38.35
CA LYS D 3 -11.66 -22.24 39.20
C LYS D 3 -11.26 -21.00 38.43
N ILE D 4 -10.97 -21.14 37.14
CA ILE D 4 -10.60 -20.00 36.30
C ILE D 4 -11.76 -19.04 36.17
N LEU D 5 -12.96 -19.56 35.89
CA LEU D 5 -14.13 -18.70 35.73
C LEU D 5 -14.55 -18.09 37.06
N GLU D 6 -14.35 -18.84 38.15
CA GLU D 6 -14.66 -18.29 39.47
C GLU D 6 -13.69 -17.18 39.83
N ALA D 7 -12.43 -17.31 39.44
CA ALA D 7 -11.47 -16.23 39.64
C ALA D 7 -11.80 -15.03 38.75
N ASP D 8 -12.33 -15.27 37.56
CA ASP D 8 -12.81 -14.18 36.71
C ASP D 8 -13.97 -13.46 37.38
N ALA D 9 -14.86 -14.21 38.02
CA ALA D 9 -15.97 -13.60 38.75
C ALA D 9 -15.47 -12.77 39.91
N GLU D 10 -14.46 -13.26 40.63
CA GLU D 10 -13.88 -12.49 41.73
C GLU D 10 -13.19 -11.24 41.24
N ILE D 11 -12.54 -11.32 40.07
CA ILE D 11 -11.86 -10.17 39.48
C ILE D 11 -12.88 -9.10 39.09
N LEU D 12 -13.95 -9.51 38.44
CA LEU D 12 -14.96 -8.55 38.00
C LEU D 12 -15.73 -7.98 39.18
N LYS D 13 -15.91 -8.78 40.24
CA LYS D 13 -16.53 -8.27 41.45
C LYS D 13 -15.64 -7.24 42.13
N ALA D 14 -14.32 -7.46 42.11
CA ALA D 14 -13.40 -6.49 42.67
C ALA D 14 -13.40 -5.20 41.86
N TYR D 15 -13.49 -5.32 40.53
CA TYR D 15 -13.59 -4.13 39.69
C TYR D 15 -14.89 -3.39 39.96
N ALA D 16 -15.97 -4.12 40.23
CA ALA D 16 -17.23 -3.49 40.58
C ALA D 16 -17.14 -2.77 41.91
N LYS D 17 -16.41 -3.34 42.88
CA LYS D 17 -16.23 -2.69 44.17
C LYS D 17 -15.41 -1.42 44.03
N ILE D 18 -14.39 -1.46 43.16
CA ILE D 18 -13.56 -0.27 42.91
C ILE D 18 -14.41 0.82 42.26
N LEU D 19 -15.27 0.43 41.32
CA LEU D 19 -16.13 1.40 40.65
C LEU D 19 -17.17 1.95 41.61
N GLU D 20 -17.64 1.14 42.56
CA GLU D 20 -18.61 1.61 43.54
C GLU D 20 -17.96 2.61 44.51
N ALA D 21 -16.73 2.34 44.91
CA ALA D 21 -16.02 3.28 45.77
C ALA D 21 -15.70 4.57 45.03
N HIS D 22 -15.41 4.47 43.73
CA HIS D 22 -15.22 5.66 42.90
C HIS D 22 -16.52 6.44 42.77
N ALA D 23 -17.65 5.73 42.68
CA ALA D 23 -18.95 6.38 42.61
C ALA D 23 -19.27 7.10 43.91
N GLU D 24 -18.92 6.48 45.04
CA GLU D 24 -19.15 7.11 46.34
C GLU D 24 -18.29 8.35 46.51
N ILE D 25 -17.02 8.27 46.07
CA ILE D 25 -16.13 9.41 46.28
C ILE D 25 -16.41 10.52 45.28
N LEU D 26 -17.05 10.21 44.15
CA LEU D 26 -17.53 11.28 43.28
C LEU D 26 -18.88 11.82 43.74
N LYS D 27 -19.64 11.01 44.49
CA LYS D 27 -20.83 11.52 45.15
C LYS D 27 -20.46 12.51 46.26
N ALA D 28 -19.35 12.24 46.96
CA ALA D 28 -18.93 13.12 48.05
C ALA D 28 -18.39 14.45 47.54
N GLN D 29 -17.82 14.46 46.34
CA GLN D 29 -17.30 15.69 45.76
C GLN D 29 -18.43 16.58 45.26
N GLN E 1 7.98 -18.26 -33.09
CA GLN E 1 9.05 -19.11 -32.57
C GLN E 1 9.42 -18.73 -31.16
N ALA E 2 9.01 -17.51 -30.77
CA ALA E 2 9.43 -16.96 -29.48
C ALA E 2 8.79 -17.71 -28.32
N LYS E 3 7.62 -18.31 -28.55
CA LYS E 3 6.96 -19.07 -27.50
C LYS E 3 7.72 -20.35 -27.19
N ILE E 4 8.42 -20.91 -28.19
CA ILE E 4 9.25 -22.08 -27.96
C ILE E 4 10.41 -21.76 -27.03
N LEU E 5 11.06 -20.63 -27.26
CA LEU E 5 12.18 -20.22 -26.42
C LEU E 5 11.69 -19.81 -25.04
N GLU E 6 10.50 -19.23 -24.97
CA GLU E 6 9.86 -18.95 -23.69
C GLU E 6 9.60 -20.22 -22.91
N ALA E 7 9.19 -21.29 -23.61
CA ALA E 7 8.96 -22.56 -22.95
C ALA E 7 10.27 -23.19 -22.48
N ASP E 8 11.34 -22.99 -23.25
CA ASP E 8 12.66 -23.42 -22.83
C ASP E 8 13.08 -22.72 -21.54
N ALA E 9 12.83 -21.41 -21.48
CA ALA E 9 13.13 -20.65 -20.27
C ALA E 9 12.28 -21.12 -19.10
N GLU E 10 11.04 -21.53 -19.38
CA GLU E 10 10.18 -22.06 -18.32
C GLU E 10 10.69 -23.39 -17.81
N ILE E 11 11.23 -24.22 -18.71
CA ILE E 11 11.84 -25.49 -18.32
C ILE E 11 13.02 -25.26 -17.38
N LEU E 12 13.91 -24.35 -17.78
CA LEU E 12 15.10 -24.13 -16.97
C LEU E 12 14.77 -23.40 -15.66
N LYS E 13 13.72 -22.57 -15.67
CA LYS E 13 13.27 -21.94 -14.43
C LYS E 13 12.67 -22.98 -13.48
N ALA E 14 11.97 -23.96 -14.03
CA ALA E 14 11.46 -25.05 -13.20
C ALA E 14 12.60 -25.85 -12.60
N TYR E 15 13.67 -26.06 -13.38
CA TYR E 15 14.85 -26.74 -12.86
C TYR E 15 15.50 -25.94 -11.73
N ALA E 16 15.54 -24.62 -11.90
CA ALA E 16 16.08 -23.77 -10.84
C ALA E 16 15.23 -23.82 -9.59
N LYS E 17 13.91 -23.97 -9.75
CA LYS E 17 13.04 -24.10 -8.59
C LYS E 17 13.24 -25.44 -7.90
N ILE E 18 13.58 -26.48 -8.67
CA ILE E 18 13.95 -27.78 -8.08
C ILE E 18 15.18 -27.62 -7.21
N LEU E 19 16.20 -26.94 -7.73
CA LEU E 19 17.44 -26.81 -6.96
C LEU E 19 17.23 -25.91 -5.74
N GLU E 20 16.37 -24.89 -5.86
CA GLU E 20 16.07 -24.06 -4.70
C GLU E 20 15.31 -24.83 -3.63
N ALA E 21 14.41 -25.72 -4.05
CA ALA E 21 13.71 -26.56 -3.09
C ALA E 21 14.66 -27.52 -2.39
N HIS E 22 15.61 -28.07 -3.14
CA HIS E 22 16.61 -28.96 -2.56
C HIS E 22 17.50 -28.20 -1.58
N ALA E 23 17.81 -26.95 -1.89
CA ALA E 23 18.56 -26.11 -0.99
C ALA E 23 17.75 -25.81 0.27
N GLU E 24 16.43 -25.67 0.12
CA GLU E 24 15.59 -25.40 1.28
C GLU E 24 15.53 -26.60 2.21
N ILE E 25 15.51 -27.80 1.62
CA ILE E 25 15.60 -29.04 2.40
C ILE E 25 16.92 -29.10 3.16
N LEU E 26 18.02 -28.87 2.45
CA LEU E 26 19.33 -29.05 3.05
C LEU E 26 19.62 -27.98 4.09
N LYS E 27 19.03 -26.80 3.91
CA LYS E 27 19.11 -25.77 4.93
C LYS E 27 18.26 -26.14 6.14
N ALA E 28 17.13 -26.80 5.90
CA ALA E 28 16.24 -27.13 7.01
C ALA E 28 16.77 -28.28 7.86
N GLN E 29 17.70 -29.07 7.33
CA GLN E 29 18.18 -30.25 8.04
C GLN E 29 19.01 -29.89 9.26
N GLN F 1 17.82 -26.28 -32.37
CA GLN F 1 16.97 -26.23 -31.19
C GLN F 1 16.91 -27.59 -30.50
N ALA F 2 17.08 -28.64 -31.30
CA ALA F 2 17.06 -29.99 -30.75
C ALA F 2 18.26 -30.26 -29.86
N LYS F 3 19.37 -29.56 -30.11
CA LYS F 3 20.54 -29.67 -29.24
C LYS F 3 20.23 -29.15 -27.84
N ILE F 4 19.38 -28.12 -27.75
CA ILE F 4 18.97 -27.60 -26.45
C ILE F 4 18.19 -28.63 -25.66
N LEU F 5 17.27 -29.33 -26.33
CA LEU F 5 16.47 -30.34 -25.65
C LEU F 5 17.33 -31.54 -25.27
N GLU F 6 18.29 -31.90 -26.11
CA GLU F 6 19.20 -32.99 -25.79
C GLU F 6 20.09 -32.62 -24.61
N ALA F 7 20.48 -31.35 -24.52
CA ALA F 7 21.25 -30.89 -23.38
C ALA F 7 20.40 -30.89 -22.11
N ASP F 8 19.11 -30.58 -22.24
CA ASP F 8 18.19 -30.70 -21.11
C ASP F 8 18.08 -32.14 -20.65
N ALA F 9 18.06 -33.08 -21.60
CA ALA F 9 18.02 -34.50 -21.26
C ALA F 9 19.29 -34.93 -20.53
N GLU F 10 20.45 -34.42 -20.98
CA GLU F 10 21.71 -34.73 -20.32
C GLU F 10 21.76 -34.15 -18.90
N ILE F 11 21.22 -32.94 -18.75
CA ILE F 11 21.18 -32.29 -17.44
C ILE F 11 20.30 -33.09 -16.48
N LEU F 12 19.13 -33.50 -16.95
CA LEU F 12 18.21 -34.23 -16.08
C LEU F 12 18.72 -35.62 -15.78
N LYS F 13 19.44 -36.25 -16.72
CA LYS F 13 20.07 -37.54 -16.46
C LYS F 13 21.17 -37.40 -15.42
N ALA F 14 21.93 -36.31 -15.48
CA ALA F 14 22.97 -36.08 -14.48
C ALA F 14 22.37 -35.83 -13.12
N TYR F 15 21.24 -35.13 -13.07
CA TYR F 15 20.54 -34.92 -11.81
C TYR F 15 20.01 -36.23 -11.26
N ALA F 16 19.56 -37.11 -12.15
CA ALA F 16 19.12 -38.44 -11.71
C ALA F 16 20.27 -39.25 -11.16
N LYS F 17 21.45 -39.12 -11.76
CA LYS F 17 22.62 -39.82 -11.25
C LYS F 17 23.04 -39.29 -9.89
N ILE F 18 22.95 -37.97 -9.69
CA ILE F 18 23.25 -37.37 -8.39
C ILE F 18 22.27 -37.86 -7.34
N LEU F 19 20.99 -37.94 -7.71
CA LEU F 19 19.98 -38.41 -6.77
C LEU F 19 20.15 -39.90 -6.48
N GLU F 20 20.61 -40.68 -7.45
CA GLU F 20 20.86 -42.09 -7.22
C GLU F 20 22.05 -42.29 -6.29
N ALA F 21 23.09 -41.48 -6.45
CA ALA F 21 24.24 -41.57 -5.55
C ALA F 21 23.87 -41.12 -4.14
N HIS F 22 23.01 -40.11 -4.05
CA HIS F 22 22.50 -39.68 -2.74
C HIS F 22 21.65 -40.76 -2.11
N ALA F 23 20.88 -41.48 -2.92
CA ALA F 23 20.09 -42.60 -2.43
C ALA F 23 20.98 -43.73 -1.93
N GLU F 24 22.06 -44.00 -2.64
CA GLU F 24 22.99 -45.05 -2.24
C GLU F 24 23.71 -44.68 -0.95
N ILE F 25 24.10 -43.40 -0.81
CA ILE F 25 24.85 -43.02 0.38
C ILE F 25 23.92 -42.88 1.58
N LEU F 26 22.61 -42.65 1.35
CA LEU F 26 21.66 -42.74 2.46
C LEU F 26 21.28 -44.17 2.77
N LYS F 27 21.40 -45.06 1.78
CA LYS F 27 21.26 -46.49 2.06
C LYS F 27 22.41 -47.00 2.91
N ALA F 28 23.61 -46.48 2.68
CA ALA F 28 24.78 -46.91 3.44
C ALA F 28 24.73 -46.40 4.88
N GLN F 29 24.06 -45.28 5.12
CA GLN F 29 23.94 -44.74 6.46
C GLN F 29 22.97 -45.56 7.30
N GLN G 1 11.19 -8.74 -34.04
CA GLN G 1 12.31 -9.61 -33.75
C GLN G 1 12.76 -9.45 -32.31
N ALA G 2 12.25 -8.41 -31.65
CA ALA G 2 12.73 -8.05 -30.32
C ALA G 2 12.33 -9.08 -29.29
N LYS G 3 11.21 -9.77 -29.52
CA LYS G 3 10.76 -10.77 -28.58
C LYS G 3 11.68 -11.99 -28.60
N ILE G 4 12.33 -12.25 -29.74
CA ILE G 4 13.28 -13.35 -29.83
C ILE G 4 14.49 -13.10 -28.94
N LEU G 5 15.04 -11.89 -29.02
CA LEU G 5 16.20 -11.53 -28.20
C LEU G 5 15.80 -11.42 -26.74
N GLU G 6 14.57 -10.97 -26.47
CA GLU G 6 14.06 -10.96 -25.10
C GLU G 6 13.97 -12.37 -24.55
N ALA G 7 13.55 -13.33 -25.37
CA ALA G 7 13.49 -14.71 -24.93
C ALA G 7 14.87 -15.30 -24.72
N ASP G 8 15.85 -14.87 -25.53
CA ASP G 8 17.24 -15.26 -25.30
C ASP G 8 17.72 -14.76 -23.95
N ALA G 9 17.39 -13.52 -23.62
CA ALA G 9 17.74 -12.96 -22.31
C ALA G 9 17.04 -13.72 -21.19
N GLU G 10 15.82 -14.17 -21.43
CA GLU G 10 15.12 -14.96 -20.41
C GLU G 10 15.76 -16.32 -20.22
N ILE G 11 16.27 -16.91 -21.30
CA ILE G 11 17.00 -18.18 -21.21
C ILE G 11 18.25 -18.01 -20.35
N LEU G 12 19.03 -16.97 -20.62
CA LEU G 12 20.27 -16.80 -19.88
C LEU G 12 20.00 -16.37 -18.43
N LYS G 13 18.89 -15.65 -18.21
CA LYS G 13 18.49 -15.32 -16.84
C LYS G 13 18.08 -16.57 -16.08
N ALA G 14 17.42 -17.51 -16.76
CA ALA G 14 17.08 -18.77 -16.13
C ALA G 14 18.33 -19.56 -15.77
N TYR G 15 19.34 -19.53 -16.63
CA TYR G 15 20.60 -20.19 -16.32
C TYR G 15 21.30 -19.53 -15.14
N ALA G 16 21.18 -18.20 -15.04
CA ALA G 16 21.73 -17.48 -13.90
C ALA G 16 21.00 -17.87 -12.61
N LYS G 17 19.69 -18.10 -12.71
CA LYS G 17 18.95 -18.51 -11.53
C LYS G 17 19.33 -19.92 -11.10
N ILE G 18 19.67 -20.77 -12.08
CA ILE G 18 20.19 -22.10 -11.78
C ILE G 18 21.49 -22.01 -11.00
N LEU G 19 22.39 -21.13 -11.47
CA LEU G 19 23.69 -21.01 -10.81
C LEU G 19 23.56 -20.38 -9.43
N GLU G 20 22.63 -19.43 -9.27
CA GLU G 20 22.37 -18.87 -7.94
C GLU G 20 21.79 -19.90 -7.00
N ALA G 21 20.93 -20.78 -7.51
CA ALA G 21 20.39 -21.84 -6.68
C ALA G 21 21.47 -22.82 -6.25
N HIS G 22 22.37 -23.15 -7.16
CA HIS G 22 23.45 -24.07 -6.83
C HIS G 22 24.40 -23.45 -5.82
N ALA G 23 24.61 -22.13 -5.93
CA ALA G 23 25.36 -21.39 -4.93
C ALA G 23 24.63 -21.40 -3.59
N GLU G 24 23.30 -21.36 -3.62
CA GLU G 24 22.54 -21.38 -2.38
C GLU G 24 22.66 -22.71 -1.67
N ILE G 25 22.72 -23.80 -2.45
CA ILE G 25 23.02 -25.12 -1.90
C ILE G 25 24.39 -25.13 -1.26
N LEU G 26 25.40 -24.70 -2.02
CA LEU G 26 26.78 -24.84 -1.57
C LEU G 26 27.09 -23.90 -0.40
N LYS G 27 26.34 -22.82 -0.30
CA LYS G 27 26.40 -21.98 0.90
C LYS G 27 25.70 -22.65 2.06
N ALA G 28 24.61 -23.38 1.78
CA ALA G 28 23.84 -23.98 2.85
C ALA G 28 24.54 -25.18 3.48
N GLN G 29 25.42 -25.84 2.73
CA GLN G 29 26.08 -27.04 3.26
C GLN G 29 27.08 -26.71 4.34
N GLN H 1 21.14 -16.02 -36.05
CA GLN H 1 20.85 -16.06 -34.62
C GLN H 1 21.00 -17.47 -34.08
N ALA H 2 21.21 -18.41 -35.01
CA ALA H 2 21.33 -19.81 -34.61
C ALA H 2 22.63 -20.08 -33.86
N LYS H 3 23.62 -19.23 -34.05
CA LYS H 3 24.88 -19.36 -33.31
C LYS H 3 24.66 -19.12 -31.82
N ILE H 4 23.71 -18.24 -31.48
CA ILE H 4 23.37 -17.99 -30.08
C ILE H 4 22.79 -19.23 -29.44
N LEU H 5 21.87 -19.90 -30.15
CA LEU H 5 21.24 -21.10 -29.62
C LEU H 5 22.24 -22.25 -29.55
N GLU H 6 23.16 -22.33 -30.52
CA GLU H 6 24.19 -23.36 -30.47
C GLU H 6 25.15 -23.13 -29.31
N ALA H 7 25.44 -21.86 -29.02
CA ALA H 7 26.26 -21.54 -27.86
C ALA H 7 25.54 -21.85 -26.56
N ASP H 8 24.22 -21.66 -26.54
CA ASP H 8 23.43 -22.07 -25.38
C ASP H 8 23.48 -23.57 -25.18
N ALA H 9 23.44 -24.32 -26.29
CA ALA H 9 23.55 -25.77 -26.22
C ALA H 9 24.92 -26.19 -25.69
N GLU H 10 25.98 -25.49 -26.12
CA GLU H 10 27.32 -25.78 -25.63
C GLU H 10 27.44 -25.47 -24.14
N ILE H 11 26.83 -24.37 -23.71
CA ILE H 11 26.85 -23.99 -22.29
C ILE H 11 26.13 -25.04 -21.45
N LEU H 12 24.97 -25.48 -21.90
CA LEU H 12 24.20 -26.44 -21.14
C LEU H 12 24.86 -27.81 -21.16
N LYS H 13 25.55 -28.14 -22.25
CA LYS H 13 26.33 -29.38 -22.29
C LYS H 13 27.51 -29.33 -21.33
N ALA H 14 28.14 -28.15 -21.22
CA ALA H 14 29.23 -27.99 -20.27
C ALA H 14 28.73 -28.10 -18.83
N TYR H 15 27.54 -27.56 -18.57
CA TYR H 15 26.93 -27.69 -17.26
C TYR H 15 26.60 -29.14 -16.95
N ALA H 16 26.18 -29.88 -17.98
CA ALA H 16 25.91 -31.31 -17.81
C ALA H 16 27.19 -32.07 -17.51
N LYS H 17 28.30 -31.69 -18.16
CA LYS H 17 29.57 -32.35 -17.88
C LYS H 17 30.06 -32.06 -16.48
N ILE H 18 29.87 -30.83 -16.02
CA ILE H 18 30.25 -30.47 -14.65
C ILE H 18 29.41 -31.23 -13.64
N LEU H 19 28.11 -31.37 -13.94
CA LEU H 19 27.24 -32.12 -13.06
C LEU H 19 27.57 -33.60 -13.06
N GLU H 20 28.01 -34.14 -14.19
CA GLU H 20 28.40 -35.54 -14.25
C GLU H 20 29.68 -35.77 -13.48
N ALA H 21 30.63 -34.83 -13.54
CA ALA H 21 31.85 -34.95 -12.75
C ALA H 21 31.56 -34.83 -11.26
N HIS H 22 30.61 -33.96 -10.91
CA HIS H 22 30.18 -33.85 -9.52
C HIS H 22 29.50 -35.13 -9.06
N ALA H 23 28.73 -35.77 -9.96
CA ALA H 23 28.10 -37.04 -9.64
C ALA H 23 29.13 -38.13 -9.43
N GLU H 24 30.18 -38.15 -10.25
CA GLU H 24 31.24 -39.14 -10.11
C GLU H 24 32.01 -38.94 -8.82
N ILE H 25 32.29 -37.69 -8.46
CA ILE H 25 33.10 -37.46 -7.27
C ILE H 25 32.26 -37.65 -6.00
N LEU H 26 30.93 -37.51 -6.09
CA LEU H 26 30.10 -37.90 -4.96
C LEU H 26 29.89 -39.40 -4.91
N LYS H 27 29.99 -40.08 -6.05
CA LYS H 27 29.99 -41.53 -6.06
C LYS H 27 31.26 -42.08 -5.42
N ALA H 28 32.39 -41.40 -5.63
CA ALA H 28 33.65 -41.86 -5.06
C ALA H 28 33.70 -41.67 -3.55
N GLN H 29 32.96 -40.71 -3.02
CA GLN H 29 32.93 -40.49 -1.57
C GLN H 29 32.10 -41.55 -0.87
N GLN I 1 -19.78 -24.73 24.46
CA GLN I 1 -19.70 -23.77 25.56
C GLN I 1 -18.81 -22.60 25.17
N ALA I 2 -18.07 -22.76 24.08
CA ALA I 2 -17.10 -21.75 23.68
C ALA I 2 -17.77 -20.47 23.24
N LYS I 3 -18.96 -20.58 22.63
CA LYS I 3 -19.66 -19.40 22.16
C LYS I 3 -20.21 -18.58 23.32
N ILE I 4 -20.45 -19.23 24.46
CA ILE I 4 -20.92 -18.50 25.65
C ILE I 4 -19.82 -17.58 26.17
N LEU I 5 -18.60 -18.11 26.29
CA LEU I 5 -17.49 -17.30 26.75
C LEU I 5 -17.10 -16.26 25.71
N GLU I 6 -17.27 -16.60 24.43
CA GLU I 6 -17.05 -15.63 23.37
C GLU I 6 -18.04 -14.47 23.46
N ALA I 7 -19.29 -14.77 23.81
CA ALA I 7 -20.28 -13.71 23.98
C ALA I 7 -19.99 -12.89 25.23
N ASP I 8 -19.45 -13.52 26.27
CA ASP I 8 -19.00 -12.78 27.45
C ASP I 8 -17.89 -11.80 27.07
N ALA I 9 -16.95 -12.25 26.24
CA ALA I 9 -15.88 -11.38 25.77
C ALA I 9 -16.42 -10.24 24.93
N GLU I 10 -17.46 -10.52 24.15
CA GLU I 10 -18.06 -9.46 23.34
C GLU I 10 -18.80 -8.44 24.21
N ILE I 11 -19.41 -8.91 25.31
CA ILE I 11 -20.05 -8.02 26.27
C ILE I 11 -19.03 -7.07 26.88
N LEU I 12 -17.91 -7.63 27.34
CA LEU I 12 -16.93 -6.78 28.00
C LEU I 12 -16.18 -5.89 27.00
N LYS I 13 -16.04 -6.35 25.76
CA LYS I 13 -15.48 -5.50 24.72
C LYS I 13 -16.40 -4.34 24.40
N ALA I 14 -17.71 -4.58 24.41
CA ALA I 14 -18.67 -3.51 24.23
C ALA I 14 -18.60 -2.51 25.38
N TYR I 15 -18.39 -3.01 26.60
CA TYR I 15 -18.20 -2.12 27.74
C TYR I 15 -16.96 -1.27 27.59
N ALA I 16 -15.89 -1.87 27.07
CA ALA I 16 -14.66 -1.13 26.80
C ALA I 16 -14.88 -0.06 25.73
N LYS I 17 -15.74 -0.36 24.75
CA LYS I 17 -16.03 0.63 23.73
C LYS I 17 -16.86 1.77 24.30
N ILE I 18 -17.71 1.47 25.28
CA ILE I 18 -18.45 2.53 26.00
C ILE I 18 -17.46 3.46 26.71
N LEU I 19 -16.49 2.87 27.40
CA LEU I 19 -15.54 3.68 28.14
C LEU I 19 -14.64 4.49 27.21
N GLU I 20 -14.28 3.92 26.05
CA GLU I 20 -13.51 4.68 25.07
C GLU I 20 -14.32 5.82 24.48
N ALA I 21 -15.62 5.60 24.27
CA ALA I 21 -16.47 6.68 23.77
C ALA I 21 -16.58 7.80 24.78
N HIS I 22 -16.72 7.44 26.05
CA HIS I 22 -16.82 8.45 27.11
C HIS I 22 -15.50 9.20 27.24
N ALA I 23 -14.39 8.49 27.01
CA ALA I 23 -13.08 9.13 26.95
C ALA I 23 -13.00 10.10 25.78
N GLU I 24 -13.60 9.74 24.65
CA GLU I 24 -13.55 10.60 23.48
C GLU I 24 -14.36 11.87 23.70
N ILE I 25 -15.47 11.75 24.43
CA ILE I 25 -16.25 12.91 24.84
C ILE I 25 -15.43 13.83 25.73
N LEU I 26 -14.85 13.24 26.78
CA LEU I 26 -14.15 14.05 27.78
C LEU I 26 -12.87 14.66 27.20
N LYS I 27 -12.27 13.98 26.23
CA LYS I 27 -11.11 14.53 25.53
C LYS I 27 -11.52 15.66 24.61
N ALA I 28 -12.69 15.54 23.98
CA ALA I 28 -13.12 16.56 23.03
C ALA I 28 -13.59 17.82 23.72
N GLN I 29 -13.91 17.75 25.02
CA GLN I 29 -14.41 18.91 25.75
C GLN I 29 -13.36 19.99 25.90
N GLN J 1 -21.76 -20.35 35.87
CA GLN J 1 -21.28 -19.19 35.15
C GLN J 1 -22.09 -17.95 35.50
N ALA J 2 -23.12 -18.14 36.34
CA ALA J 2 -24.04 -17.05 36.65
C ALA J 2 -23.37 -15.96 37.48
N LYS J 3 -22.26 -16.29 38.16
CA LYS J 3 -21.49 -15.29 38.88
C LYS J 3 -20.90 -14.26 37.93
N ILE J 4 -20.55 -14.69 36.72
CA ILE J 4 -19.98 -13.77 35.73
C ILE J 4 -21.02 -12.74 35.31
N LEU J 5 -22.23 -13.19 34.99
CA LEU J 5 -23.29 -12.28 34.57
C LEU J 5 -23.75 -11.41 35.73
N GLU J 6 -23.72 -11.95 36.95
CA GLU J 6 -24.06 -11.15 38.12
C GLU J 6 -23.02 -10.06 38.35
N ALA J 7 -21.75 -10.37 38.09
CA ALA J 7 -20.71 -9.37 38.18
C ALA J 7 -20.85 -8.33 37.09
N ASP J 8 -21.32 -8.74 35.91
CA ASP J 8 -21.63 -7.79 34.84
C ASP J 8 -22.75 -6.86 35.26
N ALA J 9 -23.75 -7.40 35.95
CA ALA J 9 -24.84 -6.59 36.45
C ALA J 9 -24.36 -5.59 37.50
N GLU J 10 -23.43 -6.02 38.36
CA GLU J 10 -22.87 -5.11 39.36
C GLU J 10 -22.03 -4.01 38.70
N ILE J 11 -21.30 -4.37 37.64
CA ILE J 11 -20.50 -3.41 36.89
C ILE J 11 -21.40 -2.36 36.24
N LEU J 12 -22.48 -2.83 35.62
CA LEU J 12 -23.38 -1.91 34.92
C LEU J 12 -24.15 -1.04 35.90
N LYS J 13 -24.49 -1.59 37.07
CA LYS J 13 -25.12 -0.77 38.11
C LYS J 13 -24.16 0.27 38.64
N ALA J 14 -22.88 -0.07 38.75
CA ALA J 14 -21.89 0.92 39.18
C ALA J 14 -21.72 2.02 38.15
N TYR J 15 -21.76 1.66 36.86
CA TYR J 15 -21.70 2.66 35.81
C TYR J 15 -22.95 3.55 35.83
N ALA J 16 -24.09 2.97 36.17
CA ALA J 16 -25.31 3.76 36.31
C ALA J 16 -25.21 4.72 37.48
N LYS J 17 -24.58 4.29 38.58
CA LYS J 17 -24.42 5.17 39.73
C LYS J 17 -23.45 6.31 39.42
N ILE J 18 -22.39 6.01 38.68
CA ILE J 18 -21.44 7.05 38.27
C ILE J 18 -22.11 8.05 37.35
N LEU J 19 -22.97 7.55 36.45
CA LEU J 19 -23.69 8.44 35.55
C LEU J 19 -24.73 9.27 36.29
N GLU J 20 -25.33 8.71 37.33
CA GLU J 20 -26.28 9.47 38.13
C GLU J 20 -25.59 10.57 38.93
N ALA J 21 -24.39 10.29 39.45
CA ALA J 21 -23.63 11.30 40.15
C ALA J 21 -23.17 12.39 39.20
N HIS J 22 -22.78 12.01 37.97
CA HIS J 22 -22.46 12.99 36.94
C HIS J 22 -23.67 13.83 36.56
N ALA J 23 -24.84 13.20 36.56
CA ALA J 23 -26.08 13.91 36.24
C ALA J 23 -26.41 14.95 37.30
N GLU J 24 -26.33 14.57 38.57
CA GLU J 24 -26.68 15.52 39.62
C GLU J 24 -25.60 16.60 39.77
N ILE J 25 -24.35 16.28 39.42
CA ILE J 25 -23.32 17.30 39.55
C ILE J 25 -23.34 18.25 38.35
N LEU J 26 -23.90 17.81 37.22
CA LEU J 26 -24.17 18.77 36.14
C LEU J 26 -25.48 19.53 36.41
N LYS J 27 -26.38 18.94 37.19
CA LYS J 27 -27.56 19.67 37.63
C LYS J 27 -27.17 20.78 38.60
N ALA J 28 -26.18 20.54 39.44
CA ALA J 28 -25.73 21.56 40.39
C ALA J 28 -25.02 22.72 39.69
N GLN J 29 -24.40 22.46 38.54
CA GLN J 29 -23.73 23.51 37.80
C GLN J 29 -24.72 24.43 37.09
N GLN K 1 -22.51 27.78 6.42
CA GLN K 1 -21.75 28.89 5.87
C GLN K 1 -20.30 28.51 5.70
N ALA K 2 -19.90 27.42 6.35
CA ALA K 2 -18.49 27.05 6.40
C ALA K 2 -17.97 26.61 5.04
N LYS K 3 -18.84 26.05 4.21
CA LYS K 3 -18.43 25.62 2.89
C LYS K 3 -18.13 26.81 1.98
N ILE K 4 -18.77 27.96 2.25
CA ILE K 4 -18.50 29.16 1.47
C ILE K 4 -17.08 29.65 1.73
N LEU K 5 -16.68 29.71 2.99
CA LEU K 5 -15.34 30.14 3.34
C LEU K 5 -14.32 29.10 2.91
N GLU K 6 -14.70 27.83 2.94
CA GLU K 6 -13.85 26.76 2.41
C GLU K 6 -13.62 26.95 0.91
N ALA K 7 -14.65 27.35 0.19
CA ALA K 7 -14.51 27.59 -1.24
C ALA K 7 -13.67 28.83 -1.51
N ASP K 8 -13.76 29.84 -0.63
CA ASP K 8 -12.88 31.00 -0.71
C ASP K 8 -11.42 30.58 -0.55
N ALA K 9 -11.17 29.71 0.42
CA ALA K 9 -9.82 29.19 0.63
C ALA K 9 -9.35 28.38 -0.57
N GLU K 10 -10.27 27.66 -1.22
CA GLU K 10 -9.91 26.90 -2.42
C GLU K 10 -9.58 27.84 -3.58
N ILE K 11 -10.28 28.96 -3.67
CA ILE K 11 -9.98 29.97 -4.69
C ILE K 11 -8.58 30.52 -4.50
N LEU K 12 -8.26 30.92 -3.27
CA LEU K 12 -6.94 31.52 -3.05
C LEU K 12 -5.82 30.48 -3.13
N LYS K 13 -6.13 29.22 -2.79
CA LYS K 13 -5.14 28.16 -2.97
C LYS K 13 -4.88 27.90 -4.45
N ALA K 14 -5.93 27.99 -5.27
CA ALA K 14 -5.74 27.86 -6.71
C ALA K 14 -4.89 29.01 -7.24
N TYR K 15 -5.11 30.21 -6.71
CA TYR K 15 -4.28 31.35 -7.10
C TYR K 15 -2.82 31.14 -6.71
N ALA K 16 -2.60 30.55 -5.53
CA ALA K 16 -1.24 30.23 -5.11
C ALA K 16 -0.62 29.19 -6.02
N LYS K 17 -1.41 28.25 -6.53
CA LYS K 17 -0.88 27.26 -7.44
C LYS K 17 -0.54 27.88 -8.79
N ILE K 18 -1.29 28.92 -9.18
CA ILE K 18 -0.95 29.68 -10.39
C ILE K 18 0.41 30.35 -10.23
N LEU K 19 0.61 31.01 -9.09
CA LEU K 19 1.86 31.73 -8.87
C LEU K 19 3.04 30.75 -8.73
N GLU K 20 2.80 29.59 -8.13
CA GLU K 20 3.86 28.57 -8.06
C GLU K 20 4.20 28.02 -9.44
N ALA K 21 3.20 27.86 -10.30
CA ALA K 21 3.46 27.42 -11.66
C ALA K 21 4.26 28.45 -12.43
N HIS K 22 3.94 29.73 -12.24
CA HIS K 22 4.65 30.78 -12.95
C HIS K 22 6.09 30.87 -12.44
N ALA K 23 6.27 30.64 -11.14
CA ALA K 23 7.61 30.53 -10.57
C ALA K 23 8.36 29.35 -11.16
N GLU K 24 7.65 28.25 -11.44
CA GLU K 24 8.32 27.07 -11.95
C GLU K 24 8.74 27.29 -13.39
N ILE K 25 7.96 28.08 -14.15
CA ILE K 25 8.40 28.54 -15.47
C ILE K 25 9.69 29.34 -15.35
N LEU K 26 9.67 30.37 -14.50
CA LEU K 26 10.78 31.31 -14.46
C LEU K 26 12.04 30.66 -13.89
N LYS K 27 11.86 29.65 -13.03
CA LYS K 27 12.98 28.84 -12.59
C LYS K 27 13.47 27.96 -13.72
N ALA K 28 12.56 27.46 -14.56
CA ALA K 28 12.95 26.54 -15.61
C ALA K 28 13.68 27.24 -16.75
N GLN K 29 13.45 28.54 -16.92
CA GLN K 29 14.04 29.27 -18.04
C GLN K 29 15.55 29.40 -17.91
N GLN L 1 -19.63 39.58 2.73
CA GLN L 1 -18.75 38.60 2.11
C GLN L 1 -18.49 38.94 0.66
N ALA L 2 -19.31 39.86 0.13
CA ALA L 2 -19.14 40.29 -1.26
C ALA L 2 -17.88 41.12 -1.43
N LYS L 3 -17.38 41.72 -0.34
CA LYS L 3 -16.11 42.44 -0.39
C LYS L 3 -14.96 41.49 -0.68
N ILE L 4 -15.04 40.26 -0.17
CA ILE L 4 -14.00 39.27 -0.43
C ILE L 4 -13.94 38.92 -1.90
N LEU L 5 -15.10 38.69 -2.51
CA LEU L 5 -15.15 38.34 -3.92
C LEU L 5 -14.75 39.53 -4.78
N GLU L 6 -15.09 40.74 -4.35
CA GLU L 6 -14.68 41.93 -5.10
C GLU L 6 -13.17 42.12 -5.03
N ALA L 7 -12.58 41.82 -3.87
CA ALA L 7 -11.13 41.88 -3.75
C ALA L 7 -10.46 40.79 -4.58
N ASP L 8 -11.11 39.63 -4.70
CA ASP L 8 -10.62 38.58 -5.59
C ASP L 8 -10.64 39.06 -7.03
N ALA L 9 -11.69 39.77 -7.42
CA ALA L 9 -11.78 40.32 -8.76
C ALA L 9 -10.68 41.36 -9.00
N GLU L 10 -10.40 42.19 -8.00
CA GLU L 10 -9.32 43.16 -8.11
C GLU L 10 -7.96 42.48 -8.23
N ILE L 11 -7.79 41.38 -7.50
CA ILE L 11 -6.54 40.62 -7.53
C ILE L 11 -6.33 40.01 -8.91
N LEU L 12 -7.37 39.41 -9.45
CA LEU L 12 -7.25 38.77 -10.76
C LEU L 12 -7.10 39.81 -11.88
N LYS L 13 -7.71 40.99 -11.70
CA LYS L 13 -7.52 42.08 -12.65
C LYS L 13 -6.08 42.60 -12.61
N ALA L 14 -5.49 42.64 -11.41
CA ALA L 14 -4.10 43.05 -11.29
C ALA L 14 -3.17 42.01 -11.93
N TYR L 15 -3.52 40.74 -11.78
CA TYR L 15 -2.75 39.68 -12.44
C TYR L 15 -2.87 39.80 -13.95
N ALA L 16 -4.05 40.17 -14.44
CA ALA L 16 -4.24 40.39 -15.87
C ALA L 16 -3.41 41.57 -16.36
N LYS L 17 -3.31 42.62 -15.55
CA LYS L 17 -2.51 43.77 -15.93
C LYS L 17 -1.02 43.43 -15.97
N ILE L 18 -0.56 42.62 -15.01
CA ILE L 18 0.83 42.19 -14.99
C ILE L 18 1.12 41.30 -16.20
N LEU L 19 0.17 40.45 -16.57
CA LEU L 19 0.35 39.59 -17.74
C LEU L 19 0.32 40.41 -19.02
N GLU L 20 -0.47 41.47 -19.06
CA GLU L 20 -0.50 42.33 -20.25
C GLU L 20 0.80 43.11 -20.38
N ALA L 21 1.36 43.57 -19.26
CA ALA L 21 2.65 44.25 -19.30
C ALA L 21 3.76 43.31 -19.73
N HIS L 22 3.71 42.06 -19.25
CA HIS L 22 4.65 41.04 -19.70
C HIS L 22 4.47 40.74 -21.19
N ALA L 23 3.22 40.80 -21.67
CA ALA L 23 2.94 40.54 -23.07
C ALA L 23 3.51 41.63 -23.97
N GLU L 24 3.32 42.90 -23.59
CA GLU L 24 3.82 43.98 -24.42
C GLU L 24 5.33 44.10 -24.32
N ILE L 25 5.90 43.71 -23.17
CA ILE L 25 7.36 43.76 -23.06
C ILE L 25 8.00 42.57 -23.77
N LEU L 26 7.25 41.49 -23.98
CA LEU L 26 7.74 40.44 -24.87
C LEU L 26 7.51 40.80 -26.33
N LYS L 27 6.51 41.63 -26.60
CA LYS L 27 6.31 42.15 -27.95
C LYS L 27 7.45 43.10 -28.33
N ALA L 28 7.95 43.87 -27.37
CA ALA L 28 9.05 44.79 -27.65
C ALA L 28 10.36 44.04 -27.89
N GLN L 29 10.53 42.86 -27.29
CA GLN L 29 11.74 42.08 -27.47
C GLN L 29 11.77 41.42 -28.84
N GLN M 1 -26.17 26.61 -13.11
CA GLN M 1 -25.18 27.32 -13.91
C GLN M 1 -23.80 26.75 -13.67
N ALA M 2 -23.67 25.96 -12.60
CA ALA M 2 -22.36 25.46 -12.20
C ALA M 2 -21.83 24.44 -13.19
N LYS M 3 -22.73 23.75 -13.89
CA LYS M 3 -22.30 22.76 -14.89
C LYS M 3 -21.67 23.44 -16.09
N ILE M 4 -22.09 24.67 -16.38
CA ILE M 4 -21.49 25.44 -17.48
C ILE M 4 -20.03 25.76 -17.16
N LEU M 5 -19.78 26.25 -15.95
CA LEU M 5 -18.42 26.58 -15.55
C LEU M 5 -17.56 25.34 -15.39
N GLU M 6 -18.19 24.23 -14.96
CA GLU M 6 -17.50 22.95 -14.91
C GLU M 6 -17.09 22.50 -16.31
N ALA M 7 -17.95 22.74 -17.30
CA ALA M 7 -17.60 22.39 -18.68
C ALA M 7 -16.49 23.29 -19.21
N ASP M 8 -16.48 24.56 -18.79
CA ASP M 8 -15.37 25.45 -19.14
C ASP M 8 -14.05 24.93 -18.56
N ALA M 9 -14.10 24.47 -17.31
CA ALA M 9 -12.92 23.88 -16.70
C ALA M 9 -12.50 22.60 -17.41
N GLU M 10 -13.47 21.84 -17.92
CA GLU M 10 -13.14 20.66 -18.70
C GLU M 10 -12.45 21.02 -20.01
N ILE M 11 -12.89 22.11 -20.63
CA ILE M 11 -12.25 22.60 -21.86
C ILE M 11 -10.80 22.97 -21.58
N LEU M 12 -10.57 23.74 -20.53
CA LEU M 12 -9.21 24.19 -20.25
C LEU M 12 -8.32 23.06 -19.75
N LYS M 13 -8.91 22.07 -19.07
CA LYS M 13 -8.16 20.89 -18.67
C LYS M 13 -7.77 20.06 -19.88
N ALA M 14 -8.66 19.98 -20.88
CA ALA M 14 -8.32 19.31 -22.12
C ALA M 14 -7.19 20.03 -22.84
N TYR M 15 -7.21 21.36 -22.80
CA TYR M 15 -6.13 22.15 -23.39
C TYR M 15 -4.81 21.89 -22.67
N ALA M 16 -4.86 21.75 -21.35
CA ALA M 16 -3.66 21.43 -20.58
C ALA M 16 -3.14 20.05 -20.93
N LYS M 17 -4.06 19.11 -21.20
CA LYS M 17 -3.63 17.77 -21.60
C LYS M 17 -3.01 17.79 -22.98
N ILE M 18 -3.47 18.69 -23.85
CA ILE M 18 -2.85 18.88 -25.16
C ILE M 18 -1.42 19.35 -25.01
N LEU M 19 -1.20 20.35 -24.14
CA LEU M 19 0.14 20.87 -23.97
C LEU M 19 1.05 19.85 -23.29
N GLU M 20 0.49 19.04 -22.38
CA GLU M 20 1.29 17.99 -21.76
C GLU M 20 1.66 16.90 -22.77
N ALA M 21 0.77 16.61 -23.71
CA ALA M 21 1.09 15.65 -24.75
C ALA M 21 2.19 16.17 -25.66
N HIS M 22 2.12 17.46 -26.02
CA HIS M 22 3.15 18.05 -26.86
C HIS M 22 4.47 18.09 -26.12
N ALA M 23 4.41 18.28 -24.81
CA ALA M 23 5.59 18.17 -23.95
C ALA M 23 6.16 16.77 -23.97
N GLU M 24 5.28 15.76 -23.98
CA GLU M 24 5.76 14.38 -23.98
C GLU M 24 6.44 14.04 -25.30
N ILE M 25 5.93 14.63 -26.39
CA ILE M 25 6.60 14.52 -27.69
C ILE M 25 8.00 15.12 -27.62
N LEU M 26 8.07 16.37 -27.15
CA LEU M 26 9.33 17.10 -27.20
C LEU M 26 10.35 16.53 -26.24
N LYS M 27 9.89 15.92 -25.15
CA LYS M 27 10.78 15.20 -24.25
C LYS M 27 11.22 13.88 -24.88
N ALA M 28 10.35 13.26 -25.67
CA ALA M 28 10.68 11.95 -26.21
C ALA M 28 11.71 12.02 -27.32
N GLN M 29 11.82 13.16 -28.00
CA GLN M 29 12.73 13.29 -29.13
C GLN M 29 14.18 13.24 -28.70
N GLN N 1 -20.73 35.33 -20.32
CA GLN N 1 -19.66 34.32 -20.40
C GLN N 1 -19.21 34.15 -21.84
N ALA N 2 -19.75 34.98 -22.73
CA ALA N 2 -19.34 34.92 -24.13
C ALA N 2 -17.91 35.39 -24.32
N LYS N 3 -17.42 36.25 -23.43
CA LYS N 3 -16.03 36.67 -23.47
C LYS N 3 -15.11 35.50 -23.16
N ILE N 4 -15.56 34.58 -22.29
CA ILE N 4 -14.75 33.41 -21.95
C ILE N 4 -14.59 32.51 -23.15
N LEU N 5 -15.68 32.24 -23.86
CA LEU N 5 -15.60 31.37 -25.03
C LEU N 5 -14.85 32.05 -26.17
N GLU N 6 -14.97 33.38 -26.27
CA GLU N 6 -14.22 34.11 -27.29
C GLU N 6 -12.72 34.08 -26.98
N ALA N 7 -12.37 34.13 -25.69
CA ALA N 7 -10.97 34.00 -25.31
C ALA N 7 -10.47 32.59 -25.55
N ASP N 8 -11.33 31.59 -25.39
CA ASP N 8 -10.98 30.22 -25.75
C ASP N 8 -10.71 30.10 -27.24
N ALA N 9 -11.51 30.79 -28.05
CA ALA N 9 -11.29 30.81 -29.49
C ALA N 9 -9.98 31.50 -29.84
N GLU N 10 -9.65 32.58 -29.15
CA GLU N 10 -8.38 33.27 -29.37
C GLU N 10 -7.20 32.38 -28.98
N ILE N 11 -7.34 31.64 -27.88
CA ILE N 11 -6.29 30.73 -27.42
C ILE N 11 -6.06 29.62 -28.44
N LEU N 12 -7.14 29.03 -28.93
CA LEU N 12 -7.00 27.93 -29.87
C LEU N 12 -6.49 28.42 -31.22
N LYS N 13 -6.87 29.64 -31.61
CA LYS N 13 -6.31 30.23 -32.83
C LYS N 13 -4.83 30.52 -32.69
N ALA N 14 -4.41 30.94 -31.50
CA ALA N 14 -2.98 31.16 -31.25
C ALA N 14 -2.21 29.86 -31.30
N TYR N 15 -2.80 28.79 -30.76
CA TYR N 15 -2.16 27.48 -30.85
C TYR N 15 -2.08 27.00 -32.29
N ALA N 16 -3.11 27.33 -33.08
CA ALA N 16 -3.07 27.00 -34.50
C ALA N 16 -1.97 27.76 -35.23
N LYS N 17 -1.76 29.03 -34.85
CA LYS N 17 -0.69 29.80 -35.46
C LYS N 17 0.68 29.27 -35.07
N ILE N 18 0.82 28.83 -33.82
CA ILE N 18 2.07 28.24 -33.37
C ILE N 18 2.35 26.94 -34.12
N LEU N 19 1.31 26.13 -34.31
CA LEU N 19 1.46 24.88 -35.05
C LEU N 19 1.75 25.12 -36.52
N GLU N 20 1.20 26.19 -37.08
CA GLU N 20 1.47 26.52 -38.47
C GLU N 20 2.92 27.00 -38.65
N ALA N 21 3.42 27.79 -37.71
CA ALA N 21 4.81 28.23 -37.77
C ALA N 21 5.76 27.06 -37.57
N HIS N 22 5.39 26.12 -36.69
CA HIS N 22 6.16 24.90 -36.51
C HIS N 22 6.15 24.05 -37.78
N ALA N 23 5.01 24.05 -38.49
CA ALA N 23 4.91 23.32 -39.74
C ALA N 23 5.79 23.93 -40.81
N GLU N 24 5.83 25.26 -40.88
CA GLU N 24 6.68 25.93 -41.86
C GLU N 24 8.16 25.74 -41.55
N ILE N 25 8.51 25.75 -40.26
CA ILE N 25 9.92 25.62 -39.92
C ILE N 25 10.37 24.16 -40.04
N LEU N 26 9.44 23.20 -39.99
CA LEU N 26 9.81 21.83 -40.34
C LEU N 26 9.78 21.60 -41.85
N LYS N 27 9.00 22.41 -42.57
CA LYS N 27 9.06 22.37 -44.03
C LYS N 27 10.40 22.89 -44.53
N ALA N 28 10.96 23.90 -43.85
CA ALA N 28 12.25 24.44 -44.23
C ALA N 28 13.39 23.47 -43.96
N GLN N 29 13.23 22.59 -42.98
CA GLN N 29 14.24 21.60 -42.66
C GLN N 29 14.29 20.49 -43.70
N GLN O 1 -1.18 -30.85 19.97
CA GLN O 1 -0.97 -30.47 21.36
C GLN O 1 -0.40 -29.07 21.47
N ALA O 2 0.21 -28.60 20.38
CA ALA O 2 0.90 -27.31 20.41
C ALA O 2 -0.08 -26.16 20.56
N LYS O 3 -1.31 -26.36 20.09
CA LYS O 3 -2.31 -25.29 20.20
C LYS O 3 -2.74 -25.08 21.64
N ILE O 4 -2.69 -26.14 22.45
CA ILE O 4 -3.01 -26.01 23.88
C ILE O 4 -2.00 -25.13 24.58
N LEU O 5 -0.72 -25.40 24.37
CA LEU O 5 0.34 -24.62 25.01
C LEU O 5 0.39 -23.21 24.45
N GLU O 6 0.06 -23.06 23.15
CA GLU O 6 -0.07 -21.74 22.56
C GLU O 6 -1.19 -20.95 23.20
N ALA O 7 -2.29 -21.63 23.54
CA ALA O 7 -3.39 -20.96 24.22
C ALA O 7 -3.02 -20.59 25.65
N ASP O 8 -2.19 -21.42 26.29
CA ASP O 8 -1.66 -21.07 27.62
C ASP O 8 -0.82 -19.81 27.53
N ALA O 9 0.02 -19.73 26.49
CA ALA O 9 0.83 -18.53 26.29
C ALA O 9 -0.03 -17.32 26.00
N GLU O 10 -1.16 -17.52 25.32
CA GLU O 10 -2.09 -16.43 25.07
C GLU O 10 -2.75 -15.96 26.36
N ILE O 11 -3.04 -16.90 27.27
CA ILE O 11 -3.60 -16.56 28.58
C ILE O 11 -2.62 -15.70 29.36
N LEU O 12 -1.35 -16.12 29.40
CA LEU O 12 -0.39 -15.37 30.20
C LEU O 12 -0.03 -14.04 29.54
N LYS O 13 -0.07 -13.97 28.20
CA LYS O 13 0.13 -12.70 27.51
C LYS O 13 -1.02 -11.75 27.79
N ALA O 14 -2.24 -12.28 27.90
CA ALA O 14 -3.39 -11.46 28.26
C ALA O 14 -3.24 -10.93 29.67
N TYR O 15 -2.72 -11.77 30.58
CA TYR O 15 -2.45 -11.31 31.94
C TYR O 15 -1.41 -10.20 31.95
N ALA O 16 -0.39 -10.33 31.10
CA ALA O 16 0.63 -9.30 31.01
C ALA O 16 0.06 -8.00 30.45
N LYS O 17 -0.91 -8.10 29.54
CA LYS O 17 -1.53 -6.89 29.00
C LYS O 17 -2.41 -6.22 30.03
N ILE O 18 -3.07 -7.03 30.88
CA ILE O 18 -3.80 -6.50 32.04
C ILE O 18 -2.85 -5.72 32.94
N LEU O 19 -1.68 -6.29 33.18
CA LEU O 19 -0.74 -5.70 34.12
C LEU O 19 -0.14 -4.42 33.56
N GLU O 20 0.12 -4.40 32.25
CA GLU O 20 0.59 -3.17 31.61
C GLU O 20 -0.49 -2.10 31.58
N ALA O 21 -1.76 -2.50 31.44
CA ALA O 21 -2.83 -1.52 31.47
C ALA O 21 -2.96 -0.91 32.87
N HIS O 22 -2.80 -1.74 33.90
CA HIS O 22 -2.87 -1.22 35.26
C HIS O 22 -1.69 -0.30 35.53
N ALA O 23 -0.54 -0.63 34.94
CA ALA O 23 0.61 0.27 34.97
C ALA O 23 0.33 1.58 34.25
N GLU O 24 -0.47 1.51 33.17
CA GLU O 24 -0.80 2.72 32.43
C GLU O 24 -1.68 3.65 33.27
N ILE O 25 -2.63 3.07 34.01
CA ILE O 25 -3.42 3.87 34.96
C ILE O 25 -2.53 4.50 36.01
N LEU O 26 -1.64 3.69 36.59
CA LEU O 26 -0.85 4.14 37.72
C LEU O 26 0.18 5.18 37.28
N LYS O 27 0.65 5.10 36.04
CA LYS O 27 1.54 6.10 35.49
C LYS O 27 0.78 7.38 35.16
N ALA O 28 -0.47 7.24 34.71
CA ALA O 28 -1.23 8.41 34.30
C ALA O 28 -1.65 9.28 35.47
N GLN O 29 -1.76 8.70 36.66
CA GLN O 29 -2.25 9.43 37.83
C GLN O 29 -1.29 10.52 38.29
N GLN P 1 -1.16 -31.28 32.57
CA GLN P 1 -1.17 -29.84 32.34
C GLN P 1 -2.18 -29.14 33.23
N ALA P 2 -2.89 -29.93 34.04
CA ALA P 2 -3.91 -29.36 34.92
C ALA P 2 -3.29 -28.50 36.01
N LYS P 3 -2.03 -28.79 36.38
CA LYS P 3 -1.33 -27.97 37.36
C LYS P 3 -1.10 -26.56 36.82
N ILE P 4 -0.89 -26.44 35.50
CA ILE P 4 -0.68 -25.13 34.89
C ILE P 4 -1.94 -24.29 34.99
N LEU P 5 -3.09 -24.88 34.67
CA LEU P 5 -4.35 -24.15 34.75
C LEU P 5 -4.71 -23.83 36.20
N GLU P 6 -4.37 -24.74 37.13
CA GLU P 6 -4.63 -24.49 38.53
C GLU P 6 -3.76 -23.35 39.04
N ALA P 7 -2.52 -23.28 38.57
CA ALA P 7 -1.65 -22.17 38.96
C ALA P 7 -2.12 -20.86 38.33
N ASP P 8 -2.72 -20.94 37.13
CA ASP P 8 -3.34 -19.77 36.54
C ASP P 8 -4.50 -19.28 37.39
N ALA P 9 -5.29 -20.21 37.92
CA ALA P 9 -6.38 -19.85 38.81
C ALA P 9 -5.86 -19.23 40.10
N GLU P 10 -4.74 -19.74 40.61
CA GLU P 10 -4.14 -19.18 41.82
C GLU P 10 -3.61 -17.76 41.56
N ILE P 11 -3.02 -17.55 40.39
CA ILE P 11 -2.51 -16.23 40.01
C ILE P 11 -3.67 -15.23 39.91
N LEU P 12 -4.75 -15.66 39.28
CA LEU P 12 -5.89 -14.76 39.10
C LEU P 12 -6.59 -14.49 40.41
N LYS P 13 -6.63 -15.48 41.31
CA LYS P 13 -7.20 -15.26 42.63
C LYS P 13 -6.33 -14.30 43.45
N ALA P 14 -5.01 -14.40 43.29
CA ALA P 14 -4.13 -13.47 43.99
C ALA P 14 -4.30 -12.05 43.46
N TYR P 15 -4.49 -11.92 42.15
CA TYR P 15 -4.76 -10.60 41.58
C TYR P 15 -6.10 -10.06 42.06
N ALA P 16 -7.08 -10.95 42.26
CA ALA P 16 -8.35 -10.54 42.81
C ALA P 16 -8.20 -10.07 44.25
N LYS P 17 -7.36 -10.74 45.03
CA LYS P 17 -7.12 -10.30 46.41
C LYS P 17 -6.41 -8.96 46.45
N ILE P 18 -5.48 -8.73 45.52
CA ILE P 18 -4.78 -7.45 45.45
C ILE P 18 -5.76 -6.34 45.09
N LEU P 19 -6.67 -6.63 44.15
CA LEU P 19 -7.66 -5.64 43.76
C LEU P 19 -8.67 -5.39 44.87
N GLU P 20 -8.96 -6.41 45.67
CA GLU P 20 -9.86 -6.24 46.81
C GLU P 20 -9.23 -5.37 47.88
N ALA P 21 -7.94 -5.56 48.14
CA ALA P 21 -7.25 -4.72 49.11
C ALA P 21 -7.12 -3.29 48.60
N HIS P 22 -6.94 -3.14 47.29
CA HIS P 22 -6.93 -1.82 46.68
C HIS P 22 -8.30 -1.15 46.80
N ALA P 23 -9.37 -1.95 46.66
CA ALA P 23 -10.72 -1.42 46.82
C ALA P 23 -10.96 -0.99 48.27
N GLU P 24 -10.45 -1.76 49.23
CA GLU P 24 -10.61 -1.40 50.63
C GLU P 24 -9.83 -0.12 50.97
N ILE P 25 -8.62 0.01 50.44
CA ILE P 25 -7.82 1.18 50.79
C ILE P 25 -8.31 2.42 50.04
N LEU P 26 -9.00 2.25 48.91
CA LEU P 26 -9.67 3.40 48.31
C LEU P 26 -11.00 3.69 48.98
N LYS P 27 -11.60 2.69 49.63
CA LYS P 27 -12.78 2.95 50.46
C LYS P 27 -12.39 3.75 51.70
N ALA P 28 -11.20 3.47 52.25
CA ALA P 28 -10.76 4.18 53.45
C ALA P 28 -10.41 5.63 53.16
N GLN P 29 -9.98 5.94 51.94
CA GLN P 29 -9.63 7.31 51.58
C GLN P 29 -10.88 8.16 51.38
N GLN Q 1 3.95 -27.01 -30.81
CA GLN Q 1 4.75 -27.84 -29.93
C GLN Q 1 4.99 -27.18 -28.58
N ALA Q 2 4.53 -25.93 -28.46
CA ALA Q 2 4.81 -25.15 -27.26
C ALA Q 2 4.08 -25.71 -26.05
N LYS Q 3 2.90 -26.30 -26.27
CA LYS Q 3 2.13 -26.82 -25.15
C LYS Q 3 2.75 -28.07 -24.58
N ILE Q 4 3.49 -28.82 -25.41
CA ILE Q 4 4.20 -30.00 -24.92
C ILE Q 4 5.31 -29.60 -23.96
N LEU Q 5 6.10 -28.59 -24.35
CA LEU Q 5 7.18 -28.13 -23.49
C LEU Q 5 6.64 -27.44 -22.25
N GLU Q 6 5.49 -26.76 -22.40
CA GLU Q 6 4.82 -26.17 -21.24
C GLU Q 6 4.36 -27.25 -20.27
N ALA Q 7 3.91 -28.38 -20.80
CA ALA Q 7 3.51 -29.49 -19.93
C ALA Q 7 4.71 -30.11 -19.24
N ASP Q 8 5.85 -30.16 -19.93
CA ASP Q 8 7.09 -30.60 -19.30
C ASP Q 8 7.47 -29.68 -18.14
N ALA Q 9 7.33 -28.37 -18.37
CA ALA Q 9 7.60 -27.39 -17.32
C ALA Q 9 6.63 -27.56 -16.15
N GLU Q 10 5.37 -27.92 -16.44
CA GLU Q 10 4.41 -28.16 -15.38
C GLU Q 10 4.76 -29.40 -14.58
N ILE Q 11 5.29 -30.42 -15.26
CA ILE Q 11 5.75 -31.64 -14.58
C ILE Q 11 6.88 -31.32 -13.61
N LEU Q 12 7.88 -30.56 -14.08
CA LEU Q 12 9.02 -30.28 -13.22
C LEU Q 12 8.67 -29.29 -12.12
N LYS Q 13 7.72 -28.39 -12.38
CA LYS Q 13 7.24 -27.49 -11.33
C LYS Q 13 6.49 -28.26 -10.26
N ALA Q 14 5.73 -29.28 -10.68
CA ALA Q 14 5.07 -30.14 -9.70
C ALA Q 14 6.08 -30.91 -8.88
N TYR Q 15 7.17 -31.34 -9.51
CA TYR Q 15 8.24 -32.00 -8.77
C TYR Q 15 8.88 -31.06 -7.76
N ALA Q 16 9.04 -29.79 -8.13
CA ALA Q 16 9.57 -28.80 -7.20
C ALA Q 16 8.62 -28.59 -6.03
N LYS Q 17 7.30 -28.65 -6.30
CA LYS Q 17 6.33 -28.52 -5.22
C LYS Q 17 6.39 -29.73 -4.29
N ILE Q 18 6.69 -30.91 -4.85
CA ILE Q 18 6.88 -32.10 -4.03
C ILE Q 18 8.05 -31.91 -3.07
N LEU Q 19 9.17 -31.41 -3.60
CA LEU Q 19 10.34 -31.26 -2.74
C LEU Q 19 10.15 -30.14 -1.73
N GLU Q 20 9.40 -29.10 -2.08
CA GLU Q 20 9.08 -28.06 -1.11
C GLU Q 20 8.17 -28.59 -0.01
N ALA Q 21 7.24 -29.49 -0.37
CA ALA Q 21 6.39 -30.10 0.64
C ALA Q 21 7.20 -31.00 1.55
N HIS Q 22 8.20 -31.70 1.00
CA HIS Q 22 9.08 -32.51 1.84
C HIS Q 22 9.90 -31.63 2.76
N ALA Q 23 10.27 -30.44 2.28
CA ALA Q 23 10.94 -29.47 3.14
C ALA Q 23 10.03 -29.00 4.25
N GLU Q 24 8.74 -28.87 3.95
CA GLU Q 24 7.78 -28.47 4.99
C GLU Q 24 7.63 -29.56 6.04
N ILE Q 25 7.63 -30.83 5.61
CA ILE Q 25 7.66 -31.96 6.53
C ILE Q 25 8.87 -31.88 7.45
N LEU Q 26 10.04 -31.70 6.86
CA LEU Q 26 11.28 -31.80 7.63
C LEU Q 26 11.48 -30.59 8.53
N LYS Q 27 11.00 -29.42 8.09
CA LYS Q 27 11.10 -28.22 8.90
C LYS Q 27 10.10 -28.25 10.04
N ALA Q 28 8.94 -28.88 9.81
CA ALA Q 28 7.93 -28.93 10.85
C ALA Q 28 8.33 -29.85 12.01
N GLN Q 29 9.21 -30.81 11.76
CA GLN Q 29 9.60 -31.77 12.80
C GLN Q 29 10.43 -31.11 13.88
N GLN R 1 12.23 -35.97 -27.92
CA GLN R 1 11.69 -35.50 -26.66
C GLN R 1 11.51 -36.65 -25.69
N ALA R 2 11.65 -37.87 -26.19
CA ALA R 2 11.45 -39.05 -25.36
C ALA R 2 12.57 -39.21 -24.34
N LYS R 3 13.74 -38.64 -24.62
CA LYS R 3 14.84 -38.66 -23.65
C LYS R 3 14.48 -37.85 -22.42
N ILE R 4 13.73 -36.76 -22.60
CA ILE R 4 13.28 -35.94 -21.48
C ILE R 4 12.35 -36.73 -20.58
N LEU R 5 11.41 -37.45 -21.17
CA LEU R 5 10.46 -38.23 -20.39
C LEU R 5 11.14 -39.41 -19.71
N GLU R 6 12.12 -40.01 -20.38
CA GLU R 6 12.88 -41.10 -19.77
C GLU R 6 13.71 -40.60 -18.61
N ALA R 7 14.25 -39.39 -18.73
CA ALA R 7 14.98 -38.79 -17.61
C ALA R 7 14.05 -38.44 -16.47
N ASP R 8 12.81 -38.05 -16.79
CA ASP R 8 11.81 -37.85 -15.75
C ASP R 8 11.49 -39.14 -15.02
N ALA R 9 11.43 -40.24 -15.76
CA ALA R 9 11.22 -41.54 -15.16
C ALA R 9 12.38 -41.93 -14.26
N GLU R 10 13.61 -41.61 -14.68
CA GLU R 10 14.78 -41.88 -13.86
C GLU R 10 14.77 -41.04 -12.59
N ILE R 11 14.33 -39.78 -12.71
CA ILE R 11 14.25 -38.88 -11.56
C ILE R 11 13.24 -39.40 -10.54
N LEU R 12 12.06 -39.79 -11.02
CA LEU R 12 11.04 -40.28 -10.11
C LEU R 12 11.40 -41.63 -9.53
N LYS R 13 12.13 -42.47 -10.29
CA LYS R 13 12.62 -43.73 -9.75
C LYS R 13 13.65 -43.48 -8.66
N ALA R 14 14.50 -42.48 -8.84
CA ALA R 14 15.47 -42.14 -7.82
C ALA R 14 14.79 -41.60 -6.56
N TYR R 15 13.72 -40.82 -6.74
CA TYR R 15 12.95 -40.34 -5.61
C TYR R 15 12.27 -41.49 -4.89
N ALA R 16 11.83 -42.50 -5.64
CA ALA R 16 11.24 -43.68 -5.04
C ALA R 16 12.27 -44.47 -4.25
N LYS R 17 13.50 -44.53 -4.75
CA LYS R 17 14.56 -45.20 -4.00
C LYS R 17 14.90 -44.45 -2.73
N ILE R 18 14.89 -43.11 -2.79
CA ILE R 18 15.14 -42.30 -1.61
C ILE R 18 14.06 -42.52 -0.56
N LEU R 19 12.80 -42.56 -1.02
CA LEU R 19 11.69 -42.77 -0.08
C LEU R 19 11.70 -44.19 0.47
N GLU R 20 12.17 -45.16 -0.31
CA GLU R 20 12.28 -46.52 0.18
C GLU R 20 13.37 -46.64 1.24
N ALA R 21 14.50 -45.95 1.02
CA ALA R 21 15.57 -45.95 2.02
C ALA R 21 15.12 -45.23 3.28
N HIS R 22 14.31 -44.17 3.12
CA HIS R 22 13.73 -43.49 4.27
C HIS R 22 12.76 -44.40 5.01
N ALA R 23 12.03 -45.23 4.27
CA ALA R 23 11.12 -46.19 4.88
C ALA R 23 11.89 -47.25 5.67
N GLU R 24 13.03 -47.69 5.14
CA GLU R 24 13.84 -48.67 5.85
C GLU R 24 14.48 -48.07 7.09
N ILE R 25 14.91 -46.81 7.01
CA ILE R 25 15.57 -46.21 8.16
C ILE R 25 14.55 -45.79 9.23
N LEU R 26 13.27 -45.60 8.84
CA LEU R 26 12.24 -45.43 9.87
C LEU R 26 11.73 -46.77 10.37
N LYS R 27 11.90 -47.84 9.59
CA LYS R 27 11.63 -49.18 10.11
C LYS R 27 12.66 -49.57 11.15
N ALA R 28 13.92 -49.15 10.96
CA ALA R 28 14.96 -49.47 11.92
C ALA R 28 14.79 -48.69 13.22
N GLN R 29 14.23 -47.49 13.15
CA GLN R 29 14.01 -46.69 14.35
C GLN R 29 12.78 -47.18 15.11
N GLN S 1 13.37 0.67 -33.26
CA GLN S 1 14.76 0.23 -33.20
C GLN S 1 15.29 0.22 -31.78
N ALA S 2 14.66 1.03 -30.92
CA ALA S 2 15.14 1.18 -29.56
C ALA S 2 14.95 -0.09 -28.75
N LYS S 3 13.90 -0.84 -29.05
CA LYS S 3 13.64 -2.06 -28.30
C LYS S 3 14.65 -3.14 -28.65
N ILE S 4 15.19 -3.11 -29.87
CA ILE S 4 16.23 -4.06 -30.26
C ILE S 4 17.49 -3.85 -29.44
N LEU S 5 17.90 -2.58 -29.30
CA LEU S 5 19.10 -2.27 -28.53
C LEU S 5 18.85 -2.49 -27.04
N GLU S 6 17.61 -2.26 -26.59
CA GLU S 6 17.24 -2.58 -25.23
C GLU S 6 17.33 -4.07 -24.96
N ALA S 7 16.95 -4.88 -25.94
CA ALA S 7 17.06 -6.33 -25.80
C ALA S 7 18.52 -6.77 -25.80
N ASP S 8 19.35 -6.08 -26.58
CA ASP S 8 20.80 -6.33 -26.53
C ASP S 8 21.35 -6.06 -25.14
N ALA S 9 20.92 -4.94 -24.55
CA ALA S 9 21.33 -4.61 -23.19
C ALA S 9 20.81 -5.64 -22.20
N GLU S 10 19.63 -6.20 -22.44
CA GLU S 10 19.10 -7.23 -21.57
C GLU S 10 19.91 -8.52 -21.68
N ILE S 11 20.38 -8.84 -22.89
CA ILE S 11 21.23 -10.01 -23.09
C ILE S 11 22.53 -9.86 -22.31
N LEU S 12 23.18 -8.70 -22.44
CA LEU S 12 24.46 -8.52 -21.76
C LEU S 12 24.28 -8.39 -20.25
N LYS S 13 23.14 -7.85 -19.81
CA LYS S 13 22.84 -7.80 -18.38
C LYS S 13 22.60 -9.19 -17.82
N ALA S 14 21.97 -10.05 -18.60
CA ALA S 14 21.79 -11.44 -18.18
C ALA S 14 23.13 -12.14 -18.08
N TYR S 15 24.04 -11.83 -19.01
CA TYR S 15 25.39 -12.37 -18.93
C TYR S 15 26.11 -11.89 -17.68
N ALA S 16 25.89 -10.63 -17.30
CA ALA S 16 26.48 -10.10 -16.08
C ALA S 16 25.91 -10.81 -14.85
N LYS S 17 24.63 -11.15 -14.88
CA LYS S 17 24.03 -11.87 -13.77
C LYS S 17 24.57 -13.29 -13.69
N ILE S 18 24.90 -13.88 -14.84
CA ILE S 18 25.56 -15.18 -14.87
C ILE S 18 26.90 -15.12 -14.16
N LEU S 19 27.70 -14.10 -14.50
CA LEU S 19 29.03 -14.00 -13.91
C LEU S 19 28.96 -13.65 -12.43
N GLU S 20 27.94 -12.88 -12.02
CA GLU S 20 27.76 -12.62 -10.59
C GLU S 20 27.34 -13.88 -9.85
N ALA S 21 26.55 -14.73 -10.49
CA ALA S 21 26.18 -15.99 -9.87
C ALA S 21 27.39 -16.90 -9.73
N HIS S 22 28.26 -16.91 -10.74
CA HIS S 22 29.49 -17.69 -10.66
C HIS S 22 30.40 -17.15 -9.58
N ALA S 23 30.39 -15.83 -9.39
CA ALA S 23 31.13 -15.21 -8.30
C ALA S 23 30.56 -15.62 -6.96
N GLU S 24 29.24 -15.76 -6.87
CA GLU S 24 28.61 -16.20 -5.64
C GLU S 24 28.98 -17.63 -5.31
N ILE S 25 29.06 -18.49 -6.34
CA ILE S 25 29.53 -19.87 -6.16
C ILE S 25 30.95 -19.88 -5.63
N LEU S 26 31.84 -19.16 -6.30
CA LEU S 26 33.26 -19.22 -5.97
C LEU S 26 33.55 -18.53 -4.64
N LYS S 27 32.71 -17.57 -4.26
CA LYS S 27 32.87 -16.92 -2.97
C LYS S 27 32.37 -17.81 -1.85
N ALA S 28 31.28 -18.55 -2.10
CA ALA S 28 30.69 -19.35 -1.03
C ALA S 28 31.51 -20.57 -0.69
N GLN S 29 32.39 -21.01 -1.58
CA GLN S 29 33.19 -22.21 -1.35
C GLN S 29 34.19 -22.04 -0.21
N GLN T 1 24.00 -4.73 -37.40
CA GLN T 1 23.82 -5.13 -36.02
C GLN T 1 24.12 -6.60 -35.84
N ALA T 2 24.32 -7.30 -36.95
CA ALA T 2 24.62 -8.73 -36.89
C ALA T 2 26.00 -8.99 -36.32
N LYS T 3 26.89 -7.99 -36.40
CA LYS T 3 28.21 -8.11 -35.77
C LYS T 3 28.06 -8.19 -34.25
N ILE T 4 27.08 -7.48 -33.70
CA ILE T 4 26.84 -7.52 -32.25
C ILE T 4 26.39 -8.90 -31.82
N LEU T 5 25.48 -9.51 -32.58
CA LEU T 5 24.98 -10.83 -32.22
C LEU T 5 26.06 -11.88 -32.42
N GLU T 6 26.90 -11.72 -33.45
CA GLU T 6 28.00 -12.64 -33.66
C GLU T 6 29.03 -12.53 -32.55
N ALA T 7 29.24 -11.31 -32.05
CA ALA T 7 30.14 -11.12 -30.92
C ALA T 7 29.56 -11.73 -29.66
N ASP T 8 28.23 -11.67 -29.50
CA ASP T 8 27.58 -12.35 -28.39
C ASP T 8 27.78 -13.85 -28.47
N ALA T 9 27.69 -14.40 -29.69
CA ALA T 9 27.94 -15.82 -29.90
C ALA T 9 29.38 -16.19 -29.57
N GLU T 10 30.33 -15.32 -29.91
CA GLU T 10 31.73 -15.57 -29.59
C GLU T 10 31.97 -15.51 -28.08
N ILE T 11 31.29 -14.58 -27.41
CA ILE T 11 31.40 -14.45 -25.96
C ILE T 11 30.88 -15.71 -25.27
N LEU T 12 29.70 -16.17 -25.70
CA LEU T 12 29.11 -17.35 -25.08
C LEU T 12 29.88 -18.61 -25.41
N LYS T 13 30.49 -18.66 -26.60
CA LYS T 13 31.35 -19.79 -26.95
C LYS T 13 32.61 -19.81 -26.09
N ALA T 14 33.15 -18.62 -25.81
CA ALA T 14 34.32 -18.54 -24.93
C ALA T 14 33.96 -18.96 -23.52
N TYR T 15 32.77 -18.58 -23.05
CA TYR T 15 32.32 -19.01 -21.73
C TYR T 15 32.12 -20.52 -21.69
N ALA T 16 31.64 -21.10 -22.80
CA ALA T 16 31.50 -22.54 -22.89
C ALA T 16 32.85 -23.24 -22.84
N LYS T 17 33.85 -22.66 -23.50
CA LYS T 17 35.19 -23.22 -23.47
C LYS T 17 35.79 -23.15 -22.07
N ILE T 18 35.54 -22.05 -21.37
CA ILE T 18 36.03 -21.90 -20.00
C ILE T 18 35.37 -22.91 -19.08
N LEU T 19 34.07 -23.13 -19.27
CA LEU T 19 33.36 -24.11 -18.45
C LEU T 19 33.81 -25.53 -18.78
N GLU T 20 34.16 -25.79 -20.05
CA GLU T 20 34.65 -27.11 -20.42
C GLU T 20 36.03 -27.37 -19.82
N ALA T 21 36.90 -26.37 -19.81
CA ALA T 21 38.21 -26.53 -19.20
C ALA T 21 38.10 -26.69 -17.69
N HIS T 22 37.14 -25.97 -17.08
CA HIS T 22 36.86 -26.15 -15.66
C HIS T 22 36.33 -27.55 -15.38
N ALA T 23 35.54 -28.09 -16.30
CA ALA T 23 35.05 -29.46 -16.17
C ALA T 23 36.18 -30.46 -16.27
N GLU T 24 37.16 -30.22 -17.15
CA GLU T 24 38.28 -31.13 -17.27
C GLU T 24 39.18 -31.08 -16.03
N ILE T 25 39.34 -29.89 -15.45
CA ILE T 25 40.17 -29.77 -14.25
C ILE T 25 39.48 -30.39 -13.04
N LEU T 26 38.14 -30.28 -12.96
CA LEU T 26 37.44 -30.98 -11.89
C LEU T 26 37.34 -32.47 -12.15
N LYS T 27 37.44 -32.90 -13.40
CA LYS T 27 37.56 -34.32 -13.70
C LYS T 27 38.91 -34.85 -13.26
N ALA T 28 39.96 -34.03 -13.40
CA ALA T 28 41.30 -34.47 -13.00
C ALA T 28 41.44 -34.57 -11.48
N GLN T 29 40.68 -33.78 -10.73
CA GLN T 29 40.74 -33.82 -9.28
C GLN T 29 40.00 -35.03 -8.73
N GLN U 1 -28.86 -19.92 23.89
CA GLN U 1 -28.62 -18.92 24.93
C GLN U 1 -27.59 -17.89 24.50
N ALA U 2 -26.73 -18.29 23.57
CA ALA U 2 -25.63 -17.41 23.17
C ALA U 2 -26.13 -16.21 22.39
N LYS U 3 -27.26 -16.37 21.70
CA LYS U 3 -27.81 -15.25 20.94
C LYS U 3 -28.38 -14.18 21.86
N ILE U 4 -28.79 -14.58 23.07
CA ILE U 4 -29.28 -13.61 24.04
C ILE U 4 -28.15 -12.70 24.50
N LEU U 5 -27.00 -13.29 24.83
CA LEU U 5 -25.86 -12.51 25.26
C LEU U 5 -25.29 -11.70 24.10
N GLU U 6 -25.38 -12.24 22.88
CA GLU U 6 -25.01 -11.50 21.70
C GLU U 6 -25.90 -10.27 21.51
N ALA U 7 -27.19 -10.42 21.81
CA ALA U 7 -28.10 -9.28 21.72
C ALA U 7 -27.81 -8.25 22.80
N ASP U 8 -27.40 -8.72 23.98
CA ASP U 8 -26.96 -7.79 25.04
C ASP U 8 -25.75 -6.99 24.57
N ALA U 9 -24.80 -7.67 23.92
CA ALA U 9 -23.63 -6.98 23.37
C ALA U 9 -24.04 -6.00 22.28
N GLU U 10 -25.07 -6.32 21.51
CA GLU U 10 -25.55 -5.40 20.49
C GLU U 10 -26.20 -4.17 21.12
N ILE U 11 -26.91 -4.36 22.23
CA ILE U 11 -27.49 -3.24 22.97
C ILE U 11 -26.41 -2.29 23.46
N LEU U 12 -25.37 -2.85 24.08
CA LEU U 12 -24.33 -2.00 24.65
C LEU U 12 -23.48 -1.37 23.56
N LYS U 13 -23.30 -2.06 22.43
CA LYS U 13 -22.59 -1.47 21.31
C LYS U 13 -23.39 -0.33 20.70
N ALA U 14 -24.71 -0.45 20.67
CA ALA U 14 -25.56 0.65 20.22
C ALA U 14 -25.43 1.84 21.16
N TYR U 15 -25.35 1.57 22.46
CA TYR U 15 -25.12 2.64 23.42
C TYR U 15 -23.78 3.32 23.19
N ALA U 16 -22.76 2.53 22.86
CA ALA U 16 -21.44 3.08 22.56
C ALA U 16 -21.49 3.95 21.31
N LYS U 17 -22.29 3.56 20.32
CA LYS U 17 -22.42 4.38 19.12
C LYS U 17 -23.18 5.67 19.41
N ILE U 18 -24.11 5.63 20.37
CA ILE U 18 -24.79 6.85 20.82
C ILE U 18 -23.78 7.81 21.42
N LEU U 19 -22.92 7.31 22.31
CA LEU U 19 -21.97 8.21 22.96
C LEU U 19 -20.90 8.70 21.99
N GLU U 20 -20.55 7.89 20.99
CA GLU U 20 -19.63 8.36 19.96
C GLU U 20 -20.26 9.43 19.09
N ALA U 21 -21.56 9.31 18.83
CA ALA U 21 -22.26 10.36 18.09
C ALA U 21 -22.31 11.64 18.88
N HIS U 22 -22.53 11.53 20.20
CA HIS U 22 -22.54 12.72 21.04
C HIS U 22 -21.16 13.35 21.10
N ALA U 23 -20.12 12.52 21.04
CA ALA U 23 -18.76 13.01 20.93
C ALA U 23 -18.54 13.74 19.62
N GLU U 24 -19.16 13.24 18.54
CA GLU U 24 -19.03 13.88 17.24
C GLU U 24 -19.68 15.27 17.25
N ILE U 25 -20.84 15.38 17.90
CA ILE U 25 -21.49 16.69 18.04
C ILE U 25 -20.63 17.64 18.85
N LEU U 26 -20.15 17.16 20.00
CA LEU U 26 -19.47 18.05 20.94
C LEU U 26 -18.10 18.44 20.40
N LYS U 27 -17.48 17.58 19.61
CA LYS U 27 -16.22 17.92 18.95
C LYS U 27 -16.47 18.88 17.80
N ALA U 28 -17.60 18.72 17.10
CA ALA U 28 -17.86 19.55 15.94
C ALA U 28 -18.24 20.97 16.31
N GLN U 29 -18.68 21.20 17.54
CA GLN U 29 -19.15 22.52 17.94
C GLN U 29 -18.04 23.55 18.01
N GLN V 1 -30.88 -13.33 34.15
CA GLN V 1 -30.27 -12.26 33.36
C GLN V 1 -31.11 -10.99 33.41
N ALA V 2 -32.16 -11.01 34.24
CA ALA V 2 -33.03 -9.85 34.35
C ALA V 2 -32.32 -8.69 35.03
N LYS V 3 -31.29 -8.98 35.83
CA LYS V 3 -30.49 -7.93 36.43
C LYS V 3 -29.75 -7.13 35.38
N ILE V 4 -29.32 -7.80 34.30
CA ILE V 4 -28.64 -7.12 33.21
C ILE V 4 -29.57 -6.14 32.52
N LEU V 5 -30.80 -6.56 32.26
CA LEU V 5 -31.76 -5.69 31.57
C LEU V 5 -32.20 -4.55 32.48
N GLU V 6 -32.32 -4.81 33.78
CA GLU V 6 -32.67 -3.75 34.73
C GLU V 6 -31.52 -2.75 34.84
N ALA V 7 -30.29 -3.23 34.76
CA ALA V 7 -29.15 -2.33 34.77
C ALA V 7 -29.09 -1.50 33.50
N ASP V 8 -29.50 -2.10 32.37
CA ASP V 8 -29.60 -1.34 31.13
C ASP V 8 -30.66 -0.25 31.25
N ALA V 9 -31.77 -0.56 31.92
CA ALA V 9 -32.79 0.44 32.16
C ALA V 9 -32.29 1.57 33.04
N GLU V 10 -31.47 1.23 34.06
CA GLU V 10 -30.89 2.25 34.92
C GLU V 10 -29.90 3.13 34.16
N ILE V 11 -29.12 2.52 33.26
CA ILE V 11 -28.18 3.25 32.42
C ILE V 11 -28.92 4.24 31.53
N LEU V 12 -29.98 3.77 30.88
CA LEU V 12 -30.70 4.61 29.95
C LEU V 12 -31.47 5.70 30.68
N LYS V 13 -31.95 5.42 31.89
CA LYS V 13 -32.59 6.44 32.70
C LYS V 13 -31.59 7.51 33.14
N ALA V 14 -30.35 7.08 33.44
CA ALA V 14 -29.32 8.05 33.79
C ALA V 14 -28.96 8.92 32.61
N TYR V 15 -28.91 8.33 31.41
CA TYR V 15 -28.66 9.11 30.21
C TYR V 15 -29.81 10.08 29.94
N ALA V 16 -31.04 9.66 30.25
CA ALA V 16 -32.18 10.55 30.11
C ALA V 16 -32.10 11.72 31.08
N LYS V 17 -31.64 11.47 32.30
CA LYS V 17 -31.49 12.55 33.27
C LYS V 17 -30.38 13.51 32.86
N ILE V 18 -29.30 12.97 32.29
CA ILE V 18 -28.21 13.81 31.78
C ILE V 18 -28.70 14.69 30.65
N LEU V 19 -29.49 14.12 29.75
CA LEU V 19 -30.02 14.88 28.62
C LEU V 19 -31.04 15.91 29.08
N GLU V 20 -31.79 15.60 30.14
CA GLU V 20 -32.74 16.58 30.67
C GLU V 20 -32.03 17.74 31.33
N ALA V 21 -30.94 17.47 32.05
CA ALA V 21 -30.15 18.55 32.64
C ALA V 21 -29.48 19.40 31.56
N HIS V 22 -29.04 18.75 30.48
CA HIS V 22 -28.48 19.47 29.35
C HIS V 22 -29.54 20.33 28.67
N ALA V 23 -30.77 19.83 28.61
CA ALA V 23 -31.87 20.60 28.03
C ALA V 23 -32.21 21.79 28.90
N GLU V 24 -32.16 21.62 30.22
CA GLU V 24 -32.42 22.72 31.13
C GLU V 24 -31.33 23.78 31.05
N ILE V 25 -30.08 23.35 30.92
CA ILE V 25 -29.00 24.34 30.88
C ILE V 25 -28.90 25.02 29.53
N LEU V 26 -29.43 24.38 28.46
CA LEU V 26 -29.57 25.09 27.20
C LEU V 26 -30.80 25.98 27.19
N LYS V 27 -31.81 25.65 28.01
CA LYS V 27 -32.92 26.57 28.22
C LYS V 27 -32.47 27.82 28.96
N ALA V 28 -31.53 27.66 29.89
CA ALA V 28 -31.03 28.80 30.65
C ALA V 28 -30.19 29.74 29.80
N GLN V 29 -29.52 29.22 28.79
CA GLN V 29 -28.69 30.05 27.90
C GLN V 29 -29.56 30.84 26.93
N GLN W 1 -19.33 25.96 15.60
CA GLN W 1 -18.62 27.21 15.42
C GLN W 1 -17.16 26.98 15.12
N ALA W 2 -16.68 25.78 15.48
CA ALA W 2 -15.25 25.48 15.34
C ALA W 2 -14.85 25.40 13.86
N LYS W 3 -15.77 24.94 13.01
CA LYS W 3 -15.47 24.82 11.60
C LYS W 3 -15.35 26.18 10.93
N ILE W 4 -16.07 27.17 11.47
CA ILE W 4 -15.97 28.54 10.94
C ILE W 4 -14.58 29.11 11.18
N LEU W 5 -14.08 28.94 12.40
CA LEU W 5 -12.75 29.44 12.74
C LEU W 5 -11.68 28.64 12.01
N GLU W 6 -11.92 27.34 11.82
CA GLU W 6 -11.03 26.51 11.02
C GLU W 6 -10.97 26.99 9.57
N ALA W 7 -12.10 27.41 9.03
CA ALA W 7 -12.13 27.94 7.67
C ALA W 7 -11.42 29.29 7.59
N ASP W 8 -11.52 30.09 8.65
CA ASP W 8 -10.75 31.33 8.73
C ASP W 8 -9.26 31.05 8.68
N ALA W 9 -8.82 30.05 9.44
CA ALA W 9 -7.42 29.65 9.44
C ALA W 9 -7.00 29.12 8.08
N GLU W 10 -7.92 28.45 7.38
CA GLU W 10 -7.62 27.97 6.04
C GLU W 10 -7.46 29.13 5.06
N ILE W 11 -8.27 30.18 5.22
CA ILE W 11 -8.15 31.38 4.39
C ILE W 11 -6.79 32.03 4.58
N LEU W 12 -6.38 32.19 5.84
CA LEU W 12 -5.11 32.86 6.09
C LEU W 12 -3.93 31.98 5.72
N LYS W 13 -4.07 30.66 5.82
CA LYS W 13 -3.03 29.75 5.36
C LYS W 13 -2.89 29.80 3.85
N ALA W 14 -4.01 29.94 3.15
CA ALA W 14 -3.96 30.11 1.70
C ALA W 14 -3.26 31.41 1.34
N TYR W 15 -3.51 32.46 2.12
CA TYR W 15 -2.81 33.73 1.90
C TYR W 15 -1.31 33.58 2.13
N ALA W 16 -0.93 32.80 3.13
CA ALA W 16 0.48 32.53 3.37
C ALA W 16 1.10 31.75 2.22
N LYS W 17 0.33 30.86 1.60
CA LYS W 17 0.85 30.13 0.45
C LYS W 17 0.99 31.04 -0.75
N ILE W 18 0.13 32.05 -0.87
CA ILE W 18 0.28 33.06 -1.91
C ILE W 18 1.58 33.82 -1.74
N LEU W 19 1.87 34.22 -0.50
CA LEU W 19 3.08 34.99 -0.26
C LEU W 19 4.33 34.13 -0.44
N GLU W 20 4.25 32.83 -0.10
CA GLU W 20 5.40 31.95 -0.34
C GLU W 20 5.61 31.70 -1.82
N ALA W 21 4.53 31.66 -2.61
CA ALA W 21 4.70 31.50 -4.05
C ALA W 21 5.30 32.76 -4.66
N HIS W 22 4.92 33.92 -4.13
CA HIS W 22 5.51 35.17 -4.61
C HIS W 22 6.97 35.24 -4.22
N ALA W 23 7.31 34.65 -3.07
CA ALA W 23 8.70 34.48 -2.67
C ALA W 23 9.45 33.57 -3.63
N GLU W 24 8.77 32.52 -4.12
CA GLU W 24 9.40 31.63 -5.09
C GLU W 24 9.71 32.35 -6.39
N ILE W 25 8.81 33.23 -6.83
CA ILE W 25 9.06 34.05 -8.01
C ILE W 25 10.24 34.98 -7.76
N LEU W 26 10.23 35.69 -6.63
CA LEU W 26 11.22 36.73 -6.40
C LEU W 26 12.59 36.14 -6.11
N LYS W 27 12.63 34.92 -5.58
CA LYS W 27 13.91 34.24 -5.38
C LYS W 27 14.41 33.65 -6.68
N ALA W 28 13.50 33.18 -7.53
CA ALA W 28 13.92 32.48 -8.74
C ALA W 28 14.47 33.43 -9.79
N GLN W 29 14.14 34.72 -9.70
CA GLN W 29 14.58 35.69 -10.70
C GLN W 29 16.07 35.93 -10.66
N GLN X 1 -17.94 38.34 14.19
CA GLN X 1 -16.94 37.69 13.36
C GLN X 1 -16.82 38.38 12.02
N ALA X 2 -17.75 39.29 11.73
CA ALA X 2 -17.73 39.98 10.45
C ALA X 2 -16.56 40.95 10.34
N LYS X 3 -16.04 41.40 11.49
CA LYS X 3 -14.84 42.22 11.49
C LYS X 3 -13.64 41.46 10.94
N ILE X 4 -13.59 40.15 11.20
CA ILE X 4 -12.51 39.32 10.69
C ILE X 4 -12.58 39.23 9.18
N LEU X 5 -13.77 39.03 8.63
CA LEU X 5 -13.92 38.93 7.19
C LEU X 5 -13.67 40.27 6.51
N GLU X 6 -14.06 41.37 7.17
CA GLU X 6 -13.79 42.69 6.63
C GLU X 6 -12.30 42.99 6.65
N ALA X 7 -11.60 42.50 7.67
CA ALA X 7 -10.15 42.66 7.71
C ALA X 7 -9.49 41.82 6.64
N ASP X 8 -10.06 40.65 6.34
CA ASP X 8 -9.57 39.85 5.22
C ASP X 8 -9.75 40.58 3.90
N ALA X 9 -10.89 41.26 3.75
CA ALA X 9 -11.14 42.05 2.55
C ALA X 9 -10.15 43.21 2.43
N GLU X 10 -9.82 43.84 3.56
CA GLU X 10 -8.84 44.92 3.55
C GLU X 10 -7.45 44.40 3.21
N ILE X 11 -7.12 43.21 3.70
CA ILE X 11 -5.82 42.59 3.42
C ILE X 11 -5.69 42.29 1.93
N LEU X 12 -6.74 41.69 1.35
CA LEU X 12 -6.68 41.36 -0.07
C LEU X 12 -6.73 42.60 -0.94
N LYS X 13 -7.41 43.64 -0.49
CA LYS X 13 -7.39 44.91 -1.22
C LYS X 13 -6.00 45.54 -1.19
N ALA X 14 -5.31 45.42 -0.06
CA ALA X 14 -3.95 45.92 0.03
C ALA X 14 -3.01 45.12 -0.87
N TYR X 15 -3.22 43.81 -0.95
CA TYR X 15 -2.44 43.00 -1.87
C TYR X 15 -2.71 43.36 -3.31
N ALA X 16 -3.96 43.72 -3.62
CA ALA X 16 -4.30 44.18 -4.96
C ALA X 16 -3.62 45.50 -5.28
N LYS X 17 -3.53 46.39 -4.28
CA LYS X 17 -2.86 47.67 -4.51
C LYS X 17 -1.36 47.48 -4.72
N ILE X 18 -0.76 46.55 -3.97
CA ILE X 18 0.66 46.25 -4.13
C ILE X 18 0.91 45.65 -5.52
N LEU X 19 0.00 44.78 -5.97
CA LEU X 19 0.16 44.17 -7.28
C LEU X 19 -0.06 45.19 -8.39
N GLU X 20 -0.94 46.17 -8.16
CA GLU X 20 -1.13 47.22 -9.16
C GLU X 20 0.09 48.14 -9.24
N ALA X 21 0.73 48.40 -8.10
CA ALA X 21 1.96 49.18 -8.11
C ALA X 21 3.07 48.43 -8.80
N HIS X 22 3.14 47.11 -8.59
CA HIS X 22 4.09 46.27 -9.30
C HIS X 22 3.80 46.26 -10.79
N ALA X 23 2.53 46.31 -11.16
CA ALA X 23 2.12 46.30 -12.56
C ALA X 23 2.54 47.60 -13.25
N GLU X 24 2.29 48.74 -12.62
CA GLU X 24 2.66 50.01 -13.27
C GLU X 24 4.17 50.21 -13.25
N ILE X 25 4.87 49.65 -12.26
CA ILE X 25 6.31 49.85 -12.23
C ILE X 25 7.01 48.89 -13.21
N LEU X 26 6.36 47.77 -13.57
CA LEU X 26 6.86 46.98 -14.69
C LEU X 26 6.44 47.58 -16.02
N LYS X 27 5.33 48.33 -16.03
CA LYS X 27 4.96 49.08 -17.23
C LYS X 27 5.96 50.18 -17.52
N ALA X 28 6.51 50.81 -16.47
CA ALA X 28 7.50 51.85 -16.65
C ALA X 28 8.83 51.29 -17.16
N GLN X 29 9.13 50.04 -16.84
CA GLN X 29 10.39 49.43 -17.28
C GLN X 29 10.34 49.07 -18.76
N GLN Y 1 -27.00 23.68 -22.71
CA GLN Y 1 -25.85 24.04 -23.51
C GLN Y 1 -24.59 23.40 -22.99
N ALA Y 2 -24.69 22.78 -21.81
CA ALA Y 2 -23.51 22.22 -21.16
C ALA Y 2 -22.98 21.02 -21.91
N LYS Y 3 -23.87 20.29 -22.59
CA LYS Y 3 -23.44 19.13 -23.35
C LYS Y 3 -22.65 19.53 -24.57
N ILE Y 4 -22.90 20.73 -25.11
CA ILE Y 4 -22.14 21.22 -26.25
C ILE Y 4 -20.69 21.49 -25.86
N LEU Y 5 -20.49 22.17 -24.72
CA LEU Y 5 -19.14 22.45 -24.25
C LEU Y 5 -18.45 21.17 -23.79
N GLU Y 6 -19.23 20.23 -23.24
CA GLU Y 6 -18.70 18.93 -22.88
C GLU Y 6 -18.22 18.18 -24.12
N ALA Y 7 -18.96 18.29 -25.22
CA ALA Y 7 -18.54 17.65 -26.46
C ALA Y 7 -17.31 18.33 -27.05
N ASP Y 8 -17.19 19.64 -26.88
CA ASP Y 8 -15.98 20.35 -27.26
C ASP Y 8 -14.78 19.84 -26.49
N ALA Y 9 -14.97 19.63 -25.18
CA ALA Y 9 -13.91 19.10 -24.34
C ALA Y 9 -13.56 17.68 -24.77
N GLU Y 10 -14.54 16.90 -25.21
CA GLU Y 10 -14.27 15.55 -25.69
C GLU Y 10 -13.48 15.58 -27.00
N ILE Y 11 -13.77 16.57 -27.86
CA ILE Y 11 -13.01 16.75 -29.10
C ILE Y 11 -11.54 17.04 -28.79
N LEU Y 12 -11.30 17.99 -27.89
CA LEU Y 12 -9.93 18.37 -27.61
C LEU Y 12 -9.20 17.27 -26.82
N LYS Y 13 -9.93 16.51 -26.01
CA LYS Y 13 -9.34 15.36 -25.33
C LYS Y 13 -8.94 14.28 -26.31
N ALA Y 14 -9.76 14.09 -27.36
CA ALA Y 14 -9.41 13.15 -28.41
C ALA Y 14 -8.16 13.61 -29.15
N TYR Y 15 -8.04 14.92 -29.36
CA TYR Y 15 -6.84 15.46 -29.99
C TYR Y 15 -5.62 15.23 -29.12
N ALA Y 16 -5.77 15.38 -27.81
CA ALA Y 16 -4.68 15.11 -26.89
C ALA Y 16 -4.29 13.65 -26.91
N LYS Y 17 -5.27 12.76 -27.09
CA LYS Y 17 -4.96 11.34 -27.17
C LYS Y 17 -4.23 11.00 -28.46
N ILE Y 18 -4.56 11.75 -29.54
CA ILE Y 18 -3.82 11.60 -30.80
C ILE Y 18 -2.35 11.96 -30.59
N LEU Y 19 -2.10 13.09 -29.94
CA LEU Y 19 -0.71 13.52 -29.76
C LEU Y 19 0.03 12.62 -28.79
N GLU Y 20 -0.68 12.06 -27.80
CA GLU Y 20 -0.04 11.10 -26.90
C GLU Y 20 0.31 9.81 -27.62
N ALA Y 21 -0.55 9.36 -28.53
CA ALA Y 21 -0.24 8.18 -29.31
C ALA Y 21 0.95 8.43 -30.23
N HIS Y 22 1.02 9.63 -30.81
CA HIS Y 22 2.14 9.98 -31.67
C HIS Y 22 3.44 10.03 -30.87
N ALA Y 23 3.36 10.52 -29.63
CA ALA Y 23 4.50 10.50 -28.74
C ALA Y 23 4.89 9.07 -28.38
N GLU Y 24 3.90 8.18 -28.30
CA GLU Y 24 4.19 6.79 -27.97
C GLU Y 24 4.93 6.11 -29.11
N ILE Y 25 4.56 6.43 -30.35
CA ILE Y 25 5.30 5.94 -31.52
C ILE Y 25 6.72 6.48 -31.51
N LEU Y 26 6.87 7.80 -31.27
CA LEU Y 26 8.18 8.42 -31.36
C LEU Y 26 9.09 7.96 -30.24
N LYS Y 27 8.51 7.62 -29.08
CA LYS Y 27 9.28 7.04 -28.00
C LYS Y 27 9.65 5.60 -28.31
N ALA Y 28 8.77 4.88 -29.00
CA ALA Y 28 9.03 3.47 -29.26
C ALA Y 28 10.11 3.26 -30.31
N GLN Y 29 10.39 4.28 -31.12
CA GLN Y 29 11.37 4.13 -32.19
C GLN Y 29 12.78 3.97 -31.67
N GLN Z 1 -20.32 30.30 -31.02
CA GLN Z 1 -19.47 29.15 -30.73
C GLN Z 1 -18.81 28.64 -31.99
N ALA Z 2 -19.17 29.25 -33.13
CA ALA Z 2 -18.61 28.82 -34.41
C ALA Z 2 -17.13 29.15 -34.52
N LYS Z 3 -16.66 30.13 -33.75
CA LYS Z 3 -15.24 30.43 -33.69
C LYS Z 3 -14.45 29.28 -33.09
N ILE Z 4 -15.05 28.57 -32.12
CA ILE Z 4 -14.39 27.43 -31.49
C ILE Z 4 -14.21 26.31 -32.48
N LEU Z 5 -15.26 25.99 -33.22
CA LEU Z 5 -15.19 24.90 -34.21
C LEU Z 5 -14.29 25.29 -35.36
N GLU Z 6 -14.26 26.57 -35.73
CA GLU Z 6 -13.37 27.04 -36.78
C GLU Z 6 -11.91 26.94 -36.34
N ALA Z 7 -11.66 27.22 -35.06
CA ALA Z 7 -10.30 27.06 -34.54
C ALA Z 7 -9.92 25.59 -34.45
N ASP Z 8 -10.89 24.72 -34.18
CA ASP Z 8 -10.65 23.28 -34.24
C ASP Z 8 -10.27 22.85 -35.66
N ALA Z 9 -10.95 23.42 -36.65
CA ALA Z 9 -10.63 23.12 -38.04
C ALA Z 9 -9.23 23.61 -38.41
N GLU Z 10 -8.86 24.79 -37.90
CA GLU Z 10 -7.52 25.32 -38.15
C GLU Z 10 -6.45 24.44 -37.49
N ILE Z 11 -6.74 23.97 -36.27
CA ILE Z 11 -5.82 23.09 -35.54
C ILE Z 11 -5.63 21.78 -36.30
N LEU Z 12 -6.73 21.21 -36.78
CA LEU Z 12 -6.64 19.93 -37.48
C LEU Z 12 -5.98 20.09 -38.84
N LYS Z 13 -6.19 21.23 -39.49
CA LYS Z 13 -5.49 21.51 -40.74
C LYS Z 13 -4.00 21.68 -40.52
N ALA Z 14 -3.62 22.28 -39.40
CA ALA Z 14 -2.21 22.41 -39.06
C ALA Z 14 -1.59 21.05 -38.77
N TYR Z 15 -2.34 20.18 -38.11
CA TYR Z 15 -1.87 18.81 -37.88
C TYR Z 15 -1.72 18.06 -39.20
N ALA Z 16 -2.63 18.32 -40.14
CA ALA Z 16 -2.52 17.72 -41.46
C ALA Z 16 -1.28 18.22 -42.21
N LYS Z 17 -0.96 19.50 -42.07
CA LYS Z 17 0.22 20.05 -42.72
C LYS Z 17 1.50 19.49 -42.10
N ILE Z 18 1.49 19.31 -40.78
CA ILE Z 18 2.65 18.73 -40.10
C ILE Z 18 2.84 17.29 -40.55
N LEU Z 19 1.73 16.54 -40.70
CA LEU Z 19 1.82 15.17 -41.15
C LEU Z 19 2.27 15.09 -42.60
N GLU Z 20 1.86 16.06 -43.42
CA GLU Z 20 2.29 16.09 -44.82
C GLU Z 20 3.78 16.39 -44.93
N ALA Z 21 4.28 17.32 -44.11
CA ALA Z 21 5.71 17.62 -44.12
C ALA Z 21 6.52 16.44 -43.60
N HIS Z 22 5.99 15.73 -42.59
CA HIS Z 22 6.61 14.51 -42.10
C HIS Z 22 6.63 13.43 -43.18
N ALA Z 23 5.57 13.39 -44.00
CA ALA Z 23 5.52 12.45 -45.12
C ALA Z 23 6.55 12.81 -46.18
N GLU Z 24 6.76 14.09 -46.43
CA GLU Z 24 7.75 14.51 -47.42
C GLU Z 24 9.17 14.22 -46.94
N ILE Z 25 9.41 14.37 -45.64
CA ILE Z 25 10.73 14.05 -45.10
C ILE Z 25 10.96 12.54 -45.11
N LEU Z 26 9.92 11.75 -44.82
CA LEU Z 26 10.06 10.29 -44.90
C LEU Z 26 10.17 9.81 -46.34
N LYS Z 27 9.63 10.57 -47.29
CA LYS Z 27 9.86 10.29 -48.69
C LYS Z 27 11.29 10.61 -49.09
N ALA Z 28 11.86 11.68 -48.52
CA ALA Z 28 13.22 12.07 -48.86
C ALA Z 28 14.26 11.09 -48.29
N GLN Z 29 13.92 10.41 -47.21
CA GLN Z 29 14.83 9.43 -46.62
C GLN Z 29 14.90 8.16 -47.45
N GLN AA 1 8.26 -32.04 16.41
CA GLN AA 1 8.39 -31.78 17.83
C GLN AA 1 8.85 -30.36 18.08
N ALA AA 2 9.30 -29.68 17.02
CA ALA AA 2 9.88 -28.36 17.16
C ALA AA 2 8.85 -27.33 17.59
N LYS AA 3 7.60 -27.54 17.19
CA LYS AA 3 6.55 -26.59 17.56
C LYS AA 3 6.22 -26.69 19.04
N ILE AA 4 6.45 -27.86 19.64
CA ILE AA 4 6.23 -28.02 21.08
C ILE AA 4 7.23 -27.20 21.87
N LEU AA 5 8.50 -27.28 21.50
CA LEU AA 5 9.53 -26.52 22.18
C LEU AA 5 9.39 -25.04 21.89
N GLU AA 6 8.92 -24.70 20.68
CA GLU AA 6 8.60 -23.32 20.36
C GLU AA 6 7.48 -22.79 21.26
N ALA AA 7 6.49 -23.63 21.54
CA ALA AA 7 5.41 -23.23 22.44
C ALA AA 7 5.91 -23.08 23.87
N ASP AA 8 6.86 -23.92 24.28
CA ASP AA 8 7.50 -23.75 25.58
C ASP AA 8 8.22 -22.41 25.67
N ALA AA 9 8.92 -22.04 24.60
CA ALA AA 9 9.60 -20.75 24.56
C ALA AA 9 8.60 -19.61 24.58
N GLU AA 10 7.44 -19.80 23.97
CA GLU AA 10 6.41 -18.77 24.00
C GLU AA 10 5.82 -18.61 25.40
N ILE AA 11 5.67 -19.72 26.12
CA ILE AA 11 5.21 -19.68 27.51
C ILE AA 11 6.18 -18.89 28.37
N LEU AA 12 7.47 -19.19 28.25
CA LEU AA 12 8.45 -18.52 29.11
C LEU AA 12 8.63 -17.06 28.68
N LYS AA 13 8.45 -16.76 27.39
CA LYS AA 13 8.51 -15.37 26.94
C LYS AA 13 7.33 -14.58 27.47
N ALA AA 14 6.15 -15.21 27.54
CA ALA AA 14 5.00 -14.56 28.14
C ALA AA 14 5.23 -14.31 29.63
N TYR AA 15 5.89 -15.26 30.30
CA TYR AA 15 6.24 -15.06 31.70
C TYR AA 15 7.20 -13.90 31.87
N ALA AA 16 8.16 -13.77 30.95
CA ALA AA 16 9.08 -12.64 30.99
C ALA AA 16 8.37 -11.33 30.75
N LYS AA 17 7.33 -11.34 29.91
CA LYS AA 17 6.56 -10.12 29.69
C LYS AA 17 5.74 -9.76 30.92
N ILE AA 18 5.30 -10.77 31.67
CA ILE AA 18 4.64 -10.51 32.96
C ILE AA 18 5.58 -9.82 33.92
N LEU AA 19 6.81 -10.33 34.01
CA LEU AA 19 7.77 -9.74 34.94
C LEU AA 19 8.18 -8.34 34.50
N GLU AA 20 8.27 -8.10 33.19
CA GLU AA 20 8.57 -6.75 32.71
C GLU AA 20 7.41 -5.80 32.98
N ALA AA 21 6.17 -6.30 32.91
CA ALA AA 21 5.03 -5.46 33.25
C ALA AA 21 5.04 -5.09 34.73
N HIS AA 22 5.39 -6.06 35.59
CA HIS AA 22 5.48 -5.79 37.01
C HIS AA 22 6.60 -4.80 37.29
N ALA AA 23 7.69 -4.91 36.54
CA ALA AA 23 8.78 -3.95 36.60
C ALA AA 23 8.31 -2.55 36.20
N GLU AA 24 7.45 -2.48 35.19
CA GLU AA 24 7.01 -1.17 34.71
C GLU AA 24 6.07 -0.53 35.72
N ILE AA 25 5.28 -1.36 36.42
CA ILE AA 25 4.49 -0.88 37.55
C ILE AA 25 5.37 -0.29 38.63
N LEU AA 26 6.36 -1.07 39.07
CA LEU AA 26 7.16 -0.66 40.21
C LEU AA 26 8.08 0.51 39.86
N LYS AA 27 8.44 0.63 38.59
CA LYS AA 27 9.16 1.81 38.13
C LYS AA 27 8.23 3.02 38.08
N ALA AA 28 6.97 2.80 37.73
CA ALA AA 28 6.05 3.92 37.58
C ALA AA 28 5.61 4.50 38.91
N GLN AA 29 5.75 3.74 40.01
CA GLN AA 29 5.27 4.17 41.31
C GLN AA 29 6.04 5.37 41.85
N GLN BA 1 9.37 -34.29 28.30
CA GLN BA 1 9.16 -32.85 28.36
C GLN BA 1 8.15 -32.48 29.43
N ALA BA 2 7.59 -33.50 30.08
CA ALA BA 2 6.59 -33.25 31.12
C ALA BA 2 7.22 -32.61 32.35
N LYS BA 3 8.52 -32.85 32.56
CA LYS BA 3 9.23 -32.18 33.65
C LYS BA 3 9.30 -30.68 33.43
N ILE BA 4 9.39 -30.25 32.18
CA ILE BA 4 9.39 -28.83 31.86
C ILE BA 4 8.06 -28.20 32.24
N LEU BA 5 6.96 -28.87 31.92
CA LEU BA 5 5.64 -28.36 32.24
C LEU BA 5 5.41 -28.34 33.75
N GLU BA 6 5.91 -29.36 34.45
CA GLU BA 6 5.78 -29.39 35.91
C GLU BA 6 6.62 -28.29 36.55
N ALA BA 7 7.78 -28.00 35.95
CA ALA BA 7 8.60 -26.90 36.45
C ALA BA 7 7.92 -25.55 36.18
N ASP BA 8 7.22 -25.45 35.06
CA ASP BA 8 6.42 -24.25 34.78
C ASP BA 8 5.33 -24.08 35.81
N ALA BA 9 4.71 -25.19 36.22
CA ALA BA 9 3.69 -25.15 37.26
C ALA BA 9 4.28 -24.71 38.59
N GLU BA 10 5.49 -25.19 38.91
CA GLU BA 10 6.16 -24.76 40.14
C GLU BA 10 6.51 -23.29 40.09
N ILE BA 11 6.94 -22.81 38.92
CA ILE BA 11 7.28 -21.40 38.74
C ILE BA 11 6.06 -20.52 38.94
N LEU BA 12 4.94 -20.92 38.33
CA LEU BA 12 3.73 -20.11 38.41
C LEU BA 12 3.13 -20.17 39.82
N LYS BA 13 3.29 -21.29 40.51
CA LYS BA 13 2.85 -21.38 41.89
C LYS BA 13 3.70 -20.49 42.80
N ALA BA 14 5.01 -20.41 42.51
CA ALA BA 14 5.87 -19.52 43.27
C ALA BA 14 5.50 -18.06 43.03
N TYR BA 15 5.15 -17.73 41.79
CA TYR BA 15 4.71 -16.37 41.49
C TYR BA 15 3.39 -16.07 42.18
N ALA BA 16 2.52 -17.08 42.31
CA ALA BA 16 1.27 -16.90 43.04
C ALA BA 16 1.54 -16.66 44.53
N LYS BA 17 2.54 -17.36 45.08
CA LYS BA 17 2.88 -17.16 46.48
C LYS BA 17 3.48 -15.76 46.71
N ILE BA 18 4.28 -15.29 45.76
CA ILE BA 18 4.83 -13.94 45.85
C ILE BA 18 3.73 -12.89 45.78
N LEU BA 19 2.74 -13.14 44.91
CA LEU BA 19 1.62 -12.22 44.79
C LEU BA 19 0.74 -12.25 46.03
N GLU BA 20 0.61 -13.42 46.66
CA GLU BA 20 -0.17 -13.50 47.90
C GLU BA 20 0.53 -12.79 49.04
N ALA BA 21 1.87 -12.88 49.09
CA ALA BA 21 2.62 -12.15 50.10
C ALA BA 21 2.52 -10.65 49.88
N HIS BA 22 2.56 -10.22 48.62
CA HIS BA 22 2.35 -8.82 48.28
C HIS BA 22 0.95 -8.37 48.66
N ALA BA 23 -0.03 -9.27 48.51
CA ALA BA 23 -1.42 -8.95 48.85
C ALA BA 23 -1.59 -8.77 50.35
N GLU BA 24 -1.02 -9.67 51.15
CA GLU BA 24 -1.18 -9.55 52.59
C GLU BA 24 -0.35 -8.40 53.15
N ILE BA 25 0.76 -8.07 52.49
CA ILE BA 25 1.56 -6.97 53.00
C ILE BA 25 0.97 -5.61 52.58
N LEU BA 26 0.16 -5.59 51.51
CA LEU BA 26 -0.62 -4.39 51.24
C LEU BA 26 -1.88 -4.35 52.09
N LYS BA 27 -2.36 -5.52 52.54
CA LYS BA 27 -3.44 -5.56 53.51
C LYS BA 27 -2.98 -5.01 54.86
N ALA BA 28 -1.72 -5.25 55.22
CA ALA BA 28 -1.18 -4.71 56.46
C ALA BA 28 -0.98 -3.20 56.39
N GLN BA 29 -0.71 -2.67 55.20
CA GLN BA 29 -0.52 -1.23 55.04
C GLN BA 29 -1.84 -0.48 55.08
N GLN CA 1 -1.40 -34.98 -27.16
CA GLN CA 1 -0.67 -35.71 -26.13
C GLN CA 1 -0.43 -34.85 -24.91
N ALA CA 2 -0.63 -33.54 -25.07
CA ALA CA 2 -0.28 -32.60 -24.01
C ALA CA 2 -1.19 -32.75 -22.80
N LYS CA 3 -2.42 -33.20 -23.03
CA LYS CA 3 -3.35 -33.40 -21.93
C LYS CA 3 -2.93 -34.57 -21.05
N ILE CA 4 -2.25 -35.56 -21.63
CA ILE CA 4 -1.73 -36.68 -20.86
C ILE CA 4 -0.65 -36.21 -19.90
N LEU CA 5 0.26 -35.38 -20.39
CA LEU CA 5 1.34 -34.87 -19.56
C LEU CA 5 0.80 -33.89 -18.53
N GLU CA 6 -0.24 -33.14 -18.89
CA GLU CA 6 -0.91 -32.27 -17.93
C GLU CA 6 -1.57 -33.09 -16.82
N ALA CA 7 -2.13 -34.24 -17.17
CA ALA CA 7 -2.70 -35.12 -16.16
C ALA CA 7 -1.62 -35.72 -15.26
N ASP CA 8 -0.45 -36.01 -15.83
CA ASP CA 8 0.69 -36.44 -15.02
C ASP CA 8 1.07 -35.37 -14.02
N ALA CA 9 1.11 -34.12 -14.47
CA ALA CA 9 1.41 -33.00 -13.59
C ALA CA 9 0.35 -32.85 -12.51
N GLU CA 10 -0.91 -33.13 -12.83
CA GLU CA 10 -1.96 -33.07 -11.83
C GLU CA 10 -1.82 -34.19 -10.81
N ILE CA 11 -1.35 -35.36 -11.25
CA ILE CA 11 -1.08 -36.47 -10.33
C ILE CA 11 0.00 -36.08 -9.33
N LEU CA 12 1.10 -35.53 -9.83
CA LEU CA 12 2.19 -35.19 -8.92
C LEU CA 12 1.85 -33.99 -8.05
N LYS CA 13 1.02 -33.08 -8.56
CA LYS CA 13 0.54 -31.98 -7.74
C LYS CA 13 -0.38 -32.48 -6.63
N ALA CA 14 -1.17 -33.51 -6.91
CA ALA CA 14 -1.99 -34.11 -5.88
C ALA CA 14 -1.12 -34.77 -4.81
N TYR CA 15 -0.03 -35.42 -5.23
CA TYR CA 15 0.90 -35.99 -4.26
C TYR CA 15 1.56 -34.91 -3.41
N ALA CA 16 1.86 -33.77 -4.01
CA ALA CA 16 2.42 -32.64 -3.26
C ALA CA 16 1.40 -32.11 -2.25
N LYS CA 17 0.13 -32.10 -2.63
CA LYS CA 17 -0.89 -31.65 -1.68
C LYS CA 17 -1.07 -32.63 -0.55
N ILE CA 18 -0.87 -33.92 -0.82
CA ILE CA 18 -0.87 -34.94 0.23
C ILE CA 18 0.25 -34.66 1.24
N LEU CA 19 1.45 -34.40 0.72
CA LEU CA 19 2.59 -34.18 1.61
C LEU CA 19 2.44 -32.87 2.37
N GLU CA 20 1.84 -31.85 1.76
CA GLU CA 20 1.58 -30.61 2.47
C GLU CA 20 0.54 -30.80 3.57
N ALA CA 21 -0.46 -31.65 3.32
CA ALA CA 21 -1.45 -31.95 4.35
C ALA CA 21 -0.81 -32.70 5.51
N HIS CA 22 0.10 -33.61 5.20
CA HIS CA 22 0.75 -34.37 6.26
C HIS CA 22 1.67 -33.47 7.07
N ALA CA 23 2.31 -32.50 6.40
CA ALA CA 23 3.09 -31.49 7.09
C ALA CA 23 2.21 -30.60 7.95
N GLU CA 24 0.98 -30.36 7.50
CA GLU CA 24 0.07 -29.53 8.28
C GLU CA 24 -0.36 -30.26 9.55
N ILE CA 25 -0.55 -31.57 9.45
CA ILE CA 25 -0.79 -32.41 10.64
C ILE CA 25 0.37 -32.30 11.60
N LEU CA 26 1.58 -32.56 11.09
CA LEU CA 26 2.75 -32.67 11.97
C LEU CA 26 3.13 -31.31 12.53
N LYS CA 27 2.78 -30.24 11.83
CA LYS CA 27 2.94 -28.90 12.37
C LYS CA 27 1.92 -28.63 13.46
N ALA CA 28 0.70 -29.15 13.29
CA ALA CA 28 -0.35 -28.87 14.26
C ALA CA 28 -0.13 -29.63 15.57
N GLN CA 29 0.59 -30.74 15.53
CA GLN CA 29 0.77 -31.57 16.72
C GLN CA 29 1.61 -30.89 17.80
N GLN DA 1 6.35 -43.63 -21.71
CA GLN DA 1 5.34 -43.02 -20.86
C GLN DA 1 4.91 -43.95 -19.74
N ALA DA 2 4.97 -45.26 -20.02
CA ALA DA 2 4.58 -46.25 -19.01
C ALA DA 2 5.57 -46.28 -17.86
N LYS DA 3 6.81 -45.90 -18.11
CA LYS DA 3 7.80 -45.81 -17.04
C LYS DA 3 7.44 -44.74 -16.04
N ILE DA 4 6.81 -43.66 -16.51
CA ILE DA 4 6.36 -42.59 -15.62
C ILE DA 4 5.29 -43.09 -14.67
N LEU DA 5 4.31 -43.82 -15.20
CA LEU DA 5 3.23 -44.36 -14.36
C LEU DA 5 3.76 -45.43 -13.42
N GLU DA 6 4.74 -46.22 -13.88
CA GLU DA 6 5.33 -47.23 -13.01
C GLU DA 6 6.12 -46.58 -11.89
N ALA DA 7 6.77 -45.45 -12.18
CA ALA DA 7 7.47 -44.71 -11.14
C ALA DA 7 6.50 -44.07 -10.17
N ASP DA 8 5.32 -43.65 -10.67
CA ASP DA 8 4.28 -43.15 -9.78
C ASP DA 8 3.79 -44.25 -8.85
N ALA DA 9 3.67 -45.47 -9.38
CA ALA DA 9 3.29 -46.61 -8.56
C ALA DA 9 4.35 -46.91 -7.51
N GLU DA 10 5.62 -46.79 -7.87
CA GLU DA 10 6.70 -47.00 -6.91
C GLU DA 10 6.69 -45.93 -5.82
N ILE DA 11 6.41 -44.69 -6.21
CA ILE DA 11 6.31 -43.59 -5.25
C ILE DA 11 5.18 -43.83 -4.27
N LEU DA 12 4.03 -44.23 -4.78
CA LEU DA 12 2.87 -44.44 -3.92
C LEU DA 12 3.04 -45.67 -3.04
N LYS DA 13 3.74 -46.69 -3.55
CA LYS DA 13 4.05 -47.85 -2.72
C LYS DA 13 5.02 -47.50 -1.61
N ALA DA 14 5.98 -46.61 -1.91
CA ALA DA 14 6.91 -46.16 -0.88
C ALA DA 14 6.18 -45.33 0.18
N TYR DA 15 5.22 -44.53 -0.25
CA TYR DA 15 4.40 -43.78 0.70
C TYR DA 15 3.56 -44.72 1.56
N ALA DA 16 3.09 -45.82 0.97
CA ALA DA 16 2.36 -46.82 1.73
C ALA DA 16 3.24 -47.51 2.75
N LYS DA 17 4.50 -47.77 2.38
CA LYS DA 17 5.43 -48.39 3.31
C LYS DA 17 5.77 -47.45 4.46
N ILE DA 18 5.92 -46.16 4.17
CA ILE DA 18 6.20 -45.17 5.21
C ILE DA 18 5.00 -45.06 6.15
N LEU DA 19 3.79 -45.10 5.59
CA LEU DA 19 2.60 -45.03 6.42
C LEU DA 19 2.42 -46.30 7.25
N GLU DA 20 2.85 -47.45 6.72
CA GLU DA 20 2.78 -48.69 7.50
C GLU DA 20 3.78 -48.68 8.64
N ALA DA 21 4.97 -48.13 8.41
CA ALA DA 21 5.95 -48.01 9.48
C ALA DA 21 5.48 -47.03 10.54
N HIS DA 22 4.84 -45.94 10.11
CA HIS DA 22 4.23 -45.00 11.04
C HIS DA 22 3.10 -45.68 11.82
N ALA DA 23 2.36 -46.57 11.17
CA ALA DA 23 1.27 -47.27 11.82
C ALA DA 23 1.78 -48.22 12.90
N GLU DA 24 2.83 -48.99 12.59
CA GLU DA 24 3.34 -49.93 13.58
C GLU DA 24 4.09 -49.20 14.69
N ILE DA 25 4.67 -48.04 14.40
CA ILE DA 25 5.37 -47.34 15.46
C ILE DA 25 4.41 -46.56 16.35
N LEU DA 26 3.21 -46.22 15.84
CA LEU DA 26 2.17 -45.73 16.74
C LEU DA 26 1.46 -46.87 17.45
N LYS DA 27 1.49 -48.07 16.88
CA LYS DA 27 1.01 -49.24 17.58
C LYS DA 27 1.91 -49.58 18.77
N ALA DA 28 3.23 -49.39 18.60
CA ALA DA 28 4.16 -49.65 19.69
C ALA DA 28 4.04 -48.62 20.80
N GLN DA 29 3.63 -47.39 20.48
CA GLN DA 29 3.45 -46.36 21.49
C GLN DA 29 2.19 -46.61 22.32
N GLN EA 1 15.04 10.68 -30.89
CA GLN EA 1 16.34 10.04 -31.04
C GLN EA 1 17.00 9.82 -29.69
N ALA EA 2 16.41 10.40 -28.65
CA ALA EA 2 17.03 10.36 -27.33
C ALA EA 2 16.97 8.96 -26.74
N LYS EA 3 15.96 8.17 -27.12
CA LYS EA 3 15.86 6.82 -26.62
C LYS EA 3 16.92 5.92 -27.23
N ILE EA 4 17.37 6.25 -28.45
CA ILE EA 4 18.44 5.49 -29.08
C ILE EA 4 19.74 5.65 -28.33
N LEU EA 5 20.08 6.89 -27.98
CA LEU EA 5 21.30 7.15 -27.24
C LEU EA 5 21.19 6.64 -25.81
N GLU EA 6 19.97 6.67 -25.26
CA GLU EA 6 19.73 6.07 -23.95
C GLU EA 6 19.96 4.57 -23.98
N ALA EA 7 19.57 3.91 -25.07
CA ALA EA 7 19.81 2.48 -25.19
C ALA EA 7 21.30 2.20 -25.40
N ASP EA 8 22.00 3.10 -26.07
CA ASP EA 8 23.45 2.99 -26.18
C ASP EA 8 24.10 3.05 -24.80
N ALA EA 9 23.65 4.00 -23.97
CA ALA EA 9 24.15 4.10 -22.61
C ALA EA 9 23.82 2.85 -21.80
N GLU EA 10 22.65 2.26 -22.06
CA GLU EA 10 22.29 1.01 -21.37
C GLU EA 10 23.19 -0.14 -21.80
N ILE EA 11 23.57 -0.18 -23.07
CA ILE EA 11 24.49 -1.20 -23.57
C ILE EA 11 25.84 -1.08 -22.87
N LEU EA 12 26.38 0.15 -22.81
CA LEU EA 12 27.70 0.31 -22.23
C LEU EA 12 27.67 0.12 -20.71
N LYS EA 13 26.54 0.47 -20.08
CA LYS EA 13 26.38 0.20 -18.65
C LYS EA 13 26.31 -1.29 -18.38
N ALA EA 14 25.68 -2.04 -19.29
CA ALA EA 14 25.66 -3.49 -19.16
C ALA EA 14 27.05 -4.08 -19.29
N TYR EA 15 27.85 -3.53 -20.22
CA TYR EA 15 29.23 -3.98 -20.35
C TYR EA 15 30.03 -3.67 -19.10
N ALA EA 16 29.76 -2.52 -18.48
CA ALA EA 16 30.42 -2.17 -17.23
C ALA EA 16 30.01 -3.10 -16.11
N LYS EA 17 28.76 -3.56 -16.12
CA LYS EA 17 28.32 -4.48 -15.08
C LYS EA 17 28.94 -5.85 -15.27
N ILE EA 18 29.15 -6.25 -16.53
CA ILE EA 18 29.92 -7.46 -16.84
C ILE EA 18 31.32 -7.36 -16.28
N LEU EA 19 31.93 -6.19 -16.47
CA LEU EA 19 33.33 -6.02 -16.08
C LEU EA 19 33.45 -5.97 -14.55
N GLU EA 20 32.46 -5.39 -13.88
CA GLU EA 20 32.43 -5.41 -12.42
C GLU EA 20 32.17 -6.81 -11.89
N ALA EA 21 31.40 -7.62 -12.62
CA ALA EA 21 31.17 -8.99 -12.20
C ALA EA 21 32.46 -9.79 -12.30
N HIS EA 22 33.21 -9.61 -13.38
CA HIS EA 22 34.51 -10.27 -13.53
C HIS EA 22 35.48 -9.80 -12.46
N ALA EA 23 35.40 -8.52 -12.10
CA ALA EA 23 36.16 -7.99 -10.97
C ALA EA 23 35.77 -8.67 -9.67
N GLU EA 24 34.48 -8.96 -9.50
CA GLU EA 24 34.01 -9.57 -8.26
C GLU EA 24 34.49 -11.00 -8.16
N ILE EA 25 34.57 -11.71 -9.29
CA ILE EA 25 35.17 -13.04 -9.32
C ILE EA 25 36.64 -12.97 -8.93
N LEU EA 26 37.38 -12.06 -9.57
CA LEU EA 26 38.82 -12.02 -9.38
C LEU EA 26 39.19 -11.55 -7.98
N LYS EA 27 38.34 -10.72 -7.38
CA LYS EA 27 38.53 -10.34 -5.99
C LYS EA 27 38.16 -11.50 -5.07
N ALA EA 28 37.15 -12.28 -5.45
CA ALA EA 28 36.66 -13.34 -4.56
C ALA EA 28 37.61 -14.53 -4.53
N GLN EA 29 38.49 -14.67 -5.51
CA GLN EA 29 39.37 -15.83 -5.59
C GLN EA 29 40.40 -15.85 -4.48
N GLN FA 1 25.31 6.74 -36.89
CA GLN FA 1 25.43 6.09 -35.60
C GLN FA 1 25.94 4.68 -35.73
N ALA FA 2 26.12 4.23 -36.98
CA ALA FA 2 26.57 2.87 -37.23
C ALA FA 2 28.00 2.66 -36.77
N LYS FA 3 28.80 3.73 -36.71
CA LYS FA 3 30.16 3.64 -36.17
C LYS FA 3 30.13 3.30 -34.69
N ILE FA 4 29.12 3.78 -33.97
CA ILE FA 4 29.01 3.50 -32.54
C ILE FA 4 28.74 2.02 -32.31
N LEU FA 5 27.80 1.46 -33.05
CA LEU FA 5 27.47 0.05 -32.90
C LEU FA 5 28.59 -0.84 -33.40
N GLU FA 6 29.31 -0.38 -34.43
CA GLU FA 6 30.46 -1.14 -34.92
C GLU FA 6 31.58 -1.14 -33.90
N ALA FA 7 31.76 -0.02 -33.19
CA ALA FA 7 32.75 0.03 -32.13
C ALA FA 7 32.33 -0.83 -30.94
N ASP FA 8 31.02 -0.91 -30.69
CA ASP FA 8 30.53 -1.83 -29.68
C ASP FA 8 30.83 -3.28 -30.05
N ALA FA 9 30.68 -3.61 -31.33
CA ALA FA 9 31.01 -4.95 -31.81
C ALA FA 9 32.51 -5.22 -31.68
N GLU FA 10 33.34 -4.21 -31.92
CA GLU FA 10 34.78 -4.37 -31.76
C GLU FA 10 35.16 -4.56 -30.30
N ILE FA 11 34.48 -3.84 -29.41
CA ILE FA 11 34.71 -3.98 -27.96
C ILE FA 11 34.34 -5.39 -27.51
N LEU FA 12 33.20 -5.88 -27.97
CA LEU FA 12 32.74 -7.19 -27.55
C LEU FA 12 33.60 -8.30 -28.15
N LYS FA 13 34.09 -8.09 -29.37
CA LYS FA 13 35.03 -9.05 -29.96
C LYS FA 13 36.34 -9.06 -29.20
N ALA FA 14 36.79 -7.89 -28.73
CA ALA FA 14 38.01 -7.84 -27.93
C ALA FA 14 37.82 -8.55 -26.60
N TYR FA 15 36.64 -8.41 -26.00
CA TYR FA 15 36.35 -9.12 -24.77
C TYR FA 15 36.30 -10.62 -25.01
N ALA FA 16 35.79 -11.03 -26.17
CA ALA FA 16 35.79 -12.44 -26.54
C ALA FA 16 37.20 -12.96 -26.72
N LYS FA 17 38.09 -12.15 -27.28
CA LYS FA 17 39.48 -12.56 -27.46
C LYS FA 17 40.19 -12.68 -26.12
N ILE FA 18 39.89 -11.76 -25.19
CA ILE FA 18 40.47 -11.83 -23.85
C ILE FA 18 39.99 -13.08 -23.13
N LEU FA 19 38.71 -13.41 -23.28
CA LEU FA 19 38.18 -14.60 -22.64
C LEU FA 19 38.73 -15.86 -23.28
N GLU FA 20 38.99 -15.83 -24.59
CA GLU FA 20 39.59 -16.98 -25.25
C GLU FA 20 41.02 -17.21 -24.80
N ALA FA 21 41.79 -16.12 -24.64
CA ALA FA 21 43.15 -16.25 -24.14
C ALA FA 21 43.16 -16.72 -22.69
N HIS FA 22 42.21 -16.25 -21.89
CA HIS FA 22 42.05 -16.73 -20.52
C HIS FA 22 41.70 -18.21 -20.50
N ALA FA 23 40.89 -18.66 -21.47
CA ALA FA 23 40.57 -20.07 -21.60
C ALA FA 23 41.79 -20.90 -21.97
N GLU FA 24 42.66 -20.35 -22.83
CA GLU FA 24 43.87 -21.07 -23.21
C GLU FA 24 44.84 -21.18 -22.05
N ILE FA 25 44.95 -20.12 -21.23
CA ILE FA 25 45.85 -20.18 -20.09
C ILE FA 25 45.29 -21.10 -18.99
N LEU FA 26 43.97 -21.16 -18.84
CA LEU FA 26 43.43 -22.12 -17.89
C LEU FA 26 43.46 -23.54 -18.43
N LYS FA 27 43.50 -23.69 -19.75
CA LYS FA 27 43.73 -25.01 -20.33
C LYS FA 27 45.17 -25.46 -20.11
N ALA FA 28 46.11 -24.51 -20.16
CA ALA FA 28 47.52 -24.84 -19.95
C ALA FA 28 47.81 -25.19 -18.49
N GLN FA 29 47.03 -24.66 -17.56
CA GLN FA 29 47.21 -24.96 -16.15
C GLN FA 29 46.72 -26.36 -15.82
N GLN GA 1 -37.04 -14.83 21.93
CA GLN GA 1 -36.88 -13.64 22.75
C GLN GA 1 -35.79 -12.73 22.22
N ALA GA 2 -34.86 -13.33 21.48
CA ALA GA 2 -33.66 -12.61 21.05
C ALA GA 2 -33.98 -11.52 20.05
N LYS GA 3 -35.06 -11.71 19.28
CA LYS GA 3 -35.43 -10.72 18.27
C LYS GA 3 -35.95 -9.45 18.92
N ILE GA 4 -36.51 -9.56 20.12
CA ILE GA 4 -36.97 -8.38 20.86
C ILE GA 4 -35.79 -7.49 21.24
N LEU GA 5 -34.74 -8.11 21.78
CA LEU GA 5 -33.56 -7.35 22.17
C LEU GA 5 -32.81 -6.84 20.94
N GLU GA 6 -32.86 -7.61 19.85
CA GLU GA 6 -32.32 -7.14 18.59
C GLU GA 6 -33.06 -5.90 18.09
N ALA GA 7 -34.38 -5.87 18.28
CA ALA GA 7 -35.15 -4.70 17.91
C ALA GA 7 -34.85 -3.51 18.81
N ASP GA 8 -34.57 -3.77 20.09
CA ASP GA 8 -34.11 -2.73 21.00
C ASP GA 8 -32.81 -2.12 20.51
N ALA GA 9 -31.87 -2.99 20.09
CA ALA GA 9 -30.61 -2.52 19.54
C ALA GA 9 -30.82 -1.73 18.26
N GLU GA 10 -31.81 -2.13 17.46
CA GLU GA 10 -32.13 -1.38 16.24
C GLU GA 10 -32.68 0.00 16.56
N ILE GA 11 -33.49 0.10 17.63
CA ILE GA 11 -34.02 1.38 18.09
C ILE GA 11 -32.90 2.31 18.50
N LEU GA 12 -31.98 1.81 19.32
CA LEU GA 12 -30.91 2.67 19.82
C LEU GA 12 -29.90 3.00 18.72
N LYS GA 13 -29.71 2.08 17.76
CA LYS GA 13 -28.85 2.37 16.62
C LYS GA 13 -29.46 3.44 15.73
N ALA GA 14 -30.78 3.42 15.57
CA ALA GA 14 -31.46 4.49 14.83
C ALA GA 14 -31.32 5.82 15.55
N TYR GA 15 -31.38 5.79 16.88
CA TYR GA 15 -31.16 7.01 17.66
C TYR GA 15 -29.74 7.54 17.47
N ALA GA 16 -28.77 6.64 17.41
CA ALA GA 16 -27.39 7.04 17.17
C ALA GA 16 -27.24 7.63 15.78
N LYS GA 17 -27.99 7.10 14.80
CA LYS GA 17 -27.94 7.67 13.46
C LYS GA 17 -28.57 9.05 13.42
N ILE GA 18 -29.58 9.28 14.26
CA ILE GA 18 -30.17 10.62 14.39
C ILE GA 18 -29.13 11.60 14.91
N LEU GA 19 -28.39 11.21 15.95
CA LEU GA 19 -27.42 12.14 16.52
C LEU GA 19 -26.24 12.33 15.58
N GLU GA 20 -25.86 11.31 14.80
CA GLU GA 20 -24.82 11.48 13.80
C GLU GA 20 -25.28 12.42 12.69
N ALA GA 21 -26.56 12.35 12.31
CA ALA GA 21 -27.09 13.28 11.32
C ALA GA 21 -27.08 14.70 11.84
N HIS GA 22 -27.43 14.88 13.13
CA HIS GA 22 -27.41 16.21 13.73
C HIS GA 22 -25.99 16.74 13.80
N ALA GA 23 -25.03 15.85 14.06
CA ALA GA 23 -23.62 16.21 14.01
C ALA GA 23 -23.21 16.63 12.60
N GLU GA 24 -23.76 15.97 11.59
CA GLU GA 24 -23.41 16.31 10.22
C GLU GA 24 -23.98 17.66 9.84
N ILE GA 25 -25.17 17.99 10.35
CA ILE GA 25 -25.75 19.33 10.20
C ILE GA 25 -24.82 20.38 10.82
N LEU GA 26 -24.46 20.17 12.09
CA LEU GA 26 -23.73 21.18 12.83
C LEU GA 26 -22.31 21.32 12.33
N LYS GA 27 -21.74 20.24 11.80
CA LYS GA 27 -20.42 20.30 11.18
C LYS GA 27 -20.48 21.01 9.84
N ALA GA 28 -21.58 20.84 9.11
CA ALA GA 28 -21.68 21.46 7.80
C ALA GA 28 -21.90 22.96 7.88
N GLN GA 29 -22.43 23.45 8.99
CA GLN GA 29 -22.77 24.87 9.11
C GLN GA 29 -21.55 25.77 9.14
N GLN HA 1 -39.01 -5.93 30.74
CA GLN HA 1 -38.45 -5.28 29.55
C GLN HA 1 -39.13 -3.96 29.27
N ALA HA 2 -40.25 -3.72 29.95
CA ALA HA 2 -41.00 -2.49 29.74
C ALA HA 2 -40.25 -1.28 30.27
N LYS HA 3 -39.33 -1.49 31.22
CA LYS HA 3 -38.50 -0.40 31.71
C LYS HA 3 -37.58 0.13 30.62
N ILE HA 4 -37.13 -0.75 29.72
CA ILE HA 4 -36.28 -0.35 28.61
C ILE HA 4 -37.05 0.57 27.66
N LEU HA 5 -38.28 0.19 27.32
CA LEU HA 5 -39.09 1.00 26.43
C LEU HA 5 -39.49 2.32 27.08
N GLU HA 6 -39.73 2.30 28.40
CA GLU HA 6 -40.06 3.53 29.11
C GLU HA 6 -38.85 4.47 29.15
N ALA HA 7 -37.66 3.91 29.30
CA ALA HA 7 -36.45 4.72 29.26
C ALA HA 7 -36.20 5.26 27.85
N ASP HA 8 -36.58 4.49 26.83
CA ASP HA 8 -36.53 4.99 25.46
C ASP HA 8 -37.46 6.17 25.27
N ALA HA 9 -38.66 6.09 25.87
CA ALA HA 9 -39.61 7.20 25.81
C ALA HA 9 -39.07 8.42 26.53
N GLU HA 10 -38.40 8.22 27.67
CA GLU HA 10 -37.79 9.34 28.39
C GLU HA 10 -36.67 9.98 27.58
N ILE HA 11 -35.87 9.15 26.91
CA ILE HA 11 -34.78 9.64 26.07
C ILE HA 11 -35.33 10.46 24.91
N LEU HA 12 -36.38 9.96 24.28
CA LEU HA 12 -36.95 10.66 23.13
C LEU HA 12 -37.65 11.94 23.54
N LYS HA 13 -38.26 11.94 24.73
CA LYS HA 13 -38.85 13.17 25.27
C LYS HA 13 -37.77 14.20 25.59
N ALA HA 14 -36.63 13.74 26.09
CA ALA HA 14 -35.52 14.66 26.35
C ALA HA 14 -34.98 15.24 25.06
N TYR HA 15 -34.91 14.43 24.01
CA TYR HA 15 -34.47 14.93 22.71
C TYR HA 15 -35.48 15.93 22.15
N ALA HA 16 -36.76 15.69 22.41
CA ALA HA 16 -37.79 16.65 22.01
C ALA HA 16 -37.64 17.96 22.76
N LYS HA 17 -37.27 17.89 24.05
CA LYS HA 17 -37.08 19.11 24.82
C LYS HA 17 -35.86 19.89 24.33
N ILE HA 18 -34.80 19.18 23.96
CA ILE HA 18 -33.61 19.82 23.40
C ILE HA 18 -33.95 20.50 22.07
N LEU HA 19 -34.76 19.82 21.25
CA LEU HA 19 -35.15 20.40 19.97
C LEU HA 19 -36.07 21.59 20.14
N GLU HA 20 -36.92 21.57 21.18
CA GLU HA 20 -37.79 22.70 21.44
C GLU HA 20 -36.99 23.90 21.94
N ALA HA 21 -35.96 23.65 22.76
CA ALA HA 21 -35.09 24.73 23.21
C ALA HA 21 -34.30 25.32 22.05
N HIS HA 22 -33.85 24.46 21.14
CA HIS HA 22 -33.19 24.94 19.92
C HIS HA 22 -34.16 25.73 19.05
N ALA HA 23 -35.43 25.32 19.04
CA ALA HA 23 -36.45 26.01 18.26
C ALA HA 23 -36.71 27.41 18.79
N GLU HA 24 -36.88 27.54 20.11
CA GLU HA 24 -37.16 28.87 20.66
C GLU HA 24 -35.91 29.75 20.63
N ILE HA 25 -34.72 29.15 20.71
CA ILE HA 25 -33.53 30.00 20.68
C ILE HA 25 -33.20 30.41 19.25
N LEU HA 26 -33.69 29.67 18.24
CA LEU HA 26 -33.60 30.18 16.88
C LEU HA 26 -34.76 31.14 16.57
N LYS HA 27 -35.86 31.01 17.30
CA LYS HA 27 -36.92 32.02 17.21
C LYS HA 27 -36.45 33.36 17.76
N ALA HA 28 -35.65 33.33 18.82
CA ALA HA 28 -35.14 34.56 19.42
C ALA HA 28 -34.09 35.22 18.54
N GLN HA 29 -33.39 34.45 17.71
CA GLN HA 29 -32.39 35.00 16.81
C GLN HA 29 -33.04 35.75 15.66
N GLN IA 1 -15.09 22.69 24.43
CA GLN IA 1 -14.55 24.03 24.22
C GLN IA 1 -13.11 23.97 23.76
N ALA IA 2 -12.54 22.76 23.80
CA ALA IA 2 -11.12 22.61 23.49
C ALA IA 2 -10.84 22.87 22.02
N LYS IA 3 -11.77 22.49 21.14
CA LYS IA 3 -11.56 22.67 19.72
C LYS IA 3 -11.65 24.14 19.32
N ILE IA 4 -12.40 24.93 20.10
CA ILE IA 4 -12.47 26.37 19.84
C ILE IA 4 -11.12 27.04 20.09
N LEU IA 5 -10.49 26.70 21.22
CA LEU IA 5 -9.19 27.27 21.53
C LEU IA 5 -8.12 26.72 20.60
N GLU IA 6 -8.28 25.47 20.17
CA GLU IA 6 -7.38 24.89 19.18
C GLU IA 6 -7.49 25.64 17.85
N ALA IA 7 -8.71 26.03 17.48
CA ALA IA 7 -8.90 26.79 16.24
C ALA IA 7 -8.33 28.19 16.37
N ASP IA 8 -8.40 28.77 17.58
CA ASP IA 8 -7.75 30.06 17.83
C ASP IA 8 -6.25 29.94 17.63
N ALA IA 9 -5.67 28.86 18.15
CA ALA IA 9 -4.24 28.60 17.96
C ALA IA 9 -3.92 28.40 16.49
N GLU IA 10 -4.83 27.79 15.73
CA GLU IA 10 -4.62 27.62 14.30
C GLU IA 10 -4.64 28.95 13.57
N ILE IA 11 -5.52 29.86 14.01
CA ILE IA 11 -5.59 31.22 13.44
C ILE IA 11 -4.26 31.93 13.66
N LEU IA 12 -3.76 31.91 14.90
CA LEU IA 12 -2.53 32.64 15.18
C LEU IA 12 -1.32 31.97 14.54
N LYS IA 13 -1.35 30.65 14.38
CA LYS IA 13 -0.28 29.95 13.68
C LYS IA 13 -0.28 30.30 12.20
N ALA IA 14 -1.46 30.47 11.62
CA ALA IA 14 -1.56 30.91 10.24
C ALA IA 14 -1.01 32.33 10.10
N TYR IA 15 -1.27 33.18 11.09
CA TYR IA 15 -0.70 34.52 11.10
C TYR IA 15 0.82 34.47 11.16
N ALA IA 16 1.35 33.55 11.97
CA ALA IA 16 2.80 33.40 12.06
C ALA IA 16 3.39 32.93 10.73
N LYS IA 17 2.66 32.06 10.02
CA LYS IA 17 3.15 31.62 8.71
C LYS IA 17 3.10 32.74 7.70
N ILE IA 18 2.12 33.65 7.84
CA ILE IA 18 2.08 34.85 6.99
C ILE IA 18 3.31 35.71 7.21
N LEU IA 19 3.66 35.95 8.47
CA LEU IA 19 4.81 36.80 8.75
C LEU IA 19 6.12 36.12 8.34
N GLU IA 20 6.18 34.79 8.45
CA GLU IA 20 7.35 34.07 7.97
C GLU IA 20 7.48 34.15 6.46
N ALA IA 21 6.37 34.10 5.75
CA ALA IA 21 6.43 34.24 4.30
C ALA IA 21 6.84 35.64 3.88
N HIS IA 22 6.35 36.65 4.61
CA HIS IA 22 6.75 38.03 4.34
C HIS IA 22 8.23 38.21 4.60
N ALA IA 23 8.73 37.56 5.65
CA ALA IA 23 10.16 37.58 5.95
C ALA IA 23 10.94 36.87 4.86
N GLU IA 24 10.36 35.81 4.29
CA GLU IA 24 11.06 35.07 3.25
C GLU IA 24 11.18 35.89 1.98
N ILE IA 25 10.14 36.68 1.67
CA ILE IA 25 10.21 37.64 0.57
C ILE IA 25 11.28 38.68 0.84
N LEU IA 26 11.26 39.26 2.04
CA LEU IA 26 12.16 40.38 2.34
C LEU IA 26 13.60 39.92 2.42
N LYS IA 27 13.82 38.68 2.84
CA LYS IA 27 15.17 38.11 2.83
C LYS IA 27 15.60 37.78 1.40
N ALA IA 28 14.65 37.34 0.57
CA ALA IA 28 15.03 36.90 -0.77
C ALA IA 28 15.34 38.06 -1.70
N GLN IA 29 14.94 39.28 -1.33
CA GLN IA 29 15.20 40.43 -2.19
C GLN IA 29 16.67 40.78 -2.23
N GLN JA 1 -15.20 35.05 24.99
CA GLN JA 1 -14.07 34.83 24.11
C GLN JA 1 -14.14 35.74 22.90
N ALA JA 2 -15.14 36.61 22.88
CA ALA JA 2 -15.31 37.53 21.76
C ALA JA 2 -14.22 38.59 21.74
N LYS JA 3 -13.61 38.86 22.90
CA LYS JA 3 -12.49 39.79 22.96
C LYS JA 3 -11.29 39.25 22.19
N ILE JA 4 -11.11 37.93 22.20
CA ILE JA 4 -10.02 37.30 21.46
C ILE JA 4 -10.20 37.52 19.97
N LEU JA 5 -11.40 37.28 19.46
CA LEU JA 5 -11.68 37.45 18.04
C LEU JA 5 -11.61 38.92 17.65
N GLU JA 6 -12.03 39.81 18.55
CA GLU JA 6 -11.95 41.24 18.26
C GLU JA 6 -10.50 41.69 18.21
N ALA JA 7 -9.65 41.12 19.07
CA ALA JA 7 -8.24 41.43 19.03
C ALA JA 7 -7.59 40.87 17.77
N ASP JA 8 -8.07 39.71 17.31
CA ASP JA 8 -7.64 39.18 16.02
C ASP JA 8 -7.99 40.11 14.89
N ALA JA 9 -9.20 40.69 14.95
CA ALA JA 9 -9.63 41.65 13.93
C ALA JA 9 -8.76 42.90 13.96
N GLU JA 10 -8.39 43.36 15.16
CA GLU JA 10 -7.52 44.52 15.29
C GLU JA 10 -6.13 44.22 14.75
N ILE JA 11 -5.64 43.00 14.99
CA ILE JA 11 -4.33 42.58 14.50
C ILE JA 11 -4.30 42.55 12.99
N LEU JA 12 -5.34 41.97 12.38
CA LEU JA 12 -5.39 41.90 10.93
C LEU JA 12 -5.62 43.27 10.30
N LYS JA 13 -6.36 44.15 10.98
CA LYS JA 13 -6.52 45.51 10.51
C LYS JA 13 -5.21 46.27 10.55
N ALA JA 14 -4.40 46.03 11.59
CA ALA JA 14 -3.09 46.65 11.68
C ALA JA 14 -2.17 46.14 10.59
N TYR JA 15 -2.25 44.85 10.28
CA TYR JA 15 -1.45 44.30 9.18
C TYR JA 15 -1.89 44.88 7.85
N ALA JA 16 -3.20 45.13 7.70
CA ALA JA 16 -3.70 45.76 6.49
C ALA JA 16 -3.20 47.20 6.37
N LYS JA 17 -3.13 47.92 7.50
CA LYS JA 17 -2.61 49.28 7.48
C LYS JA 17 -1.13 49.30 7.14
N ILE JA 18 -0.37 48.33 7.65
CA ILE JA 18 1.05 48.23 7.34
C ILE JA 18 1.25 47.94 5.86
N LEU JA 19 0.43 47.05 5.30
CA LEU JA 19 0.52 46.74 3.88
C LEU JA 19 0.08 47.91 3.03
N GLU JA 20 -0.86 48.72 3.51
CA GLU JA 20 -1.28 49.91 2.79
C GLU JA 20 -0.19 50.95 2.77
N ALA JA 21 0.52 51.12 3.89
CA ALA JA 21 1.65 52.05 3.93
C ALA JA 21 2.78 51.56 3.05
N HIS JA 22 2.99 50.25 3.00
CA HIS JA 22 3.99 49.67 2.10
C HIS JA 22 3.60 49.88 0.65
N ALA JA 23 2.30 49.79 0.35
CA ALA JA 23 1.82 50.04 -1.01
C ALA JA 23 2.00 51.50 -1.39
N GLU JA 24 1.77 52.41 -0.45
CA GLU JA 24 1.96 53.83 -0.71
C GLU JA 24 3.43 54.16 -0.93
N ILE JA 25 4.31 53.53 -0.15
CA ILE JA 25 5.73 53.87 -0.28
C ILE JA 25 6.33 53.19 -1.52
N LEU JA 26 5.72 52.11 -2.01
CA LEU JA 26 6.13 51.60 -3.31
C LEU JA 26 5.51 52.40 -4.45
N LYS JA 27 4.36 53.03 -4.21
CA LYS JA 27 3.82 53.97 -5.19
C LYS JA 27 4.71 55.20 -5.31
N ALA JA 28 5.30 55.63 -4.21
CA ALA JA 28 6.21 56.77 -4.25
C ALA JA 28 7.53 56.43 -4.95
N GLN JA 29 7.95 55.17 -4.89
CA GLN JA 29 9.18 54.74 -5.53
C GLN JA 29 9.01 54.60 -7.03
N GLN KA 1 -27.41 18.74 -31.73
CA GLN KA 1 -26.11 18.92 -32.37
C GLN KA 1 -25.01 18.25 -31.57
N ALA KA 2 -25.34 17.85 -30.34
CA ALA KA 2 -24.34 17.28 -29.45
C ALA KA 2 -23.87 15.93 -29.94
N LYS KA 3 -24.76 15.17 -30.58
CA LYS KA 3 -24.39 13.85 -31.06
C LYS KA 3 -23.46 13.93 -32.25
N ILE KA 4 -23.56 15.01 -33.04
CA ILE KA 4 -22.65 15.22 -34.16
C ILE KA 4 -21.23 15.44 -33.66
N LEU KA 5 -21.07 16.29 -32.64
CA LEU KA 5 -19.76 16.56 -32.09
C LEU KA 5 -19.22 15.34 -31.35
N GLU KA 6 -20.11 14.59 -30.71
CA GLU KA 6 -19.72 13.33 -30.08
C GLU KA 6 -19.23 12.33 -31.12
N ALA KA 7 -19.84 12.32 -32.30
CA ALA KA 7 -19.39 11.43 -33.36
C ALA KA 7 -18.05 11.88 -33.92
N ASP KA 8 -17.82 13.20 -33.97
CA ASP KA 8 -16.51 13.72 -34.34
C ASP KA 8 -15.44 13.25 -33.36
N ALA KA 9 -15.78 13.31 -32.07
CA ALA KA 9 -14.86 12.82 -31.05
C ALA KA 9 -14.61 11.32 -31.19
N GLU KA 10 -15.64 10.58 -31.61
CA GLU KA 10 -15.46 9.15 -31.83
C GLU KA 10 -14.55 8.88 -33.03
N ILE KA 11 -14.65 9.71 -34.06
CA ILE KA 11 -13.77 9.60 -35.22
C ILE KA 11 -12.33 9.81 -34.82
N LEU KA 12 -12.07 10.89 -34.06
CA LEU KA 12 -10.68 11.18 -33.71
C LEU KA 12 -10.15 10.20 -32.67
N LYS KA 13 -11.02 9.66 -31.81
CA LYS KA 13 -10.59 8.61 -30.89
C LYS KA 13 -10.25 7.34 -31.64
N ALA KA 14 -11.00 7.04 -32.71
CA ALA KA 14 -10.66 5.91 -33.55
C ALA KA 14 -9.31 6.12 -34.23
N TYR KA 15 -9.03 7.36 -34.63
CA TYR KA 15 -7.72 7.65 -35.21
C TYR KA 15 -6.61 7.47 -34.19
N ALA KA 16 -6.88 7.85 -32.93
CA ALA KA 16 -5.92 7.62 -31.86
C ALA KA 16 -5.67 6.14 -31.64
N LYS KA 17 -6.72 5.33 -31.78
CA LYS KA 17 -6.54 3.89 -31.64
C LYS KA 17 -5.75 3.32 -32.80
N ILE KA 18 -5.89 3.92 -33.99
CA ILE KA 18 -5.06 3.53 -35.13
C ILE KA 18 -3.60 3.77 -34.84
N LEU KA 19 -3.29 4.97 -34.33
CA LEU KA 19 -1.88 5.28 -34.09
C LEU KA 19 -1.32 4.47 -32.92
N GLU KA 20 -2.15 4.13 -31.94
CA GLU KA 20 -1.68 3.26 -30.86
C GLU KA 20 -1.43 1.85 -31.37
N ALA KA 21 -2.25 1.38 -32.31
CA ALA KA 21 -2.00 0.08 -32.92
C ALA KA 21 -0.72 0.10 -33.73
N HIS KA 22 -0.45 1.21 -34.42
CA HIS KA 22 0.79 1.33 -35.18
C HIS KA 22 1.98 1.38 -34.24
N ALA KA 23 1.79 1.97 -33.06
CA ALA KA 23 2.81 1.95 -32.02
C ALA KA 23 3.04 0.53 -31.52
N GLU KA 24 1.98 -0.27 -31.44
CA GLU KA 24 2.13 -1.67 -31.05
C GLU KA 24 2.91 -2.45 -32.09
N ILE KA 25 2.66 -2.17 -33.37
CA ILE KA 25 3.44 -2.75 -34.47
C ILE KA 25 4.92 -2.41 -34.32
N LEU KA 26 5.20 -1.12 -34.11
CA LEU KA 26 6.59 -0.66 -34.13
C LEU KA 26 7.33 -1.09 -32.87
N LYS KA 27 6.60 -1.20 -31.75
CA LYS KA 27 7.22 -1.64 -30.51
C LYS KA 27 7.45 -3.14 -30.52
N ALA KA 28 6.60 -3.88 -31.24
CA ALA KA 28 6.73 -5.33 -31.26
C ALA KA 28 7.96 -5.79 -32.04
N GLN KA 29 8.40 -5.00 -33.01
CA GLN KA 29 9.51 -5.40 -33.87
C GLN KA 29 10.83 -5.46 -33.12
N GLN LA 1 -19.26 23.19 -40.19
CA GLN LA 1 -18.67 21.94 -39.75
C GLN LA 1 -18.00 21.21 -40.90
N ALA LA 2 -18.24 21.69 -42.12
CA ALA LA 2 -17.65 21.06 -43.30
C ALA LA 2 -16.14 21.24 -43.31
N LYS LA 3 -15.63 22.31 -42.69
CA LYS LA 3 -14.20 22.48 -42.53
C LYS LA 3 -13.60 21.39 -41.65
N ILE LA 4 -14.35 20.95 -40.64
CA ILE LA 4 -13.89 19.90 -39.75
C ILE LA 4 -13.76 18.58 -40.49
N LEU LA 5 -14.77 18.23 -41.28
CA LEU LA 5 -14.74 16.98 -42.03
C LEU LA 5 -13.70 17.04 -43.15
N GLU LA 6 -13.50 18.21 -43.74
CA GLU LA 6 -12.47 18.35 -44.76
C GLU LA 6 -11.08 18.23 -44.14
N ALA LA 7 -10.92 18.72 -42.91
CA ALA LA 7 -9.66 18.53 -42.21
C ALA LA 7 -9.44 17.07 -41.85
N ASP LA 8 -10.52 16.36 -41.53
CA ASP LA 8 -10.43 14.92 -41.31
C ASP LA 8 -9.99 14.21 -42.58
N ALA LA 9 -10.52 14.64 -43.72
CA ALA LA 9 -10.12 14.06 -44.99
C ALA LA 9 -8.65 14.32 -45.30
N GLU LA 10 -8.17 15.53 -44.98
CA GLU LA 10 -6.76 15.84 -45.16
C GLU LA 10 -5.88 15.02 -44.24
N ILE LA 11 -6.36 14.79 -43.01
CA ILE LA 11 -5.61 13.99 -42.03
C ILE LA 11 -5.47 12.55 -42.52
N LEU LA 12 -6.58 11.97 -42.97
CA LEU LA 12 -6.53 10.58 -43.43
C LEU LA 12 -5.76 10.46 -44.74
N LYS LA 13 -5.80 11.48 -45.58
CA LYS LA 13 -4.99 11.47 -46.81
C LYS LA 13 -3.50 11.55 -46.47
N ALA LA 14 -3.15 12.33 -45.44
CA ALA LA 14 -1.76 12.39 -45.01
C ALA LA 14 -1.31 11.06 -44.43
N TYR LA 15 -2.21 10.39 -43.70
CA TYR LA 15 -1.88 9.07 -43.18
C TYR LA 15 -1.70 8.07 -44.31
N ALA LA 16 -2.50 8.21 -45.37
CA ALA LA 16 -2.35 7.34 -46.54
C ALA LA 16 -1.03 7.61 -47.24
N LYS LA 17 -0.60 8.86 -47.29
CA LYS LA 17 0.68 9.19 -47.90
C LYS LA 17 1.84 8.64 -47.09
N ILE LA 18 1.74 8.71 -45.76
CA ILE LA 18 2.78 8.15 -44.89
C ILE LA 18 2.83 6.64 -45.06
N LEU LA 19 1.67 6.00 -45.19
CA LEU LA 19 1.63 4.56 -45.37
C LEU LA 19 2.16 4.16 -46.74
N GLU LA 20 1.95 5.00 -47.76
CA GLU LA 20 2.49 4.72 -49.07
C GLU LA 20 4.01 4.86 -49.09
N ALA LA 21 4.53 5.85 -48.36
CA ALA LA 21 5.98 5.99 -48.24
C ALA LA 21 6.59 4.83 -47.49
N HIS LA 22 5.90 4.36 -46.44
CA HIS LA 22 6.32 3.15 -45.74
C HIS LA 22 6.26 1.93 -46.65
N ALA LA 23 5.28 1.90 -47.53
CA ALA LA 23 5.12 0.78 -48.46
C ALA LA 23 6.26 0.73 -49.47
N GLU LA 24 6.61 1.88 -50.04
CA GLU LA 24 7.68 1.89 -51.03
C GLU LA 24 9.05 1.70 -50.37
N ILE LA 25 9.19 2.13 -49.12
CA ILE LA 25 10.48 1.95 -48.47
C ILE LA 25 10.64 0.52 -47.95
N LEU LA 26 9.53 -0.20 -47.74
CA LEU LA 26 9.65 -1.63 -47.52
C LEU LA 26 9.76 -2.40 -48.84
N LYS LA 27 9.29 -1.81 -49.93
CA LYS LA 27 9.52 -2.39 -51.25
C LYS LA 27 11.00 -2.31 -51.61
N ALA LA 28 11.67 -1.22 -51.24
CA ALA LA 28 13.09 -1.09 -51.55
C ALA LA 28 13.95 -2.02 -50.71
N GLN LA 29 13.51 -2.36 -49.50
CA GLN LA 29 14.26 -3.25 -48.64
C GLN LA 29 14.17 -4.70 -49.11
N GLN MA 1 16.86 -31.32 11.82
CA GLN MA 1 17.42 -31.37 13.16
C GLN MA 1 17.80 -29.99 13.65
N ALA MA 2 18.04 -29.08 12.71
CA ALA MA 2 18.52 -27.75 13.07
C ALA MA 2 17.46 -26.94 13.79
N LYS MA 3 16.18 -27.21 13.48
CA LYS MA 3 15.11 -26.46 14.12
C LYS MA 3 14.94 -26.85 15.58
N ILE MA 4 15.31 -28.09 15.93
CA ILE MA 4 15.27 -28.53 17.32
C ILE MA 4 16.28 -27.75 18.15
N LEU MA 5 17.51 -27.62 17.64
CA LEU MA 5 18.55 -26.88 18.34
C LEU MA 5 18.22 -25.40 18.38
N GLU MA 6 17.61 -24.89 17.30
CA GLU MA 6 17.13 -23.51 17.28
C GLU MA 6 16.08 -23.28 18.34
N ALA MA 7 15.19 -24.26 18.55
CA ALA MA 7 14.18 -24.14 19.58
C ALA MA 7 14.79 -24.20 20.98
N ASP MA 8 15.84 -25.00 21.14
CA ASP MA 8 16.60 -25.00 22.39
C ASP MA 8 17.19 -23.63 22.67
N ALA MA 9 17.74 -23.01 21.63
CA ALA MA 9 18.29 -21.66 21.75
C ALA MA 9 17.20 -20.65 22.10
N GLU MA 10 15.99 -20.85 21.56
CA GLU MA 10 14.88 -19.97 21.89
C GLU MA 10 14.45 -20.14 23.33
N ILE MA 11 14.49 -21.38 23.84
CA ILE MA 11 14.17 -21.65 25.24
C ILE MA 11 15.14 -20.91 26.16
N LEU MA 12 16.43 -21.06 25.90
CA LEU MA 12 17.41 -20.44 26.80
C LEU MA 12 17.45 -18.92 26.63
N LYS MA 13 17.12 -18.43 25.44
CA LYS MA 13 16.99 -16.98 25.25
C LYS MA 13 15.81 -16.42 26.02
N ALA MA 14 14.71 -17.18 26.06
CA ALA MA 14 13.57 -16.79 26.87
C ALA MA 14 13.94 -16.77 28.35
N TYR MA 15 14.76 -17.74 28.77
CA TYR MA 15 15.24 -17.76 30.14
C TYR MA 15 16.08 -16.52 30.45
N ALA MA 16 16.93 -16.13 29.50
CA ALA MA 16 17.73 -14.92 29.68
C ALA MA 16 16.86 -13.68 29.75
N LYS MA 17 15.76 -13.66 29.01
CA LYS MA 17 14.83 -12.54 29.09
C LYS MA 17 14.14 -12.49 30.44
N ILE MA 18 13.87 -13.67 31.02
CA ILE MA 18 13.29 -13.73 32.36
C ILE MA 18 14.25 -13.12 33.38
N LEU MA 19 15.53 -13.49 33.30
CA LEU MA 19 16.48 -12.97 34.28
C LEU MA 19 16.74 -11.49 34.06
N GLU MA 20 16.69 -11.01 32.82
CA GLU MA 20 16.80 -9.57 32.59
C GLU MA 20 15.59 -8.82 33.12
N ALA MA 21 14.41 -9.45 33.07
CA ALA MA 21 13.23 -8.81 33.64
C ALA MA 21 13.33 -8.73 35.15
N HIS MA 22 13.86 -9.79 35.78
CA HIS MA 22 14.09 -9.77 37.22
C HIS MA 22 15.12 -8.70 37.58
N ALA MA 23 16.12 -8.54 36.71
CA ALA MA 23 17.10 -7.47 36.88
C ALA MA 23 16.46 -6.11 36.76
N GLU MA 24 15.49 -5.96 35.87
CA GLU MA 24 14.84 -4.67 35.68
C GLU MA 24 13.98 -4.33 36.88
N ILE MA 25 13.35 -5.34 37.49
CA ILE MA 25 12.64 -5.15 38.76
C ILE MA 25 13.61 -4.68 39.84
N LEU MA 26 14.71 -5.41 40.01
CA LEU MA 26 15.60 -5.15 41.12
C LEU MA 26 16.34 -3.83 40.96
N LYS MA 27 16.58 -3.42 39.71
CA LYS MA 27 17.13 -2.11 39.45
C LYS MA 27 16.11 -1.02 39.69
N ALA MA 28 14.84 -1.30 39.37
CA ALA MA 28 13.81 -0.28 39.52
C ALA MA 28 13.45 -0.04 40.98
N GLN MA 29 13.75 -0.98 41.87
CA GLN MA 29 13.40 -0.83 43.27
C GLN MA 29 14.21 0.27 43.94
N GLN NA 1 19.27 -36.21 23.02
CA GLN NA 1 19.11 -34.80 23.32
C GLN NA 1 18.30 -34.60 24.58
N ALA NA 2 17.84 -35.71 25.16
CA ALA NA 2 16.96 -35.64 26.33
C ALA NA 2 17.68 -35.12 27.56
N LYS NA 3 19.00 -35.24 27.59
CA LYS NA 3 19.78 -34.66 28.67
C LYS NA 3 19.68 -33.14 28.68
N ILE NA 4 19.57 -32.53 27.50
CA ILE NA 4 19.45 -31.09 27.39
C ILE NA 4 18.14 -30.61 28.00
N LEU NA 5 17.03 -31.26 27.65
CA LEU NA 5 15.74 -30.87 28.20
C LEU NA 5 15.64 -31.21 29.68
N GLU NA 6 16.30 -32.28 30.11
CA GLU NA 6 16.31 -32.62 31.53
C GLU NA 6 17.10 -31.59 32.33
N ALA NA 7 18.19 -31.09 31.76
CA ALA NA 7 18.94 -30.02 32.41
C ALA NA 7 18.15 -28.72 32.41
N ASP NA 8 17.34 -28.50 31.37
CA ASP NA 8 16.43 -27.36 31.36
C ASP NA 8 15.41 -27.47 32.48
N ALA NA 9 14.91 -28.67 32.72
CA ALA NA 9 13.98 -28.90 33.82
C ALA NA 9 14.64 -28.66 35.16
N GLU NA 10 15.90 -29.07 35.30
CA GLU NA 10 16.65 -28.82 36.53
C GLU NA 10 16.88 -27.33 36.75
N ILE NA 11 17.17 -26.61 35.67
CA ILE NA 11 17.37 -25.16 35.73
C ILE NA 11 16.09 -24.47 36.19
N LEU NA 12 14.97 -24.84 35.59
CA LEU NA 12 13.70 -24.20 35.92
C LEU NA 12 13.23 -24.58 37.32
N LYS NA 13 13.54 -25.79 37.76
CA LYS NA 13 13.23 -26.17 39.14
C LYS NA 13 14.08 -25.39 40.13
N ALA NA 14 15.34 -25.12 39.76
CA ALA NA 14 16.20 -24.31 40.62
C ALA NA 14 15.69 -22.87 40.70
N TYR NA 15 15.20 -22.35 39.57
CA TYR NA 15 14.61 -21.02 39.58
C TYR NA 15 13.33 -20.99 40.42
N ALA NA 16 12.58 -22.09 40.41
CA ALA NA 16 11.38 -22.19 41.24
C ALA NA 16 11.75 -22.22 42.71
N LYS NA 17 12.84 -22.91 43.06
CA LYS NA 17 13.29 -22.94 44.45
C LYS NA 17 13.78 -21.58 44.91
N ILE NA 18 14.46 -20.85 44.02
CA ILE NA 18 14.93 -19.50 44.34
C ILE NA 18 13.74 -18.56 44.55
N LEU NA 19 12.72 -18.69 43.70
CA LEU NA 19 11.53 -17.86 43.85
C LEU NA 19 10.74 -18.22 45.09
N GLU NA 20 10.76 -19.51 45.48
CA GLU NA 20 10.10 -19.91 46.71
C GLU NA 20 10.83 -19.36 47.94
N ALA NA 21 12.16 -19.35 47.89
CA ALA NA 21 12.93 -18.75 48.98
C ALA NA 21 12.72 -17.25 49.06
N HIS NA 22 12.57 -16.60 47.91
CA HIS NA 22 12.26 -15.17 47.87
C HIS NA 22 10.87 -14.91 48.42
N ALA NA 23 9.92 -15.81 48.14
CA ALA NA 23 8.59 -15.69 48.68
C ALA NA 23 8.58 -15.86 50.19
N GLU NA 24 9.38 -16.80 50.69
CA GLU NA 24 9.47 -17.02 52.13
C GLU NA 24 10.11 -15.82 52.83
N ILE NA 25 11.15 -15.24 52.21
CA ILE NA 25 11.84 -14.15 52.88
C ILE NA 25 11.04 -12.84 52.76
N LEU NA 26 10.14 -12.74 51.78
CA LEU NA 26 9.20 -11.62 51.78
C LEU NA 26 8.03 -11.88 52.71
N LYS NA 27 7.71 -13.14 52.98
CA LYS NA 27 6.74 -13.46 54.01
C LYS NA 27 7.27 -13.11 55.39
N ALA NA 28 8.58 -13.29 55.60
CA ALA NA 28 9.18 -12.97 56.88
C ALA NA 28 9.26 -11.47 57.13
N GLN NA 29 9.34 -10.68 56.07
CA GLN NA 29 9.40 -9.22 56.20
C GLN NA 29 8.04 -8.65 56.56
N GLN OA 1 -7.79 -41.63 -22.58
CA GLN OA 1 -7.04 -42.12 -21.43
C GLN OA 1 -6.81 -41.00 -20.43
N ALA OA 2 -6.99 -39.76 -20.88
CA ALA OA 2 -6.69 -38.60 -20.05
C ALA OA 2 -7.64 -38.50 -18.88
N LYS OA 3 -8.89 -38.91 -19.08
CA LYS OA 3 -9.87 -38.84 -18.01
C LYS OA 3 -9.58 -39.88 -16.92
N ILE OA 4 -8.92 -40.97 -17.29
CA ILE OA 4 -8.53 -41.98 -16.29
C ILE OA 4 -7.49 -41.41 -15.33
N LEU OA 5 -6.47 -40.76 -15.88
CA LEU OA 5 -5.44 -40.15 -15.05
C LEU OA 5 -6.00 -38.96 -14.28
N GLU OA 6 -6.96 -38.25 -14.88
CA GLU OA 6 -7.64 -37.17 -14.18
C GLU OA 6 -8.42 -37.70 -12.99
N ALA OA 7 -9.05 -38.86 -13.14
CA ALA OA 7 -9.78 -39.46 -12.03
C ALA OA 7 -8.83 -39.98 -10.95
N ASP OA 8 -7.66 -40.45 -11.37
CA ASP OA 8 -6.61 -40.81 -10.40
C ASP OA 8 -6.20 -39.61 -9.57
N ALA OA 9 -6.01 -38.47 -10.23
CA ALA OA 9 -5.67 -37.24 -9.53
C ALA OA 9 -6.81 -36.78 -8.63
N GLU OA 10 -8.05 -37.04 -9.04
CA GLU OA 10 -9.19 -36.71 -8.19
C GLU OA 10 -9.23 -37.58 -6.94
N ILE OA 11 -8.87 -38.85 -7.09
CA ILE OA 11 -8.79 -39.76 -5.94
C ILE OA 11 -7.75 -39.27 -4.95
N LEU OA 12 -6.56 -38.92 -5.45
CA LEU OA 12 -5.49 -38.50 -4.54
C LEU OA 12 -5.78 -37.12 -3.95
N LYS OA 13 -6.48 -36.26 -4.69
CA LYS OA 13 -6.89 -34.97 -4.15
C LYS OA 13 -7.93 -35.15 -3.05
N ALA OA 14 -8.82 -36.13 -3.21
CA ALA OA 14 -9.77 -36.45 -2.16
C ALA OA 14 -9.07 -36.95 -0.92
N TYR OA 15 -8.01 -37.76 -1.13
CA TYR OA 15 -7.20 -38.22 0.00
C TYR OA 15 -6.53 -37.05 0.70
N ALA OA 16 -6.05 -36.07 -0.07
CA ALA OA 16 -5.43 -34.89 0.51
C ALA OA 16 -6.44 -34.07 1.30
N LYS OA 17 -7.69 -34.03 0.82
CA LYS OA 17 -8.72 -33.31 1.58
C LYS OA 17 -9.07 -34.06 2.86
N ILE OA 18 -8.98 -35.39 2.84
CA ILE OA 18 -9.16 -36.17 4.06
C ILE OA 18 -8.10 -35.81 5.09
N LEU OA 19 -6.85 -35.77 4.67
CA LEU OA 19 -5.77 -35.49 5.61
C LEU OA 19 -5.81 -34.04 6.09
N GLU OA 20 -6.24 -33.10 5.22
CA GLU OA 20 -6.41 -31.72 5.65
C GLU OA 20 -7.53 -31.59 6.67
N ALA OA 21 -8.62 -32.34 6.48
CA ALA OA 21 -9.71 -32.31 7.45
C ALA OA 21 -9.26 -32.90 8.78
N HIS OA 22 -8.47 -33.97 8.73
CA HIS OA 22 -7.97 -34.58 9.97
C HIS OA 22 -7.02 -33.64 10.67
N ALA OA 23 -6.23 -32.89 9.89
CA ALA OA 23 -5.39 -31.84 10.44
C ALA OA 23 -6.21 -30.74 11.09
N GLU OA 24 -7.35 -30.42 10.49
CA GLU OA 24 -8.16 -29.33 11.04
C GLU OA 24 -8.82 -29.78 12.34
N ILE OA 25 -9.18 -31.06 12.42
CA ILE OA 25 -9.64 -31.66 13.69
C ILE OA 25 -8.58 -31.53 14.76
N LEU OA 26 -7.36 -31.96 14.42
CA LEU OA 26 -6.29 -32.01 15.42
C LEU OA 26 -5.84 -30.61 15.81
N LYS OA 27 -5.98 -29.64 14.90
CA LYS OA 27 -5.72 -28.25 15.24
C LYS OA 27 -6.83 -27.70 16.12
N ALA OA 28 -8.05 -28.19 15.93
CA ALA OA 28 -9.17 -27.66 16.68
C ALA OA 28 -9.19 -28.12 18.13
N GLN OA 29 -8.49 -29.21 18.43
CA GLN OA 29 -8.49 -29.76 19.79
C GLN OA 29 -7.76 -28.86 20.76
N GLN PA 1 -1.71 -49.81 -15.40
CA GLN PA 1 -2.22 -48.79 -14.49
C GLN PA 1 -2.80 -49.42 -13.24
N ALA PA 2 -2.87 -50.75 -13.25
CA ALA PA 2 -3.43 -51.46 -12.10
C ALA PA 2 -2.50 -51.37 -10.88
N LYS PA 3 -1.21 -51.14 -11.11
CA LYS PA 3 -0.28 -50.92 -10.00
C LYS PA 3 -0.63 -49.65 -9.25
N ILE PA 4 -1.11 -48.63 -9.96
CA ILE PA 4 -1.51 -47.39 -9.32
C ILE PA 4 -2.71 -47.62 -8.41
N LEU PA 5 -3.69 -48.38 -8.88
CA LEU PA 5 -4.88 -48.66 -8.08
C LEU PA 5 -4.55 -49.55 -6.90
N GLU PA 6 -3.63 -50.50 -7.08
CA GLU PA 6 -3.21 -51.36 -5.98
C GLU PA 6 -2.44 -50.56 -4.95
N ALA PA 7 -1.66 -49.57 -5.39
CA ALA PA 7 -0.98 -48.68 -4.45
C ALA PA 7 -1.97 -47.79 -3.71
N ASP PA 8 -3.04 -47.39 -4.38
CA ASP PA 8 -4.11 -46.66 -3.70
C ASP PA 8 -4.78 -47.51 -2.64
N ALA PA 9 -4.96 -48.80 -2.95
CA ALA PA 9 -5.53 -49.73 -1.97
C ALA PA 9 -4.60 -49.91 -0.78
N GLU PA 10 -3.29 -49.97 -1.03
CA GLU PA 10 -2.32 -50.09 0.06
C GLU PA 10 -2.30 -48.83 0.92
N ILE PA 11 -2.43 -47.67 0.28
CA ILE PA 11 -2.46 -46.39 0.99
C ILE PA 11 -3.68 -46.32 1.89
N LEU PA 12 -4.84 -46.71 1.35
CA LEU PA 12 -6.07 -46.63 2.13
C LEU PA 12 -6.09 -47.67 3.25
N LYS PA 13 -5.50 -48.84 2.99
CA LYS PA 13 -5.36 -49.84 4.06
C LYS PA 13 -4.43 -49.35 5.16
N ALA PA 14 -3.37 -48.63 4.79
CA ALA PA 14 -2.47 -48.08 5.78
C ALA PA 14 -3.16 -47.01 6.61
N TYR PA 15 -3.99 -46.18 5.96
CA TYR PA 15 -4.76 -45.19 6.71
C TYR PA 15 -5.77 -45.86 7.63
N ALA PA 16 -6.33 -46.99 7.20
CA ALA PA 16 -7.24 -47.75 8.04
C ALA PA 16 -6.51 -48.32 9.26
N LYS PA 17 -5.27 -48.77 9.06
CA LYS PA 17 -4.49 -49.30 10.18
C LYS PA 17 -4.12 -48.20 11.16
N ILE PA 18 -3.82 -47.00 10.64
CA ILE PA 18 -3.52 -45.85 11.50
C ILE PA 18 -4.74 -45.46 12.31
N LEU PA 19 -5.92 -45.49 11.67
CA LEU PA 19 -7.14 -45.15 12.38
C LEU PA 19 -7.51 -46.23 13.39
N GLU PA 20 -7.18 -47.48 13.11
CA GLU PA 20 -7.44 -48.55 14.06
C GLU PA 20 -6.53 -48.43 15.29
N ALA PA 21 -5.27 -48.06 15.07
CA ALA PA 21 -4.36 -47.86 16.19
C ALA PA 21 -4.77 -46.64 17.01
N HIS PA 22 -5.28 -45.60 16.33
CA HIS PA 22 -5.84 -44.45 17.03
C HIS PA 22 -7.08 -44.85 17.83
N ALA PA 23 -7.87 -45.78 17.30
CA ALA PA 23 -9.04 -46.27 18.01
C ALA PA 23 -8.64 -47.06 19.26
N GLU PA 24 -7.58 -47.87 19.15
CA GLU PA 24 -7.11 -48.63 20.30
C GLU PA 24 -6.51 -47.72 21.37
N ILE PA 25 -5.80 -46.67 20.94
CA ILE PA 25 -5.17 -45.80 21.92
C ILE PA 25 -6.18 -44.85 22.55
N LEU PA 26 -7.32 -44.61 21.87
CA LEU PA 26 -8.40 -43.88 22.54
C LEU PA 26 -9.26 -44.81 23.39
N LYS PA 27 -9.28 -46.10 23.07
CA LYS PA 27 -9.90 -47.07 23.96
C LYS PA 27 -9.10 -47.22 25.25
N ALA PA 28 -7.77 -47.11 25.16
CA ALA PA 28 -6.94 -47.21 26.35
C ALA PA 28 -7.09 -46.00 27.26
N GLN PA 29 -7.42 -44.84 26.69
CA GLN PA 29 -7.61 -43.64 27.50
C GLN PA 29 -8.95 -43.67 28.24
N GLN QA 1 15.97 19.66 -26.95
CA GLN QA 1 17.36 19.35 -27.27
C GLN QA 1 18.14 18.95 -26.03
N ALA QA 2 17.60 19.32 -24.87
CA ALA QA 2 18.33 19.12 -23.62
C ALA QA 2 18.41 17.63 -23.27
N LYS QA 3 17.43 16.85 -23.68
CA LYS QA 3 17.46 15.42 -23.42
C LYS QA 3 18.52 14.74 -24.27
N ILE QA 4 18.82 15.30 -25.45
CA ILE QA 4 19.88 14.74 -26.29
C ILE QA 4 21.24 14.93 -25.63
N LEU QA 5 21.49 16.12 -25.09
CA LEU QA 5 22.75 16.39 -24.40
C LEU QA 5 22.82 15.60 -23.09
N GLU QA 6 21.68 15.39 -22.45
CA GLU QA 6 21.62 14.54 -21.27
C GLU QA 6 21.98 13.11 -21.62
N ALA QA 7 21.53 12.62 -22.77
CA ALA QA 7 21.88 11.28 -23.20
C ALA QA 7 23.35 11.18 -23.58
N ASP QA 8 23.92 12.27 -24.12
CA ASP QA 8 25.36 12.33 -24.35
C ASP QA 8 26.13 12.19 -23.05
N ALA QA 9 25.68 12.91 -22.01
CA ALA QA 9 26.30 12.81 -20.70
C ALA QA 9 26.15 11.42 -20.12
N GLU QA 10 25.03 10.76 -20.42
CA GLU QA 10 24.84 9.38 -19.95
C GLU QA 10 25.79 8.42 -20.65
N ILE QA 11 26.04 8.66 -21.95
CA ILE QA 11 27.01 7.86 -22.70
C ILE QA 11 28.39 7.99 -22.08
N LEU QA 12 28.82 9.23 -21.82
CA LEU QA 12 30.17 9.42 -21.30
C LEU QA 12 30.28 8.95 -19.86
N LYS QA 13 29.20 9.05 -19.09
CA LYS QA 13 29.19 8.51 -17.73
C LYS QA 13 29.27 6.98 -17.75
N ALA QA 14 28.64 6.36 -18.75
CA ALA QA 14 28.74 4.91 -18.89
C ALA QA 14 30.17 4.50 -19.23
N TYR QA 15 30.84 5.27 -20.09
CA TYR QA 15 32.23 4.98 -20.39
C TYR QA 15 33.12 5.18 -19.17
N ALA QA 16 32.79 6.17 -18.34
CA ALA QA 16 33.52 6.36 -17.09
C ALA QA 16 33.31 5.20 -16.14
N LYS QA 17 32.11 4.63 -16.12
CA LYS QA 17 31.86 3.48 -15.27
C LYS QA 17 32.59 2.25 -15.78
N ILE QA 18 32.76 2.14 -17.10
CA ILE QA 18 33.59 1.09 -17.68
C ILE QA 18 35.03 1.22 -17.19
N LEU QA 19 35.54 2.45 -17.22
CA LEU QA 19 36.93 2.66 -16.81
C LEU QA 19 37.11 2.43 -15.31
N GLU QA 20 36.10 2.77 -14.50
CA GLU QA 20 36.17 2.48 -13.08
C GLU QA 20 36.10 0.98 -12.82
N ALA QA 21 35.34 0.25 -13.63
CA ALA QA 21 35.27 -1.20 -13.47
C ALA QA 21 36.60 -1.85 -13.82
N HIS QA 22 37.24 -1.37 -14.89
CA HIS QA 22 38.54 -1.90 -15.27
C HIS QA 22 39.58 -1.55 -14.23
N ALA QA 23 39.42 -0.37 -13.62
CA ALA QA 23 40.26 0.04 -12.50
C ALA QA 23 40.08 -0.88 -11.31
N GLU QA 24 38.84 -1.30 -11.05
CA GLU QA 24 38.58 -2.13 -9.89
C GLU QA 24 39.11 -3.55 -10.12
N ILE QA 25 39.09 -3.99 -11.39
CA ILE QA 25 39.79 -5.23 -11.78
C ILE QA 25 41.27 -5.13 -11.44
N LEU QA 26 41.91 -4.06 -11.92
CA LEU QA 26 43.36 -3.96 -11.81
C LEU QA 26 43.79 -3.72 -10.37
N LYS QA 27 42.92 -3.09 -9.58
CA LYS QA 27 43.18 -2.96 -8.15
C LYS QA 27 43.02 -4.29 -7.45
N ALA QA 28 42.04 -5.09 -7.88
CA ALA QA 28 41.77 -6.34 -7.18
C ALA QA 28 42.83 -7.40 -7.46
N GLN QA 29 43.57 -7.27 -8.55
CA GLN QA 29 44.56 -8.28 -8.92
C GLN QA 29 45.73 -8.34 -7.95
N GLN RA 1 26.04 18.18 -33.88
CA GLN RA 1 26.19 17.22 -32.80
C GLN RA 1 26.77 15.92 -33.29
N ALA RA 2 26.85 15.77 -34.62
CA ALA RA 2 27.38 14.54 -35.19
C ALA RA 2 28.87 14.39 -34.93
N LYS RA 3 29.56 15.52 -34.75
CA LYS RA 3 30.98 15.46 -34.39
C LYS RA 3 31.18 14.84 -33.01
N ILE RA 4 30.22 15.07 -32.10
CA ILE RA 4 30.29 14.49 -30.77
C ILE RA 4 30.18 12.97 -30.84
N LEU RA 5 29.22 12.48 -31.62
CA LEU RA 5 29.03 11.04 -31.76
C LEU RA 5 30.19 10.39 -32.50
N GLU RA 6 30.76 11.11 -33.47
CA GLU RA 6 31.92 10.59 -34.19
C GLU RA 6 33.13 10.52 -33.27
N ALA RA 7 33.27 11.48 -32.36
CA ALA RA 7 34.35 11.44 -31.39
C ALA RA 7 34.11 10.32 -30.38
N ASP RA 8 32.85 10.04 -30.05
CA ASP RA 8 32.53 8.90 -29.21
C ASP RA 8 32.92 7.59 -29.88
N ALA RA 9 32.69 7.51 -31.19
CA ALA RA 9 33.11 6.33 -31.95
C ALA RA 9 34.62 6.19 -31.98
N GLU RA 10 35.34 7.32 -32.09
CA GLU RA 10 36.79 7.28 -32.07
C GLU RA 10 37.32 6.85 -30.70
N ILE RA 11 36.67 7.32 -29.63
CA ILE RA 11 37.03 6.94 -28.27
C ILE RA 11 36.83 5.44 -28.06
N LEU RA 12 35.70 4.93 -28.51
CA LEU RA 12 35.40 3.52 -28.32
C LEU RA 12 36.29 2.64 -29.19
N LYS RA 13 36.65 3.13 -30.38
CA LYS RA 13 37.59 2.40 -31.23
C LYS RA 13 38.98 2.36 -30.60
N ALA RA 14 39.39 3.45 -29.95
CA ALA RA 14 40.66 3.45 -29.24
C ALA RA 14 40.63 2.49 -28.05
N TYR RA 15 39.49 2.42 -27.38
CA TYR RA 15 39.34 1.46 -26.29
C TYR RA 15 39.40 0.03 -26.80
N ALA RA 16 38.83 -0.20 -27.98
CA ALA RA 16 38.91 -1.52 -28.59
C ALA RA 16 40.33 -1.87 -28.98
N LYS RA 17 41.11 -0.88 -29.45
CA LYS RA 17 42.50 -1.13 -29.79
C LYS RA 17 43.33 -1.44 -28.54
N ILE RA 18 43.05 -0.74 -27.44
CA ILE RA 18 43.75 -1.00 -26.19
C ILE RA 18 43.42 -2.39 -25.68
N LEU RA 19 42.15 -2.79 -25.79
CA LEU RA 19 41.75 -4.12 -25.35
C LEU RA 19 42.32 -5.20 -26.25
N GLU RA 20 42.48 -4.90 -27.54
CA GLU RA 20 43.10 -5.87 -28.45
C GLU RA 20 44.57 -6.05 -28.15
N ALA RA 21 45.27 -4.96 -27.83
CA ALA RA 21 46.68 -5.07 -27.46
C ALA RA 21 46.83 -5.78 -26.13
N HIS RA 22 45.88 -5.57 -25.21
CA HIS RA 22 45.87 -6.30 -23.95
C HIS RA 22 45.63 -7.78 -24.18
N ALA RA 23 44.76 -8.12 -25.13
CA ALA RA 23 44.50 -9.52 -25.48
C ALA RA 23 45.73 -10.16 -26.10
N GLU RA 24 46.45 -9.41 -26.93
CA GLU RA 24 47.67 -9.93 -27.55
C GLU RA 24 48.76 -10.15 -26.50
N ILE RA 25 48.89 -9.22 -25.55
CA ILE RA 25 49.96 -9.34 -24.58
C ILE RA 25 49.62 -10.39 -23.51
N LEU RA 26 48.33 -10.71 -23.33
CA LEU RA 26 47.99 -11.85 -22.50
C LEU RA 26 48.10 -13.15 -23.28
N LYS RA 27 47.98 -13.09 -24.60
CA LYS RA 27 48.28 -14.26 -25.43
C LYS RA 27 49.76 -14.60 -25.39
N ALA RA 28 50.61 -13.57 -25.33
CA ALA RA 28 52.04 -13.80 -25.27
C ALA RA 28 52.47 -14.33 -23.90
N GLN RA 29 51.76 -13.95 -22.85
CA GLN RA 29 52.08 -14.43 -21.51
C GLN RA 29 51.64 -15.87 -21.30
N GLN SA 1 -44.57 -9.14 18.52
CA GLN SA 1 -44.34 -7.79 19.02
C GLN SA 1 -43.10 -7.17 18.40
N ALA SA 2 -42.24 -8.04 17.85
CA ALA SA 2 -40.95 -7.58 17.36
C ALA SA 2 -41.09 -6.68 16.14
N LYS SA 3 -42.13 -6.92 15.34
CA LYS SA 3 -42.33 -6.12 14.14
C LYS SA 3 -42.76 -4.70 14.48
N ILE SA 4 -43.42 -4.53 15.63
CA ILE SA 4 -43.81 -3.20 16.08
C ILE SA 4 -42.60 -2.36 16.41
N LEU SA 5 -41.65 -2.94 17.16
CA LEU SA 5 -40.44 -2.22 17.50
C LEU SA 5 -39.55 -2.03 16.28
N GLU SA 6 -39.60 -2.98 15.35
CA GLU SA 6 -38.90 -2.82 14.07
C GLU SA 6 -39.47 -1.65 13.29
N ALA SA 7 -40.79 -1.47 13.32
CA ALA SA 7 -41.41 -0.34 12.65
C ALA SA 7 -41.08 0.97 13.34
N ASP SA 8 -40.94 0.94 14.66
CA ASP SA 8 -40.48 2.13 15.40
C ASP SA 8 -39.07 2.51 14.96
N ALA SA 9 -38.20 1.51 14.82
CA ALA SA 9 -36.85 1.75 14.35
C ALA SA 9 -36.85 2.29 12.92
N GLU SA 10 -37.81 1.83 12.10
CA GLU SA 10 -37.92 2.35 10.74
C GLU SA 10 -38.37 3.80 10.73
N ILE SA 11 -39.26 4.16 11.66
CA ILE SA 11 -39.71 5.56 11.80
C ILE SA 11 -38.53 6.45 12.16
N LEU SA 12 -37.75 6.04 13.15
CA LEU SA 12 -36.65 6.89 13.59
C LEU SA 12 -35.52 6.92 12.55
N LYS SA 13 -35.35 5.83 11.80
CA LYS SA 13 -34.40 5.83 10.71
C LYS SA 13 -34.84 6.77 9.58
N ALA SA 14 -36.15 6.84 9.35
CA ALA SA 14 -36.66 7.80 8.37
C ALA SA 14 -36.42 9.22 8.82
N TYR SA 15 -36.58 9.48 10.12
CA TYR SA 15 -36.29 10.81 10.64
C TYR SA 15 -34.80 11.15 10.51
N ALA SA 16 -33.95 10.15 10.70
CA ALA SA 16 -32.51 10.34 10.50
C ALA SA 16 -32.20 10.64 9.05
N LYS SA 17 -32.94 10.02 8.13
CA LYS SA 17 -32.72 10.30 6.71
C LYS SA 17 -33.19 11.69 6.35
N ILE SA 18 -34.24 12.17 7.03
CA ILE SA 18 -34.67 13.57 6.86
C ILE SA 18 -33.56 14.52 7.29
N LEU SA 19 -32.96 14.25 8.44
CA LEU SA 19 -31.93 15.15 8.94
C LEU SA 19 -30.67 15.09 8.09
N GLU SA 20 -30.33 13.91 7.56
CA GLU SA 20 -29.19 13.81 6.65
C GLU SA 20 -29.45 14.54 5.36
N ALA SA 21 -30.69 14.49 4.86
CA ALA SA 21 -31.03 15.22 3.64
C ALA SA 21 -30.94 16.72 3.87
N HIS SA 22 -31.42 17.19 5.03
CA HIS SA 22 -31.38 18.61 5.32
C HIS SA 22 -29.94 19.08 5.49
N ALA SA 23 -29.11 18.20 6.06
CA ALA SA 23 -27.67 18.46 6.13
C ALA SA 23 -27.05 18.54 4.75
N GLU SA 24 -27.53 17.71 3.82
CA GLU SA 24 -26.93 17.70 2.50
C GLU SA 24 -27.34 18.94 1.71
N ILE SA 25 -28.55 19.47 2.01
CA ILE SA 25 -28.92 20.80 1.52
C ILE SA 25 -27.95 21.85 2.03
N LEU SA 26 -27.75 21.88 3.34
CA LEU SA 26 -26.99 22.96 3.95
C LEU SA 26 -25.51 22.87 3.59
N LYS SA 27 -25.03 21.66 3.30
CA LYS SA 27 -23.71 21.50 2.75
C LYS SA 27 -23.67 21.94 1.30
N ALA SA 28 -24.76 21.74 0.57
CA ALA SA 28 -24.77 22.09 -0.84
C ALA SA 28 -24.84 23.58 -1.08
N GLN SA 29 -25.34 24.34 -0.11
CA GLN SA 29 -25.47 25.78 -0.28
C GLN SA 29 -24.12 26.47 -0.28
N GLN TA 1 -45.94 1.52 25.32
CA GLN TA 1 -45.51 1.66 23.93
C GLN TA 1 -46.06 2.92 23.31
N ALA TA 2 -47.22 3.36 23.82
CA ALA TA 2 -47.84 4.57 23.29
C ALA TA 2 -47.03 5.81 23.67
N LYS TA 3 -46.24 5.72 24.73
CA LYS TA 3 -45.34 6.81 25.09
C LYS TA 3 -44.29 7.04 24.02
N ILE TA 4 -43.86 5.97 23.35
CA ILE TA 4 -42.89 6.09 22.25
C ILE TA 4 -43.49 6.87 21.09
N LEU TA 5 -44.73 6.54 20.73
CA LEU TA 5 -45.39 7.23 19.62
C LEU TA 5 -45.70 8.67 19.97
N GLU TA 6 -46.05 8.92 21.24
CA GLU TA 6 -46.30 10.29 21.68
C GLU TA 6 -45.02 11.12 21.66
N ALA TA 7 -43.90 10.49 22.01
CA ALA TA 7 -42.62 11.17 21.93
C ALA TA 7 -42.22 11.42 20.48
N ASP TA 8 -42.59 10.50 19.58
CA ASP TA 8 -42.38 10.72 18.16
C ASP TA 8 -43.19 11.91 17.67
N ALA TA 9 -44.42 12.05 18.18
CA ALA TA 9 -45.25 13.19 17.83
C ALA TA 9 -44.65 14.49 18.34
N GLU TA 10 -44.07 14.46 19.55
CA GLU TA 10 -43.41 15.64 20.10
C GLU TA 10 -42.18 16.01 19.28
N ILE TA 11 -41.43 15.00 18.84
CA ILE TA 11 -40.24 15.21 18.02
C ILE TA 11 -40.62 15.85 16.69
N LEU TA 12 -41.66 15.33 16.06
CA LEU TA 12 -42.06 15.82 14.75
C LEU TA 12 -42.68 17.22 14.86
N LYS TA 13 -43.38 17.50 15.97
CA LYS TA 13 -43.88 18.84 16.21
C LYS TA 13 -42.74 19.83 16.43
N ALA TA 14 -41.67 19.38 17.11
CA ALA TA 14 -40.52 20.24 17.30
C ALA TA 14 -39.81 20.52 15.99
N TYR TA 15 -39.75 19.51 15.11
CA TYR TA 15 -39.20 19.71 13.78
C TYR TA 15 -40.05 20.68 12.97
N ALA TA 16 -41.37 20.60 13.15
CA ALA TA 16 -42.26 21.55 12.49
C ALA TA 16 -42.04 22.97 12.99
N LYS TA 17 -41.80 23.11 14.29
CA LYS TA 17 -41.53 24.44 14.86
C LYS TA 17 -40.21 24.99 14.35
N ILE TA 18 -39.20 24.15 14.22
CA ILE TA 18 -37.91 24.57 13.70
C ILE TA 18 -38.05 25.02 12.24
N LEU TA 19 -38.81 24.25 11.46
CA LEU TA 19 -39.02 24.60 10.06
C LEU TA 19 -39.85 25.87 9.93
N GLU TA 20 -40.79 26.09 10.86
CA GLU TA 20 -41.58 27.32 10.83
C GLU TA 20 -40.73 28.53 11.17
N ALA TA 21 -39.84 28.41 12.15
CA ALA TA 21 -38.95 29.52 12.49
C ALA TA 21 -37.95 29.79 11.36
N HIS TA 22 -37.52 28.72 10.68
CA HIS TA 22 -36.68 28.87 9.50
C HIS TA 22 -37.45 29.58 8.38
N ALA TA 23 -38.74 29.29 8.26
CA ALA TA 23 -39.57 29.96 7.26
C ALA TA 23 -39.74 31.44 7.59
N GLU TA 24 -39.88 31.76 8.88
CA GLU TA 24 -40.01 33.16 9.28
C GLU TA 24 -38.71 33.92 9.05
N ILE TA 25 -37.57 33.27 9.32
CA ILE TA 25 -36.31 33.98 9.15
C ILE TA 25 -35.92 34.07 7.67
N LEU TA 26 -36.46 33.19 6.83
CA LEU TA 26 -36.28 33.39 5.39
C LEU TA 26 -37.29 34.39 4.84
N LYS TA 27 -38.43 34.54 5.50
CA LYS TA 27 -39.35 35.62 5.16
C LYS TA 27 -38.74 36.97 5.49
N ALA TA 28 -37.98 37.04 6.58
CA ALA TA 28 -37.33 38.29 6.96
C ALA TA 28 -36.19 38.64 6.01
N GLN TA 29 -35.56 37.64 5.38
CA GLN TA 29 -34.47 37.89 4.45
C GLN TA 29 -35.00 38.39 3.10
N GLN UA 1 -9.92 18.19 31.96
CA GLN UA 1 -9.66 19.61 31.93
C GLN UA 1 -8.30 19.92 31.34
N ALA UA 2 -7.48 18.88 31.22
CA ALA UA 2 -6.08 19.08 30.84
C ALA UA 2 -5.95 19.54 29.39
N LYS UA 3 -6.93 19.18 28.56
CA LYS UA 3 -6.88 19.60 27.16
C LYS UA 3 -7.11 21.09 27.02
N ILE UA 4 -7.86 21.69 27.96
CA ILE UA 4 -8.08 23.13 27.94
C ILE UA 4 -6.76 23.87 28.19
N LEU UA 5 -6.01 23.43 29.20
CA LEU UA 5 -4.75 24.07 29.52
C LEU UA 5 -3.71 23.79 28.45
N GLU UA 6 -3.78 22.60 27.84
CA GLU UA 6 -2.93 22.29 26.70
C GLU UA 6 -3.21 23.22 25.53
N ALA UA 7 -4.48 23.53 25.30
CA ALA UA 7 -4.84 24.46 24.24
C ALA UA 7 -4.39 25.88 24.56
N ASP UA 8 -4.43 26.25 25.84
CA ASP UA 8 -3.88 27.54 26.26
C ASP UA 8 -2.39 27.62 25.97
N ALA UA 9 -1.68 26.53 26.26
CA ALA UA 9 -0.25 26.46 25.95
C ALA UA 9 0.00 26.53 24.45
N GLU UA 10 -0.91 25.96 23.66
CA GLU UA 10 -0.78 26.06 22.21
C GLU UA 10 -1.02 27.48 21.72
N ILE UA 11 -1.93 28.20 22.38
CA ILE UA 11 -2.18 29.61 22.04
C ILE UA 11 -0.93 30.44 22.31
N LEU UA 12 -0.33 30.25 23.48
CA LEU UA 12 0.83 31.06 23.82
C LEU UA 12 2.06 30.64 23.00
N LYS UA 13 2.13 29.36 22.61
CA LYS UA 13 3.19 28.91 21.72
C LYS UA 13 3.04 29.52 20.33
N ALA UA 14 1.80 29.66 19.87
CA ALA UA 14 1.55 30.32 18.60
C ALA UA 14 1.94 31.79 18.68
N TYR UA 15 1.68 32.43 19.81
CA TYR UA 15 2.11 33.81 20.02
C TYR UA 15 3.62 33.92 19.99
N ALA UA 16 4.30 32.94 20.59
CA ALA UA 16 5.76 32.92 20.56
C ALA UA 16 6.28 32.73 19.15
N LYS UA 17 5.58 31.95 18.34
CA LYS UA 17 5.99 31.78 16.95
C LYS UA 17 5.77 33.05 16.16
N ILE UA 18 4.73 33.83 16.50
CA ILE UA 18 4.53 35.13 15.88
C ILE UA 18 5.71 36.05 16.19
N LEU UA 19 6.12 36.09 17.46
CA LEU UA 19 7.22 36.96 17.86
C LEU UA 19 8.55 36.51 17.24
N GLU UA 20 8.74 35.19 17.11
CA GLU UA 20 9.94 34.69 16.46
C GLU UA 20 9.96 35.03 14.98
N ALA UA 21 8.79 34.97 14.33
CA ALA UA 21 8.72 35.35 12.92
C ALA UA 21 9.01 36.83 12.74
N HIS UA 22 8.48 37.66 13.65
CA HIS UA 22 8.71 39.11 13.56
C HIS UA 22 10.17 39.42 13.80
N ALA UA 23 10.81 38.67 14.70
CA ALA UA 23 12.24 38.75 14.89
C ALA UA 23 12.99 38.35 13.63
N GLU UA 24 12.46 37.37 12.90
CA GLU UA 24 13.17 36.89 11.72
C GLU UA 24 13.07 37.91 10.60
N ILE UA 25 11.95 38.66 10.55
CA ILE UA 25 11.85 39.82 9.66
C ILE UA 25 12.91 40.85 10.02
N LEU UA 26 12.92 41.25 11.30
CA LEU UA 26 13.73 42.39 11.70
C LEU UA 26 15.22 42.06 11.63
N LYS UA 27 15.57 40.78 11.81
CA LYS UA 27 16.92 40.33 11.55
C LYS UA 27 17.21 40.31 10.05
N ALA UA 28 16.18 39.99 9.25
CA ALA UA 28 16.42 39.86 7.81
C ALA UA 28 16.59 41.21 7.13
N GLN UA 29 16.11 42.29 7.74
CA GLN UA 29 16.16 43.60 7.11
C GLN UA 29 17.58 44.13 7.00
N GLN VA 1 -11.12 30.30 34.77
CA GLN VA 1 -10.02 30.41 33.81
C GLN VA 1 -10.26 31.53 32.82
N ALA VA 2 -11.34 32.28 33.04
CA ALA VA 2 -11.67 33.38 32.15
C ALA VA 2 -10.68 34.53 32.28
N LYS VA 3 -10.00 34.62 33.43
CA LYS VA 3 -8.95 35.61 33.62
C LYS VA 3 -7.79 35.36 32.65
N ILE VA 4 -7.49 34.08 32.39
CA ILE VA 4 -6.42 33.72 31.47
C ILE VA 4 -6.75 34.18 30.06
N LEU VA 5 -7.99 33.94 29.63
CA LEU VA 5 -8.39 34.32 28.28
C LEU VA 5 -8.49 35.83 28.15
N GLU VA 6 -8.91 36.52 29.21
CA GLU VA 6 -8.96 37.97 29.17
C GLU VA 6 -7.56 38.57 29.15
N ALA VA 7 -6.61 37.91 29.82
CA ALA VA 7 -5.23 38.34 29.74
C ALA VA 7 -4.65 38.10 28.35
N ASP VA 8 -5.07 37.02 27.70
CA ASP VA 8 -4.69 36.79 26.31
C ASP VA 8 -5.24 37.88 25.40
N ALA VA 9 -6.48 38.32 25.68
CA ALA VA 9 -7.07 39.40 24.91
C ALA VA 9 -6.32 40.70 25.12
N GLU VA 10 -5.87 40.96 26.35
CA GLU VA 10 -5.06 42.15 26.63
C GLU VA 10 -3.71 42.07 25.93
N ILE VA 11 -3.13 40.88 25.88
CA ILE VA 11 -1.85 40.66 25.20
C ILE VA 11 -1.98 40.95 23.72
N LEU VA 12 -3.01 40.41 23.09
CA LEU VA 12 -3.19 40.61 21.66
C LEU VA 12 -3.60 42.04 21.33
N LYS VA 13 -4.33 42.70 22.23
CA LYS VA 13 -4.63 44.11 22.05
C LYS VA 13 -3.38 44.97 22.14
N ALA VA 14 -2.47 44.60 23.04
CA ALA VA 14 -1.20 45.31 23.13
C ALA VA 14 -0.35 45.10 21.89
N TYR VA 15 -0.39 43.89 21.34
CA TYR VA 15 0.31 43.63 20.08
C TYR VA 15 -0.30 44.43 18.94
N ALA VA 16 -1.63 44.60 18.97
CA ALA VA 16 -2.30 45.43 17.98
C ALA VA 16 -1.90 46.89 18.11
N LYS VA 17 -1.73 47.36 19.34
CA LYS VA 17 -1.30 48.75 19.55
C LYS VA 17 0.14 48.96 19.08
N ILE VA 18 1.01 47.97 19.32
CA ILE VA 18 2.39 48.06 18.88
C ILE VA 18 2.46 48.05 17.35
N LEU VA 19 1.63 47.21 16.73
CA LEU VA 19 1.61 47.16 15.27
C LEU VA 19 1.01 48.43 14.67
N GLU VA 20 0.06 49.05 15.37
CA GLU VA 20 -0.49 50.33 14.90
C GLU VA 20 0.53 51.44 15.01
N ALA VA 21 1.34 51.44 16.08
CA ALA VA 21 2.40 52.42 16.21
C ALA VA 21 3.46 52.22 15.15
N HIS VA 22 3.77 50.96 14.84
CA HIS VA 22 4.69 50.65 13.74
C HIS VA 22 4.11 51.10 12.40
N ALA VA 23 2.79 50.98 12.26
CA ALA VA 23 2.12 51.39 11.02
C ALA VA 23 2.19 52.89 10.82
N GLU VA 24 1.89 53.66 11.86
CA GLU VA 24 1.94 55.12 11.71
C GLU VA 24 3.37 55.63 11.61
N ILE VA 25 4.32 54.92 12.22
CA ILE VA 25 5.70 55.41 12.13
C ILE VA 25 6.33 55.02 10.79
N LEU VA 26 5.79 54.00 10.12
CA LEU VA 26 6.18 53.77 8.73
C LEU VA 26 5.41 54.67 7.78
N LYS VA 27 4.22 55.13 8.20
CA LYS VA 27 3.50 56.12 7.42
C LYS VA 27 4.24 57.46 7.42
N ALA VA 28 4.84 57.82 8.56
CA ALA VA 28 5.57 59.07 8.65
C ALA VA 28 6.87 59.04 7.85
N GLN VA 29 7.45 57.85 7.67
CA GLN VA 29 8.69 57.72 6.90
C GLN VA 29 8.42 57.82 5.41
N GLN WA 1 -27.74 12.52 -39.34
CA GLN WA 1 -26.44 12.34 -39.97
C GLN WA 1 -25.45 11.71 -39.02
N ALA WA 2 -25.84 11.61 -37.75
CA ALA WA 2 -24.90 11.16 -36.72
C ALA WA 2 -24.55 9.69 -36.88
N LYS WA 3 -25.49 8.91 -37.42
CA LYS WA 3 -25.23 7.48 -37.60
C LYS WA 3 -24.23 7.24 -38.71
N ILE WA 4 -24.17 8.14 -39.69
CA ILE WA 4 -23.18 8.04 -40.77
C ILE WA 4 -21.77 8.23 -40.22
N LEU WA 5 -21.60 9.25 -39.38
CA LEU WA 5 -20.30 9.52 -38.79
C LEU WA 5 -19.93 8.44 -37.79
N GLU WA 6 -20.92 7.89 -37.08
CA GLU WA 6 -20.69 6.75 -36.21
C GLU WA 6 -20.22 5.53 -37.01
N ALA WA 7 -20.78 5.35 -38.21
CA ALA WA 7 -20.35 4.24 -39.05
C ALA WA 7 -18.93 4.46 -39.57
N ASP WA 8 -18.58 5.72 -39.85
CA ASP WA 8 -17.20 6.04 -40.20
C ASP WA 8 -16.25 5.69 -39.07
N ALA WA 9 -16.65 6.01 -37.84
CA ALA WA 9 -15.85 5.67 -36.67
C ALA WA 9 -15.72 4.16 -36.50
N GLU WA 10 -16.78 3.43 -36.83
CA GLU WA 10 -16.72 1.97 -36.75
C GLU WA 10 -15.80 1.40 -37.82
N ILE WA 11 -15.77 2.02 -39.00
CA ILE WA 11 -14.84 1.60 -40.05
C ILE WA 11 -13.39 1.76 -39.59
N LEU WA 12 -13.08 2.94 -39.04
CA LEU WA 12 -11.70 3.19 -38.64
C LEU WA 12 -11.33 2.36 -37.40
N LYS WA 13 -12.31 2.08 -36.54
CA LYS WA 13 -12.05 1.20 -35.40
C LYS WA 13 -11.79 -0.22 -35.86
N ALA WA 14 -12.48 -0.66 -36.91
CA ALA WA 14 -12.20 -1.97 -37.47
C ALA WA 14 -10.81 -2.03 -38.06
N TYR WA 15 -10.38 -0.95 -38.71
CA TYR WA 15 -9.02 -0.90 -39.23
C TYR WA 15 -7.99 -0.93 -38.11
N ALA WA 16 -8.30 -0.27 -37.00
CA ALA WA 16 -7.42 -0.32 -35.83
C ALA WA 16 -7.35 -1.72 -35.25
N LYS WA 17 -8.47 -2.45 -35.28
CA LYS WA 17 -8.45 -3.82 -34.79
C LYS WA 17 -7.66 -4.73 -35.71
N ILE WA 18 -7.66 -4.42 -37.02
CA ILE WA 18 -6.80 -5.14 -37.97
C ILE WA 18 -5.34 -4.94 -37.61
N LEU WA 19 -4.95 -3.69 -37.36
CA LEU WA 19 -3.55 -3.43 -37.06
C LEU WA 19 -3.14 -3.99 -35.71
N GLU WA 20 -4.07 -4.01 -34.74
CA GLU WA 20 -3.78 -4.65 -33.46
C GLU WA 20 -3.63 -6.16 -33.61
N ALA WA 21 -4.41 -6.77 -34.49
CA ALA WA 21 -4.26 -8.19 -34.75
C ALA WA 21 -2.93 -8.49 -35.43
N HIS WA 22 -2.50 -7.60 -36.33
CA HIS WA 22 -1.22 -7.78 -36.98
C HIS WA 22 -0.08 -7.63 -35.99
N ALA WA 23 -0.23 -6.71 -35.03
CA ALA WA 23 0.75 -6.58 -33.96
C ALA WA 23 0.75 -7.80 -33.06
N GLU WA 24 -0.41 -8.42 -32.87
CA GLU WA 24 -0.49 -9.61 -32.04
C GLU WA 24 0.22 -10.78 -32.72
N ILE WA 25 0.10 -10.86 -34.05
CA ILE WA 25 0.88 -11.83 -34.84
C ILE WA 25 2.37 -11.60 -34.66
N LEU WA 26 2.79 -10.37 -34.90
CA LEU WA 26 4.22 -10.09 -34.96
C LEU WA 26 4.86 -10.17 -33.58
N LYS WA 27 4.07 -9.89 -32.54
CA LYS WA 27 4.53 -10.12 -31.18
C LYS WA 27 4.61 -11.60 -30.86
N ALA WA 28 3.67 -12.38 -31.40
CA ALA WA 28 3.65 -13.80 -31.08
C ALA WA 28 4.77 -14.57 -31.76
N GLN WA 29 5.33 -14.04 -32.83
CA GLN WA 29 6.39 -14.73 -33.56
C GLN WA 29 7.67 -14.83 -32.76
N GLN XA 1 -18.99 14.16 -47.84
CA GLN XA 1 -18.24 13.18 -47.06
C GLN XA 1 -17.56 12.16 -47.94
N ALA XA 2 -17.64 12.39 -49.26
CA ALA XA 2 -17.04 11.45 -50.21
C ALA XA 2 -15.53 11.46 -50.13
N LYS XA 3 -14.94 12.57 -49.69
CA LYS XA 3 -13.51 12.64 -49.49
C LYS XA 3 -13.06 11.70 -48.37
N ILE XA 4 -13.91 11.51 -47.36
CA ILE XA 4 -13.59 10.62 -46.26
C ILE XA 4 -13.53 9.18 -46.72
N LEU XA 5 -14.54 8.76 -47.50
CA LEU XA 5 -14.56 7.40 -48.00
C LEU XA 5 -13.46 7.16 -49.03
N GLU XA 6 -13.13 8.19 -49.81
CA GLU XA 6 -12.03 8.08 -50.76
C GLU XA 6 -10.69 7.95 -50.02
N ALA XA 7 -10.55 8.66 -48.89
CA ALA XA 7 -9.35 8.52 -48.09
C ALA XA 7 -9.29 7.14 -47.44
N ASP XA 8 -10.44 6.58 -47.08
CA ASP XA 8 -10.49 5.21 -46.59
C ASP XA 8 -10.04 4.23 -47.66
N ALA XA 9 -10.46 4.48 -48.90
CA ALA XA 9 -10.02 3.65 -50.02
C ALA XA 9 -8.52 3.75 -50.23
N GLU XA 10 -7.96 4.96 -50.09
CA GLU XA 10 -6.52 5.13 -50.22
C GLU XA 10 -5.78 4.41 -49.09
N ILE XA 11 -6.34 4.44 -47.88
CA ILE XA 11 -5.73 3.78 -46.73
C ILE XA 11 -5.71 2.28 -46.93
N LEU XA 12 -6.84 1.71 -47.37
CA LEU XA 12 -6.90 0.27 -47.58
C LEU XA 12 -6.07 -0.16 -48.78
N LYS XA 13 -5.95 0.69 -49.79
CA LYS XA 13 -5.06 0.38 -50.91
C LYS XA 13 -3.60 0.39 -50.47
N ALA XA 14 -3.24 1.32 -49.58
CA ALA XA 14 -1.88 1.34 -49.04
C ALA XA 14 -1.61 0.10 -48.19
N TYR XA 15 -2.62 -0.34 -47.43
CA TYR XA 15 -2.47 -1.57 -46.66
C TYR XA 15 -2.33 -2.77 -47.58
N ALA XA 16 -3.02 -2.76 -48.71
CA ALA XA 16 -2.87 -3.82 -49.70
C ALA XA 16 -1.47 -3.82 -50.30
N LYS XA 17 -0.91 -2.64 -50.53
CA LYS XA 17 0.45 -2.56 -51.06
C LYS XA 17 1.47 -3.05 -50.04
N ILE XA 18 1.26 -2.73 -48.77
CA ILE XA 18 2.15 -3.22 -47.71
C ILE XA 18 2.07 -4.73 -47.60
N LEU XA 19 0.86 -5.27 -47.73
CA LEU XA 19 0.69 -6.72 -47.65
C LEU XA 19 1.27 -7.42 -48.86
N GLU XA 20 1.22 -6.77 -50.03
CA GLU XA 20 1.84 -7.34 -51.22
C GLU XA 20 3.36 -7.33 -51.12
N ALA XA 21 3.92 -6.27 -50.53
CA ALA XA 21 5.36 -6.22 -50.31
C ALA XA 21 5.80 -7.28 -49.30
N HIS XA 22 4.98 -7.48 -48.26
CA HIS XA 22 5.24 -8.54 -47.30
C HIS XA 22 5.14 -9.91 -47.95
N ALA XA 23 4.21 -10.07 -48.90
CA ALA XA 23 4.04 -11.31 -49.62
C ALA XA 23 5.25 -11.64 -50.48
N GLU XA 24 5.73 -10.66 -51.25
CA GLU XA 24 6.87 -10.92 -52.11
C GLU XA 24 8.16 -11.06 -51.31
N ILE XA 25 8.25 -10.41 -50.15
CA ILE XA 25 9.49 -10.54 -49.39
C ILE XA 25 9.49 -11.85 -48.59
N LEU XA 26 8.32 -12.42 -48.32
CA LEU XA 26 8.30 -13.79 -47.81
C LEU XA 26 8.46 -14.81 -48.94
N LYS XA 27 8.11 -14.41 -50.16
CA LYS XA 27 8.40 -15.25 -51.32
C LYS XA 27 9.90 -15.34 -51.56
N ALA XA 28 10.62 -14.23 -51.33
CA ALA XA 28 12.06 -14.23 -51.52
C ALA XA 28 12.77 -15.05 -50.45
N GLN XA 29 12.19 -15.14 -49.26
CA GLN XA 29 12.79 -15.92 -48.18
C GLN XA 29 12.60 -17.42 -48.40
N GLN YA 1 25.67 -28.90 6.55
CA GLN YA 1 25.94 -29.13 7.96
C GLN YA 1 26.16 -27.82 8.70
N ALA YA 2 26.28 -26.74 7.94
CA ALA YA 2 26.67 -25.45 8.52
C ALA YA 2 25.61 -24.91 9.46
N LYS YA 3 24.34 -25.23 9.19
CA LYS YA 3 23.27 -24.74 10.04
C LYS YA 3 23.27 -25.42 11.40
N ILE YA 4 23.78 -26.65 11.47
CA ILE YA 4 23.89 -27.35 12.74
C ILE YA 4 24.90 -26.67 13.65
N LEU YA 5 26.08 -26.34 13.11
CA LEU YA 5 27.10 -25.68 13.90
C LEU YA 5 26.70 -24.24 14.21
N GLU YA 6 25.96 -23.61 13.30
CA GLU YA 6 25.40 -22.30 13.56
C GLU YA 6 24.41 -22.35 14.73
N ALA YA 7 23.61 -23.41 14.80
CA ALA YA 7 22.68 -23.56 15.90
C ALA YA 7 23.40 -23.85 17.20
N ASP YA 8 24.52 -24.57 17.13
CA ASP YA 8 25.38 -24.77 18.30
C ASP YA 8 25.90 -23.44 18.82
N ALA YA 9 26.35 -22.58 17.90
CA ALA YA 9 26.81 -21.26 18.28
C ALA YA 9 25.67 -20.43 18.87
N GLU YA 10 24.45 -20.63 18.37
CA GLU YA 10 23.31 -19.92 18.93
C GLU YA 10 22.98 -20.40 20.33
N ILE YA 11 23.18 -21.70 20.59
CA ILE YA 11 22.99 -22.27 21.93
C ILE YA 11 23.97 -21.63 22.91
N LEU YA 12 25.25 -21.58 22.52
CA LEU YA 12 26.25 -21.05 23.44
C LEU YA 12 26.11 -19.54 23.59
N LYS YA 13 25.65 -18.85 22.54
CA LYS YA 13 25.38 -17.42 22.66
C LYS YA 13 24.21 -17.15 23.59
N ALA YA 14 23.21 -18.03 23.56
CA ALA YA 14 22.09 -17.90 24.48
C ALA YA 14 22.54 -18.12 25.91
N TYR YA 15 23.45 -19.08 26.12
CA TYR YA 15 24.01 -19.29 27.44
C TYR YA 15 24.81 -18.06 27.90
N ALA YA 16 25.51 -17.42 26.96
CA ALA YA 16 26.24 -16.20 27.29
C ALA YA 16 25.29 -15.07 27.66
N LYS YA 17 24.14 -15.01 27.01
CA LYS YA 17 23.17 -13.96 27.35
C LYS YA 17 22.54 -14.22 28.70
N ILE YA 18 22.36 -15.50 29.05
CA ILE YA 18 21.94 -15.88 30.41
C ILE YA 18 22.96 -15.39 31.43
N LEU YA 19 24.24 -15.59 31.10
CA LEU YA 19 25.29 -15.26 32.06
C LEU YA 19 25.42 -13.75 32.22
N GLU YA 20 25.24 -12.99 31.13
CA GLU YA 20 25.22 -11.54 31.23
C GLU YA 20 24.00 -11.04 31.99
N ALA YA 21 22.88 -11.74 31.86
CA ALA YA 21 21.70 -11.36 32.63
C ALA YA 21 21.94 -11.55 34.12
N HIS YA 22 22.55 -12.67 34.49
CA HIS YA 22 22.89 -12.92 35.89
C HIS YA 22 23.90 -11.89 36.38
N ALA YA 23 24.82 -11.49 35.50
CA ALA YA 23 25.77 -10.43 35.80
C ALA YA 23 25.06 -9.11 36.07
N GLU YA 24 24.02 -8.82 35.28
CA GLU YA 24 23.35 -7.54 35.41
C GLU YA 24 22.53 -7.51 36.69
N ILE YA 25 21.98 -8.67 37.08
CA ILE YA 25 21.32 -8.79 38.38
C ILE YA 25 22.29 -8.51 39.50
N LEU YA 26 23.45 -9.18 39.46
CA LEU YA 26 24.40 -9.08 40.57
C LEU YA 26 25.02 -7.69 40.63
N LYS YA 27 25.14 -7.03 39.48
CA LYS YA 27 25.59 -5.64 39.46
C LYS YA 27 24.52 -4.71 40.01
N ALA YA 28 23.25 -5.05 39.77
CA ALA YA 28 22.17 -4.17 40.19
C ALA YA 28 21.97 -4.18 41.70
N GLN YA 29 22.35 -5.26 42.37
CA GLN YA 29 22.12 -5.39 43.81
C GLN YA 29 22.96 -4.41 44.62
N GLN ZA 1 29.06 -35.39 16.69
CA GLN ZA 1 28.78 -34.11 17.32
C GLN ZA 1 27.97 -34.29 18.59
N ALA ZA 2 27.72 -35.56 18.94
CA ALA ZA 2 26.96 -35.84 20.16
C ALA ZA 2 27.75 -35.49 21.41
N LYS ZA 3 29.08 -35.47 21.31
CA LYS ZA 3 29.92 -35.05 22.42
C LYS ZA 3 29.70 -33.58 22.75
N ILE ZA 4 29.43 -32.77 21.71
CA ILE ZA 4 29.17 -31.35 21.91
C ILE ZA 4 27.89 -31.15 22.71
N LEU ZA 5 26.83 -31.86 22.33
CA LEU ZA 5 25.56 -31.73 23.02
C LEU ZA 5 25.64 -32.31 24.43
N GLU ZA 6 26.42 -33.37 24.61
CA GLU ZA 6 26.59 -33.94 25.93
C GLU ZA 6 27.37 -32.98 26.84
N ALA ZA 7 28.34 -32.28 26.27
CA ALA ZA 7 29.06 -31.27 27.04
C ALA ZA 7 28.17 -30.08 27.34
N ASP ZA 8 27.24 -29.75 26.43
CA ASP ZA 8 26.25 -28.73 26.71
C ASP ZA 8 25.34 -29.13 27.86
N ALA ZA 9 24.99 -30.42 27.91
CA ALA ZA 9 24.18 -30.93 29.01
C ALA ZA 9 24.94 -30.87 30.33
N GLU ZA 10 26.24 -31.17 30.29
CA GLU ZA 10 27.07 -31.07 31.49
C GLU ZA 10 27.20 -29.62 31.96
N ILE ZA 11 27.31 -28.69 31.01
CA ILE ZA 11 27.42 -27.27 31.33
C ILE ZA 11 26.13 -26.78 31.98
N LEU ZA 12 24.99 -27.17 31.40
CA LEU ZA 12 23.71 -26.73 31.93
C LEU ZA 12 23.42 -27.37 33.27
N LYS ZA 13 23.84 -28.62 33.46
CA LYS ZA 13 23.69 -29.27 34.76
C LYS ZA 13 24.57 -28.60 35.82
N ALA ZA 14 25.76 -28.15 35.42
CA ALA ZA 14 26.62 -27.43 36.35
C ALA ZA 14 26.01 -26.08 36.72
N TYR ZA 15 25.38 -25.42 35.76
CA TYR ZA 15 24.67 -24.17 36.05
C TYR ZA 15 23.50 -24.42 36.99
N ALA ZA 16 22.82 -25.56 36.81
CA ALA ZA 16 21.74 -25.92 37.72
C ALA ZA 16 22.24 -26.19 39.12
N LYS ZA 17 23.42 -26.81 39.23
CA LYS ZA 17 23.99 -27.08 40.55
C LYS ZA 17 24.42 -25.79 41.23
N ILE ZA 18 24.97 -24.84 40.46
CA ILE ZA 18 25.35 -23.55 41.01
C ILE ZA 18 24.12 -22.79 41.49
N LEU ZA 19 23.04 -22.87 40.71
CA LEU ZA 19 21.80 -22.20 41.11
C LEU ZA 19 21.18 -22.87 42.32
N GLU ZA 20 21.33 -24.19 42.44
CA GLU ZA 20 20.80 -24.89 43.61
C GLU ZA 20 21.58 -24.54 44.87
N ALA ZA 21 22.90 -24.42 44.75
CA ALA ZA 21 23.71 -24.01 45.89
C ALA ZA 21 23.41 -22.56 46.27
N HIS ZA 22 23.14 -21.72 45.27
CA HIS ZA 22 22.69 -20.36 45.54
C HIS ZA 22 21.34 -20.34 46.26
N ALA ZA 23 20.46 -21.27 45.89
CA ALA ZA 23 19.17 -21.38 46.54
C ALA ZA 23 19.32 -21.84 47.99
N GLU ZA 24 20.26 -22.76 48.24
CA GLU ZA 24 20.50 -23.22 49.61
C GLU ZA 24 21.09 -22.12 50.48
N ILE ZA 25 22.02 -21.34 49.91
CA ILE ZA 25 22.67 -20.31 50.72
C ILE ZA 25 21.75 -19.11 50.89
N LEU ZA 26 20.76 -18.92 50.01
CA LEU ZA 26 19.73 -17.92 50.28
C LEU ZA 26 18.66 -18.45 51.21
N LYS ZA 27 18.47 -19.77 51.26
CA LYS ZA 27 17.59 -20.35 52.27
C LYS ZA 27 18.20 -20.21 53.66
N ALA ZA 28 19.53 -20.30 53.75
CA ALA ZA 28 20.19 -20.13 55.05
C ALA ZA 28 20.12 -18.68 55.53
N GLN ZA 29 20.06 -17.73 54.62
CA GLN ZA 29 19.98 -16.32 54.98
C GLN ZA 29 18.59 -15.95 55.49
N GLN AB 1 -14.84 -46.62 -17.67
CA GLN AB 1 -14.36 -46.98 -16.35
C GLN AB 1 -14.09 -45.75 -15.51
N ALA AB 2 -14.03 -44.59 -16.17
CA ALA AB 2 -13.64 -43.36 -15.49
C ALA AB 2 -14.71 -42.91 -14.49
N LYS AB 3 -15.97 -43.24 -14.77
CA LYS AB 3 -17.03 -42.85 -13.86
C LYS AB 3 -16.98 -43.66 -12.56
N ILE AB 4 -16.44 -44.87 -12.62
CA ILE AB 4 -16.27 -45.68 -11.41
C ILE AB 4 -15.25 -45.03 -10.49
N LEU AB 5 -14.12 -44.58 -11.06
CA LEU AB 5 -13.10 -43.93 -10.26
C LEU AB 5 -13.57 -42.57 -9.77
N GLU AB 6 -14.38 -41.89 -10.58
CA GLU AB 6 -15.00 -40.64 -10.16
C GLU AB 6 -15.93 -40.87 -8.98
N ALA AB 7 -16.66 -41.98 -8.98
CA ALA AB 7 -17.53 -42.30 -7.86
C ALA AB 7 -16.73 -42.67 -6.61
N ASP AB 8 -15.57 -43.31 -6.81
CA ASP AB 8 -14.66 -43.56 -5.69
C ASP AB 8 -14.19 -42.25 -5.08
N ALA AB 9 -13.83 -41.28 -5.92
CA ALA AB 9 -13.42 -39.98 -5.45
C ALA AB 9 -14.56 -39.26 -4.73
N GLU AB 10 -15.80 -39.48 -5.20
CA GLU AB 10 -16.95 -38.89 -4.54
C GLU AB 10 -17.17 -39.49 -3.16
N ILE AB 11 -16.93 -40.80 -3.03
CA ILE AB 11 -17.02 -41.47 -1.74
C ILE AB 11 -16.01 -40.89 -0.76
N LEU AB 12 -14.77 -40.76 -1.20
CA LEU AB 12 -13.74 -40.26 -0.29
C LEU AB 12 -13.92 -38.78 0.02
N LYS AB 13 -14.47 -38.01 -0.94
CA LYS AB 13 -14.78 -36.62 -0.68
C LYS AB 13 -15.92 -36.48 0.32
N ALA AB 14 -16.89 -37.39 0.26
CA ALA AB 14 -17.95 -37.42 1.26
C ALA AB 14 -17.39 -37.74 2.63
N TYR AB 15 -16.42 -38.65 2.69
CA TYR AB 15 -15.75 -38.96 3.94
C TYR AB 15 -15.00 -37.74 4.49
N ALA AB 16 -14.37 -36.98 3.59
CA ALA AB 16 -13.69 -35.76 4.01
C ALA AB 16 -14.68 -34.73 4.55
N LYS AB 17 -15.88 -34.67 3.96
CA LYS AB 17 -16.89 -33.75 4.46
C LYS AB 17 -17.42 -34.21 5.82
N ILE AB 18 -17.43 -35.53 6.05
CA ILE AB 18 -17.78 -36.06 7.37
C ILE AB 18 -16.79 -35.58 8.42
N LEU AB 19 -15.50 -35.72 8.12
CA LEU AB 19 -14.49 -35.33 9.11
C LEU AB 19 -14.45 -33.83 9.29
N GLU AB 20 -14.77 -33.06 8.23
CA GLU AB 20 -14.87 -31.61 8.38
C GLU AB 20 -16.05 -31.22 9.25
N ALA AB 21 -17.16 -31.95 9.14
CA ALA AB 21 -18.30 -31.68 10.00
C ALA AB 21 -17.99 -32.02 11.44
N HIS AB 22 -17.26 -33.11 11.67
CA HIS AB 22 -16.83 -33.47 13.01
C HIS AB 22 -15.89 -32.41 13.57
N ALA AB 23 -15.06 -31.85 12.71
CA ALA AB 23 -14.20 -30.74 13.08
C ALA AB 23 -15.00 -29.52 13.49
N GLU AB 24 -16.08 -29.25 12.77
CA GLU AB 24 -16.89 -28.07 13.08
C GLU AB 24 -17.65 -28.26 14.38
N ILE AB 25 -18.06 -29.50 14.65
CA ILE AB 25 -18.67 -29.85 15.94
C ILE AB 25 -17.69 -29.59 17.07
N LEU AB 26 -16.49 -30.16 16.96
CA LEU AB 26 -15.54 -30.11 18.06
C LEU AB 26 -14.98 -28.70 18.24
N LYS AB 27 -14.92 -27.93 17.16
CA LYS AB 27 -14.50 -26.53 17.26
C LYS AB 27 -15.58 -25.69 17.90
N ALA AB 28 -16.85 -26.04 17.66
CA ALA AB 28 -17.93 -25.23 18.20
C ALA AB 28 -18.10 -25.43 19.71
N GLN AB 29 -17.58 -26.53 20.25
CA GLN AB 29 -17.76 -26.81 21.68
C GLN AB 29 -16.99 -25.83 22.55
N GLN BB 1 -10.56 -53.96 -8.52
CA GLN BB 1 -10.90 -52.71 -7.84
C GLN BB 1 -11.56 -52.98 -6.51
N ALA BB 2 -11.79 -54.27 -6.23
CA ALA BB 2 -12.48 -54.66 -5.00
C ALA BB 2 -11.61 -54.41 -3.77
N LYS BB 3 -10.29 -54.32 -3.95
CA LYS BB 3 -9.40 -53.94 -2.86
C LYS BB 3 -9.69 -52.53 -2.39
N ILE BB 4 -10.02 -51.63 -3.32
CA ILE BB 4 -10.35 -50.26 -2.97
C ILE BB 4 -11.63 -50.21 -2.13
N LEU BB 5 -12.64 -50.97 -2.54
CA LEU BB 5 -13.91 -50.96 -1.82
C LEU BB 5 -13.77 -51.62 -0.45
N GLU BB 6 -12.95 -52.67 -0.38
CA GLU BB 6 -12.69 -53.32 0.90
C GLU BB 6 -11.90 -52.40 1.83
N ALA BB 7 -11.02 -51.58 1.26
CA ALA BB 7 -10.32 -50.59 2.06
C ALA BB 7 -11.27 -49.51 2.56
N ASP BB 8 -12.25 -49.13 1.73
CA ASP BB 8 -13.28 -48.22 2.19
C ASP BB 8 -14.09 -48.81 3.33
N ALA BB 9 -14.37 -50.11 3.25
CA ALA BB 9 -15.09 -50.80 4.32
C ALA BB 9 -14.26 -50.81 5.61
N GLU BB 10 -12.96 -51.03 5.49
CA GLU BB 10 -12.08 -51.01 6.66
C GLU BB 10 -12.02 -49.60 7.27
N ILE BB 11 -12.00 -48.58 6.41
CA ILE BB 11 -11.95 -47.19 6.87
C ILE BB 11 -13.21 -46.85 7.65
N LEU BB 12 -14.38 -47.20 7.09
CA LEU BB 12 -15.63 -46.88 7.77
C LEU BB 12 -15.82 -47.72 9.02
N LYS BB 13 -15.30 -48.95 9.02
CA LYS BB 13 -15.35 -49.76 10.23
C LYS BB 13 -14.48 -49.17 11.33
N ALA BB 14 -13.32 -48.63 10.96
CA ALA BB 14 -12.47 -47.96 11.94
C ALA BB 14 -13.11 -46.70 12.47
N TYR BB 15 -13.81 -45.97 11.60
CA TYR BB 15 -14.55 -44.79 12.05
C TYR BB 15 -15.68 -45.18 12.98
N ALA BB 16 -16.30 -46.34 12.74
CA ALA BB 16 -17.34 -46.83 13.62
C ALA BB 16 -16.77 -47.22 14.98
N LYS BB 17 -15.57 -47.80 14.99
CA LYS BB 17 -14.92 -48.14 16.25
C LYS BB 17 -14.55 -46.89 17.04
N ILE BB 18 -14.09 -45.85 16.33
CA ILE BB 18 -13.76 -44.58 16.98
C ILE BB 18 -15.00 -43.94 17.57
N LEU BB 19 -16.11 -44.01 16.82
CA LEU BB 19 -17.36 -43.43 17.31
C LEU BB 19 -17.92 -44.22 18.48
N GLU BB 20 -17.71 -45.54 18.50
CA GLU BB 20 -18.16 -46.35 19.63
C GLU BB 20 -17.33 -46.06 20.88
N ALA BB 21 -16.03 -45.85 20.71
CA ALA BB 21 -15.19 -45.47 21.83
C ALA BB 21 -15.55 -44.09 22.37
N HIS BB 22 -15.88 -43.17 21.45
CA HIS BB 22 -16.36 -41.86 21.86
C HIS BB 22 -17.70 -41.96 22.58
N ALA BB 23 -18.55 -42.90 22.15
CA ALA BB 23 -19.85 -43.10 22.76
C ALA BB 23 -19.71 -43.62 24.19
N GLU BB 24 -18.85 -44.62 24.39
CA GLU BB 24 -18.69 -45.17 25.72
C GLU BB 24 -17.93 -44.21 26.63
N ILE BB 25 -17.08 -43.36 26.06
CA ILE BB 25 -16.35 -42.43 26.91
C ILE BB 25 -17.21 -41.21 27.25
N LEU BB 26 -18.25 -40.92 26.46
CA LEU BB 26 -19.25 -39.96 26.90
C LEU BB 26 -20.26 -40.60 27.83
N LYS BB 27 -20.44 -41.92 27.73
CA LYS BB 27 -21.24 -42.65 28.71
C LYS BB 27 -20.57 -42.63 30.08
N ALA BB 28 -19.24 -42.72 30.12
CA ALA BB 28 -18.53 -42.72 31.39
C ALA BB 28 -18.56 -41.36 32.06
N GLN BB 29 -18.70 -40.28 31.29
CA GLN BB 29 -18.78 -38.94 31.86
C GLN BB 29 -20.13 -38.69 32.52
N GLN CB 1 16.30 28.11 -21.08
CA GLN CB 1 17.64 27.93 -21.62
C GLN CB 1 18.58 27.32 -20.60
N ALA CB 2 18.19 27.41 -19.32
CA ALA CB 2 19.08 27.03 -18.24
C ALA CB 2 19.36 25.54 -18.22
N LYS CB 3 18.41 24.74 -18.71
CA LYS CB 3 18.61 23.30 -18.74
C LYS CB 3 19.65 22.91 -19.77
N ILE CB 4 19.82 23.70 -20.82
CA ILE CB 4 20.84 23.43 -21.83
C ILE CB 4 22.23 23.61 -21.23
N LEU CB 5 22.43 24.70 -20.49
CA LEU CB 5 23.72 24.94 -19.87
C LEU CB 5 23.98 23.96 -18.73
N GLU CB 6 22.91 23.56 -18.04
CA GLU CB 6 23.02 22.49 -17.05
C GLU CB 6 23.47 21.18 -17.69
N ALA CB 7 22.95 20.88 -18.89
CA ALA CB 7 23.37 19.68 -19.59
C ALA CB 7 24.82 19.79 -20.06
N ASP CB 8 25.25 21.00 -20.43
CA ASP CB 8 26.66 21.23 -20.75
C ASP CB 8 27.54 20.94 -19.55
N ALA CB 9 27.11 21.40 -18.37
CA ALA CB 9 27.84 21.11 -17.15
C ALA CB 9 27.86 19.62 -16.84
N GLU CB 10 26.77 18.93 -17.18
CA GLU CB 10 26.74 17.48 -16.99
C GLU CB 10 27.71 16.77 -17.94
N ILE CB 11 27.84 17.28 -19.16
CA ILE CB 11 28.79 16.74 -20.13
C ILE CB 11 30.22 16.88 -19.60
N LEU CB 12 30.56 18.08 -19.13
CA LEU CB 12 31.94 18.30 -18.69
C LEU CB 12 32.21 17.60 -17.36
N LYS CB 13 31.19 17.44 -16.52
CA LYS CB 13 31.35 16.66 -15.30
C LYS CB 13 31.57 15.19 -15.61
N ALA CB 14 30.89 14.67 -16.64
CA ALA CB 14 31.13 13.31 -17.08
C ALA CB 14 32.56 13.15 -17.60
N TYR CB 15 33.04 14.18 -18.31
CA TYR CB 15 34.42 14.16 -18.77
C TYR CB 15 35.40 14.15 -17.60
N ALA CB 16 35.09 14.92 -16.55
CA ALA CB 16 35.93 14.93 -15.36
C ALA CB 16 35.92 13.57 -14.67
N LYS CB 17 34.77 12.89 -14.70
CA LYS CB 17 34.70 11.56 -14.11
C LYS CB 17 35.50 10.55 -14.92
N ILE CB 18 35.56 10.76 -16.24
CA ILE CB 18 36.42 9.94 -17.10
C ILE CB 18 37.88 10.10 -16.70
N LEU CB 19 38.31 11.35 -16.52
CA LEU CB 19 39.72 11.57 -16.19
C LEU CB 19 40.04 11.10 -14.77
N GLU CB 20 39.07 11.18 -13.85
CA GLU CB 20 39.29 10.64 -12.52
C GLU CB 20 39.39 9.13 -12.54
N ALA CB 21 38.60 8.47 -13.39
CA ALA CB 21 38.70 7.03 -13.52
C ALA CB 21 40.03 6.63 -14.13
N HIS CB 22 40.51 7.40 -15.11
CA HIS CB 22 41.81 7.13 -15.69
C HIS CB 22 42.92 7.33 -14.67
N ALA CB 23 42.75 8.31 -13.79
CA ALA CB 23 43.65 8.51 -12.67
C ALA CB 23 43.63 7.32 -11.73
N GLU CB 24 42.45 6.74 -11.53
CA GLU CB 24 42.34 5.60 -10.63
C GLU CB 24 43.01 4.37 -11.22
N ILE CB 25 42.92 4.20 -12.54
CA ILE CB 25 43.65 3.13 -13.24
C ILE CB 25 45.15 3.33 -13.06
N LEU CB 26 45.63 4.54 -13.34
CA LEU CB 26 47.07 4.78 -13.36
C LEU CB 26 47.65 4.74 -11.95
N LYS CB 27 46.84 5.08 -10.95
CA LYS CB 27 47.27 4.93 -9.57
C LYS CB 27 47.28 3.47 -9.16
N ALA CB 28 46.33 2.69 -9.67
CA ALA CB 28 46.23 1.31 -9.22
C ALA CB 28 47.32 0.42 -9.80
N GLN CB 29 47.99 0.85 -10.85
CA GLN CB 29 49.05 0.04 -11.45
C GLN CB 29 50.27 -0.01 -10.55
N GLN DB 1 25.85 28.93 -28.97
CA GLN DB 1 26.21 27.82 -28.10
C GLN DB 1 26.87 26.70 -28.88
N ALA DB 2 26.82 26.79 -30.20
CA ALA DB 2 27.37 25.75 -31.06
C ALA DB 2 28.89 25.70 -30.98
N LYS DB 3 29.52 26.82 -30.64
CA LYS DB 3 30.96 26.85 -30.43
C LYS DB 3 31.35 25.99 -29.23
N ILE DB 4 30.50 25.96 -28.20
CA ILE DB 4 30.76 25.13 -27.04
C ILE DB 4 30.74 23.66 -27.40
N LEU DB 5 29.75 23.26 -28.21
CA LEU DB 5 29.64 21.86 -28.60
C LEU DB 5 30.77 21.47 -29.54
N GLU DB 6 31.20 22.39 -30.41
CA GLU DB 6 32.32 22.12 -31.28
C GLU DB 6 33.61 22.00 -30.48
N ALA DB 7 33.75 22.80 -29.42
CA ALA DB 7 34.91 22.67 -28.55
C ALA DB 7 34.87 21.37 -27.78
N ASP DB 8 33.68 20.90 -27.41
CA ASP DB 8 33.54 19.58 -26.80
C ASP DB 8 33.99 18.49 -27.75
N ALA DB 9 33.64 18.64 -29.04
CA ALA DB 9 34.06 17.68 -30.05
C ALA DB 9 35.57 17.69 -30.21
N GLU DB 10 36.18 18.88 -30.18
CA GLU DB 10 37.63 18.98 -30.28
C GLU DB 10 38.32 18.35 -29.07
N ILE DB 11 37.73 18.54 -27.88
CA ILE DB 11 38.27 17.98 -26.65
C ILE DB 11 38.22 16.45 -26.69
N LEU DB 12 37.09 15.92 -27.13
CA LEU DB 12 36.93 14.47 -27.18
C LEU DB 12 37.80 13.86 -28.26
N LYS DB 13 37.99 14.57 -29.37
CA LYS DB 13 38.91 14.10 -30.41
C LYS DB 13 40.34 14.10 -29.92
N ALA DB 14 40.71 15.09 -29.11
CA ALA DB 14 42.05 15.13 -28.54
C ALA DB 14 42.26 14.00 -27.55
N TYR DB 15 41.22 13.68 -26.77
CA TYR DB 15 41.31 12.55 -25.86
C TYR DB 15 41.41 11.24 -26.62
N ALA DB 16 40.73 11.15 -27.77
CA ALA DB 16 40.84 9.97 -28.61
C ALA DB 16 42.24 9.83 -29.19
N LYS DB 17 42.85 10.94 -29.56
CA LYS DB 17 44.22 10.89 -30.08
C LYS DB 17 45.20 10.51 -28.99
N ILE DB 18 44.97 10.98 -27.77
CA ILE DB 18 45.82 10.61 -26.63
C ILE DB 18 45.71 9.12 -26.35
N LEU DB 19 44.49 8.60 -26.39
CA LEU DB 19 44.28 7.17 -26.16
C LEU DB 19 44.86 6.33 -27.29
N GLU DB 20 44.82 6.85 -28.52
CA GLU DB 20 45.43 6.14 -29.63
C GLU DB 20 46.95 6.08 -29.51
N ALA DB 21 47.56 7.19 -29.09
CA ALA DB 21 49.01 7.20 -28.89
C ALA DB 21 49.40 6.29 -27.73
N HIS DB 22 48.59 6.25 -26.68
CA HIS DB 22 48.82 5.31 -25.57
C HIS DB 22 48.68 3.87 -26.04
N ALA DB 23 47.75 3.62 -26.96
CA ALA DB 23 47.60 2.30 -27.55
C ALA DB 23 48.81 1.92 -28.39
N GLU DB 24 49.38 2.89 -29.10
CA GLU DB 24 50.56 2.60 -29.91
C GLU DB 24 51.78 2.32 -29.05
N ILE DB 25 51.91 3.03 -27.93
CA ILE DB 25 53.04 2.77 -27.04
C ILE DB 25 52.87 1.44 -26.31
N LEU DB 26 51.64 1.05 -25.99
CA LEU DB 26 51.43 -0.27 -25.40
C LEU DB 26 51.55 -1.37 -26.44
N LYS DB 27 51.30 -1.06 -27.71
CA LYS DB 27 51.58 -2.02 -28.77
C LYS DB 27 53.08 -2.22 -28.94
N ALA DB 28 53.85 -1.14 -28.81
CA ALA DB 28 55.31 -1.25 -28.92
C ALA DB 28 55.92 -1.99 -27.74
N GLN DB 29 55.27 -1.97 -26.59
CA GLN DB 29 55.76 -2.68 -25.42
C GLN DB 29 55.50 -4.17 -25.53
N GLN EB 1 -51.34 -3.55 13.28
CA GLN EB 1 -50.95 -2.18 13.54
C GLN EB 1 -49.59 -1.86 12.96
N ALA EB 2 -48.82 -2.91 12.67
CA ALA EB 2 -47.45 -2.72 12.20
C ALA EB 2 -47.41 -2.12 10.81
N LYS EB 3 -48.42 -2.44 9.99
CA LYS EB 3 -48.45 -1.89 8.65
C LYS EB 3 -48.78 -0.41 8.66
N ILE EB 4 -49.50 0.05 9.68
CA ILE EB 4 -49.79 1.48 9.83
C ILE EB 4 -48.50 2.25 10.11
N LEU EB 5 -47.68 1.73 11.02
CA LEU EB 5 -46.42 2.37 11.34
C LEU EB 5 -45.43 2.27 10.19
N GLU EB 6 -45.51 1.17 9.44
CA GLU EB 6 -44.70 1.03 8.24
C GLU EB 6 -45.09 2.06 7.19
N ALA EB 7 -46.39 2.36 7.08
CA ALA EB 7 -46.84 3.38 6.16
C ALA EB 7 -46.43 4.77 6.63
N ASP EB 8 -46.39 4.98 7.95
CA ASP EB 8 -45.87 6.24 8.49
C ASP EB 8 -44.40 6.41 8.11
N ALA EB 9 -43.62 5.33 8.22
CA ALA EB 9 -42.22 5.37 7.82
C ALA EB 9 -42.08 5.62 6.32
N GLU EB 10 -43.03 5.11 5.54
CA GLU EB 10 -43.03 5.37 4.11
C GLU EB 10 -43.30 6.83 3.81
N ILE EB 11 -44.20 7.45 4.57
CA ILE EB 11 -44.49 8.88 4.44
C ILE EB 11 -43.24 9.70 4.72
N LEU EB 12 -42.57 9.40 5.83
CA LEU EB 12 -41.40 10.20 6.19
C LEU EB 12 -40.22 9.94 5.26
N LYS EB 13 -40.11 8.71 4.74
CA LYS EB 13 -39.08 8.43 3.75
C LYS EB 13 -39.34 9.16 2.46
N ALA EB 14 -40.62 9.31 2.08
CA ALA EB 14 -40.96 10.10 0.92
C ALA EB 14 -40.60 11.56 1.12
N TYR EB 15 -40.80 12.07 2.35
CA TYR EB 15 -40.40 13.43 2.66
C TYR EB 15 -38.88 13.59 2.57
N ALA EB 16 -38.14 12.58 3.01
CA ALA EB 16 -36.69 12.62 2.90
C ALA EB 16 -36.24 12.60 1.45
N LYS EB 17 -36.96 11.87 0.59
CA LYS EB 17 -36.62 11.87 -0.82
C LYS EB 17 -36.94 13.21 -1.46
N ILE EB 18 -37.97 13.89 -0.97
CA ILE EB 18 -38.28 15.24 -1.43
C ILE EB 18 -37.13 16.18 -1.12
N LEU EB 19 -36.63 16.14 0.12
CA LEU EB 19 -35.58 17.07 0.50
C LEU EB 19 -34.26 16.72 -0.20
N GLU EB 20 -34.03 15.42 -0.47
CA GLU EB 20 -32.86 15.04 -1.24
C GLU EB 20 -32.94 15.54 -2.67
N ALA EB 21 -34.15 15.51 -3.26
CA ALA EB 21 -34.31 16.04 -4.60
C ALA EB 21 -34.10 17.55 -4.63
N HIS EB 22 -34.59 18.24 -3.61
CA HIS EB 22 -34.39 19.69 -3.51
C HIS EB 22 -32.92 20.03 -3.37
N ALA EB 23 -32.19 19.21 -2.61
CA ALA EB 23 -30.76 19.38 -2.48
C ALA EB 23 -30.05 19.10 -3.79
N GLU EB 24 -30.58 18.15 -4.57
CA GLU EB 24 -29.96 17.84 -5.86
C GLU EB 24 -30.14 18.98 -6.83
N ILE EB 25 -31.29 19.66 -6.78
CA ILE EB 25 -31.51 20.87 -7.57
C ILE EB 25 -30.53 21.95 -7.16
N LEU EB 26 -30.42 22.20 -5.86
CA LEU EB 26 -29.60 23.30 -5.37
C LEU EB 26 -28.12 23.03 -5.59
N LYS EB 27 -27.73 21.76 -5.58
CA LYS EB 27 -26.37 21.40 -5.94
C LYS EB 27 -26.13 21.55 -7.42
N ALA EB 28 -27.15 21.27 -8.23
CA ALA EB 28 -26.97 21.34 -9.68
C ALA EB 28 -26.86 22.76 -10.18
N GLN EB 29 -27.37 23.74 -9.43
CA GLN EB 29 -27.32 25.13 -9.85
C GLN EB 29 -25.89 25.66 -9.85
N GLN FB 1 -52.59 7.93 17.54
CA GLN FB 1 -51.70 8.04 16.39
C GLN FB 1 -52.03 9.26 15.57
N ALA FB 2 -53.15 9.91 15.91
CA ALA FB 2 -53.58 11.08 15.16
C ALA FB 2 -52.65 12.26 15.38
N LYS FB 3 -51.92 12.28 16.49
CA LYS FB 3 -50.92 13.31 16.73
C LYS FB 3 -49.79 13.21 15.71
N ILE FB 4 -49.44 11.98 15.32
CA ILE FB 4 -48.41 11.78 14.31
C ILE FB 4 -48.84 12.35 12.97
N LEU FB 5 -50.08 12.09 12.59
CA LEU FB 5 -50.58 12.59 11.31
C LEU FB 5 -50.74 14.10 11.34
N GLU FB 6 -51.13 14.66 12.49
CA GLU FB 6 -51.25 16.11 12.62
C GLU FB 6 -49.88 16.76 12.56
N ALA FB 7 -48.86 16.11 13.12
CA ALA FB 7 -47.51 16.62 13.02
C ALA FB 7 -46.99 16.54 11.59
N ASP FB 8 -47.40 15.50 10.86
CA ASP FB 8 -47.07 15.41 9.44
C ASP FB 8 -47.71 16.54 8.66
N ALA FB 9 -48.95 16.89 9.01
CA ALA FB 9 -49.63 18.02 8.38
C ALA FB 9 -48.91 19.33 8.68
N GLU FB 10 -48.43 19.49 9.92
CA GLU FB 10 -47.69 20.70 10.28
C GLU FB 10 -46.36 20.77 9.54
N ILE FB 11 -45.69 19.62 9.37
CA ILE FB 11 -44.43 19.57 8.64
C ILE FB 11 -44.66 19.96 7.18
N LEU FB 12 -45.70 19.42 6.56
CA LEU FB 12 -45.96 19.69 5.16
C LEU FB 12 -46.41 21.14 4.97
N LYS FB 13 -47.16 21.69 5.94
CA LYS FB 13 -47.52 23.09 5.87
C LYS FB 13 -46.31 24.00 6.02
N ALA FB 14 -45.34 23.59 6.84
CA ALA FB 14 -44.11 24.36 6.99
C ALA FB 14 -43.31 24.33 5.69
N TYR FB 15 -43.28 23.18 5.03
CA TYR FB 15 -42.60 23.08 3.74
C TYR FB 15 -43.31 23.94 2.70
N ALA FB 16 -44.64 24.02 2.77
CA ALA FB 16 -45.39 24.88 1.88
C ALA FB 16 -45.08 26.35 2.13
N LYS FB 17 -44.91 26.72 3.40
CA LYS FB 17 -44.56 28.10 3.72
C LYS FB 17 -43.15 28.45 3.25
N ILE FB 18 -42.23 27.49 3.35
CA ILE FB 18 -40.86 27.69 2.87
C ILE FB 18 -40.86 27.86 1.36
N LEU FB 19 -41.65 27.05 0.67
CA LEU FB 19 -41.73 27.15 -0.78
C LEU FB 19 -42.42 28.43 -1.21
N GLU FB 20 -43.37 28.91 -0.42
CA GLU FB 20 -44.03 30.18 -0.74
C GLU FB 20 -43.08 31.35 -0.54
N ALA FB 21 -42.25 31.30 0.50
CA ALA FB 21 -41.26 32.36 0.69
C ALA FB 21 -40.19 32.31 -0.39
N HIS FB 22 -39.85 31.12 -0.85
CA HIS FB 22 -38.95 30.98 -1.99
C HIS FB 22 -39.58 31.54 -3.26
N ALA FB 23 -40.90 31.35 -3.41
CA ALA FB 23 -41.60 31.91 -4.55
C ALA FB 23 -41.62 33.43 -4.50
N GLU FB 24 -41.79 34.00 -3.31
CA GLU FB 24 -41.79 35.45 -3.18
C GLU FB 24 -40.39 36.03 -3.43
N ILE FB 25 -39.35 35.33 -2.97
CA ILE FB 25 -38.01 35.87 -3.16
C ILE FB 25 -37.53 35.65 -4.59
N LEU FB 26 -38.11 34.70 -5.32
CA LEU FB 26 -37.84 34.64 -6.75
C LEU FB 26 -38.72 35.59 -7.55
N LYS FB 27 -39.86 35.97 -6.99
CA LYS FB 27 -40.66 37.04 -7.59
C LYS FB 27 -39.95 38.37 -7.46
N ALA FB 28 -39.25 38.58 -6.35
CA ALA FB 28 -38.49 39.81 -6.15
C ALA FB 28 -37.30 39.91 -7.09
N GLN FB 29 -36.70 38.78 -7.44
CA GLN FB 29 -35.57 38.76 -8.37
C GLN FB 29 -36.03 38.99 -9.80
N GLN GB 1 -3.64 13.06 37.74
CA GLN GB 1 -3.41 14.45 38.11
C GLN GB 1 -2.14 14.97 37.48
N ALA GB 2 -1.29 14.05 37.04
CA ALA GB 2 0.04 14.42 36.54
C ALA GB 2 -0.06 15.21 35.24
N LYS GB 3 -1.10 14.97 34.46
CA LYS GB 3 -1.24 15.68 33.19
C LYS GB 3 -1.61 17.14 33.43
N ILE GB 4 -2.28 17.44 34.53
CA ILE GB 4 -2.62 18.82 34.88
C ILE GB 4 -1.35 19.61 35.18
N LEU GB 5 -0.46 19.04 35.98
CA LEU GB 5 0.78 19.71 36.33
C LEU GB 5 1.71 19.77 35.13
N GLU GB 6 1.65 18.75 34.27
CA GLU GB 6 2.38 18.79 33.01
C GLU GB 6 1.88 19.92 32.12
N ALA GB 7 0.57 20.18 32.15
CA ALA GB 7 0.02 21.28 31.37
C ALA GB 7 0.42 22.63 31.94
N ASP GB 8 0.53 22.73 33.27
CA ASP GB 8 1.07 23.93 33.90
C ASP GB 8 2.51 24.18 33.46
N ALA GB 9 3.29 23.10 33.39
CA ALA GB 9 4.66 23.19 32.90
C ALA GB 9 4.70 23.61 31.45
N GLU GB 10 3.74 23.15 30.65
CA GLU GB 10 3.70 23.54 29.24
C GLU GB 10 3.33 25.01 29.09
N ILE GB 11 2.45 25.50 29.97
CA ILE GB 11 2.10 26.93 29.99
C ILE GB 11 3.34 27.77 30.28
N LEU GB 12 4.10 27.38 31.31
CA LEU GB 12 5.24 28.18 31.69
C LEU GB 12 6.37 28.05 30.67
N LYS GB 13 6.50 26.89 30.02
CA LYS GB 13 7.49 26.75 28.96
C LYS GB 13 7.12 27.60 27.75
N ALA GB 14 5.83 27.71 27.46
CA ALA GB 14 5.39 28.60 26.40
C ALA GB 14 5.70 30.05 26.74
N TYR GB 15 5.52 30.42 28.02
CA TYR GB 15 5.89 31.76 28.46
C TYR GB 15 7.38 32.01 28.29
N ALA GB 16 8.20 30.99 28.60
CA ALA GB 16 9.64 31.12 28.43
C ALA GB 16 10.00 31.28 26.96
N LYS GB 17 9.27 30.60 26.07
CA LYS GB 17 9.55 30.76 24.64
C LYS GB 17 9.14 32.14 24.15
N ILE GB 18 8.10 32.72 24.76
CA ILE GB 18 7.71 34.10 24.46
C ILE GB 18 8.83 35.06 24.83
N LEU GB 19 9.38 34.90 26.03
CA LEU GB 19 10.42 35.83 26.47
C LEU GB 19 11.72 35.62 25.70
N GLU GB 20 11.99 34.38 25.28
CA GLU GB 20 13.16 34.15 24.42
C GLU GB 20 12.97 34.79 23.04
N ALA GB 21 11.74 34.79 22.52
CA ALA GB 21 11.49 35.45 21.26
C ALA GB 21 11.61 36.97 21.39
N HIS GB 22 11.19 37.50 22.52
CA HIS GB 22 11.37 38.93 22.78
C HIS GB 22 12.85 39.27 22.89
N ALA GB 23 13.63 38.36 23.47
CA ALA GB 23 15.08 38.50 23.49
C ALA GB 23 15.66 38.44 22.09
N GLU GB 24 15.08 37.63 21.22
CA GLU GB 24 15.53 37.54 19.84
C GLU GB 24 15.31 38.86 19.10
N ILE GB 25 14.14 39.48 19.34
CA ILE GB 25 13.88 40.80 18.75
C ILE GB 25 14.87 41.83 19.28
N LEU GB 26 15.04 41.88 20.60
CA LEU GB 26 15.85 42.92 21.21
C LEU GB 26 17.33 42.73 20.88
N LYS GB 27 17.73 41.49 20.63
CA LYS GB 27 19.10 41.23 20.18
C LYS GB 27 19.27 41.59 18.72
N ALA GB 28 18.24 41.37 17.90
CA ALA GB 28 18.38 41.61 16.48
C ALA GB 28 18.34 43.09 16.13
N GLN GB 29 17.85 43.93 17.04
CA GLN GB 29 17.71 45.35 16.76
C GLN GB 29 19.04 46.06 16.63
N GLN HB 1 -5.24 24.37 43.34
CA GLN HB 1 -4.51 24.61 42.09
C GLN HB 1 -4.97 25.88 41.41
N ALA HB 2 -6.09 26.42 41.88
CA ALA HB 2 -6.64 27.63 41.29
C ALA HB 2 -5.75 28.84 41.56
N LYS HB 3 -4.97 28.80 42.64
CA LYS HB 3 -4.00 29.85 42.92
C LYS HB 3 -2.92 29.89 41.85
N ILE HB 4 -2.54 28.72 41.32
CA ILE HB 4 -1.55 28.66 40.26
C ILE HB 4 -2.06 29.33 39.00
N LEU HB 5 -3.31 29.06 38.64
CA LEU HB 5 -3.88 29.65 37.43
C LEU HB 5 -4.11 31.15 37.62
N GLU HB 6 -4.47 31.56 38.84
CA GLU HB 6 -4.63 32.98 39.11
C GLU HB 6 -3.30 33.71 39.04
N ALA HB 7 -2.23 33.05 39.50
CA ALA HB 7 -0.90 33.65 39.38
C ALA HB 7 -0.46 33.70 37.92
N ASP HB 8 -0.87 32.71 37.13
CA ASP HB 8 -0.61 32.76 35.68
C ASP HB 8 -1.31 33.94 35.05
N ALA HB 9 -2.56 34.20 35.47
CA ALA HB 9 -3.30 35.35 34.97
C ALA HB 9 -2.64 36.66 35.39
N GLU HB 10 -2.10 36.72 36.60
CA GLU HB 10 -1.41 37.92 37.07
C GLU HB 10 -0.12 38.14 36.28
N ILE HB 11 0.60 37.06 35.99
CA ILE HB 11 1.83 37.14 35.20
C ILE HB 11 1.54 37.64 33.80
N LEU HB 12 0.47 37.10 33.20
CA LEU HB 12 0.14 37.48 31.83
C LEU HB 12 -0.39 38.91 31.78
N LYS HB 13 -1.12 39.35 32.81
CA LYS HB 13 -1.56 40.73 32.88
C LYS HB 13 -0.37 41.67 33.06
N ALA HB 14 0.65 41.24 33.81
CA ALA HB 14 1.85 42.04 33.96
C ALA HB 14 2.60 42.16 32.65
N TYR HB 15 2.65 41.08 31.88
CA TYR HB 15 3.27 41.12 30.56
C TYR HB 15 2.49 42.03 29.62
N ALA HB 16 1.16 42.04 29.76
CA ALA HB 16 0.33 42.93 28.98
C ALA HB 16 0.58 44.39 29.35
N LYS HB 17 0.79 44.66 30.64
CA LYS HB 17 1.08 46.02 31.06
C LYS HB 17 2.45 46.47 30.56
N ILE HB 18 3.42 45.57 30.54
CA ILE HB 18 4.75 45.89 30.03
C ILE HB 18 4.67 46.18 28.53
N LEU HB 19 3.88 45.39 27.80
CA LEU HB 19 3.72 45.61 26.37
C LEU HB 19 2.95 46.90 26.11
N GLU HB 20 2.02 47.27 26.99
CA GLU HB 20 1.30 48.52 26.83
C GLU HB 20 2.20 49.72 27.06
N ALA HB 21 3.08 49.63 28.06
CA ALA HB 21 4.04 50.71 28.29
C ALA HB 21 5.05 50.81 27.15
N HIS HB 22 5.41 49.66 26.57
CA HIS HB 22 6.28 49.66 25.40
C HIS HB 22 5.57 50.29 24.20
N ALA HB 23 4.27 50.04 24.08
CA ALA HB 23 3.48 50.65 23.01
C ALA HB 23 3.39 52.15 23.19
N GLU HB 24 3.24 52.61 24.42
CA GLU HB 24 3.18 54.04 24.70
C GLU HB 24 4.52 54.72 24.42
N ILE HB 25 5.63 54.06 24.78
CA ILE HB 25 6.92 54.71 24.60
C ILE HB 25 7.36 54.64 23.13
N LEU HB 26 6.84 53.67 22.36
CA LEU HB 26 7.08 53.71 20.92
C LEU HB 26 6.13 54.66 20.23
N LYS HB 27 4.98 54.95 20.85
CA LYS HB 27 4.13 56.02 20.35
C LYS HB 27 4.79 57.38 20.56
N ALA HB 28 5.49 57.54 21.69
CA ALA HB 28 6.17 58.80 21.97
C ALA HB 28 7.37 59.03 21.07
N GLN HB 29 8.02 57.95 20.63
CA GLN HB 29 9.18 58.08 19.76
C GLN HB 29 8.76 58.46 18.34
N GLN IB 1 -28.21 4.40 -45.93
CA GLN IB 1 -26.82 4.27 -46.35
C GLN IB 1 -25.95 3.77 -45.22
N ALA IB 2 -26.41 3.98 -43.98
CA ALA IB 2 -25.60 3.66 -42.82
C ALA IB 2 -25.40 2.17 -42.66
N LYS IB 3 -26.36 1.36 -43.13
CA LYS IB 3 -26.25 -0.08 -43.03
C LYS IB 3 -25.17 -0.61 -43.97
N ILE IB 4 -24.93 0.09 -45.09
CA ILE IB 4 -23.86 -0.30 -46.01
C ILE IB 4 -22.51 -0.14 -45.35
N LEU IB 5 -22.29 1.01 -44.69
CA LEU IB 5 -21.02 1.26 -44.04
C LEU IB 5 -20.85 0.37 -42.81
N GLU IB 6 -21.97 0.06 -42.14
CA GLU IB 6 -21.94 -0.90 -41.05
C GLU IB 6 -21.54 -2.28 -41.55
N ALA IB 7 -21.99 -2.66 -42.74
CA ALA IB 7 -21.60 -3.93 -43.32
C ALA IB 7 -20.13 -3.92 -43.73
N ASP IB 8 -19.64 -2.76 -44.18
CA ASP IB 8 -18.20 -2.62 -44.45
C ASP IB 8 -17.39 -2.83 -43.18
N ALA IB 9 -17.85 -2.26 -42.07
CA ALA IB 9 -17.19 -2.45 -40.79
C ALA IB 9 -17.26 -3.91 -40.35
N GLU IB 10 -18.36 -4.59 -40.66
CA GLU IB 10 -18.46 -6.00 -40.34
C GLU IB 10 -17.50 -6.84 -41.16
N ILE IB 11 -17.30 -6.46 -42.42
CA ILE IB 11 -16.32 -7.13 -43.29
C ILE IB 11 -14.93 -7.01 -42.71
N LEU IB 12 -14.54 -5.78 -42.35
CA LEU IB 12 -13.17 -5.59 -41.87
C LEU IB 12 -12.99 -6.16 -40.46
N LYS IB 13 -14.07 -6.20 -39.67
CA LYS IB 13 -13.98 -6.86 -38.37
C LYS IB 13 -13.82 -8.36 -38.52
N ALA IB 14 -14.48 -8.95 -39.53
CA ALA IB 14 -14.27 -10.35 -39.82
C ALA IB 14 -12.84 -10.62 -40.26
N TYR IB 15 -12.28 -9.70 -41.04
CA TYR IB 15 -10.87 -9.81 -41.43
C TYR IB 15 -9.95 -9.75 -40.21
N ALA IB 16 -10.28 -8.88 -39.27
CA ALA IB 16 -9.50 -8.79 -38.03
C ALA IB 16 -9.61 -10.07 -37.23
N LYS IB 17 -10.78 -10.71 -37.23
CA LYS IB 17 -10.93 -11.97 -36.52
C LYS IB 17 -10.15 -13.08 -37.20
N ILE IB 18 -10.03 -13.01 -38.53
CA ILE IB 18 -9.19 -13.95 -39.27
C ILE IB 18 -7.74 -13.82 -38.82
N LEU IB 19 -7.24 -12.59 -38.76
CA LEU IB 19 -5.84 -12.41 -38.40
C LEU IB 19 -5.59 -12.73 -36.93
N GLU IB 20 -6.60 -12.52 -36.08
CA GLU IB 20 -6.47 -12.93 -34.68
C GLU IB 20 -6.43 -14.44 -34.55
N ALA IB 21 -7.22 -15.14 -35.36
CA ALA IB 21 -7.17 -16.60 -35.36
C ALA IB 21 -5.81 -17.10 -35.84
N HIS IB 22 -5.25 -16.42 -36.85
CA HIS IB 22 -3.95 -16.82 -37.36
C HIS IB 22 -2.87 -16.57 -36.30
N ALA IB 23 -3.04 -15.49 -35.54
CA ALA IB 23 -2.16 -15.22 -34.40
C ALA IB 23 -2.30 -16.29 -33.34
N GLU IB 24 -3.51 -16.81 -33.14
CA GLU IB 24 -3.73 -17.83 -32.13
C GLU IB 24 -3.07 -19.14 -32.55
N ILE IB 25 -3.10 -19.44 -33.85
CA ILE IB 25 -2.37 -20.59 -34.40
C ILE IB 25 -0.88 -20.45 -34.15
N LEU IB 26 -0.33 -19.29 -34.52
CA LEU IB 26 1.12 -19.12 -34.44
C LEU IB 26 1.59 -19.02 -33.00
N LYS IB 27 0.71 -18.57 -32.10
CA LYS IB 27 1.01 -18.60 -30.68
C LYS IB 27 0.98 -20.01 -30.15
N ALA IB 28 0.08 -20.84 -30.67
CA ALA IB 28 -0.03 -22.21 -30.16
C ALA IB 28 1.14 -23.07 -30.60
N GLN IB 29 1.77 -22.76 -31.73
CA GLN IB 29 2.81 -23.62 -32.28
C GLN IB 29 4.07 -23.67 -31.45
N GLN JB 1 -17.74 4.48 -53.33
CA GLN JB 1 -17.97 3.32 -52.48
C GLN JB 1 -17.40 2.06 -53.09
N ALA JB 2 -17.39 1.99 -54.41
CA ALA JB 2 -16.86 0.81 -55.10
C ALA JB 2 -15.36 0.69 -54.93
N LYS JB 3 -14.68 1.82 -54.68
CA LYS JB 3 -13.25 1.78 -54.40
C LYS JB 3 -12.96 1.04 -53.11
N ILE JB 4 -13.87 1.15 -52.13
CA ILE JB 4 -13.72 0.43 -50.87
C ILE JB 4 -13.80 -1.07 -51.10
N LEU JB 5 -14.76 -1.50 -51.92
CA LEU JB 5 -14.92 -2.92 -52.19
C LEU JB 5 -13.75 -3.45 -53.01
N GLU JB 6 -13.25 -2.65 -53.95
CA GLU JB 6 -12.09 -3.05 -54.74
C GLU JB 6 -10.84 -3.14 -53.87
N ALA JB 7 -10.74 -2.26 -52.87
CA ALA JB 7 -9.63 -2.34 -51.93
C ALA JB 7 -9.75 -3.57 -51.03
N ASP JB 8 -10.99 -3.94 -50.69
CA ASP JB 8 -11.21 -5.19 -49.96
C ASP JB 8 -10.79 -6.38 -50.79
N ALA JB 9 -11.06 -6.34 -52.09
CA ALA JB 9 -10.64 -7.41 -52.99
C ALA JB 9 -9.12 -7.48 -53.08
N GLU JB 10 -8.46 -6.32 -53.10
CA GLU JB 10 -7.00 -6.29 -53.14
C GLU JB 10 -6.40 -6.84 -51.85
N ILE JB 11 -7.03 -6.51 -50.71
CA ILE JB 11 -6.59 -6.99 -49.42
C ILE JB 11 -6.71 -8.51 -49.34
N LEU JB 12 -7.85 -9.03 -49.78
CA LEU JB 12 -8.08 -10.46 -49.71
C LEU JB 12 -7.20 -11.21 -50.70
N LYS JB 13 -6.90 -10.60 -51.85
CA LYS JB 13 -5.98 -11.19 -52.80
C LYS JB 13 -4.56 -11.23 -52.23
N ALA JB 14 -4.18 -10.18 -51.50
CA ALA JB 14 -2.86 -10.16 -50.86
C ALA JB 14 -2.77 -11.21 -49.78
N TYR JB 15 -3.86 -11.41 -49.03
CA TYR JB 15 -3.89 -12.47 -48.02
C TYR JB 15 -3.80 -13.83 -48.69
N ALA JB 16 -4.42 -13.98 -49.86
CA ALA JB 16 -4.32 -15.22 -50.61
C ALA JB 16 -2.90 -15.47 -51.09
N LYS JB 17 -2.21 -14.41 -51.50
CA LYS JB 17 -0.82 -14.55 -51.94
C LYS JB 17 0.08 -14.92 -50.77
N ILE JB 18 -0.18 -14.35 -49.60
CA ILE JB 18 0.59 -14.69 -48.40
C ILE JB 18 0.37 -16.15 -48.03
N LEU JB 19 -0.88 -16.60 -48.11
CA LEU JB 19 -1.17 -17.99 -47.78
C LEU JB 19 -0.60 -18.94 -48.83
N GLU JB 20 -0.52 -18.50 -50.09
CA GLU JB 20 0.08 -19.34 -51.12
C GLU JB 20 1.58 -19.47 -50.92
N ALA JB 21 2.24 -18.37 -50.55
CA ALA JB 21 3.68 -18.44 -50.27
C ALA JB 21 3.94 -19.26 -49.02
N HIS JB 22 3.04 -19.19 -48.04
CA HIS JB 22 3.15 -20.03 -46.85
C HIS JB 22 2.96 -21.50 -47.18
N ALA JB 23 2.04 -21.79 -48.12
CA ALA JB 23 1.83 -23.16 -48.55
C ALA JB 23 3.04 -23.69 -49.31
N GLU JB 24 3.66 -22.84 -50.12
CA GLU JB 24 4.86 -23.25 -50.85
C GLU JB 24 6.03 -23.49 -49.90
N ILE JB 25 6.18 -22.63 -48.88
CA ILE JB 25 7.32 -22.79 -47.99
C ILE JB 25 7.08 -23.94 -47.00
N LEU JB 26 5.83 -24.33 -46.77
CA LEU JB 26 5.59 -25.56 -46.01
C LEU JB 26 5.70 -26.79 -46.89
N LYS JB 27 5.48 -26.64 -48.20
CA LYS JB 27 5.78 -27.72 -49.13
C LYS JB 27 7.27 -27.97 -49.22
N ALA JB 28 8.06 -26.90 -49.13
CA ALA JB 28 9.52 -27.04 -49.19
C ALA JB 28 10.08 -27.67 -47.91
N GLN JB 29 9.40 -27.52 -46.80
CA GLN JB 29 9.84 -28.11 -45.53
C GLN JB 29 9.60 -29.62 -45.52
N GLN KB 1 32.92 -24.83 1.65
CA GLN KB 1 33.66 -25.30 2.81
C GLN KB 1 33.96 -24.16 3.75
N ALA KB 2 33.92 -22.93 3.23
CA ALA KB 2 34.30 -21.77 4.01
C ALA KB 2 33.31 -21.49 5.11
N LYS KB 3 32.04 -21.84 4.88
CA LYS KB 3 31.01 -21.60 5.89
C LYS KB 3 31.19 -22.51 7.09
N ILE KB 4 31.81 -23.68 6.90
CA ILE KB 4 32.08 -24.58 8.02
C ILE KB 4 33.11 -23.98 8.96
N LEU KB 5 34.20 -23.45 8.40
CA LEU KB 5 35.21 -22.79 9.21
C LEU KB 5 34.69 -21.50 9.83
N GLU KB 6 33.81 -20.81 9.11
CA GLU KB 6 33.14 -19.64 9.66
C GLU KB 6 32.27 -20.02 10.86
N ALA KB 7 31.62 -21.18 10.78
CA ALA KB 7 30.81 -21.64 11.91
C ALA KB 7 31.69 -22.05 13.09
N ASP KB 8 32.86 -22.63 12.81
CA ASP KB 8 33.82 -22.94 13.87
C ASP KB 8 34.26 -21.68 14.58
N ALA KB 9 34.53 -20.63 13.80
CA ALA KB 9 34.89 -19.34 14.38
C ALA KB 9 33.74 -18.74 15.17
N GLU KB 10 32.51 -19.00 14.73
CA GLU KB 10 31.35 -18.53 15.47
C GLU KB 10 31.21 -19.26 16.81
N ILE KB 11 31.52 -20.56 16.82
CA ILE KB 11 31.51 -21.34 18.07
C ILE KB 11 32.54 -20.78 19.04
N LEU KB 12 33.74 -20.50 18.54
CA LEU KB 12 34.80 -20.01 19.41
C LEU KB 12 34.52 -18.58 19.88
N LYS KB 13 33.88 -17.77 19.03
CA LYS KB 13 33.48 -16.43 19.44
C LYS KB 13 32.41 -16.48 20.51
N ALA KB 14 31.49 -17.45 20.39
CA ALA KB 14 30.48 -17.63 21.44
C ALA KB 14 31.11 -18.05 22.74
N TYR KB 15 32.14 -18.90 22.66
CA TYR KB 15 32.86 -19.31 23.87
C TYR KB 15 33.57 -18.12 24.51
N ALA KB 16 34.15 -17.25 23.68
CA ALA KB 16 34.79 -16.05 24.19
C ALA KB 16 33.79 -15.11 24.83
N LYS KB 17 32.57 -15.07 24.30
CA LYS KB 17 31.53 -14.24 24.92
C LYS KB 17 31.10 -14.82 26.25
N ILE KB 18 31.12 -16.15 26.37
CA ILE KB 18 30.85 -16.80 27.65
C ILE KB 18 31.88 -16.39 28.69
N LEU KB 19 33.16 -16.43 28.30
CA LEU KB 19 34.20 -16.12 29.27
C LEU KB 19 34.20 -14.62 29.61
N GLU KB 20 33.84 -13.77 28.65
CA GLU KB 20 33.71 -12.34 28.95
C GLU KB 20 32.55 -12.09 29.90
N ALA KB 21 31.45 -12.83 29.74
CA ALA KB 21 30.33 -12.68 30.66
C ALA KB 21 30.69 -13.16 32.06
N HIS KB 22 31.48 -14.23 32.14
CA HIS KB 22 31.88 -14.74 33.44
C HIS KB 22 32.85 -13.77 34.11
N ALA KB 23 33.70 -13.13 33.29
CA ALA KB 23 34.58 -12.08 33.79
C ALA KB 23 33.78 -10.89 34.29
N GLU KB 24 32.68 -10.57 33.61
CA GLU KB 24 31.92 -9.40 33.99
C GLU KB 24 31.14 -9.68 35.28
N ILE KB 25 30.73 -10.95 35.48
CA ILE KB 25 30.22 -11.40 36.77
C ILE KB 25 31.24 -11.17 37.86
N LEU KB 26 32.47 -11.67 37.63
CA LEU KB 26 33.47 -11.67 38.69
C LEU KB 26 33.96 -10.26 38.99
N LYS KB 27 33.96 -9.39 37.98
CA LYS KB 27 34.26 -7.99 38.21
C LYS KB 27 33.11 -7.28 38.91
N ALA KB 28 31.88 -7.75 38.68
CA ALA KB 28 30.72 -7.02 39.18
C ALA KB 28 30.53 -7.14 40.68
N GLN KB 29 31.17 -8.11 41.31
CA GLN KB 29 30.93 -8.38 42.73
C GLN KB 29 31.43 -7.28 43.66
N GLN LB 1 38.58 -32.49 10.04
CA GLN LB 1 37.84 -31.45 10.75
C GLN LB 1 37.18 -31.97 12.00
N ALA LB 2 37.07 -33.29 12.10
CA ALA LB 2 36.45 -33.89 13.28
C ALA LB 2 37.31 -33.71 14.52
N LYS LB 3 38.62 -33.55 14.33
CA LYS LB 3 39.51 -33.25 15.45
C LYS LB 3 39.19 -31.89 16.05
N ILE LB 4 38.77 -30.94 15.22
CA ILE LB 4 38.41 -29.61 15.71
C ILE LB 4 37.18 -29.70 16.60
N LEU LB 5 36.16 -30.43 16.16
CA LEU LB 5 34.93 -30.55 16.94
C LEU LB 5 35.18 -31.35 18.21
N GLU LB 6 36.06 -32.35 18.14
CA GLU LB 6 36.39 -33.13 19.33
C GLU LB 6 37.16 -32.27 20.34
N ALA LB 7 38.01 -31.37 19.84
CA ALA LB 7 38.71 -30.45 20.73
C ALA LB 7 37.74 -29.44 21.34
N ASP LB 8 36.72 -29.04 20.57
CA ASP LB 8 35.66 -28.19 21.12
C ASP LB 8 34.91 -28.90 22.24
N ALA LB 9 34.66 -30.20 22.05
CA ALA LB 9 34.00 -30.99 23.09
C ALA LB 9 34.87 -31.11 24.33
N GLU LB 10 36.18 -31.28 24.14
CA GLU LB 10 37.10 -31.33 25.28
C GLU LB 10 37.16 -30.00 26.02
N ILE LB 11 37.12 -28.90 25.26
CA ILE LB 11 37.12 -27.56 25.85
C ILE LB 11 35.87 -27.34 26.68
N LEU LB 12 34.71 -27.73 26.13
CA LEU LB 12 33.46 -27.51 26.83
C LEU LB 12 33.34 -28.44 28.04
N LYS LB 13 33.90 -29.65 27.95
CA LYS LB 13 33.94 -30.54 29.10
C LYS LB 13 34.83 -29.98 30.20
N ALA LB 14 35.94 -29.35 29.81
CA ALA LB 14 36.81 -28.73 30.81
C ALA LB 14 36.13 -27.55 31.48
N TYR LB 15 35.37 -26.78 30.70
CA TYR LB 15 34.59 -25.69 31.29
C TYR LB 15 33.53 -26.21 32.24
N ALA LB 16 32.93 -27.36 31.89
CA ALA LB 16 31.96 -27.99 32.78
C ALA LB 16 32.61 -28.46 34.07
N LYS LB 17 33.85 -28.96 33.97
CA LYS LB 17 34.56 -29.39 35.18
C LYS LB 17 34.92 -28.20 36.06
N ILE LB 18 35.28 -27.07 35.44
CA ILE LB 18 35.58 -25.85 36.19
C ILE LB 18 34.32 -25.36 36.91
N LEU LB 19 33.19 -25.41 36.21
CA LEU LB 19 31.93 -24.97 36.81
C LEU LB 19 31.49 -25.93 37.91
N GLU LB 20 31.78 -27.22 37.77
CA GLU LB 20 31.44 -28.18 38.80
C GLU LB 20 32.29 -27.96 40.05
N ALA LB 21 33.59 -27.68 39.87
CA ALA LB 21 34.45 -27.40 41.01
C ALA LB 21 34.04 -26.09 41.68
N HIS LB 22 33.60 -25.12 40.89
CA HIS LB 22 33.06 -23.88 41.46
C HIS LB 22 31.78 -24.14 42.23
N ALA LB 23 30.96 -25.08 41.75
CA ALA LB 23 29.74 -25.45 42.46
C ALA LB 23 30.06 -26.13 43.78
N GLU LB 24 31.08 -26.98 43.81
CA GLU LB 24 31.47 -27.65 45.04
C GLU LB 24 32.08 -26.65 46.04
N ILE LB 25 32.85 -25.69 45.53
CA ILE LB 25 33.50 -24.76 46.45
C ILE LB 25 32.51 -23.70 46.94
N LEU LB 26 31.41 -23.48 46.21
CA LEU LB 26 30.33 -22.64 46.76
C LEU LB 26 29.41 -23.46 47.66
N LYS LB 27 29.35 -24.77 47.46
CA LYS LB 27 28.63 -25.62 48.41
C LYS LB 27 29.36 -25.68 49.74
N ALA LB 28 30.69 -25.66 49.72
CA ALA LB 28 31.46 -25.69 50.96
C ALA LB 28 31.36 -24.38 51.71
N GLN LB 29 31.19 -23.26 51.01
CA GLN LB 29 31.08 -21.96 51.66
C GLN LB 29 29.72 -21.79 52.32
N GLN MB 1 -22.49 -49.59 -12.93
CA GLN MB 1 -22.48 -49.80 -11.49
C GLN MB 1 -22.22 -48.51 -10.75
N ALA MB 2 -21.98 -47.44 -11.52
CA ALA MB 2 -21.53 -46.19 -10.93
C ALA MB 2 -22.62 -45.52 -10.12
N LYS MB 3 -23.88 -45.82 -10.43
CA LYS MB 3 -24.99 -45.22 -9.69
C LYS MB 3 -25.07 -45.76 -8.28
N ILE MB 4 -24.62 -47.01 -8.08
CA ILE MB 4 -24.61 -47.60 -6.74
C ILE MB 4 -23.62 -46.87 -5.84
N LEU MB 5 -22.41 -46.64 -6.34
CA LEU MB 5 -21.41 -45.95 -5.54
C LEU MB 5 -21.75 -44.48 -5.39
N GLU MB 6 -22.43 -43.91 -6.40
CA GLU MB 6 -22.97 -42.56 -6.28
C GLU MB 6 -23.99 -42.47 -5.17
N ALA MB 7 -24.83 -43.50 -5.03
CA ALA MB 7 -25.81 -43.52 -3.95
C ALA MB 7 -25.13 -43.70 -2.60
N ASP MB 8 -24.04 -44.46 -2.55
CA ASP MB 8 -23.24 -44.55 -1.33
C ASP MB 8 -22.69 -43.18 -0.94
N ALA MB 9 -22.20 -42.44 -1.93
CA ALA MB 9 -21.69 -41.10 -1.67
C ALA MB 9 -22.80 -40.17 -1.20
N GLU MB 10 -24.02 -40.36 -1.72
CA GLU MB 10 -25.13 -39.54 -1.27
C GLU MB 10 -25.52 -39.87 0.16
N ILE MB 11 -25.42 -41.16 0.54
CA ILE MB 11 -25.68 -41.58 1.92
C ILE MB 11 -24.71 -40.91 2.87
N LEU MB 12 -23.41 -40.97 2.53
CA LEU MB 12 -22.42 -40.43 3.45
C LEU MB 12 -22.46 -38.90 3.45
N LYS MB 13 -22.83 -38.29 2.33
CA LYS MB 13 -23.02 -36.84 2.30
C LYS MB 13 -24.20 -36.42 3.17
N ALA MB 14 -25.25 -37.24 3.18
CA ALA MB 14 -26.39 -36.96 4.05
C ALA MB 14 -25.98 -37.07 5.51
N TYR MB 15 -25.15 -38.05 5.84
CA TYR MB 15 -24.66 -38.18 7.20
C TYR MB 15 -23.78 -37.00 7.60
N ALA MB 16 -23.01 -36.48 6.64
CA ALA MB 16 -22.22 -35.28 6.89
C ALA MB 16 -23.13 -34.07 7.12
N LYS MB 17 -24.26 -34.02 6.41
CA LYS MB 17 -25.18 -32.92 6.63
C LYS MB 17 -25.87 -33.03 7.98
N ILE MB 18 -26.08 -34.26 8.46
CA ILE MB 18 -26.59 -34.48 9.81
C ILE MB 18 -25.61 -33.92 10.83
N LEU MB 19 -24.32 -34.23 10.66
CA LEU MB 19 -23.33 -33.76 11.62
C LEU MB 19 -23.15 -32.25 11.56
N GLU MB 20 -23.28 -31.66 10.36
CA GLU MB 20 -23.23 -30.21 10.25
C GLU MB 20 -24.44 -29.56 10.90
N ALA MB 21 -25.61 -30.19 10.82
CA ALA MB 21 -26.78 -29.67 11.50
C ALA MB 21 -26.62 -29.74 13.01
N HIS MB 22 -26.02 -30.83 13.50
CA HIS MB 22 -25.80 -30.96 14.94
C HIS MB 22 -24.78 -29.93 15.40
N ALA MB 23 -23.81 -29.63 14.53
CA ALA MB 23 -22.87 -28.54 14.79
C ALA MB 23 -23.59 -27.20 14.83
N GLU MB 24 -24.61 -27.03 13.99
CA GLU MB 24 -25.36 -25.79 13.98
C GLU MB 24 -26.12 -25.60 15.28
N ILE MB 25 -26.68 -26.69 15.82
CA ILE MB 25 -27.33 -26.64 17.13
C ILE MB 25 -26.32 -26.27 18.22
N LEU MB 26 -25.18 -26.95 18.20
CA LEU MB 26 -24.22 -26.78 19.29
C LEU MB 26 -23.56 -25.41 19.23
N LYS MB 27 -23.44 -24.85 18.03
CA LYS MB 27 -22.94 -23.49 17.88
C LYS MB 27 -24.01 -22.48 18.30
N ALA MB 28 -25.27 -22.80 18.04
CA ALA MB 28 -26.33 -21.83 18.33
C ALA MB 28 -26.61 -21.69 19.81
N GLN MB 29 -26.27 -22.70 20.61
CA GLN MB 29 -26.57 -22.67 22.04
C GLN MB 29 -25.77 -21.63 22.79
N GLN NB 1 -20.00 -55.60 -1.89
CA GLN NB 1 -20.14 -54.23 -1.41
C GLN NB 1 -20.99 -54.18 -0.15
N ALA NB 2 -21.41 -55.35 0.33
CA ALA NB 2 -22.28 -55.42 1.50
C ALA NB 2 -21.55 -54.99 2.78
N LYS NB 3 -20.21 -55.08 2.77
CA LYS NB 3 -19.43 -54.59 3.90
C LYS NB 3 -19.58 -53.08 4.05
N ILE NB 4 -19.74 -52.36 2.94
CA ILE NB 4 -19.90 -50.91 2.99
C ILE NB 4 -21.21 -50.54 3.68
N LEU NB 5 -22.30 -51.20 3.29
CA LEU NB 5 -23.59 -50.90 3.91
C LEU NB 5 -23.63 -51.39 5.35
N GLU NB 6 -22.91 -52.47 5.66
CA GLU NB 6 -22.84 -52.94 7.03
C GLU NB 6 -22.06 -51.96 7.90
N ALA NB 7 -21.02 -51.35 7.33
CA ALA NB 7 -20.28 -50.32 8.06
C ALA NB 7 -21.12 -49.06 8.22
N ASP NB 8 -21.97 -48.77 7.23
CA ASP NB 8 -22.93 -47.67 7.37
C ASP NB 8 -23.89 -47.93 8.52
N ALA NB 9 -24.34 -49.18 8.64
CA ALA NB 9 -25.22 -49.55 9.74
C ALA NB 9 -24.52 -49.43 11.09
N GLU NB 10 -23.23 -49.79 11.13
CA GLU NB 10 -22.45 -49.64 12.36
C GLU NB 10 -22.27 -48.18 12.72
N ILE NB 11 -22.05 -47.33 11.72
CA ILE NB 11 -21.92 -45.88 11.93
C ILE NB 11 -23.21 -45.30 12.48
N LEU NB 12 -24.34 -45.71 11.90
CA LEU NB 12 -25.62 -45.17 12.33
C LEU NB 12 -26.00 -45.69 13.71
N LYS NB 13 -25.62 -46.94 14.03
CA LYS NB 13 -25.84 -47.45 15.37
C LYS NB 13 -24.98 -46.72 16.39
N ALA NB 14 -23.76 -46.35 16.00
CA ALA NB 14 -22.91 -45.57 16.89
C ALA NB 14 -23.48 -44.18 17.13
N TYR NB 15 -24.05 -43.58 16.09
CA TYR NB 15 -24.71 -42.29 16.24
C TYR NB 15 -25.93 -42.40 17.13
N ALA NB 16 -26.64 -43.53 17.04
CA ALA NB 16 -27.78 -43.77 17.92
C ALA NB 16 -27.32 -43.91 19.37
N LYS NB 17 -26.19 -44.56 19.59
CA LYS NB 17 -25.67 -44.70 20.95
C LYS NB 17 -25.22 -43.36 21.51
N ILE NB 18 -24.63 -42.51 20.67
CA ILE NB 18 -24.21 -41.19 21.10
C ILE NB 18 -25.42 -40.34 21.46
N LEU NB 19 -26.49 -40.45 20.66
CA LEU NB 19 -27.69 -39.68 20.94
C LEU NB 19 -28.39 -40.20 22.19
N GLU NB 20 -28.31 -41.50 22.44
CA GLU NB 20 -28.90 -42.06 23.67
C GLU NB 20 -28.13 -41.61 24.90
N ALA NB 21 -26.80 -41.56 24.80
CA ALA NB 21 -25.99 -41.07 25.92
C ALA NB 21 -26.24 -39.58 26.16
N HIS NB 22 -26.42 -38.82 25.08
CA HIS NB 22 -26.79 -37.41 25.21
C HIS NB 22 -28.16 -37.27 25.86
N ALA NB 23 -29.08 -38.18 25.55
CA ALA NB 23 -30.39 -38.18 26.17
C ALA NB 23 -30.30 -38.48 27.66
N GLU NB 24 -29.41 -39.41 28.04
CA GLU NB 24 -29.25 -39.73 29.46
C GLU NB 24 -28.63 -38.58 30.23
N ILE NB 25 -27.68 -37.87 29.62
CA ILE NB 25 -27.06 -36.74 30.31
C ILE NB 25 -28.04 -35.56 30.39
N LEU NB 26 -28.89 -35.38 29.39
CA LEU NB 26 -29.91 -34.33 29.50
C LEU NB 26 -31.04 -34.75 30.43
N LYS NB 27 -31.23 -36.06 30.63
CA LYS NB 27 -32.15 -36.51 31.67
C LYS NB 27 -31.57 -36.24 33.05
N ALA NB 28 -30.25 -36.39 33.21
CA ALA NB 28 -29.62 -36.13 34.50
C ALA NB 28 -29.60 -34.64 34.84
N GLN NB 29 -29.57 -33.79 33.83
CA GLN NB 29 -29.57 -32.35 34.05
C GLN NB 29 -30.96 -31.84 34.41
N GLN OB 1 16.75 35.23 -14.06
CA GLN OB 1 18.06 35.25 -14.67
C GLN OB 1 19.12 34.64 -13.77
N ALA OB 2 18.72 34.39 -12.52
CA ALA OB 2 19.66 33.88 -11.53
C ALA OB 2 20.11 32.47 -11.86
N LYS OB 3 19.21 31.68 -12.44
CA LYS OB 3 19.54 30.30 -12.77
C LYS OB 3 20.53 30.23 -13.93
N ILE OB 4 20.51 31.23 -14.82
CA ILE OB 4 21.48 31.28 -15.91
C ILE OB 4 22.88 31.49 -15.37
N LEU OB 5 23.03 32.43 -14.44
CA LEU OB 5 24.33 32.70 -13.84
C LEU OB 5 24.79 31.54 -12.98
N GLU OB 6 23.83 30.87 -12.31
CA GLU OB 6 24.14 29.66 -11.56
C GLU OB 6 24.64 28.56 -12.48
N ALA OB 7 24.06 28.44 -13.67
CA ALA OB 7 24.51 27.45 -14.63
C ALA OB 7 25.89 27.80 -15.17
N ASP OB 8 26.18 29.10 -15.33
CA ASP OB 8 27.52 29.53 -15.70
C ASP OB 8 28.53 29.10 -14.64
N ALA OB 9 28.18 29.30 -13.37
CA ALA OB 9 29.04 28.87 -12.28
C ALA OB 9 29.23 27.36 -12.28
N GLU OB 10 28.18 26.62 -12.64
CA GLU OB 10 28.30 25.17 -12.71
C GLU OB 10 29.20 24.74 -13.85
N ILE OB 11 29.17 25.46 -14.97
CA ILE OB 11 30.07 25.20 -16.09
C ILE OB 11 31.52 25.39 -15.68
N LEU OB 12 31.81 26.51 -15.03
CA LEU OB 12 33.19 26.78 -14.66
C LEU OB 12 33.64 25.88 -13.52
N LYS OB 13 32.72 25.45 -12.66
CA LYS OB 13 33.06 24.49 -11.63
C LYS OB 13 33.36 23.13 -12.23
N ALA OB 14 32.65 22.77 -13.30
CA ALA OB 14 32.95 21.53 -14.01
C ALA OB 14 34.34 21.60 -14.64
N TYR OB 15 34.68 22.76 -15.19
CA TYR OB 15 36.03 22.94 -15.73
C TYR OB 15 37.09 22.83 -14.63
N ALA OB 16 36.78 23.34 -13.44
CA ALA OB 16 37.69 23.22 -12.32
C ALA OB 16 37.86 21.77 -11.90
N LYS OB 17 36.78 20.98 -11.97
CA LYS OB 17 36.89 19.57 -11.62
C LYS OB 17 37.68 18.80 -12.66
N ILE OB 18 37.60 19.24 -13.93
CA ILE OB 18 38.44 18.67 -14.98
C ILE OB 18 39.91 18.92 -14.67
N LEU OB 19 40.23 20.15 -14.28
CA LEU OB 19 41.63 20.49 -14.01
C LEU OB 19 42.13 19.77 -12.75
N GLU OB 20 41.26 19.59 -11.75
CA GLU OB 20 41.65 18.84 -10.56
C GLU OB 20 41.88 17.38 -10.88
N ALA OB 21 41.08 16.82 -11.79
CA ALA OB 21 41.28 15.43 -12.21
C ALA OB 21 42.59 15.27 -12.95
N HIS OB 22 42.91 16.24 -13.82
CA HIS OB 22 44.16 16.16 -14.57
C HIS OB 22 45.34 16.33 -13.63
N ALA OB 23 45.18 17.17 -12.60
CA ALA OB 23 46.17 17.30 -11.55
C ALA OB 23 46.37 16.01 -10.79
N GLU OB 24 45.27 15.29 -10.54
CA GLU OB 24 45.37 14.07 -9.76
C GLU OB 24 46.05 12.98 -10.58
N ILE OB 25 45.83 12.99 -11.90
CA ILE OB 25 46.59 12.14 -12.82
C ILE OB 25 48.07 12.42 -12.71
N LEU OB 26 48.44 13.69 -12.85
CA LEU OB 26 49.86 14.05 -12.91
C LEU OB 26 50.53 13.84 -11.55
N LYS OB 27 49.75 13.94 -10.47
CA LYS OB 27 50.29 13.66 -9.14
C LYS OB 27 50.47 12.17 -8.93
N ALA OB 28 49.57 11.36 -9.48
CA ALA OB 28 49.56 9.95 -9.14
C ALA OB 28 50.64 9.16 -9.87
N GLN OB 29 51.31 9.76 -10.85
CA GLN OB 29 52.23 9.05 -11.71
C GLN OB 29 53.45 8.46 -11.02
N GLN PB 1 25.15 38.57 -22.55
CA GLN PB 1 25.67 37.45 -21.78
C GLN PB 1 26.36 36.45 -22.68
N ALA PB 2 26.24 36.67 -23.99
CA ALA PB 2 26.82 35.74 -24.95
C ALA PB 2 28.34 35.83 -24.98
N LYS PB 3 28.90 36.95 -24.49
CA LYS PB 3 30.35 37.08 -24.39
C LYS PB 3 30.91 36.08 -23.39
N ILE PB 4 30.15 35.77 -22.34
CA ILE PB 4 30.59 34.78 -21.36
C ILE PB 4 30.67 33.40 -22.00
N LEU PB 5 29.67 33.03 -22.78
CA LEU PB 5 29.66 31.72 -23.43
C LEU PB 5 30.74 31.64 -24.51
N GLU PB 6 31.00 32.76 -25.19
CA GLU PB 6 32.05 32.78 -26.20
C GLU PB 6 33.42 32.65 -25.54
N ALA PB 7 33.58 33.24 -24.36
CA ALA PB 7 34.83 33.09 -23.62
C ALA PB 7 34.97 31.67 -23.09
N ASP PB 8 33.86 31.03 -22.74
CA ASP PB 8 33.89 29.62 -22.38
C ASP PB 8 34.33 28.76 -23.55
N ALA PB 9 33.86 29.10 -24.75
CA ALA PB 9 34.28 28.39 -25.95
C ALA PB 9 35.77 28.58 -26.22
N GLU PB 10 36.27 29.79 -25.98
CA GLU PB 10 37.70 30.06 -26.14
C GLU PB 10 38.53 29.28 -25.12
N ILE PB 11 38.02 29.16 -23.89
CA ILE PB 11 38.70 28.41 -22.85
C ILE PB 11 38.78 26.93 -23.22
N LEU PB 12 37.65 26.38 -23.67
CA LEU PB 12 37.63 24.96 -24.01
C LEU PB 12 38.43 24.67 -25.27
N LYS PB 13 38.49 25.62 -26.21
CA LYS PB 13 39.34 25.47 -27.38
C LYS PB 13 40.81 25.51 -26.98
N ALA PB 14 41.16 26.35 -26.01
CA ALA PB 14 42.53 26.39 -25.53
C ALA PB 14 42.90 25.10 -24.83
N TYR PB 15 41.96 24.53 -24.07
CA TYR PB 15 42.20 23.25 -23.43
C TYR PB 15 42.37 22.14 -24.46
N ALA PB 16 41.61 22.23 -25.56
CA ALA PB 16 41.75 21.27 -26.65
C ALA PB 16 43.12 21.39 -27.31
N LYS PB 17 43.60 22.62 -27.48
CA LYS PB 17 44.92 22.82 -28.07
C LYS PB 17 46.03 22.32 -27.16
N ILE PB 18 45.86 22.50 -25.85
CA ILE PB 18 46.84 22.01 -24.88
C ILE PB 18 46.87 20.48 -24.89
N LEU PB 19 45.69 19.87 -24.97
CA LEU PB 19 45.62 18.42 -25.03
C LEU PB 19 46.19 17.88 -26.33
N GLU PB 20 46.02 18.62 -27.43
CA GLU PB 20 46.58 18.20 -28.70
C GLU PB 20 48.10 18.29 -28.69
N ALA PB 21 48.65 19.35 -28.07
CA ALA PB 21 50.10 19.46 -27.96
C ALA PB 21 50.66 18.38 -27.05
N HIS PB 22 49.94 18.05 -25.97
CA HIS PB 22 50.33 16.94 -25.11
C HIS PB 22 50.28 15.62 -25.86
N ALA PB 23 49.32 15.47 -26.77
CA ALA PB 23 49.24 14.28 -27.61
C ALA PB 23 50.41 14.21 -28.57
N GLU PB 24 50.85 15.36 -29.10
CA GLU PB 24 52.00 15.37 -30.01
C GLU PB 24 53.28 15.02 -29.29
N ILE PB 25 53.45 15.50 -28.05
CA ILE PB 25 54.66 15.17 -27.30
C ILE PB 25 54.65 13.71 -26.86
N LEU PB 26 53.48 13.16 -26.53
CA LEU PB 26 53.42 11.73 -26.21
C LEU PB 26 53.54 10.87 -27.46
N LYS PB 27 53.20 11.41 -28.62
CA LYS PB 27 53.48 10.71 -29.87
C LYS PB 27 54.96 10.70 -30.18
N ALA PB 28 55.67 11.79 -29.85
CA ALA PB 28 57.10 11.86 -30.11
C ALA PB 28 57.89 10.94 -29.18
N GLN PB 29 57.38 10.68 -27.98
CA GLN PB 29 58.06 9.81 -27.04
C GLN PB 29 57.92 8.34 -27.46
N GLN QB 1 -56.88 0.74 6.60
CA GLN QB 1 -56.58 2.17 6.51
C GLN QB 1 -55.19 2.40 5.99
N ALA QB 2 -54.40 1.32 5.94
CA ALA QB 2 -52.99 1.43 5.60
C ALA QB 2 -52.79 1.82 4.14
N LYS QB 3 -53.74 1.45 3.28
CA LYS QB 3 -53.61 1.75 1.87
C LYS QB 3 -53.79 3.24 1.60
N ILE QB 4 -54.55 3.93 2.46
CA ILE QB 4 -54.71 5.37 2.33
C ILE QB 4 -53.39 6.09 2.58
N LEU QB 5 -52.70 5.69 3.65
CA LEU QB 5 -51.40 6.28 3.97
C LEU QB 5 -50.36 5.89 2.93
N GLU QB 6 -50.47 4.67 2.40
CA GLU QB 6 -49.61 4.24 1.31
C GLU QB 6 -49.82 5.10 0.07
N ALA QB 7 -51.07 5.47 -0.21
CA ALA QB 7 -51.35 6.33 -1.35
C ALA QB 7 -50.83 7.74 -1.11
N ASP QB 8 -50.88 8.20 0.15
CA ASP QB 8 -50.27 9.48 0.50
C ASP QB 8 -48.77 9.46 0.22
N ALA QB 9 -48.11 8.37 0.62
CA ALA QB 9 -46.69 8.21 0.35
C ALA QB 9 -46.41 8.15 -1.14
N GLU QB 10 -47.33 7.56 -1.91
CA GLU QB 10 -47.15 7.51 -3.36
C GLU QB 10 -47.28 8.90 -3.98
N ILE QB 11 -48.19 9.72 -3.44
CA ILE QB 11 -48.33 11.10 -3.89
C ILE QB 11 -47.05 11.88 -3.66
N LEU QB 12 -46.49 11.77 -2.45
CA LEU QB 12 -45.29 12.53 -2.14
C LEU QB 12 -44.08 11.99 -2.88
N LYS QB 13 -44.05 10.68 -3.16
CA LYS QB 13 -42.98 10.11 -3.97
C LYS QB 13 -43.06 10.60 -5.41
N ALA QB 14 -44.29 10.75 -5.93
CA ALA QB 14 -44.46 11.31 -7.26
C ALA QB 14 -43.99 12.75 -7.30
N TYR QB 15 -44.24 13.50 -6.22
CA TYR QB 15 -43.73 14.86 -6.13
C TYR QB 15 -42.21 14.88 -6.12
N ALA QB 16 -41.60 13.92 -5.42
CA ALA QB 16 -40.14 13.81 -5.41
C ALA QB 16 -39.60 13.49 -6.79
N LYS QB 17 -40.32 12.69 -7.55
CA LYS QB 17 -39.88 12.39 -8.91
C LYS QB 17 -40.02 13.60 -9.82
N ILE QB 18 -41.02 14.45 -9.54
CA ILE QB 18 -41.14 15.73 -10.26
C ILE QB 18 -39.92 16.59 -10.01
N LEU QB 19 -39.52 16.71 -8.74
CA LEU QB 19 -38.38 17.56 -8.44
C LEU QB 19 -37.07 16.98 -8.96
N GLU QB 20 -36.96 15.65 -9.01
CA GLU QB 20 -35.77 15.05 -9.62
C GLU QB 20 -35.74 15.27 -11.12
N ALA QB 21 -36.91 15.28 -11.77
CA ALA QB 21 -36.94 15.59 -13.19
C ALA QB 21 -36.55 17.04 -13.44
N HIS QB 22 -36.99 17.94 -12.56
CA HIS QB 22 -36.61 19.34 -12.68
C HIS QB 22 -35.11 19.50 -12.47
N ALA QB 23 -34.54 18.68 -11.58
CA ALA QB 23 -33.10 18.64 -11.40
C ALA QB 23 -32.40 18.13 -12.65
N GLU QB 24 -33.03 17.18 -13.35
CA GLU QB 24 -32.46 16.67 -14.59
C GLU QB 24 -32.42 17.75 -15.66
N ILE QB 25 -33.47 18.57 -15.73
CA ILE QB 25 -33.45 19.72 -16.65
C ILE QB 25 -32.34 20.68 -16.29
N LEU QB 26 -32.29 21.07 -15.01
CA LEU QB 26 -31.39 22.14 -14.59
C LEU QB 26 -29.95 21.69 -14.62
N LYS QB 27 -29.71 20.39 -14.48
CA LYS QB 27 -28.37 19.84 -14.65
C LYS QB 27 -28.01 19.74 -16.12
N ALA QB 28 -29.01 19.45 -16.97
CA ALA QB 28 -28.73 19.21 -18.37
C ALA QB 28 -28.38 20.50 -19.11
N GLN QB 29 -28.85 21.64 -18.62
CA GLN QB 29 -28.61 22.90 -19.32
C GLN QB 29 -27.15 23.32 -19.28
N GLN RB 1 -57.50 13.44 8.53
CA GLN RB 1 -56.53 13.21 7.47
C GLN RB 1 -56.66 14.26 6.38
N ALA RB 2 -57.70 15.07 6.49
CA ALA RB 2 -57.95 16.09 5.47
C ALA RB 2 -56.91 17.20 5.53
N LYS RB 3 -56.26 17.37 6.69
CA LYS RB 3 -55.19 18.35 6.81
C LYS RB 3 -54.00 17.96 5.94
N ILE RB 4 -53.76 16.65 5.79
CA ILE RB 4 -52.69 16.17 4.93
C ILE RB 4 -52.97 16.51 3.48
N LEU RB 5 -54.20 16.30 3.04
CA LEU RB 5 -54.55 16.58 1.65
C LEU RB 5 -54.57 18.07 1.39
N GLU RB 6 -54.98 18.87 2.38
CA GLU RB 6 -54.96 20.32 2.23
C GLU RB 6 -53.52 20.83 2.17
N ALA RB 7 -52.63 20.21 2.92
CA ALA RB 7 -51.22 20.58 2.84
C ALA RB 7 -50.62 20.17 1.50
N ASP RB 8 -51.08 19.04 0.94
CA ASP RB 8 -50.67 18.66 -0.41
C ASP RB 8 -51.13 19.68 -1.44
N ALA RB 9 -52.35 20.20 -1.26
CA ALA RB 9 -52.86 21.24 -2.14
C ALA RB 9 -52.04 22.51 -2.02
N GLU RB 10 -51.63 22.86 -0.79
CA GLU RB 10 -50.79 24.03 -0.59
C GLU RB 10 -49.41 23.85 -1.23
N ILE RB 11 -48.88 22.63 -1.15
CA ILE RB 11 -47.58 22.32 -1.73
C ILE RB 11 -47.63 22.46 -3.25
N LEU RB 12 -48.65 21.88 -3.87
CA LEU RB 12 -48.75 21.95 -5.32
C LEU RB 12 -49.10 23.36 -5.80
N LYS RB 13 -49.84 24.11 -4.99
CA LYS RB 13 -50.10 25.51 -5.33
C LYS RB 13 -48.82 26.34 -5.25
N ALA RB 14 -47.97 26.05 -4.27
CA ALA RB 14 -46.68 26.73 -4.18
C ALA RB 14 -45.79 26.38 -5.36
N TYR RB 15 -45.83 25.11 -5.79
CA TYR RB 15 -45.08 24.70 -6.96
C TYR RB 15 -45.59 25.40 -8.21
N ALA RB 16 -46.91 25.61 -8.30
CA ALA RB 16 -47.48 26.36 -9.41
C ALA RB 16 -47.04 27.81 -9.38
N LYS RB 17 -46.94 28.39 -8.18
CA LYS RB 17 -46.47 29.77 -8.08
C LYS RB 17 -45.01 29.90 -8.49
N ILE RB 18 -44.19 28.91 -8.11
CA ILE RB 18 -42.79 28.93 -8.50
C ILE RB 18 -42.63 28.77 -10.00
N LEU RB 19 -43.48 27.91 -10.60
CA LEU RB 19 -43.43 27.73 -12.04
C LEU RB 19 -43.92 28.97 -12.77
N GLU RB 20 -44.90 29.67 -12.21
CA GLU RB 20 -45.39 30.90 -12.82
C GLU RB 20 -44.33 31.99 -12.74
N ALA RB 21 -43.61 32.07 -11.63
CA ALA RB 21 -42.54 33.06 -11.51
C ALA RB 21 -41.40 32.74 -12.47
N HIS RB 22 -41.09 31.45 -12.63
CA HIS RB 22 -40.10 31.03 -13.61
C HIS RB 22 -40.55 31.37 -15.02
N ALA RB 23 -41.85 31.26 -15.29
CA ALA RB 23 -42.40 31.65 -16.57
C ALA RB 23 -42.27 33.15 -16.80
N GLU RB 24 -42.45 33.96 -15.75
CA GLU RB 24 -42.32 35.40 -15.89
C GLU RB 24 -40.88 35.81 -16.15
N ILE RB 25 -39.92 35.17 -15.47
CA ILE RB 25 -38.53 35.53 -15.71
C ILE RB 25 -38.05 35.02 -17.06
N LEU RB 26 -38.58 33.90 -17.55
CA LEU RB 26 -38.23 33.48 -18.90
C LEU RB 26 -38.95 34.31 -19.96
N LYS RB 27 -40.10 34.90 -19.61
CA LYS RB 27 -40.73 35.86 -20.50
C LYS RB 27 -39.90 37.15 -20.57
N ALA RB 28 -39.31 37.55 -19.44
CA ALA RB 28 -38.49 38.75 -19.42
C ALA RB 28 -37.19 38.58 -20.21
N GLN RB 29 -36.67 37.36 -20.25
CA GLN RB 29 -35.45 37.08 -21.00
C GLN RB 29 -35.71 37.09 -22.50
N GLN SB 1 3.31 7.68 42.27
CA GLN SB 1 3.53 8.97 42.91
C GLN SB 1 4.69 9.70 42.28
N ALA SB 2 5.58 8.93 41.63
CA ALA SB 2 6.84 9.49 41.14
C ALA SB 2 6.60 10.47 40.00
N LYS SB 3 5.54 10.26 39.23
CA LYS SB 3 5.25 11.15 38.11
C LYS SB 3 4.79 12.51 38.60
N ILE SB 4 4.16 12.56 39.78
CA ILE SB 4 3.76 13.84 40.36
C ILE SB 4 4.98 14.68 40.72
N LEU SB 5 5.97 14.05 41.35
CA LEU SB 5 7.18 14.75 41.74
C LEU SB 5 8.01 15.12 40.51
N GLU SB 6 7.99 14.26 39.50
CA GLU SB 6 8.62 14.59 38.23
C GLU SB 6 7.96 15.81 37.59
N ALA SB 7 6.63 15.91 37.70
CA ALA SB 7 5.93 17.07 37.17
C ALA SB 7 6.24 18.33 37.96
N ASP SB 8 6.44 18.19 39.28
CA ASP SB 8 6.91 19.30 40.09
C ASP SB 8 8.27 19.79 39.61
N ALA SB 9 9.17 18.84 39.33
CA ALA SB 9 10.49 19.19 38.81
C ALA SB 9 10.38 19.87 37.45
N GLU SB 10 9.43 19.45 36.62
CA GLU SB 10 9.23 20.08 35.33
C GLU SB 10 8.70 21.49 35.47
N ILE SB 11 7.83 21.72 36.47
CA ILE SB 11 7.33 23.06 36.76
C ILE SB 11 8.47 23.99 37.15
N LEU SB 12 9.32 23.53 38.06
CA LEU SB 12 10.40 24.40 38.52
C LEU SB 12 11.47 24.58 37.45
N LYS SB 13 11.67 23.57 36.60
CA LYS SB 13 12.59 23.72 35.48
C LYS SB 13 12.06 24.73 34.47
N ALA SB 14 10.74 24.75 34.27
CA ALA SB 14 10.15 25.75 33.39
C ALA SB 14 10.31 27.15 33.99
N TYR SB 15 10.20 27.25 35.31
CA TYR SB 15 10.43 28.54 35.97
C TYR SB 15 11.88 28.98 35.80
N ALA SB 16 12.81 28.03 35.85
CA ALA SB 16 14.21 28.36 35.63
C ALA SB 16 14.45 28.81 34.20
N LYS SB 17 13.72 28.23 33.24
CA LYS SB 17 13.85 28.66 31.86
C LYS SB 17 13.26 30.06 31.66
N ILE SB 18 12.22 30.39 32.43
CA ILE SB 18 11.67 31.74 32.42
C ILE SB 18 12.73 32.74 32.89
N LEU SB 19 13.40 32.43 34.00
CA LEU SB 19 14.40 33.36 34.52
C LEU SB 19 15.62 33.44 33.61
N GLU SB 20 15.97 32.33 32.94
CA GLU SB 20 17.07 32.38 31.99
C GLU SB 20 16.72 33.21 30.77
N ALA SB 21 15.46 33.15 30.33
CA ALA SB 21 15.03 34.00 29.22
C ALA SB 21 15.08 35.47 29.62
N HIS SB 22 14.66 35.78 30.85
CA HIS SB 22 14.73 37.14 31.35
C HIS SB 22 16.17 37.62 31.42
N ALA SB 23 17.08 36.72 31.82
CA ALA SB 23 18.50 37.03 31.83
C ALA SB 23 19.02 37.28 30.43
N GLU SB 24 18.50 36.54 29.45
CA GLU SB 24 18.96 36.69 28.09
C GLU SB 24 18.52 38.03 27.52
N ILE SB 25 17.31 38.47 27.89
CA ILE SB 25 16.84 39.81 27.55
C ILE SB 25 17.75 40.87 28.16
N LEU SB 26 18.00 40.75 29.46
CA LEU SB 26 18.73 41.80 30.18
C LEU SB 26 20.19 41.85 29.74
N LYS SB 27 20.74 40.72 29.33
CA LYS SB 27 22.09 40.69 28.81
C LYS SB 27 22.14 41.24 27.39
N ALA SB 28 21.08 41.01 26.61
CA ALA SB 28 21.13 41.34 25.19
C ALA SB 28 21.04 42.83 24.91
N GLN SB 29 20.66 43.63 25.90
CA GLN SB 29 20.40 45.06 25.70
C GLN SB 29 21.64 45.86 25.30
N GLN TB 1 1.33 17.31 49.84
CA GLN TB 1 2.10 17.91 48.75
C GLN TB 1 1.46 19.20 48.28
N ALA TB 2 0.32 19.54 48.89
CA ALA TB 2 -0.36 20.79 48.53
C ALA TB 2 0.42 22.01 48.99
N LYS TB 3 1.28 21.84 50.00
CA LYS TB 3 2.15 22.93 50.43
C LYS TB 3 3.13 23.30 49.34
N ILE TB 4 3.58 22.31 48.56
CA ILE TB 4 4.49 22.57 47.45
C ILE TB 4 3.81 23.42 46.39
N LEU TB 5 2.56 23.08 46.05
CA LEU TB 5 1.83 23.84 45.03
C LEU TB 5 1.48 25.23 45.54
N GLU TB 6 1.19 25.36 46.83
CA GLU TB 6 0.91 26.67 47.40
C GLU TB 6 2.16 27.54 47.40
N ALA TB 7 3.32 26.93 47.65
CA ALA TB 7 4.57 27.67 47.57
C ALA TB 7 4.89 28.05 46.13
N ASP TB 8 4.51 27.20 45.17
CA ASP TB 8 4.65 27.55 43.76
C ASP TB 8 3.79 28.75 43.42
N ALA TB 9 2.57 28.79 43.97
CA ALA TB 9 1.69 29.93 43.77
C ALA TB 9 2.28 31.20 44.37
N GLU TB 10 2.91 31.07 45.55
CA GLU TB 10 3.55 32.22 46.17
C GLU TB 10 4.74 32.70 45.34
N ILE TB 11 5.49 31.77 44.77
CA ILE TB 11 6.64 32.11 43.92
C ILE TB 11 6.17 32.86 42.68
N LEU TB 12 5.13 32.35 42.04
CA LEU TB 12 4.64 32.97 40.81
C LEU TB 12 3.99 34.31 41.10
N LYS TB 13 3.34 34.45 42.27
CA LYS TB 13 2.79 35.74 42.66
C LYS TB 13 3.89 36.75 42.92
N ALA TB 14 5.00 36.29 43.51
CA ALA TB 14 6.12 37.19 43.75
C ALA TB 14 6.76 37.62 42.44
N TYR TB 15 6.83 36.70 41.47
CA TYR TB 15 7.34 37.06 40.15
C TYR TB 15 6.41 38.05 39.46
N ALA TB 16 5.10 37.89 39.68
CA ALA TB 16 4.15 38.85 39.13
C ALA TB 16 4.31 40.22 39.76
N LYS TB 17 4.61 40.25 41.06
CA LYS TB 17 4.83 41.52 41.73
C LYS TB 17 6.11 42.19 41.24
N ILE TB 18 7.15 41.40 40.99
CA ILE TB 18 8.40 41.94 40.43
C ILE TB 18 8.16 42.49 39.05
N LEU TB 19 7.38 41.78 38.24
CA LEU TB 19 7.08 42.24 36.89
C LEU TB 19 6.20 43.48 36.90
N GLU TB 20 5.30 43.58 37.88
CA GLU TB 20 4.46 44.77 37.98
C GLU TB 20 5.28 45.99 38.40
N ALA TB 21 6.24 45.79 39.31
CA ALA TB 21 7.12 46.89 39.70
C ALA TB 21 8.03 47.30 38.53
N HIS TB 22 8.46 46.33 37.74
CA HIS TB 22 9.22 46.62 36.54
C HIS TB 22 8.37 47.38 35.52
N ALA TB 23 7.08 47.03 35.42
CA ALA TB 23 6.18 47.74 34.54
C ALA TB 23 5.96 49.17 35.00
N GLU TB 24 5.85 49.38 36.31
CA GLU TB 24 5.66 50.73 36.84
C GLU TB 24 6.92 51.57 36.63
N ILE TB 25 8.09 50.97 36.81
CA ILE TB 25 9.32 51.75 36.68
C ILE TB 25 9.66 52.00 35.20
N LEU TB 26 9.14 51.18 34.29
CA LEU TB 26 9.24 51.52 32.87
C LEU TB 26 8.17 52.52 32.46
N LYS TB 27 7.05 52.55 33.16
CA LYS TB 27 6.07 53.62 32.96
C LYS TB 27 6.62 54.96 33.41
N ALA TB 28 7.42 54.95 34.48
CA ALA TB 28 8.03 56.18 34.96
C ALA TB 28 9.13 56.67 34.03
N GLN TB 29 9.77 55.76 33.30
CA GLN TB 29 10.83 56.14 32.37
C GLN TB 29 10.26 56.80 31.12
N GLN UB 1 -28.79 -3.75 -50.65
CA GLN UB 1 -27.57 -4.49 -50.94
C GLN UB 1 -26.84 -4.87 -49.68
N ALA UB 2 -27.38 -4.44 -48.54
CA ALA UB 2 -26.69 -4.62 -47.26
C ALA UB 2 -26.64 -6.07 -46.86
N LYS UB 3 -27.65 -6.85 -47.26
CA LYS UB 3 -27.67 -8.26 -46.90
C LYS UB 3 -26.62 -9.04 -47.66
N ILE UB 4 -26.25 -8.58 -48.87
CA ILE UB 4 -25.18 -9.23 -49.63
C ILE UB 4 -23.85 -9.08 -48.93
N LEU UB 5 -23.53 -7.85 -48.50
CA LEU UB 5 -22.27 -7.60 -47.82
C LEU UB 5 -22.26 -8.25 -46.45
N GLU UB 6 -23.43 -8.31 -45.80
CA GLU UB 6 -23.56 -9.04 -44.55
C GLU UB 6 -23.28 -10.53 -44.75
N ALA UB 7 -23.70 -11.08 -45.90
CA ALA UB 7 -23.42 -12.47 -46.19
C ALA UB 7 -21.95 -12.70 -46.46
N ASP UB 8 -21.29 -11.73 -47.10
CA ASP UB 8 -19.84 -11.81 -47.28
C ASP UB 8 -19.13 -11.81 -45.94
N ALA UB 9 -19.59 -10.96 -45.03
CA ALA UB 9 -19.03 -10.94 -43.67
C ALA UB 9 -19.27 -12.25 -42.96
N GLU UB 10 -20.41 -12.89 -43.22
CA GLU UB 10 -20.70 -14.19 -42.62
C GLU UB 10 -19.76 -15.26 -43.17
N ILE UB 11 -19.44 -15.18 -44.46
CA ILE UB 11 -18.49 -16.10 -45.07
C ILE UB 11 -17.12 -15.97 -44.41
N LEU UB 12 -16.65 -14.72 -44.27
CA LEU UB 12 -15.31 -14.53 -43.70
C LEU UB 12 -15.29 -14.85 -42.21
N LYS UB 13 -16.39 -14.63 -41.50
CA LYS UB 13 -16.48 -15.02 -40.10
C LYS UB 13 -16.46 -16.53 -39.95
N ALA UB 14 -17.11 -17.24 -40.88
CA ALA UB 14 -17.06 -18.69 -40.87
C ALA UB 14 -15.64 -19.19 -41.15
N TYR UB 15 -14.93 -18.50 -42.03
CA TYR UB 15 -13.54 -18.85 -42.28
C TYR UB 15 -12.68 -18.62 -41.04
N ALA UB 16 -12.96 -17.54 -40.30
CA ALA UB 16 -12.24 -17.30 -39.06
C ALA UB 16 -12.55 -18.36 -38.02
N LYS UB 17 -13.78 -18.86 -38.00
CA LYS UB 17 -14.12 -19.95 -37.08
C LYS UB 17 -13.43 -21.24 -37.48
N ILE UB 18 -13.22 -21.45 -38.78
CA ILE UB 18 -12.45 -22.59 -39.26
C ILE UB 18 -11.02 -22.52 -38.74
N LEU UB 19 -10.40 -21.33 -38.84
CA LEU UB 19 -9.02 -21.22 -38.40
C LEU UB 19 -8.91 -21.29 -36.88
N GLU UB 20 -9.93 -20.81 -36.16
CA GLU UB 20 -9.92 -20.97 -34.71
C GLU UB 20 -10.06 -22.43 -34.31
N ALA UB 21 -10.86 -23.20 -35.04
CA ALA UB 21 -10.99 -24.62 -34.76
C ALA UB 21 -9.69 -25.35 -35.05
N HIS UB 22 -8.99 -24.95 -36.11
CA HIS UB 22 -7.69 -25.54 -36.41
C HIS UB 22 -6.68 -25.19 -35.34
N ALA UB 23 -6.78 -23.97 -34.79
CA ALA UB 23 -5.95 -23.56 -33.68
C ALA UB 23 -6.24 -24.39 -32.44
N GLU UB 24 -7.52 -24.72 -32.22
CA GLU UB 24 -7.88 -25.49 -31.04
C GLU UB 24 -7.41 -26.93 -31.18
N ILE UB 25 -7.41 -27.45 -32.41
CA ILE UB 25 -6.81 -28.75 -32.71
C ILE UB 25 -5.33 -28.74 -32.35
N LEU UB 26 -4.61 -27.75 -32.85
CA LEU UB 26 -3.16 -27.72 -32.70
C LEU UB 26 -2.77 -27.43 -31.24
N LYS UB 27 -3.61 -26.69 -30.53
CA LYS UB 27 -3.37 -26.43 -29.12
C LYS UB 27 -3.65 -27.68 -28.29
N ALA UB 28 -4.62 -28.48 -28.71
CA ALA UB 28 -4.99 -29.65 -27.93
C ALA UB 28 -3.94 -30.75 -27.99
N GLN UB 29 -3.09 -30.75 -29.02
CA GLN UB 29 -2.09 -31.80 -29.18
C GLN UB 29 -1.01 -31.71 -28.12
N GLN VB 1 -18.82 -6.83 -57.42
CA GLN VB 1 -18.47 -7.49 -56.17
C GLN VB 1 -17.94 -8.90 -56.41
N ALA VB 2 -17.84 -9.26 -57.68
CA ALA VB 2 -17.38 -10.61 -58.03
C ALA VB 2 -15.89 -10.79 -57.75
N LYS VB 3 -15.15 -9.69 -57.66
CA LYS VB 3 -13.75 -9.75 -57.28
C LYS VB 3 -13.60 -10.27 -55.86
N ILE VB 4 -14.53 -9.91 -54.98
CA ILE VB 4 -14.52 -10.40 -53.61
C ILE VB 4 -14.73 -11.91 -53.57
N LEU VB 5 -15.66 -12.41 -54.38
CA LEU VB 5 -15.95 -13.83 -54.40
C LEU VB 5 -14.79 -14.61 -55.00
N GLU VB 6 -14.14 -14.04 -56.03
CA GLU VB 6 -12.98 -14.69 -56.61
C GLU VB 6 -11.81 -14.70 -55.65
N ALA VB 7 -11.70 -13.65 -54.83
CA ALA VB 7 -10.68 -13.64 -53.79
C ALA VB 7 -10.97 -14.66 -52.72
N ASP VB 8 -12.25 -14.86 -52.40
CA ASP VB 8 -12.63 -15.93 -51.49
C ASP VB 8 -12.28 -17.30 -52.05
N ALA VB 9 -12.45 -17.46 -53.36
CA ALA VB 9 -12.06 -18.72 -54.02
C ALA VB 9 -10.56 -18.93 -53.93
N GLU VB 10 -9.78 -17.86 -54.11
CA GLU VB 10 -8.32 -17.96 -54.00
C GLU VB 10 -7.89 -18.30 -52.58
N ILE VB 11 -8.58 -17.71 -51.59
CA ILE VB 11 -8.30 -17.98 -50.18
C ILE VB 11 -8.57 -19.44 -49.86
N LEU VB 12 -9.71 -19.95 -50.32
CA LEU VB 12 -10.08 -21.32 -50.00
C LEU VB 12 -9.21 -22.32 -50.75
N LYS VB 13 -8.77 -21.96 -51.97
CA LYS VB 13 -7.83 -22.81 -52.69
C LYS VB 13 -6.47 -22.84 -51.99
N ALA VB 14 -6.06 -21.71 -51.41
CA ALA VB 14 -4.81 -21.69 -50.65
C ALA VB 14 -4.92 -22.52 -49.39
N TYR VB 15 -6.08 -22.49 -48.74
CA TYR VB 15 -6.29 -23.32 -47.56
C TYR VB 15 -6.30 -24.81 -47.95
N ALA VB 16 -6.83 -25.12 -49.13
CA ALA VB 16 -6.80 -26.49 -49.62
C ALA VB 16 -5.38 -26.93 -49.90
N LYS VB 17 -4.54 -26.04 -50.42
CA LYS VB 17 -3.14 -26.39 -50.67
C LYS VB 17 -2.38 -26.59 -49.36
N ILE VB 18 -2.69 -25.77 -48.35
CA ILE VB 18 -2.08 -25.92 -47.03
C ILE VB 18 -2.45 -27.27 -46.42
N LEU VB 19 -3.74 -27.62 -46.55
CA LEU VB 19 -4.20 -28.90 -46.00
C LEU VB 19 -3.63 -30.07 -46.78
N GLU VB 20 -3.41 -29.91 -48.08
CA GLU VB 20 -2.81 -30.97 -48.87
C GLU VB 20 -1.36 -31.18 -48.50
N ALA VB 21 -0.63 -30.09 -48.25
CA ALA VB 21 0.76 -30.20 -47.80
C ALA VB 21 0.83 -30.81 -46.41
N HIS VB 22 -0.15 -30.48 -45.56
CA HIS VB 22 -0.22 -31.08 -44.23
C HIS VB 22 -0.52 -32.58 -44.34
N ALA VB 23 -1.37 -32.97 -45.29
CA ALA VB 23 -1.67 -34.38 -45.51
C ALA VB 23 -0.44 -35.12 -46.02
N GLU VB 24 0.33 -34.48 -46.89
CA GLU VB 24 1.55 -35.09 -47.41
C GLU VB 24 2.59 -35.26 -46.30
N ILE VB 25 2.74 -34.26 -45.44
CA ILE VB 25 3.78 -34.34 -44.42
C ILE VB 25 3.35 -35.26 -43.28
N LEU VB 26 2.04 -35.49 -43.11
CA LEU VB 26 1.61 -36.52 -42.17
C LEU VB 26 1.66 -37.90 -42.81
N LYS VB 27 1.59 -37.98 -44.13
CA LYS VB 27 1.85 -39.24 -44.82
C LYS VB 27 3.32 -39.62 -44.70
N ALA VB 28 4.21 -38.62 -44.73
CA ALA VB 28 5.64 -38.89 -44.62
C ALA VB 28 6.02 -39.35 -43.21
N GLN VB 29 5.27 -38.93 -42.20
CA GLN VB 29 5.56 -39.34 -40.83
C GLN VB 29 5.15 -40.79 -40.59
N GLN WB 1 39.84 -19.06 -3.15
CA GLN WB 1 40.58 -19.66 -2.05
C GLN WB 1 40.81 -18.66 -0.93
N ALA WB 2 40.61 -17.37 -1.25
CA ALA WB 2 40.91 -16.32 -0.29
C ALA WB 2 39.94 -16.34 0.89
N LYS WB 3 38.72 -16.80 0.65
CA LYS WB 3 37.74 -16.87 1.73
C LYS WB 3 38.10 -17.96 2.73
N ILE WB 4 38.78 -19.01 2.27
CA ILE WB 4 39.24 -20.07 3.17
C ILE WB 4 40.28 -19.53 4.13
N LEU WB 5 41.26 -18.80 3.61
CA LEU WB 5 42.31 -18.25 4.46
C LEU WB 5 41.77 -17.14 5.36
N GLU WB 6 40.78 -16.39 4.84
CA GLU WB 6 40.09 -15.41 5.66
C GLU WB 6 39.36 -16.08 6.82
N ALA WB 7 38.77 -17.25 6.57
CA ALA WB 7 38.09 -17.98 7.64
C ALA WB 7 39.10 -18.53 8.65
N ASP WB 8 40.28 -18.93 8.18
CA ASP WB 8 41.34 -19.34 9.09
C ASP WB 8 41.76 -18.19 9.99
N ALA WB 9 41.89 -17.00 9.41
CA ALA WB 9 42.21 -15.81 10.19
C ALA WB 9 41.11 -15.48 11.19
N GLU WB 10 39.85 -15.74 10.82
CA GLU WB 10 38.75 -15.53 11.73
C GLU WB 10 38.78 -16.53 12.89
N ILE WB 11 39.20 -17.76 12.60
CA ILE WB 11 39.37 -18.77 13.65
C ILE WB 11 40.42 -18.33 14.65
N LEU WB 12 41.57 -17.90 14.16
CA LEU WB 12 42.65 -17.52 15.06
C LEU WB 12 42.35 -16.22 15.79
N LYS WB 13 41.58 -15.32 15.17
CA LYS WB 13 41.15 -14.11 15.85
C LYS WB 13 40.17 -14.43 16.97
N ALA WB 14 39.30 -15.42 16.75
CA ALA WB 14 38.40 -15.87 17.80
C ALA WB 14 39.18 -16.49 18.95
N TYR WB 15 40.25 -17.23 18.62
CA TYR WB 15 41.11 -17.79 19.66
C TYR WB 15 41.79 -16.68 20.46
N ALA WB 16 42.21 -15.62 19.77
CA ALA WB 16 42.81 -14.48 20.46
C ALA WB 16 41.80 -13.79 21.36
N LYS WB 17 40.54 -13.75 20.95
CA LYS WB 17 39.51 -13.17 21.79
C LYS WB 17 39.25 -14.05 23.02
N ILE WB 18 39.40 -15.37 22.87
CA ILE WB 18 39.31 -16.28 24.01
C ILE WB 18 40.40 -15.97 25.03
N LEU WB 19 41.63 -15.80 24.54
CA LEU WB 19 42.72 -15.54 25.47
C LEU WB 19 42.62 -14.15 26.09
N GLU WB 20 42.08 -13.17 25.35
CA GLU WB 20 41.86 -11.85 25.94
C GLU WB 20 40.78 -11.90 27.01
N ALA WB 21 39.76 -12.72 26.81
CA ALA WB 21 38.74 -12.89 27.84
C ALA WB 21 39.33 -13.57 29.07
N HIS WB 22 40.26 -14.51 28.85
CA HIS WB 22 40.89 -15.18 29.98
C HIS WB 22 41.77 -14.19 30.76
N ALA WB 23 42.40 -13.27 30.04
CA ALA WB 23 43.15 -12.19 30.68
C ALA WB 23 42.21 -11.27 31.46
N GLU WB 24 41.00 -11.07 30.94
CA GLU WB 24 40.02 -10.24 31.63
C GLU WB 24 39.59 -10.86 32.95
N ILE WB 25 39.41 -12.19 32.96
CA ILE WB 25 39.10 -12.90 34.21
C ILE WB 25 40.26 -12.77 35.18
N LEU WB 26 41.47 -13.03 34.70
CA LEU WB 26 42.62 -13.11 35.60
C LEU WB 26 42.99 -11.74 36.14
N LYS WB 27 42.69 -10.69 35.38
CA LYS WB 27 42.89 -9.33 35.86
C LYS WB 27 41.80 -8.94 36.83
N ALA WB 28 40.57 -9.41 36.61
CA ALA WB 28 39.43 -8.87 37.34
C ALA WB 28 39.34 -9.39 38.77
N GLN WB 29 40.17 -10.35 39.15
CA GLN WB 29 40.03 -10.99 40.46
C GLN WB 29 40.42 -10.09 41.64
N GLN XB 1 46.46 -27.64 2.98
CA GLN XB 1 45.99 -26.75 4.04
C GLN XB 1 45.46 -27.52 5.23
N ALA XB 2 45.47 -28.85 5.10
CA ALA XB 2 45.00 -29.70 6.19
C ALA XB 2 45.94 -29.66 7.38
N LYS XB 3 47.22 -29.36 7.13
CA LYS XB 3 48.18 -29.20 8.22
C LYS XB 3 47.82 -28.01 9.11
N ILE XB 4 47.25 -26.96 8.51
CA ILE XB 4 46.81 -25.80 9.26
C ILE XB 4 45.70 -26.18 10.23
N LEU XB 5 44.72 -26.95 9.75
CA LEU XB 5 43.60 -27.34 10.59
C LEU XB 5 44.04 -28.35 11.65
N GLU XB 6 45.00 -29.20 11.31
CA GLU XB 6 45.52 -30.15 12.29
C GLU XB 6 46.29 -29.41 13.38
N ALA XB 7 47.00 -28.34 13.01
CA ALA XB 7 47.69 -27.53 13.99
C ALA XB 7 46.69 -26.77 14.86
N ASP XB 8 45.56 -26.35 14.27
CA ASP XB 8 44.49 -25.75 15.06
C ASP XB 8 43.92 -26.73 16.07
N ALA XB 9 43.79 -28.00 15.65
CA ALA XB 9 43.31 -29.03 16.56
C ALA XB 9 44.30 -29.27 17.69
N GLU XB 10 45.60 -29.25 17.38
CA GLU XB 10 46.62 -29.41 18.41
C GLU XB 10 46.61 -28.24 19.38
N ILE XB 11 46.40 -27.02 18.86
CA ILE XB 11 46.35 -25.83 19.69
C ILE XB 11 45.16 -25.89 20.64
N LEU XB 12 44.00 -26.28 20.12
CA LEU XB 12 42.80 -26.32 20.94
C LEU XB 12 42.86 -27.47 21.94
N LYS XB 13 43.52 -28.58 21.57
CA LYS XB 13 43.73 -29.66 22.52
C LYS XB 13 44.68 -29.24 23.63
N ALA XB 14 45.68 -28.43 23.30
CA ALA XB 14 46.59 -27.93 24.32
C ALA XB 14 45.87 -26.97 25.27
N TYR XB 15 44.96 -26.15 24.72
CA TYR XB 15 44.15 -25.28 25.57
C TYR XB 15 43.23 -26.09 26.47
N ALA XB 16 42.72 -27.21 25.95
CA ALA XB 16 41.90 -28.09 26.75
C ALA XB 16 42.70 -28.73 27.88
N LYS XB 17 43.96 -29.09 27.60
CA LYS XB 17 44.80 -29.66 28.63
C LYS XB 17 45.14 -28.64 29.70
N ILE XB 18 45.38 -27.38 29.30
CA ILE XB 18 45.64 -26.31 30.26
C ILE XB 18 44.42 -26.06 31.13
N LEU XB 19 43.24 -26.08 30.52
CA LEU XB 19 42.01 -25.87 31.28
C LEU XB 19 41.73 -27.05 32.21
N GLU XB 20 42.09 -28.26 31.80
CA GLU XB 20 41.91 -29.42 32.67
C GLU XB 20 42.85 -29.37 33.86
N ALA XB 21 44.10 -28.95 33.64
CA ALA XB 21 45.03 -28.82 34.76
C ALA XB 21 44.62 -27.69 35.69
N HIS XB 22 44.07 -26.61 35.13
CA HIS XB 22 43.55 -25.53 35.95
C HIS XB 22 42.33 -25.98 36.75
N ALA XB 23 41.51 -26.83 36.15
CA ALA XB 23 40.35 -27.39 36.86
C ALA XB 23 40.80 -28.29 38.00
N GLU XB 24 41.84 -29.09 37.76
CA GLU XB 24 42.36 -29.97 38.81
C GLU XB 24 42.98 -29.16 39.95
N ILE XB 25 43.70 -28.08 39.61
CA ILE XB 25 44.36 -27.33 40.67
C ILE XB 25 43.36 -26.43 41.41
N LEU XB 26 42.21 -26.14 40.80
CA LEU XB 26 41.14 -25.51 41.57
C LEU XB 26 40.34 -26.54 42.36
N LYS XB 27 40.34 -27.79 41.92
CA LYS XB 27 39.75 -28.86 42.73
C LYS XB 27 40.59 -29.10 43.98
N ALA XB 28 41.91 -28.98 43.86
CA ALA XB 28 42.79 -29.19 45.01
C ALA XB 28 42.68 -28.07 46.03
N GLN XB 29 42.33 -26.87 45.59
CA GLN XB 29 42.17 -25.74 46.50
C GLN XB 29 40.87 -25.86 47.28
N GLN YB 1 -32.01 -51.21 -8.01
CA GLN YB 1 -31.52 -51.38 -6.65
C GLN YB 1 -31.11 -50.05 -6.07
N ALA YB 2 -30.54 -49.20 -6.93
CA ALA YB 2 -29.95 -47.95 -6.47
C ALA YB 2 -31.00 -46.96 -5.97
N LYS YB 3 -32.26 -47.14 -6.38
CA LYS YB 3 -33.31 -46.27 -5.91
C LYS YB 3 -33.61 -46.49 -4.42
N ILE YB 4 -33.36 -47.70 -3.94
CA ILE YB 4 -33.53 -47.99 -2.51
C ILE YB 4 -32.52 -47.20 -1.70
N LEU YB 5 -31.27 -47.19 -2.15
CA LEU YB 5 -30.22 -46.45 -1.45
C LEU YB 5 -30.44 -44.96 -1.58
N GLU YB 6 -30.97 -44.52 -2.72
CA GLU YB 6 -31.35 -43.13 -2.89
C GLU YB 6 -32.46 -42.74 -1.90
N ALA YB 7 -33.40 -43.65 -1.66
CA ALA YB 7 -34.45 -43.38 -0.69
C ALA YB 7 -33.91 -43.36 0.73
N ASP YB 8 -32.92 -44.19 1.01
CA ASP YB 8 -32.21 -44.13 2.30
C ASP YB 8 -31.57 -42.76 2.49
N ALA YB 9 -30.90 -42.28 1.44
CA ALA YB 9 -30.29 -40.95 1.48
C ALA YB 9 -31.33 -39.87 1.66
N GLU YB 10 -32.51 -40.05 1.08
CA GLU YB 10 -33.59 -39.08 1.26
C GLU YB 10 -34.11 -39.07 2.68
N ILE YB 11 -34.16 -40.26 3.31
CA ILE YB 11 -34.56 -40.37 4.71
C ILE YB 11 -33.58 -39.61 5.60
N LEU YB 12 -32.29 -39.84 5.39
CA LEU YB 12 -31.30 -39.20 6.25
C LEU YB 12 -31.20 -37.70 5.97
N LYS YB 13 -31.44 -37.29 4.71
CA LYS YB 13 -31.49 -35.87 4.41
C LYS YB 13 -32.68 -35.20 5.06
N ALA YB 14 -33.80 -35.92 5.14
CA ALA YB 14 -34.96 -35.39 5.86
C ALA YB 14 -34.66 -35.26 7.34
N TYR YB 15 -33.91 -36.20 7.90
CA TYR YB 15 -33.49 -36.09 9.29
C TYR YB 15 -32.57 -34.89 9.49
N ALA YB 16 -31.70 -34.63 8.51
CA ALA YB 16 -30.83 -33.46 8.59
C ALA YB 16 -31.64 -32.17 8.54
N LYS YB 17 -32.71 -32.15 7.74
CA LYS YB 17 -33.55 -30.97 7.68
C LYS YB 17 -34.33 -30.79 8.98
N ILE YB 18 -34.67 -31.90 9.64
CA ILE YB 18 -35.29 -31.82 10.96
C ILE YB 18 -34.36 -31.15 11.95
N LEU YB 19 -33.10 -31.58 11.98
CA LEU YB 19 -32.17 -31.01 12.95
C LEU YB 19 -31.81 -29.56 12.61
N GLU YB 20 -31.79 -29.21 11.33
CA GLU YB 20 -31.57 -27.81 10.95
C GLU YB 20 -32.75 -26.95 11.36
N ALA YB 21 -33.97 -27.47 11.24
CA ALA YB 21 -35.14 -26.71 11.68
C ALA YB 21 -35.12 -26.54 13.19
N HIS YB 22 -34.70 -27.56 13.92
CA HIS YB 22 -34.64 -27.47 15.37
C HIS YB 22 -33.57 -26.46 15.79
N ALA YB 23 -32.47 -26.42 15.04
CA ALA YB 23 -31.44 -25.41 15.27
C ALA YB 23 -31.97 -24.02 14.96
N GLU YB 24 -32.85 -23.91 13.97
CA GLU YB 24 -33.40 -22.60 13.63
C GLU YB 24 -34.32 -22.10 14.73
N ILE YB 25 -35.10 -23.02 15.33
CA ILE YB 25 -35.90 -22.71 16.51
C ILE YB 25 -35.02 -22.23 17.65
N LEU YB 26 -33.96 -22.99 17.92
CA LEU YB 26 -33.12 -22.70 19.09
C LEU YB 26 -32.31 -21.44 18.88
N LYS YB 27 -31.98 -21.12 17.64
CA LYS YB 27 -31.30 -19.88 17.33
C LYS YB 27 -32.23 -18.69 17.44
N ALA YB 28 -33.51 -18.89 17.09
CA ALA YB 28 -34.45 -17.79 17.10
C ALA YB 28 -34.80 -17.34 18.51
N GLN YB 29 -34.67 -18.22 19.50
CA GLN YB 29 -35.03 -17.88 20.87
C GLN YB 29 -34.09 -16.84 21.47
N GLN ZB 1 -30.13 -55.12 4.15
CA GLN ZB 1 -30.27 -53.69 4.37
C GLN ZB 1 -31.14 -53.40 5.57
N ALA ZB 2 -31.60 -54.47 6.22
CA ALA ZB 2 -32.50 -54.31 7.35
C ALA ZB 2 -31.79 -53.71 8.56
N LYS ZB 3 -30.47 -53.88 8.63
CA LYS ZB 3 -29.69 -53.23 9.69
C LYS ZB 3 -29.73 -51.71 9.55
N ILE ZB 4 -29.77 -51.22 8.31
CA ILE ZB 4 -29.82 -49.78 8.06
C ILE ZB 4 -31.13 -49.20 8.56
N LEU ZB 5 -32.24 -49.84 8.22
CA LEU ZB 5 -33.54 -49.36 8.64
C LEU ZB 5 -33.73 -49.52 10.15
N GLU ZB 6 -33.14 -50.58 10.72
CA GLU ZB 6 -33.21 -50.75 12.17
C GLU ZB 6 -32.41 -49.69 12.89
N ALA ZB 7 -31.28 -49.29 12.30
CA ALA ZB 7 -30.49 -48.20 12.88
C ALA ZB 7 -31.23 -46.87 12.73
N ASP ZB 8 -31.98 -46.71 11.64
CA ASP ZB 8 -32.83 -45.54 11.48
C ASP ZB 8 -33.91 -45.49 12.56
N ALA ZB 9 -34.48 -46.65 12.88
CA ALA ZB 9 -35.46 -46.75 13.95
C ALA ZB 9 -34.84 -46.39 15.29
N GLU ZB 10 -33.61 -46.84 15.53
CA GLU ZB 10 -32.91 -46.50 16.77
C GLU ZB 10 -32.62 -45.00 16.84
N ILE ZB 11 -32.28 -44.40 15.70
CA ILE ZB 11 -31.99 -42.96 15.65
C ILE ZB 11 -33.24 -42.15 15.96
N LEU ZB 12 -34.35 -42.51 15.33
CA LEU ZB 12 -35.59 -41.77 15.58
C LEU ZB 12 -36.13 -42.02 16.97
N LYS ZB 13 -35.89 -43.21 17.53
CA LYS ZB 13 -36.26 -43.47 18.92
C LYS ZB 13 -35.42 -42.64 19.88
N ALA ZB 14 -34.13 -42.45 19.56
CA ALA ZB 14 -33.28 -41.61 20.38
C ALA ZB 14 -33.71 -40.15 20.31
N TYR ZB 15 -34.12 -39.71 19.11
CA TYR ZB 15 -34.64 -38.35 18.98
C TYR ZB 15 -35.94 -38.19 19.75
N ALA ZB 16 -36.76 -39.23 19.79
CA ALA ZB 16 -37.98 -39.21 20.58
C ALA ZB 16 -37.68 -39.13 22.06
N LYS ZB 17 -36.65 -39.84 22.51
CA LYS ZB 17 -36.25 -39.77 23.91
C LYS ZB 17 -35.72 -38.40 24.29
N ILE ZB 18 -34.96 -37.78 23.36
CA ILE ZB 18 -34.44 -36.44 23.60
C ILE ZB 18 -35.58 -35.43 23.68
N LEU ZB 19 -36.57 -35.57 22.80
CA LEU ZB 19 -37.70 -34.67 22.81
C LEU ZB 19 -38.58 -34.90 24.03
N GLU ZB 20 -38.65 -36.14 24.52
CA GLU ZB 20 -39.40 -36.41 25.74
C GLU ZB 20 -38.73 -35.81 26.96
N ALA ZB 21 -37.40 -35.89 27.02
CA ALA ZB 21 -36.67 -35.26 28.12
C ALA ZB 21 -36.78 -33.74 28.05
N HIS ZB 22 -36.79 -33.20 26.84
CA HIS ZB 22 -37.01 -31.76 26.66
C HIS ZB 22 -38.41 -31.36 27.10
N ALA ZB 23 -39.39 -32.22 26.82
CA ALA ZB 23 -40.76 -31.96 27.25
C ALA ZB 23 -40.88 -32.00 28.77
N GLU ZB 24 -40.18 -32.93 29.40
CA GLU ZB 24 -40.19 -33.02 30.86
C GLU ZB 24 -39.50 -31.82 31.48
N ILE ZB 25 -38.40 -31.36 30.88
CA ILE ZB 25 -37.67 -30.25 31.49
C ILE ZB 25 -38.36 -28.93 31.21
N LEU ZB 26 -39.22 -28.85 30.18
CA LEU ZB 26 -40.07 -27.68 30.03
C LEU ZB 26 -41.30 -27.77 30.90
N LYS ZB 27 -41.72 -28.99 31.26
CA LYS ZB 27 -42.77 -29.14 32.25
C LYS ZB 27 -42.27 -28.70 33.63
N ALA ZB 28 -41.00 -28.95 33.92
CA ALA ZB 28 -40.43 -28.54 35.19
C ALA ZB 28 -40.28 -27.03 35.30
N GLN ZB 29 -40.09 -26.34 34.18
CA GLN ZB 29 -39.96 -24.88 34.18
C GLN ZB 29 -41.32 -24.22 34.38
N GLN AC 1 17.09 40.89 -5.69
CA GLN AC 1 18.32 41.15 -6.42
C GLN AC 1 19.50 40.48 -5.76
N ALA AC 2 19.30 40.01 -4.53
CA ALA AC 2 20.40 39.44 -3.74
C ALA AC 2 20.87 38.13 -4.34
N LYS AC 3 19.97 37.39 -4.99
CA LYS AC 3 20.37 36.13 -5.60
C LYS AC 3 21.24 36.36 -6.83
N ILE AC 4 21.04 37.49 -7.51
CA ILE AC 4 21.88 37.83 -8.66
C ILE AC 4 23.31 38.08 -8.22
N LEU AC 5 23.49 38.86 -7.16
CA LEU AC 5 24.83 39.16 -6.66
C LEU AC 5 25.46 37.93 -6.04
N GLU AC 6 24.63 37.08 -5.42
CA GLU AC 6 25.12 35.81 -4.90
C GLU AC 6 25.63 34.91 -6.03
N ALA AC 7 24.94 34.92 -7.16
CA ALA AC 7 25.39 34.14 -8.31
C ALA AC 7 26.65 34.73 -8.91
N ASP AC 8 26.79 36.05 -8.88
CA ASP AC 8 28.03 36.69 -9.29
C ASP AC 8 29.20 36.23 -8.43
N ALA AC 9 28.98 36.18 -7.11
CA ALA AC 9 29.99 35.68 -6.19
C ALA AC 9 30.29 34.21 -6.46
N GLU AC 10 29.29 33.45 -6.87
CA GLU AC 10 29.52 32.05 -7.21
C GLU AC 10 30.37 31.91 -8.48
N ILE AC 11 30.16 32.82 -9.43
CA ILE AC 11 30.98 32.83 -10.65
C ILE AC 11 32.44 33.09 -10.30
N LEU AC 12 32.68 34.12 -9.48
CA LEU AC 12 34.07 34.46 -9.15
C LEU AC 12 34.70 33.40 -8.24
N LYS AC 13 33.90 32.75 -7.40
CA LYS AC 13 34.40 31.64 -6.59
C LYS AC 13 34.77 30.46 -7.46
N ALA AC 14 34.00 30.23 -8.53
CA ALA AC 14 34.34 29.17 -9.48
C ALA AC 14 35.65 29.48 -10.18
N TYR AC 15 35.87 30.75 -10.52
CA TYR AC 15 37.14 31.13 -11.13
C TYR AC 15 38.30 30.95 -10.15
N ALA AC 16 38.04 31.20 -8.86
CA ALA AC 16 39.05 30.96 -7.85
C ALA AC 16 39.37 29.47 -7.73
N LYS AC 17 38.36 28.62 -7.88
CA LYS AC 17 38.60 27.18 -7.84
C LYS AC 17 39.38 26.72 -9.06
N ILE AC 18 39.16 27.39 -10.20
CA ILE AC 18 39.94 27.11 -11.40
C ILE AC 18 41.41 27.42 -11.15
N LEU AC 19 41.68 28.59 -10.58
CA LEU AC 19 43.07 28.99 -10.37
C LEU AC 19 43.73 28.12 -9.29
N GLU AC 20 42.96 27.68 -8.30
CA GLU AC 20 43.50 26.77 -7.30
C GLU AC 20 43.83 25.42 -7.91
N ALA AC 21 42.99 24.94 -8.83
CA ALA AC 21 43.29 23.69 -9.52
C ALA AC 21 44.52 23.83 -10.39
N HIS AC 22 44.69 24.99 -11.02
CA HIS AC 22 45.88 25.23 -11.83
C HIS AC 22 47.13 25.26 -10.96
N ALA AC 23 47.00 25.82 -9.76
CA ALA AC 23 48.08 25.80 -8.79
C ALA AC 23 48.40 24.36 -8.37
N GLU AC 24 47.37 23.53 -8.25
CA GLU AC 24 47.60 22.14 -7.87
C GLU AC 24 48.31 21.38 -8.97
N ILE AC 25 47.97 21.70 -10.23
CA ILE AC 25 48.68 21.14 -11.39
C ILE AC 25 50.15 21.52 -11.34
N LEU AC 26 50.41 22.83 -11.16
CA LEU AC 26 51.78 23.31 -11.26
C LEU AC 26 52.61 22.88 -10.06
N LYS AC 27 51.97 22.69 -8.91
CA LYS AC 27 52.67 22.21 -7.74
C LYS AC 27 52.96 20.72 -7.83
N ALA AC 28 52.08 19.97 -8.48
CA ALA AC 28 52.18 18.52 -8.42
C ALA AC 28 53.29 17.97 -9.29
N GLN AC 29 53.87 18.77 -10.16
CA GLN AC 29 54.88 18.28 -11.11
C GLN AC 29 56.17 17.82 -10.46
N GLN BC 1 24.66 46.40 -13.74
CA GLN BC 1 25.39 45.17 -13.43
C GLN BC 1 25.95 44.54 -14.67
N ALA BC 2 25.64 45.13 -15.83
CA ALA BC 2 26.17 44.60 -17.09
C ALA BC 2 27.66 44.82 -17.21
N LYS BC 3 28.19 45.85 -16.55
CA LYS BC 3 29.63 46.08 -16.51
C LYS BC 3 30.34 44.95 -15.77
N ILE BC 4 29.69 44.39 -14.75
CA ILE BC 4 30.25 43.27 -14.01
C ILE BC 4 30.40 42.06 -14.92
N LEU BC 5 29.36 41.75 -15.70
CA LEU BC 5 29.40 40.59 -16.58
C LEU BC 5 30.38 40.82 -17.72
N GLU BC 6 30.50 42.07 -18.20
CA GLU BC 6 31.46 42.37 -19.24
C GLU BC 6 32.88 42.23 -18.71
N ALA BC 7 33.10 42.60 -17.45
CA ALA BC 7 34.41 42.41 -16.85
C ALA BC 7 34.71 40.93 -16.63
N ASP BC 8 33.67 40.14 -16.35
CA ASP BC 8 33.84 38.69 -16.26
C ASP BC 8 34.25 38.10 -17.60
N ALA BC 9 33.64 38.61 -18.68
CA ALA BC 9 34.02 38.19 -20.02
C ALA BC 9 35.46 38.57 -20.34
N GLU BC 10 35.89 39.75 -19.91
CA GLU BC 10 37.27 40.18 -20.13
C GLU BC 10 38.24 39.32 -19.34
N ILE BC 11 37.86 38.95 -18.11
CA ILE BC 11 38.69 38.09 -17.27
C ILE BC 11 38.86 36.71 -17.92
N LEU BC 12 37.75 36.15 -18.39
CA LEU BC 12 37.82 34.82 -18.99
C LEU BC 12 38.53 34.84 -20.33
N LYS BC 13 38.42 35.95 -21.07
CA LYS BC 13 39.19 36.09 -22.31
C LYS BC 13 40.68 36.19 -22.02
N ALA BC 14 41.04 36.88 -20.93
CA ALA BC 14 42.44 36.97 -20.55
C ALA BC 14 42.98 35.61 -20.12
N TYR BC 15 42.16 34.83 -19.41
CA TYR BC 15 42.56 33.48 -19.04
C TYR BC 15 42.71 32.60 -20.28
N ALA BC 16 41.86 32.82 -21.28
CA ALA BC 16 41.98 32.09 -22.53
C ALA BC 16 43.26 32.46 -23.27
N LYS BC 17 43.64 33.74 -23.22
CA LYS BC 17 44.88 34.16 -23.87
C LYS BC 17 46.10 33.60 -23.15
N ILE BC 18 46.04 33.51 -21.82
CA ILE BC 18 47.13 32.93 -21.04
C ILE BC 18 47.26 31.44 -21.36
N LEU BC 19 46.12 30.76 -21.48
CA LEU BC 19 46.14 29.35 -21.82
C LEU BC 19 46.63 29.13 -23.25
N GLU BC 20 46.32 30.06 -24.14
CA GLU BC 20 46.82 29.96 -25.52
C GLU BC 20 48.32 30.17 -25.57
N ALA BC 21 48.85 31.10 -24.78
CA ALA BC 21 50.28 31.31 -24.72
C ALA BC 21 50.99 30.10 -24.10
N HIS BC 22 50.35 29.49 -23.11
CA HIS BC 22 50.86 28.24 -22.54
C HIS BC 22 50.85 27.12 -23.58
N ALA BC 23 49.82 27.10 -24.43
CA ALA BC 23 49.75 26.11 -25.50
C ALA BC 23 50.85 26.32 -26.53
N GLU BC 24 51.14 27.58 -26.86
CA GLU BC 24 52.22 27.87 -27.81
C GLU BC 24 53.58 27.53 -27.22
N ILE BC 25 53.78 27.80 -25.94
CA ILE BC 25 55.09 27.55 -25.35
C ILE BC 25 55.28 26.06 -25.07
N LEU BC 26 54.20 25.29 -24.96
CA LEU BC 26 54.35 23.83 -24.92
C LEU BC 26 54.44 23.24 -26.31
N LYS BC 27 53.92 23.95 -27.32
CA LYS BC 27 54.16 23.54 -28.70
C LYS BC 27 55.62 23.74 -29.09
N ALA BC 28 56.24 24.79 -28.57
CA ALA BC 28 57.65 25.06 -28.87
C ALA BC 28 58.57 24.04 -28.20
N GLN BC 29 58.19 23.51 -27.04
CA GLN BC 29 58.98 22.51 -26.36
C GLN BC 29 58.86 21.15 -27.04
N GLN CC 1 -61.47 4.55 -1.10
CA GLN CC 1 -61.07 5.85 -1.62
C GLN CC 1 -59.65 5.82 -2.12
N ALA CC 2 -58.98 4.69 -1.92
CA ALA CC 2 -57.54 4.60 -2.17
C ALA CC 2 -57.21 4.72 -3.65
N LYS CC 3 -58.15 4.29 -4.51
CA LYS CC 3 -57.90 4.35 -5.95
C LYS CC 3 -57.91 5.78 -6.45
N ILE CC 4 -58.62 6.67 -5.76
CA ILE CC 4 -58.65 8.07 -6.16
C ILE CC 4 -57.30 8.73 -5.94
N LEU CC 5 -56.73 8.55 -4.75
CA LEU CC 5 -55.42 9.10 -4.46
C LEU CC 5 -54.34 8.41 -5.27
N GLU CC 6 -54.53 7.12 -5.55
CA GLU CC 6 -53.65 6.41 -6.45
C GLU CC 6 -53.65 7.00 -7.85
N ALA CC 7 -54.84 7.40 -8.32
CA ALA CC 7 -54.94 8.02 -9.64
C ALA CC 7 -54.32 9.42 -9.63
N ASP CC 8 -54.43 10.13 -8.50
CA ASP CC 8 -53.74 11.40 -8.34
C ASP CC 8 -52.23 11.22 -8.46
N ALA CC 9 -51.71 10.19 -7.79
CA ALA CC 9 -50.29 9.88 -7.89
C ALA CC 9 -49.89 9.49 -9.31
N GLU CC 10 -50.79 8.82 -10.03
CA GLU CC 10 -50.51 8.47 -11.42
C GLU CC 10 -50.48 9.71 -12.30
N ILE CC 11 -51.34 10.69 -12.01
CA ILE CC 11 -51.33 11.96 -12.73
C ILE CC 11 -49.99 12.67 -12.55
N LEU CC 12 -49.55 12.76 -11.29
CA LEU CC 12 -48.30 13.48 -11.04
C LEU CC 12 -47.10 12.70 -11.55
N LYS CC 13 -47.17 11.37 -11.55
CA LYS CC 13 -46.10 10.56 -12.13
C LYS CC 13 -46.04 10.75 -13.64
N ALA CC 14 -47.19 10.89 -14.29
CA ALA CC 14 -47.21 11.16 -15.71
C ALA CC 14 -46.61 12.52 -16.01
N TYR CC 15 -46.90 13.51 -15.17
CA TYR CC 15 -46.29 14.83 -15.32
C TYR CC 15 -44.78 14.76 -15.14
N ALA CC 16 -44.33 13.90 -14.21
CA ALA CC 16 -42.90 13.71 -14.00
C ALA CC 16 -42.25 13.05 -15.21
N LYS CC 17 -42.96 12.15 -15.86
CA LYS CC 17 -42.41 11.50 -17.05
C LYS CC 17 -42.34 12.48 -18.21
N ILE CC 18 -43.31 13.40 -18.29
CA ILE CC 18 -43.26 14.50 -19.25
C ILE CC 18 -42.01 15.33 -19.02
N LEU CC 19 -41.75 15.65 -17.76
CA LEU CC 19 -40.64 16.54 -17.44
C LEU CC 19 -39.31 15.86 -17.68
N GLU CC 20 -39.23 14.56 -17.39
CA GLU CC 20 -38.03 13.78 -17.69
C GLU CC 20 -37.80 13.69 -19.19
N ALA CC 21 -38.87 13.55 -19.98
CA ALA CC 21 -38.72 13.51 -21.42
C ALA CC 21 -38.23 14.84 -21.97
N HIS CC 22 -38.73 15.93 -21.41
CA HIS CC 22 -38.28 17.26 -21.85
C HIS CC 22 -36.82 17.47 -21.50
N ALA CC 23 -36.41 16.97 -20.33
CA ALA CC 23 -35.00 16.97 -19.97
C ALA CC 23 -34.18 16.11 -20.92
N GLU CC 24 -34.77 15.02 -21.41
CA GLU CC 24 -34.05 14.13 -22.31
C GLU CC 24 -33.84 14.79 -23.67
N ILE CC 25 -34.83 15.56 -24.12
CA ILE CC 25 -34.68 16.37 -25.34
C ILE CC 25 -33.57 17.40 -25.16
N LEU CC 26 -33.62 18.13 -24.05
CA LEU CC 26 -32.67 19.22 -23.85
C LEU CC 26 -31.26 18.69 -23.62
N LYS CC 27 -31.15 17.48 -23.08
CA LYS CC 27 -29.85 16.83 -22.95
C LYS CC 27 -29.34 16.38 -24.31
N ALA CC 28 -30.24 15.90 -25.17
CA ALA CC 28 -29.82 15.34 -26.45
C ALA CC 28 -29.35 16.41 -27.42
N GLN CC 29 -29.75 17.66 -27.22
CA GLN CC 29 -29.45 18.73 -28.15
C GLN CC 29 -27.97 19.07 -28.24
N GLN DC 1 -61.16 17.27 -2.21
CA GLN DC 1 -60.02 16.98 -3.08
C GLN DC 1 -60.02 17.88 -4.30
N ALA DC 2 -60.99 18.80 -4.35
CA ALA DC 2 -61.08 19.70 -5.50
C ALA DC 2 -59.93 20.68 -5.54
N LYS DC 3 -59.35 20.99 -4.37
CA LYS DC 3 -58.16 21.83 -4.32
C LYS DC 3 -56.97 21.14 -4.99
N ILE DC 4 -56.90 19.82 -4.87
CA ILE DC 4 -55.82 19.06 -5.48
C ILE DC 4 -55.90 19.13 -7.00
N LEU DC 5 -57.10 18.92 -7.54
CA LEU DC 5 -57.28 18.97 -8.99
C LEU DC 5 -57.13 20.39 -9.52
N GLU DC 6 -57.52 21.38 -8.72
CA GLU DC 6 -57.34 22.77 -9.13
C GLU DC 6 -55.86 23.13 -9.15
N ALA DC 7 -55.09 22.59 -8.20
CA ALA DC 7 -53.65 22.79 -8.22
C ALA DC 7 -53.00 22.09 -9.39
N ASP DC 8 -53.54 20.92 -9.77
CA ASP DC 8 -53.07 20.25 -10.98
C ASP DC 8 -53.33 21.09 -12.22
N ALA DC 9 -54.50 21.73 -12.27
CA ALA DC 9 -54.83 22.61 -13.38
C ALA DC 9 -53.91 23.82 -13.41
N GLU DC 10 -53.55 24.35 -12.24
CA GLU DC 10 -52.62 25.48 -12.18
C GLU DC 10 -51.23 25.06 -12.64
N ILE DC 11 -50.80 23.85 -12.27
CA ILE DC 11 -49.50 23.34 -12.69
C ILE DC 11 -49.44 23.17 -14.20
N LEU DC 12 -50.48 22.58 -14.78
CA LEU DC 12 -50.51 22.38 -16.22
C LEU DC 12 -50.64 23.69 -16.97
N LYS DC 13 -51.35 24.66 -16.39
CA LYS DC 13 -51.44 25.98 -17.01
C LYS DC 13 -50.09 26.69 -16.99
N ALA DC 14 -49.34 26.52 -15.90
CA ALA DC 14 -48.00 27.08 -15.83
C ALA DC 14 -47.08 26.42 -16.83
N TYR DC 15 -47.23 25.11 -17.03
CA TYR DC 15 -46.45 24.41 -18.03
C TYR DC 15 -46.80 24.90 -19.43
N ALA DC 16 -48.08 25.20 -19.65
CA ALA DC 16 -48.51 25.75 -20.94
C ALA DC 16 -47.92 27.14 -21.16
N LYS DC 17 -47.85 27.96 -20.12
CA LYS DC 17 -47.26 29.28 -20.26
C LYS DC 17 -45.76 29.21 -20.51
N ILE DC 18 -45.09 28.25 -19.87
CA ILE DC 18 -43.66 28.05 -20.10
C ILE DC 18 -43.41 27.60 -21.54
N LEU DC 19 -44.27 26.70 -22.04
CA LEU DC 19 -44.13 26.24 -23.41
C LEU DC 19 -44.45 27.34 -24.41
N GLU DC 20 -45.38 28.23 -24.05
CA GLU DC 20 -45.70 29.37 -24.91
C GLU DC 20 -44.53 30.35 -24.97
N ALA DC 21 -43.88 30.58 -23.83
CA ALA DC 21 -42.71 31.46 -23.82
C ALA DC 21 -41.55 30.84 -24.58
N HIS DC 22 -41.42 29.52 -24.50
CA HIS DC 22 -40.43 28.81 -25.30
C HIS DC 22 -40.75 28.92 -26.80
N ALA DC 23 -42.04 28.90 -27.13
CA ALA DC 23 -42.46 29.08 -28.51
C ALA DC 23 -42.13 30.48 -29.02
N GLU DC 24 -42.33 31.48 -28.17
CA GLU DC 24 -42.03 32.85 -28.55
C GLU DC 24 -40.53 33.08 -28.71
N ILE DC 25 -39.73 32.46 -27.83
CA ILE DC 25 -38.29 32.69 -27.91
C ILE DC 25 -37.69 31.87 -29.05
N LEU DC 26 -38.35 30.79 -29.48
CA LEU DC 26 -37.91 30.13 -30.71
C LEU DC 26 -38.44 30.83 -31.95
N LYS DC 27 -39.55 31.56 -31.82
CA LYS DC 27 -40.00 32.41 -32.92
C LYS DC 27 -39.06 33.58 -33.13
N ALA DC 28 -38.48 34.11 -32.04
CA ALA DC 28 -37.53 35.21 -32.16
C ALA DC 28 -36.22 34.76 -32.80
N GLN DC 29 -35.84 33.51 -32.60
CA GLN DC 29 -34.61 32.98 -33.19
C GLN DC 29 -34.79 32.71 -34.68
N GLN EC 1 11.33 2.18 45.00
CA GLN EC 1 11.51 3.30 45.91
C GLN EC 1 12.58 4.25 45.40
N ALA EC 2 13.47 3.72 44.57
CA ALA EC 2 14.62 4.51 44.11
C ALA EC 2 14.18 5.63 43.19
N LYS EC 3 13.08 5.44 42.46
CA LYS EC 3 12.60 6.48 41.57
C LYS EC 3 12.04 7.66 42.34
N ILE EC 4 11.52 7.41 43.55
CA ILE EC 4 11.03 8.49 44.41
C ILE EC 4 12.19 9.38 44.84
N LEU EC 5 13.29 8.77 45.27
CA LEU EC 5 14.46 9.53 45.70
C LEU EC 5 15.12 10.22 44.51
N GLU EC 6 15.07 9.57 43.34
CA GLU EC 6 15.57 10.20 42.12
C GLU EC 6 14.74 11.42 41.77
N ALA EC 7 13.42 11.36 42.00
CA ALA EC 7 12.58 12.52 41.75
C ALA EC 7 12.86 13.63 42.75
N ASP EC 8 13.18 13.27 43.99
CA ASP EC 8 13.62 14.26 44.97
C ASP EC 8 14.89 14.96 44.51
N ALA EC 9 15.84 14.18 43.99
CA ALA EC 9 17.07 14.75 43.47
C ALA EC 9 16.80 15.64 42.27
N GLU EC 10 15.81 15.29 41.45
CA GLU EC 10 15.45 16.14 40.32
C GLU EC 10 14.81 17.43 40.78
N ILE EC 11 14.03 17.38 41.86
CA ILE EC 11 13.45 18.60 42.44
C ILE EC 11 14.54 19.53 42.91
N LEU EC 12 15.52 19.00 43.65
CA LEU EC 12 16.56 19.87 44.18
C LEU EC 12 17.51 20.34 43.08
N LYS EC 13 17.70 19.53 42.03
CA LYS EC 13 18.49 19.97 40.89
C LYS EC 13 17.80 21.09 40.13
N ALA EC 14 16.47 21.01 40.02
CA ALA EC 14 15.72 22.11 39.41
C ALA EC 14 15.84 23.38 40.24
N TYR EC 15 15.83 23.23 41.56
CA TYR EC 15 16.03 24.38 42.44
C TYR EC 15 17.42 24.99 42.24
N ALA EC 16 18.42 24.13 42.07
CA ALA EC 16 19.77 24.61 41.81
C ALA EC 16 19.85 25.34 40.47
N LYS EC 17 19.09 24.87 39.48
CA LYS EC 17 19.07 25.56 38.19
C LYS EC 17 18.38 26.92 38.31
N ILE EC 18 17.39 27.01 39.20
CA ILE EC 18 16.75 28.31 39.48
C ILE EC 18 17.77 29.28 40.05
N LEU EC 19 18.55 28.83 41.04
CA LEU EC 19 19.51 29.74 41.66
C LEU EC 19 20.64 30.10 40.70
N GLU EC 20 21.04 29.17 39.83
CA GLU EC 20 22.04 29.50 38.82
C GLU EC 20 21.51 30.50 37.82
N ALA EC 21 20.23 30.39 37.46
CA ALA EC 21 19.64 31.37 36.55
C ALA EC 21 19.57 32.74 37.18
N HIS EC 22 19.20 32.80 38.46
CA HIS EC 22 19.12 34.09 39.16
C HIS EC 22 20.51 34.70 39.30
N ALA EC 23 21.51 33.84 39.51
CA ALA EC 23 22.91 34.27 39.51
C ALA EC 23 23.30 34.81 38.14
N GLU EC 24 22.79 34.21 37.08
CA GLU EC 24 23.17 34.65 35.75
C GLU EC 24 22.55 36.00 35.43
N ILE EC 25 21.35 36.26 35.96
CA ILE EC 25 20.77 37.61 35.89
C ILE EC 25 21.66 38.61 36.61
N LEU EC 26 22.03 38.28 37.85
CA LEU EC 26 22.79 39.22 38.66
C LEU EC 26 24.18 39.47 38.11
N LYS EC 27 24.73 38.47 37.42
CA LYS EC 27 26.00 38.65 36.72
C LYS EC 27 25.81 39.50 35.48
N ALA EC 28 24.66 39.36 34.83
CA ALA EC 28 24.47 40.02 33.53
C ALA EC 28 24.21 41.51 33.66
N GLN EC 29 23.87 41.99 34.86
CA GLN EC 29 23.44 43.38 35.04
C GLN EC 29 24.55 44.40 34.80
N GLN FC 1 8.97 10.11 54.56
CA GLN FC 1 9.58 10.97 53.55
C GLN FC 1 8.84 12.29 53.46
N ALA FC 2 7.76 12.43 54.24
CA ALA FC 2 6.98 13.66 54.22
C ALA FC 2 7.75 14.82 54.83
N LYS FC 3 8.73 14.52 55.69
CA LYS FC 3 9.61 15.55 56.23
C LYS FC 3 10.43 16.19 55.12
N ILE FC 4 10.83 15.40 54.12
CA ILE FC 4 11.60 15.92 52.99
C ILE FC 4 10.77 16.89 52.18
N LEU FC 5 9.52 16.52 51.88
CA LEU FC 5 8.66 17.38 51.09
C LEU FC 5 8.26 18.62 51.87
N GLU FC 6 8.09 18.49 53.19
CA GLU FC 6 7.76 19.64 54.01
C GLU FC 6 8.95 20.60 54.08
N ALA FC 7 10.16 20.06 54.09
CA ALA FC 7 11.35 20.91 54.04
C ALA FC 7 11.47 21.58 52.68
N ASP FC 8 11.06 20.89 51.61
CA ASP FC 8 11.01 21.52 50.29
C ASP FC 8 10.02 22.67 50.26
N ALA FC 9 8.88 22.49 50.93
CA ALA FC 9 7.89 23.55 51.03
C ALA FC 9 8.43 24.74 51.81
N GLU FC 10 9.17 24.48 52.89
CA GLU FC 10 9.79 25.56 53.66
C GLU FC 10 10.84 26.29 52.84
N ILE FC 11 11.61 25.54 52.05
CA ILE FC 11 12.63 26.13 51.19
C ILE FC 11 11.99 27.04 50.15
N LEU FC 12 10.93 26.56 49.51
CA LEU FC 12 10.29 27.34 48.45
C LEU FC 12 9.56 28.53 49.03
N LYS FC 13 9.02 28.41 50.24
CA LYS FC 13 8.40 29.56 50.91
C LYS FC 13 9.44 30.60 51.27
N ALA FC 14 10.63 30.15 51.68
CA ALA FC 14 11.70 31.09 51.98
C ALA FC 14 12.17 31.81 50.72
N TYR FC 15 12.24 31.09 49.59
CA TYR FC 15 12.57 31.71 48.33
C TYR FC 15 11.52 32.71 47.91
N ALA FC 16 10.25 32.41 48.19
CA ALA FC 16 9.17 33.34 47.90
C ALA FC 16 9.28 34.58 48.76
N LYS FC 17 9.70 34.42 50.02
CA LYS FC 17 9.87 35.58 50.89
C LYS FC 17 11.04 36.46 50.43
N ILE FC 18 12.10 35.83 49.94
CA ILE FC 18 13.24 36.57 49.41
C ILE FC 18 12.82 37.36 48.17
N LEU FC 19 12.01 36.71 47.32
CA LEU FC 19 11.53 37.39 46.12
C LEU FC 19 10.55 38.51 46.45
N GLU FC 20 9.78 38.34 47.53
CA GLU FC 20 8.87 39.40 47.95
C GLU FC 20 9.62 40.59 48.50
N ALA FC 21 10.70 40.34 49.26
CA ALA FC 21 11.52 41.43 49.75
C ALA FC 21 12.24 42.14 48.60
N HIS FC 22 12.65 41.38 47.59
CA HIS FC 22 13.25 41.97 46.40
C HIS FC 22 12.23 42.81 45.64
N ALA FC 23 10.98 42.35 45.62
CA ALA FC 23 9.90 43.12 44.97
C ALA FC 23 9.64 44.41 45.72
N GLU FC 24 9.66 44.36 47.05
CA GLU FC 24 9.45 45.55 47.86
C GLU FC 24 10.59 46.56 47.67
N ILE FC 25 11.82 46.07 47.61
CA ILE FC 25 12.95 46.99 47.52
C ILE FC 25 13.08 47.53 46.10
N LEU FC 26 12.56 46.82 45.09
CA LEU FC 26 12.48 47.42 43.76
C LEU FC 26 11.29 48.36 43.65
N LYS FC 27 10.25 48.15 44.46
CA LYS FC 27 9.17 49.11 44.54
C LYS FC 27 9.65 50.42 45.18
N ALA FC 28 10.55 50.32 46.16
CA ALA FC 28 11.05 51.51 46.82
C ALA FC 28 11.99 52.31 45.92
N GLN FC 29 12.70 51.64 45.03
CA GLN FC 29 13.62 52.32 44.11
C GLN FC 29 12.86 53.03 43.00
N GLN GC 1 -30.05 -12.99 -53.82
CA GLN GC 1 -28.96 -13.95 -53.98
C GLN GC 1 -28.31 -14.26 -52.65
N ALA GC 2 -28.71 -13.52 -51.61
CA ALA GC 2 -27.99 -13.55 -50.35
C ALA GC 2 -28.13 -14.89 -49.63
N LYS GC 3 -29.21 -15.62 -49.94
CA LYS GC 3 -29.40 -16.93 -49.32
C LYS GC 3 -28.37 -17.93 -49.79
N ILE GC 4 -27.86 -17.76 -51.01
CA ILE GC 4 -26.83 -18.65 -51.54
C ILE GC 4 -25.53 -18.48 -50.74
N LEU GC 5 -25.11 -17.23 -50.54
CA LEU GC 5 -23.89 -16.98 -49.80
C LEU GC 5 -24.06 -17.32 -48.34
N GLU GC 6 -25.27 -17.14 -47.81
CA GLU GC 6 -25.59 -17.60 -46.46
C GLU GC 6 -25.45 -19.11 -46.35
N ALA GC 7 -25.85 -19.83 -47.39
CA ALA GC 7 -25.70 -21.29 -47.38
C ALA GC 7 -24.24 -21.70 -47.47
N ASP GC 8 -23.44 -20.94 -48.22
CA ASP GC 8 -21.99 -21.20 -48.26
C ASP GC 8 -21.36 -21.00 -46.89
N ALA GC 9 -21.80 -19.95 -46.19
CA ALA GC 9 -21.34 -19.71 -44.83
C ALA GC 9 -21.79 -20.83 -43.90
N GLU GC 10 -22.96 -21.40 -44.14
CA GLU GC 10 -23.42 -22.53 -43.32
C GLU GC 10 -22.58 -23.77 -43.59
N ILE GC 11 -22.16 -23.95 -44.84
CA ILE GC 11 -21.26 -25.06 -45.19
C ILE GC 11 -19.94 -24.92 -44.44
N LEU GC 12 -19.38 -23.72 -44.45
CA LEU GC 12 -18.10 -23.50 -43.79
C LEU GC 12 -18.23 -23.59 -42.28
N LYS GC 13 -19.38 -23.17 -41.73
CA LYS GC 13 -19.62 -23.32 -40.31
C LYS GC 13 -19.75 -24.78 -39.91
N ALA GC 14 -20.36 -25.58 -40.80
CA ALA GC 14 -20.43 -27.02 -40.56
C ALA GC 14 -19.05 -27.65 -40.57
N TYR GC 15 -18.18 -27.20 -41.48
CA TYR GC 15 -16.81 -27.70 -41.51
C TYR GC 15 -16.04 -27.30 -40.26
N ALA GC 16 -16.33 -26.09 -39.76
CA ALA GC 16 -15.73 -25.65 -38.51
C ALA GC 16 -16.20 -26.50 -37.35
N LYS GC 17 -17.46 -26.91 -37.35
CA LYS GC 17 -17.96 -27.76 -36.28
C LYS GC 17 -17.36 -29.15 -36.37
N ILE GC 18 -17.06 -29.61 -37.60
CA ILE GC 18 -16.35 -30.88 -37.78
C ILE GC 18 -14.97 -30.80 -37.13
N LEU GC 19 -14.24 -29.72 -37.42
CA LEU GC 19 -12.89 -29.59 -36.88
C LEU GC 19 -12.92 -29.39 -35.36
N GLU GC 20 -13.96 -28.73 -34.86
CA GLU GC 20 -14.11 -28.58 -33.41
C GLU GC 20 -14.40 -29.91 -32.75
N ALA GC 21 -15.20 -30.76 -33.39
CA ALA GC 21 -15.46 -32.09 -32.84
C ALA GC 21 -14.20 -32.94 -32.86
N HIS GC 22 -13.39 -32.80 -33.91
CA HIS GC 22 -12.12 -33.53 -33.97
C HIS GC 22 -11.19 -33.05 -32.87
N ALA GC 23 -11.20 -31.74 -32.60
CA ALA GC 23 -10.46 -31.20 -31.48
C ALA GC 23 -10.98 -31.73 -30.16
N GLU GC 24 -12.29 -31.96 -30.08
CA GLU GC 24 -12.87 -32.46 -28.83
C GLU GC 24 -12.45 -33.90 -28.58
N ILE GC 25 -12.34 -34.70 -29.65
CA ILE GC 25 -11.77 -36.05 -29.54
C ILE GC 25 -10.33 -35.97 -29.05
N LEU GC 26 -9.54 -35.15 -29.73
CA LEU GC 26 -8.09 -35.15 -29.47
C LEU GC 26 -7.77 -34.55 -28.12
N LYS GC 27 -8.65 -33.68 -27.61
CA LYS GC 27 -8.52 -33.19 -26.25
C LYS GC 27 -8.96 -34.25 -25.26
N ALA GC 28 -9.99 -35.02 -25.60
CA ALA GC 28 -10.54 -35.97 -24.64
C ALA GC 28 -9.65 -37.18 -24.47
N GLN GC 29 -8.77 -37.46 -25.43
CA GLN GC 29 -7.94 -38.66 -25.37
C GLN GC 29 -6.91 -38.59 -24.27
N GLN HC 1 -19.79 -18.60 -59.21
CA GLN HC 1 -19.64 -19.07 -57.84
C GLN HC 1 -19.19 -20.51 -57.81
N ALA HC 2 -18.98 -21.09 -59.00
CA ALA HC 2 -18.57 -22.49 -59.08
C ALA HC 2 -17.16 -22.69 -58.56
N LYS HC 3 -16.34 -21.63 -58.57
CA LYS HC 3 -15.01 -21.71 -57.98
C LYS HC 3 -15.08 -21.94 -56.48
N ILE HC 4 -16.09 -21.35 -55.83
CA ILE HC 4 -16.29 -21.53 -54.40
C ILE HC 4 -16.61 -22.98 -54.08
N LEU HC 5 -17.53 -23.57 -54.84
CA LEU HC 5 -17.94 -24.94 -54.59
C LEU HC 5 -16.81 -25.91 -54.93
N GLU HC 6 -16.04 -25.59 -55.97
CA GLU HC 6 -14.90 -26.44 -56.33
C GLU HC 6 -13.82 -26.36 -55.26
N ALA HC 7 -13.64 -25.19 -54.66
CA ALA HC 7 -12.70 -25.07 -53.55
C ALA HC 7 -13.20 -25.80 -52.32
N ASP HC 8 -14.52 -25.82 -52.11
CA ASP HC 8 -15.09 -26.62 -51.03
C ASP HC 8 -14.84 -28.11 -51.26
N ALA HC 9 -14.94 -28.54 -52.51
CA ALA HC 9 -14.63 -29.93 -52.85
C ALA HC 9 -13.17 -30.25 -52.62
N GLU HC 10 -12.29 -29.30 -52.93
CA GLU HC 10 -10.86 -29.49 -52.66
C GLU HC 10 -10.57 -29.57 -51.17
N ILE HC 11 -11.26 -28.75 -50.38
CA ILE HC 11 -11.12 -28.76 -48.93
C ILE HC 11 -11.56 -30.11 -48.37
N LEU HC 12 -12.70 -30.60 -48.82
CA LEU HC 12 -13.22 -31.85 -48.29
C LEU HC 12 -12.40 -33.04 -48.77
N LYS HC 13 -11.83 -32.95 -49.98
CA LYS HC 13 -10.93 -33.99 -50.45
C LYS HC 13 -9.64 -34.00 -49.65
N ALA HC 14 -9.15 -32.82 -49.26
CA ALA HC 14 -7.96 -32.76 -48.43
C ALA HC 14 -8.24 -33.32 -47.03
N TYR HC 15 -9.44 -33.06 -46.51
CA TYR HC 15 -9.82 -33.66 -45.23
C TYR HC 15 -9.92 -35.17 -45.34
N ALA HC 16 -10.39 -35.66 -46.49
CA ALA HC 16 -10.44 -37.10 -46.72
C ALA HC 16 -9.04 -37.70 -46.79
N LYS HC 17 -8.10 -36.97 -47.39
CA LYS HC 17 -6.72 -37.44 -47.45
C LYS HC 17 -6.08 -37.48 -46.06
N ILE HC 18 -6.38 -36.47 -45.24
CA ILE HC 18 -5.88 -36.44 -43.87
C ILE HC 18 -6.45 -37.60 -43.07
N LEU HC 19 -7.74 -37.89 -43.27
CA LEU HC 19 -8.38 -38.99 -42.55
C LEU HC 19 -7.86 -40.33 -43.04
N GLU HC 20 -7.52 -40.45 -44.33
CA GLU HC 20 -6.95 -41.69 -44.84
C GLU HC 20 -5.56 -41.92 -44.30
N ALA HC 21 -4.76 -40.85 -44.18
CA ALA HC 21 -3.43 -40.98 -43.60
C ALA HC 21 -3.53 -41.33 -42.11
N HIS HC 22 -4.51 -40.76 -41.41
CA HIS HC 22 -4.74 -41.12 -40.02
C HIS HC 22 -5.20 -42.57 -39.91
N ALA HC 23 -5.97 -43.04 -40.89
CA ALA HC 23 -6.46 -44.41 -40.89
C ALA HC 23 -5.33 -45.40 -41.07
N GLU HC 24 -4.44 -45.14 -42.03
CA GLU HC 24 -3.34 -46.07 -42.26
C GLU HC 24 -2.30 -45.97 -41.14
N ILE HC 25 -2.20 -44.81 -40.48
CA ILE HC 25 -1.21 -44.71 -39.41
C ILE HC 25 -1.76 -45.32 -38.12
N LEU HC 26 -3.08 -45.43 -37.98
CA LEU HC 26 -3.63 -46.25 -36.90
C LEU HC 26 -3.64 -47.72 -37.26
N LYS HC 27 -3.66 -48.03 -38.55
CA LYS HC 27 -3.48 -49.42 -38.99
C LYS HC 27 -2.06 -49.90 -38.69
N ALA HC 28 -1.07 -49.02 -38.84
CA ALA HC 28 0.30 -49.38 -38.55
C ALA HC 28 0.55 -49.57 -37.06
N GLN HC 29 -0.23 -48.90 -36.22
CA GLN HC 29 -0.09 -49.03 -34.77
C GLN HC 29 -0.64 -50.36 -34.29
N GLN IC 1 45.50 -11.85 -7.28
CA GLN IC 1 46.49 -12.52 -6.45
C GLN IC 1 46.75 -11.77 -5.16
N ALA IC 2 46.43 -10.47 -5.17
CA ALA IC 2 46.75 -9.61 -4.04
C ALA IC 2 45.92 -9.96 -2.82
N LYS IC 3 44.71 -10.49 -3.03
CA LYS IC 3 43.86 -10.85 -1.91
C LYS IC 3 44.39 -12.08 -1.18
N ILE IC 4 45.12 -12.94 -1.90
CA ILE IC 4 45.74 -14.11 -1.26
C ILE IC 4 46.83 -13.67 -0.30
N LEU IC 5 47.68 -12.74 -0.75
CA LEU IC 5 48.75 -12.24 0.11
C LEU IC 5 48.19 -11.41 1.25
N GLU IC 6 47.08 -10.70 0.98
CA GLU IC 6 46.39 -9.97 2.04
C GLU IC 6 45.84 -10.92 3.09
N ALA IC 7 45.34 -12.07 2.67
CA ALA IC 7 44.84 -13.06 3.62
C ALA IC 7 45.98 -13.68 4.41
N ASP IC 8 47.15 -13.85 3.77
CA ASP IC 8 48.34 -14.29 4.49
C ASP IC 8 48.72 -13.29 5.58
N ALA IC 9 48.67 -12.00 5.23
CA ALA IC 9 48.97 -10.96 6.21
C ALA IC 9 47.94 -10.95 7.33
N GLU IC 10 46.69 -11.26 7.02
CA GLU IC 10 45.67 -11.33 8.05
C GLU IC 10 45.89 -12.52 8.98
N ILE IC 11 46.39 -13.63 8.43
CA ILE IC 11 46.75 -14.80 9.24
C ILE IC 11 47.85 -14.44 10.23
N LEU IC 12 48.91 -13.80 9.73
CA LEU IC 12 50.02 -13.48 10.61
C LEU IC 12 49.66 -12.38 11.61
N LYS IC 13 48.78 -11.46 11.22
CA LYS IC 13 48.30 -10.45 12.15
C LYS IC 13 47.45 -11.07 13.25
N ALA IC 14 46.67 -12.10 12.91
CA ALA IC 14 45.91 -12.82 13.92
C ALA IC 14 46.84 -13.54 14.87
N TYR IC 15 47.94 -14.09 14.35
CA TYR IC 15 48.93 -14.72 15.22
C TYR IC 15 49.56 -13.71 16.16
N ALA IC 16 49.83 -12.50 15.65
CA ALA IC 16 50.38 -11.45 16.50
C ALA IC 16 49.39 -11.03 17.57
N LYS IC 17 48.10 -11.06 17.26
CA LYS IC 17 47.10 -10.72 18.26
C LYS IC 17 47.00 -11.81 19.33
N ILE IC 18 47.24 -13.07 18.93
CA ILE IC 18 47.33 -14.15 19.91
C ILE IC 18 48.48 -13.91 20.87
N LEU IC 19 49.64 -13.53 20.33
CA LEU IC 19 50.80 -13.31 21.19
C LEU IC 19 50.61 -12.09 22.09
N GLU IC 20 49.93 -11.06 21.60
CA GLU IC 20 49.63 -9.90 22.45
C GLU IC 20 48.66 -10.28 23.55
N ALA IC 21 47.70 -11.15 23.26
CA ALA IC 21 46.79 -11.62 24.30
C ALA IC 21 47.54 -12.43 25.35
N HIS IC 22 48.51 -13.23 24.91
CA HIS IC 22 49.31 -14.01 25.86
C HIS IC 22 50.15 -13.08 26.73
N ALA IC 23 50.63 -11.98 26.13
CA ALA IC 23 51.32 -10.95 26.89
C ALA IC 23 50.40 -10.30 27.91
N GLU IC 24 49.13 -10.12 27.53
CA GLU IC 24 48.17 -9.52 28.44
C GLU IC 24 47.91 -10.41 29.65
N ILE IC 25 47.83 -11.73 29.41
CA ILE IC 25 47.68 -12.68 30.52
C ILE IC 25 48.90 -12.65 31.42
N LEU IC 26 50.09 -12.71 30.81
CA LEU IC 26 51.31 -12.84 31.60
C LEU IC 26 51.61 -11.56 32.37
N LYS IC 27 51.19 -10.42 31.83
CA LYS IC 27 51.35 -9.16 32.54
C LYS IC 27 50.31 -9.01 33.64
N ALA IC 28 49.12 -9.58 33.42
CA ALA IC 28 48.01 -9.30 34.32
C ALA IC 28 48.11 -10.05 35.64
N GLN IC 29 49.03 -11.00 35.75
CA GLN IC 29 49.12 -11.84 36.95
C GLN IC 29 49.59 -11.07 38.19
N GLN JC 1 53.26 -20.84 -3.47
CA GLN JC 1 52.98 -20.18 -2.20
C GLN JC 1 52.71 -21.19 -1.10
N ALA JC 2 52.81 -22.47 -1.45
CA ALA JC 2 52.52 -23.52 -0.49
C ALA JC 2 53.59 -23.60 0.60
N LYS JC 3 54.79 -23.09 0.31
CA LYS JC 3 55.83 -23.00 1.33
C LYS JC 3 55.42 -22.07 2.45
N ILE JC 4 54.71 -20.99 2.11
CA ILE JC 4 54.24 -20.03 3.11
C ILE JC 4 53.23 -20.70 4.03
N LEU JC 5 52.29 -21.45 3.48
CA LEU JC 5 51.27 -22.10 4.29
C LEU JC 5 51.87 -23.22 5.12
N GLU JC 6 52.87 -23.92 4.58
CA GLU JC 6 53.53 -24.97 5.34
C GLU JC 6 54.36 -24.38 6.47
N ALA JC 7 54.93 -23.20 6.25
CA ALA JC 7 55.63 -22.52 7.32
C ALA JC 7 54.68 -22.02 8.39
N ASP JC 8 53.46 -21.61 7.98
CA ASP JC 8 52.43 -21.27 8.94
C ASP JC 8 52.03 -22.47 9.79
N ALA JC 9 51.97 -23.65 9.15
CA ALA JC 9 51.67 -24.88 9.87
C ALA JC 9 52.78 -25.22 10.85
N GLU JC 10 54.03 -24.99 10.46
CA GLU JC 10 55.16 -25.24 11.36
C GLU JC 10 55.14 -24.27 12.54
N ILE JC 11 54.77 -23.02 12.29
CA ILE JC 11 54.67 -22.00 13.33
C ILE JC 11 53.59 -22.39 14.34
N LEU JC 12 52.43 -22.79 13.85
CA LEU JC 12 51.33 -23.13 14.74
C LEU JC 12 51.60 -24.43 15.48
N LYS JC 13 52.33 -25.36 14.85
CA LYS JC 13 52.73 -26.58 15.55
C LYS JC 13 53.73 -26.26 16.65
N ALA JC 14 54.62 -25.30 16.41
CA ALA JC 14 55.56 -24.88 17.45
C ALA JC 14 54.83 -24.21 18.60
N TYR JC 15 53.79 -23.43 18.30
CA TYR JC 15 52.98 -22.82 19.35
C TYR JC 15 52.24 -23.88 20.13
N ALA JC 16 51.80 -24.94 19.45
CA ALA JC 16 51.14 -26.05 20.13
C ALA JC 16 52.11 -26.77 21.06
N LYS JC 17 53.36 -26.94 20.63
CA LYS JC 17 54.35 -27.58 21.47
C LYS JC 17 54.70 -26.73 22.68
N ILE JC 18 54.75 -25.40 22.49
CA ILE JC 18 55.01 -24.48 23.60
C ILE JC 18 53.88 -24.55 24.61
N LEU JC 19 52.64 -24.58 24.12
CA LEU JC 19 51.50 -24.64 25.04
C LEU JC 19 51.41 -26.00 25.72
N GLU JC 20 51.86 -27.06 25.05
CA GLU JC 20 51.89 -28.38 25.67
C GLU JC 20 52.93 -28.44 26.78
N ALA JC 21 54.10 -27.86 26.55
CA ALA JC 21 55.13 -27.82 27.59
C ALA JC 21 54.69 -26.94 28.75
N HIS JC 22 53.96 -25.86 28.46
CA HIS JC 22 53.39 -25.02 29.50
C HIS JC 22 52.34 -25.80 30.29
N ALA JC 23 51.57 -26.64 29.61
CA ALA JC 23 50.59 -27.48 30.29
C ALA JC 23 51.26 -28.50 31.20
N GLU JC 24 52.37 -29.09 30.76
CA GLU JC 24 53.08 -30.05 31.58
C GLU JC 24 53.73 -29.38 32.78
N ILE JC 25 54.25 -28.16 32.60
CA ILE JC 25 54.92 -27.50 33.71
C ILE JC 25 53.89 -26.92 34.69
N LEU JC 26 52.65 -26.68 34.24
CA LEU JC 26 51.61 -26.36 35.21
C LEU JC 26 51.03 -27.60 35.85
N LYS JC 27 51.13 -28.75 35.17
CA LYS JC 27 50.75 -30.01 35.79
C LYS JC 27 51.71 -30.39 36.89
N ALA JC 28 53.01 -30.08 36.71
CA ALA JC 28 54.01 -30.40 37.72
C ALA JC 28 53.86 -29.51 38.95
N GLN JC 29 53.32 -28.31 38.80
CA GLN JC 29 53.13 -27.40 39.93
C GLN JC 29 51.95 -27.84 40.79
N GLN KC 1 -40.38 -51.21 -3.65
CA GLN KC 1 -40.42 -50.90 -2.23
C GLN KC 1 -39.97 -49.47 -1.98
N ALA KC 2 -39.41 -48.85 -3.01
CA ALA KC 2 -38.77 -47.55 -2.85
C ALA KC 2 -39.79 -46.45 -2.56
N LYS KC 3 -41.02 -46.65 -3.01
CA LYS KC 3 -42.06 -45.64 -2.79
C LYS KC 3 -42.46 -45.58 -1.33
N ILE KC 4 -42.32 -46.68 -0.61
CA ILE KC 4 -42.61 -46.70 0.82
C ILE KC 4 -41.61 -45.84 1.58
N LEU KC 5 -40.33 -46.01 1.29
CA LEU KC 5 -39.30 -45.22 1.96
C LEU KC 5 -39.35 -43.77 1.52
N GLU KC 6 -39.75 -43.53 0.27
CA GLU KC 6 -39.99 -42.17 -0.20
C GLU KC 6 -41.12 -41.51 0.58
N ALA KC 7 -42.18 -42.27 0.88
CA ALA KC 7 -43.27 -41.74 1.68
C ALA KC 7 -42.83 -41.48 3.11
N ASP KC 8 -41.94 -42.32 3.64
CA ASP KC 8 -41.37 -42.07 4.96
C ASP KC 8 -40.58 -40.76 4.97
N ALA KC 9 -39.80 -40.54 3.93
CA ALA KC 9 -39.06 -39.28 3.80
C ALA KC 9 -40.00 -38.10 3.68
N GLU KC 10 -41.13 -38.29 3.01
CA GLU KC 10 -42.13 -37.22 2.92
C GLU KC 10 -42.75 -36.92 4.27
N ILE KC 11 -42.96 -37.95 5.09
CA ILE KC 11 -43.48 -37.77 6.44
C ILE KC 11 -42.51 -36.93 7.29
N LEU KC 12 -41.22 -37.31 7.25
CA LEU KC 12 -40.27 -36.60 8.08
C LEU KC 12 -40.00 -35.19 7.54
N LYS KC 13 -40.11 -35.00 6.22
CA LYS KC 13 -40.00 -33.66 5.66
C LYS KC 13 -41.17 -32.79 6.08
N ALA KC 14 -42.36 -33.40 6.18
CA ALA KC 14 -43.52 -32.66 6.69
C ALA KC 14 -43.31 -32.25 8.14
N TYR KC 15 -42.71 -33.14 8.94
CA TYR KC 15 -42.40 -32.79 10.32
C TYR KC 15 -41.38 -31.66 10.39
N ALA KC 16 -40.42 -31.66 9.48
CA ALA KC 16 -39.45 -30.58 9.41
C ALA KC 16 -40.11 -29.26 9.02
N LYS KC 17 -41.12 -29.32 8.15
CA LYS KC 17 -41.83 -28.11 7.78
C LYS KC 17 -42.66 -27.59 8.94
N ILE KC 18 -43.17 -28.50 9.77
CA ILE KC 18 -43.86 -28.09 11.00
C ILE KC 18 -42.90 -27.34 11.91
N LEU KC 19 -41.69 -27.88 12.08
CA LEU KC 19 -40.73 -27.24 12.97
C LEU KC 19 -40.25 -25.90 12.42
N GLU KC 20 -40.12 -25.80 11.09
CA GLU KC 20 -39.77 -24.50 10.49
C GLU KC 20 -40.90 -23.49 10.64
N ALA KC 21 -42.15 -23.95 10.60
CA ALA KC 21 -43.27 -23.05 10.82
C ALA KC 21 -43.30 -22.55 12.26
N HIS KC 22 -42.98 -23.45 13.20
CA HIS KC 22 -42.90 -23.04 14.60
C HIS KC 22 -41.76 -22.05 14.80
N ALA KC 23 -40.67 -22.25 14.05
CA ALA KC 23 -39.56 -21.31 14.07
C ALA KC 23 -39.97 -19.96 13.51
N GLU KC 24 -40.83 -19.97 12.49
CA GLU KC 24 -41.26 -18.72 11.87
C GLU KC 24 -42.17 -17.96 12.81
N ILE KC 25 -43.01 -18.68 13.57
CA ILE KC 25 -43.81 -18.08 14.63
C ILE KC 25 -42.90 -17.43 15.67
N LEU KC 26 -41.92 -18.19 16.16
CA LEU KC 26 -41.12 -17.73 17.28
C LEU KC 26 -40.18 -16.60 16.88
N LYS KC 27 -39.78 -16.59 15.61
CA LYS KC 27 -38.99 -15.48 15.08
C LYS KC 27 -39.86 -14.25 14.90
N ALA KC 28 -41.12 -14.45 14.50
CA ALA KC 28 -41.98 -13.31 14.20
C ALA KC 28 -42.42 -12.58 15.45
N GLN KC 29 -42.45 -13.26 16.60
CA GLN KC 29 -42.92 -12.65 17.84
C GLN KC 29 -41.99 -11.57 18.34
N GLN LC 1 -40.05 -52.56 9.20
CA GLN LC 1 -40.34 -51.17 8.89
C GLN LC 1 -41.35 -50.59 9.88
N ALA LC 2 -42.00 -51.48 10.64
CA ALA LC 2 -43.00 -51.03 11.61
C ALA LC 2 -42.34 -50.29 12.77
N LYS LC 3 -41.07 -50.58 13.04
CA LYS LC 3 -40.32 -49.83 14.05
C LYS LC 3 -40.18 -48.37 13.67
N ILE LC 4 -40.04 -48.10 12.36
CA ILE LC 4 -39.94 -46.73 11.88
C ILE LC 4 -41.24 -45.97 12.13
N LEU LC 5 -42.37 -46.62 11.85
CA LEU LC 5 -43.65 -45.97 12.05
C LEU LC 5 -43.95 -45.78 13.53
N GLU LC 6 -43.51 -46.74 14.36
CA GLU LC 6 -43.69 -46.61 15.80
C GLU LC 6 -42.82 -45.48 16.34
N ALA LC 7 -41.63 -45.30 15.78
CA ALA LC 7 -40.78 -44.19 16.17
C ALA LC 7 -41.38 -42.86 15.73
N ASP LC 8 -42.05 -42.86 14.56
CA ASP LC 8 -42.77 -41.67 14.13
C ASP LC 8 -43.91 -41.33 15.09
N ALA LC 9 -44.59 -42.36 15.58
CA ALA LC 9 -45.64 -42.16 16.58
C ALA LC 9 -45.08 -41.61 17.88
N GLU LC 10 -43.91 -42.09 18.29
CA GLU LC 10 -43.26 -41.59 19.50
C GLU LC 10 -42.83 -40.14 19.33
N ILE LC 11 -42.33 -39.79 18.14
CA ILE LC 11 -41.92 -38.42 17.85
C ILE LC 11 -43.12 -37.48 17.90
N LEU LC 12 -44.22 -37.91 17.29
CA LEU LC 12 -45.40 -37.06 17.25
C LEU LC 12 -46.05 -36.95 18.63
N LYS LC 13 -45.96 -38.01 19.43
CA LYS LC 13 -46.46 -37.94 20.80
C LYS LC 13 -45.60 -37.00 21.65
N ALA LC 14 -44.29 -36.99 21.41
CA ALA LC 14 -43.42 -36.06 22.12
C ALA LC 14 -43.71 -34.62 21.71
N TYR LC 15 -44.01 -34.41 20.42
CA TYR LC 15 -44.40 -33.07 19.97
C TYR LC 15 -45.72 -32.65 20.59
N ALA LC 16 -46.64 -33.60 20.77
CA ALA LC 16 -47.90 -33.31 21.43
C ALA LC 16 -47.68 -32.96 22.89
N LYS LC 17 -46.73 -33.62 23.55
CA LYS LC 17 -46.43 -33.32 24.94
C LYS LC 17 -45.80 -31.94 25.08
N ILE LC 18 -44.92 -31.57 24.13
CA ILE LC 18 -44.31 -30.24 24.14
C ILE LC 18 -45.38 -29.17 23.93
N LEU LC 19 -46.32 -29.44 23.02
CA LEU LC 19 -47.38 -28.48 22.76
C LEU LC 19 -48.34 -28.38 23.94
N GLU LC 20 -48.55 -29.49 24.65
CA GLU LC 20 -49.40 -29.46 25.83
C GLU LC 20 -48.76 -28.67 26.96
N ALA LC 21 -47.45 -28.83 27.14
CA ALA LC 21 -46.74 -28.06 28.16
C ALA LC 21 -46.70 -26.58 27.80
N HIS LC 22 -46.59 -26.28 26.51
CA HIS LC 22 -46.66 -24.90 26.05
C HIS LC 22 -48.06 -24.32 26.29
N ALA LC 23 -49.09 -25.14 26.10
CA ALA LC 23 -50.46 -24.70 26.36
C ALA LC 23 -50.68 -24.44 27.84
N GLU LC 24 -50.12 -25.29 28.70
CA GLU LC 24 -50.25 -25.11 30.14
C GLU LC 24 -49.50 -23.86 30.60
N ILE LC 25 -48.31 -23.62 30.04
CA ILE LC 25 -47.52 -22.48 30.51
C ILE LC 25 -48.06 -21.18 29.93
N LEU LC 26 -48.81 -21.23 28.82
CA LEU LC 26 -49.54 -20.04 28.38
C LEU LC 26 -50.85 -19.87 29.13
N LYS LC 27 -51.41 -20.98 29.65
CA LYS LC 27 -52.56 -20.86 30.54
C LYS LC 27 -52.18 -20.20 31.86
N ALA LC 28 -50.98 -20.50 32.35
CA ALA LC 28 -50.52 -19.87 33.59
C ALA LC 28 -50.20 -18.39 33.39
N GLN LC 29 -49.80 -18.00 32.18
CA GLN LC 29 -49.50 -16.60 31.90
C GLN LC 29 -50.78 -15.78 31.78
N GLN MC 1 17.42 44.39 3.32
CA GLN MC 1 18.42 45.26 2.72
C GLN MC 1 19.81 44.82 3.11
N ALA MC 2 19.92 44.20 4.28
CA ALA MC 2 21.23 43.78 4.80
C ALA MC 2 21.79 42.63 3.98
N LYS MC 3 20.92 41.86 3.33
CA LYS MC 3 21.39 40.75 2.51
C LYS MC 3 22.10 41.25 1.26
N ILE MC 4 21.76 42.46 0.80
CA ILE MC 4 22.47 43.05 -0.34
C ILE MC 4 23.91 43.35 0.04
N LEU MC 5 24.12 43.93 1.22
CA LEU MC 5 25.46 44.22 1.68
C LEU MC 5 26.22 42.94 2.00
N GLU MC 6 25.50 41.92 2.48
CA GLU MC 6 26.11 40.60 2.68
C GLU MC 6 26.58 40.01 1.37
N ALA MC 7 25.81 40.19 0.30
CA ALA MC 7 26.21 39.69 -1.01
C ALA MC 7 27.39 40.50 -1.56
N ASP MC 8 27.44 41.79 -1.25
CA ASP MC 8 28.61 42.60 -1.60
C ASP MC 8 29.87 42.07 -0.92
N ALA MC 9 29.75 41.74 0.36
CA ALA MC 9 30.88 41.17 1.09
C ALA MC 9 31.26 39.80 0.54
N GLU MC 10 30.26 39.05 0.04
CA GLU MC 10 30.56 37.76 -0.57
C GLU MC 10 31.31 37.95 -1.90
N ILE MC 11 30.96 38.98 -2.66
CA ILE MC 11 31.67 39.29 -3.90
C ILE MC 11 33.12 39.63 -3.61
N LEU MC 12 33.35 40.49 -2.62
CA LEU MC 12 34.71 40.90 -2.33
C LEU MC 12 35.52 39.77 -1.71
N LYS MC 13 34.87 38.90 -0.93
CA LYS MC 13 35.55 37.72 -0.39
C LYS MC 13 35.92 36.75 -1.51
N ALA MC 14 35.06 36.65 -2.52
CA ALA MC 14 35.38 35.81 -3.67
C ALA MC 14 36.58 36.37 -4.43
N TYR MC 15 36.64 37.70 -4.55
CA TYR MC 15 37.80 38.31 -5.20
C TYR MC 15 39.07 38.08 -4.39
N ALA MC 16 38.95 38.10 -3.06
CA ALA MC 16 40.09 37.80 -2.20
C ALA MC 16 40.53 36.35 -2.37
N LYS MC 17 39.59 35.44 -2.58
CA LYS MC 17 39.95 34.04 -2.78
C LYS MC 17 40.63 33.85 -4.12
N ILE MC 18 40.21 34.61 -5.13
CA ILE MC 18 40.90 34.64 -6.42
C ILE MC 18 42.34 35.08 -6.23
N LEU MC 19 42.53 36.12 -5.42
CA LEU MC 19 43.86 36.69 -5.27
C LEU MC 19 44.77 35.76 -4.47
N GLU MC 20 44.21 35.06 -3.48
CA GLU MC 20 44.98 34.06 -2.75
C GLU MC 20 45.32 32.87 -3.64
N ALA MC 21 44.43 32.50 -4.56
CA ALA MC 21 44.73 31.42 -5.49
C ALA MC 21 45.87 31.83 -6.43
N HIS MC 22 45.87 33.09 -6.85
CA HIS MC 22 46.95 33.56 -7.71
C HIS MC 22 48.26 33.61 -6.94
N ALA MC 23 48.17 33.90 -5.64
CA ALA MC 23 49.34 33.80 -4.77
C ALA MC 23 49.83 32.37 -4.67
N GLU MC 24 48.90 31.42 -4.63
CA GLU MC 24 49.28 30.01 -4.57
C GLU MC 24 50.00 29.57 -5.84
N ILE MC 25 49.52 30.06 -7.00
CA ILE MC 25 50.19 29.78 -8.27
C ILE MC 25 51.59 30.34 -8.28
N LEU MC 26 51.73 31.61 -7.86
CA LEU MC 26 53.02 32.27 -7.96
C LEU MC 26 54.01 31.71 -6.93
N LYS MC 27 53.50 31.24 -5.80
CA LYS MC 27 54.36 30.65 -4.79
C LYS MC 27 54.81 29.25 -5.20
N ALA MC 28 53.93 28.51 -5.87
CA ALA MC 28 54.17 27.07 -6.03
C ALA MC 28 55.20 26.75 -7.11
N GLN MC 29 55.73 27.75 -7.80
CA GLN MC 29 56.62 27.48 -8.93
C GLN MC 29 57.98 26.92 -8.53
N GLN NC 1 23.70 52.44 -4.13
CA GLN NC 1 24.66 51.36 -3.97
C GLN NC 1 25.28 51.00 -5.30
N ALA NC 2 24.83 51.70 -6.36
CA ALA NC 2 25.34 51.42 -7.70
C ALA NC 2 26.79 51.85 -7.85
N LYS NC 3 27.24 52.79 -7.03
CA LYS NC 3 28.65 53.18 -7.01
C LYS NC 3 29.52 52.03 -6.57
N ILE NC 4 29.02 51.20 -5.64
CA ILE NC 4 29.77 50.05 -5.15
C ILE NC 4 29.95 49.02 -6.25
N LEU NC 5 28.88 48.74 -6.97
CA LEU NC 5 28.95 47.77 -8.06
C LEU NC 5 29.79 48.29 -9.21
N GLU NC 6 29.73 49.60 -9.46
CA GLU NC 6 30.56 50.20 -10.51
C GLU NC 6 32.03 50.14 -10.12
N ALA NC 7 32.33 50.31 -8.83
CA ALA NC 7 33.71 50.18 -8.36
C ALA NC 7 34.17 48.73 -8.44
N ASP NC 8 33.25 47.78 -8.21
CA ASP NC 8 33.57 46.38 -8.41
C ASP NC 8 33.90 46.10 -9.87
N ALA NC 9 33.16 46.72 -10.78
CA ALA NC 9 33.43 46.58 -12.21
C ALA NC 9 34.78 47.17 -12.57
N GLU NC 10 35.14 48.29 -11.95
CA GLU NC 10 36.43 48.91 -12.20
C GLU NC 10 37.57 48.03 -11.67
N ILE NC 11 37.35 47.41 -10.50
CA ILE NC 11 38.34 46.51 -9.91
C ILE NC 11 38.55 45.30 -10.82
N LEU NC 12 37.46 44.73 -11.31
CA LEU NC 12 37.57 43.53 -12.14
C LEU NC 12 38.16 43.86 -13.50
N LYS NC 13 37.87 45.06 -14.02
CA LYS NC 13 38.49 45.50 -15.26
C LYS NC 13 39.98 45.72 -15.09
N ALA NC 14 40.38 46.24 -13.93
CA ALA NC 14 41.80 46.41 -13.65
C ALA NC 14 42.51 45.06 -13.53
N TYR NC 15 41.84 44.08 -12.93
CA TYR NC 15 42.40 42.74 -12.86
C TYR NC 15 42.51 42.12 -14.24
N ALA NC 16 41.54 42.43 -15.12
CA ALA NC 16 41.60 41.95 -16.49
C ALA NC 16 42.77 42.59 -17.24
N LYS NC 17 43.04 43.87 -16.99
CA LYS NC 17 44.17 44.52 -17.63
C LYS NC 17 45.49 43.97 -17.12
N ILE NC 18 45.55 43.62 -15.82
CA ILE NC 18 46.75 43.02 -15.26
C ILE NC 18 47.00 41.66 -15.88
N LEU NC 19 45.93 40.87 -16.04
CA LEU NC 19 46.06 39.56 -16.65
C LEU NC 19 46.41 39.66 -18.14
N GLU NC 20 45.93 40.71 -18.81
CA GLU NC 20 46.28 40.90 -20.20
C GLU NC 20 47.74 41.28 -20.35
N ALA NC 21 48.26 42.13 -19.46
CA ALA NC 21 49.68 42.48 -19.51
C ALA NC 21 50.55 41.27 -19.15
N HIS NC 22 50.07 40.43 -18.24
CA HIS NC 22 50.76 39.18 -17.93
C HIS NC 22 50.75 38.25 -19.13
N ALA NC 23 49.66 38.24 -19.89
CA ALA NC 23 49.58 37.42 -21.09
C ALA NC 23 50.54 37.93 -22.16
N GLU NC 24 50.66 39.25 -22.28
CA GLU NC 24 51.59 39.81 -23.27
C GLU NC 24 53.03 39.54 -22.88
N ILE NC 25 53.34 39.63 -21.59
CA ILE NC 25 54.73 39.43 -21.18
C ILE NC 25 55.09 37.95 -21.18
N LEU NC 26 54.10 37.05 -21.09
CA LEU NC 26 54.39 35.63 -21.31
C LEU NC 26 54.41 35.29 -22.80
N LYS NC 27 53.74 36.08 -23.63
CA LYS NC 27 53.88 35.92 -25.07
C LYS NC 27 55.27 36.36 -25.53
N ALA NC 28 55.82 37.38 -24.88
CA ALA NC 28 57.16 37.82 -25.21
C ALA NC 28 58.22 36.82 -24.77
N GLN NC 29 57.95 36.07 -23.71
CA GLN NC 29 58.89 35.06 -23.22
C GLN NC 29 58.88 33.82 -24.10
N GLN OC 1 -65.30 7.22 -10.24
CA GLN OC 1 -64.69 8.44 -10.76
C GLN OC 1 -63.24 8.21 -11.16
N ALA OC 2 -62.68 7.10 -10.68
CA ALA OC 2 -61.24 6.88 -10.78
C ALA OC 2 -60.79 6.65 -12.21
N LYS OC 3 -61.69 6.15 -13.05
CA LYS OC 3 -61.33 5.86 -14.44
C LYS OC 3 -61.14 7.15 -15.22
N ILE OC 4 -61.81 8.23 -14.82
CA ILE OC 4 -61.63 9.52 -15.47
C ILE OC 4 -60.22 10.04 -15.23
N LEU OC 5 -59.75 9.97 -13.99
CA LEU OC 5 -58.41 10.43 -13.67
C LEU OC 5 -57.37 9.49 -14.25
N GLU OC 6 -57.69 8.20 -14.35
CA GLU OC 6 -56.82 7.25 -15.03
C GLU OC 6 -56.69 7.60 -16.51
N ALA OC 7 -57.79 8.03 -17.13
CA ALA OC 7 -57.73 8.45 -18.53
C ALA OC 7 -56.94 9.74 -18.69
N ASP OC 8 -57.04 10.64 -17.71
CA ASP OC 8 -56.20 11.84 -17.70
C ASP OC 8 -54.72 11.47 -17.65
N ALA OC 9 -54.38 10.51 -16.79
CA ALA OC 9 -53.01 10.03 -16.71
C ALA OC 9 -52.57 9.38 -18.02
N GLU OC 10 -53.48 8.70 -18.70
CA GLU OC 10 -53.16 8.10 -20.00
C GLU OC 10 -52.90 9.18 -21.04
N ILE OC 11 -53.65 10.28 -20.98
CA ILE OC 11 -53.45 11.41 -21.88
C ILE OC 11 -52.06 12.00 -21.69
N LEU OC 12 -51.70 12.26 -20.44
CA LEU OC 12 -50.41 12.91 -20.20
C LEU OC 12 -49.25 11.95 -20.44
N LYS OC 13 -49.47 10.65 -20.22
CA LYS OC 13 -48.45 9.66 -20.55
C LYS OC 13 -48.25 9.56 -22.06
N ALA OC 14 -49.34 9.69 -22.82
CA ALA OC 14 -49.22 9.73 -24.27
C ALA OC 14 -48.45 10.97 -24.72
N TYR OC 15 -48.67 12.09 -24.04
CA TYR OC 15 -47.91 13.30 -24.35
C TYR OC 15 -46.43 13.11 -24.06
N ALA OC 16 -46.12 12.40 -22.96
CA ALA OC 16 -44.73 12.10 -22.65
C ALA OC 16 -44.12 11.18 -23.70
N LYS OC 17 -44.91 10.27 -24.25
CA LYS OC 17 -44.40 9.41 -25.31
C LYS OC 17 -44.17 10.19 -26.59
N ILE OC 18 -44.97 11.24 -26.82
CA ILE OC 18 -44.74 12.14 -27.95
C ILE OC 18 -43.39 12.83 -27.80
N LEU OC 19 -43.12 13.37 -26.61
CA LEU OC 19 -41.88 14.10 -26.43
C LEU OC 19 -40.67 13.17 -26.44
N GLU OC 20 -40.84 11.92 -25.98
CA GLU OC 20 -39.76 10.95 -26.07
C GLU OC 20 -39.49 10.56 -27.52
N ALA OC 21 -40.54 10.46 -28.32
CA ALA OC 21 -40.35 10.17 -29.75
C ALA OC 21 -39.65 11.32 -30.43
N HIS OC 22 -39.99 12.55 -30.05
CA HIS OC 22 -39.33 13.71 -30.66
C HIS OC 22 -37.88 13.78 -30.21
N ALA OC 23 -37.60 13.31 -28.99
CA ALA OC 23 -36.23 13.16 -28.53
C ALA OC 23 -35.49 12.12 -29.35
N GLU OC 24 -36.18 11.05 -29.75
CA GLU OC 24 -35.55 10.04 -30.59
C GLU OC 24 -35.23 10.59 -31.97
N ILE OC 25 -36.12 11.45 -32.48
CA ILE OC 25 -35.86 12.19 -33.73
C ILE OC 25 -34.59 13.01 -33.59
N LEU OC 26 -34.52 13.82 -32.53
CA LEU OC 26 -33.43 14.79 -32.42
C LEU OC 26 -32.11 14.10 -32.10
N LYS OC 27 -32.16 12.98 -31.37
CA LYS OC 27 -30.96 12.22 -31.08
C LYS OC 27 -30.48 11.48 -32.32
N ALA OC 28 -31.41 11.07 -33.18
CA ALA OC 28 -31.02 10.32 -34.37
C ALA OC 28 -30.32 11.19 -35.39
N GLN OC 29 -30.60 12.50 -35.40
CA GLN OC 29 -30.02 13.37 -36.41
C GLN OC 29 -28.54 13.59 -36.20
N GLN PC 1 -63.55 19.64 -13.33
CA GLN PC 1 -62.45 18.93 -13.96
C GLN PC 1 -62.20 19.48 -15.36
N ALA PC 2 -63.06 20.43 -15.77
CA ALA PC 2 -62.93 21.01 -17.11
C ALA PC 2 -61.69 21.88 -17.22
N LYS PC 3 -61.18 22.38 -16.09
CA LYS PC 3 -59.93 23.14 -16.10
C LYS PC 3 -58.76 22.26 -16.52
N ILE PC 4 -58.79 20.98 -16.13
CA ILE PC 4 -57.74 20.05 -16.52
C ILE PC 4 -57.74 19.84 -18.02
N LEU PC 5 -58.92 19.67 -18.61
CA LEU PC 5 -59.03 19.44 -20.04
C LEU PC 5 -58.67 20.70 -20.82
N GLU PC 6 -59.04 21.87 -20.29
CA GLU PC 6 -58.68 23.12 -20.94
C GLU PC 6 -57.17 23.35 -20.87
N ALA PC 7 -56.54 22.93 -19.77
CA ALA PC 7 -55.09 23.02 -19.69
C ALA PC 7 -54.42 22.05 -20.64
N ASP PC 8 -55.03 20.88 -20.85
CA ASP PC 8 -54.54 19.95 -21.87
C ASP PC 8 -54.62 20.56 -23.26
N ALA PC 9 -55.72 21.28 -23.53
CA ALA PC 9 -55.87 21.98 -24.80
C ALA PC 9 -54.81 23.06 -24.96
N GLU PC 10 -54.51 23.78 -23.88
CA GLU PC 10 -53.47 24.82 -23.93
C GLU PC 10 -52.10 24.21 -24.18
N ILE PC 11 -51.83 23.06 -23.55
CA ILE PC 11 -50.56 22.37 -23.72
C ILE PC 11 -50.39 21.90 -25.17
N LEU PC 12 -51.46 21.31 -25.72
CA LEU PC 12 -51.39 20.81 -27.09
C LEU PC 12 -51.31 21.95 -28.10
N LYS PC 13 -51.96 23.08 -27.79
CA LYS PC 13 -51.85 24.25 -28.65
C LYS PC 13 -50.44 24.82 -28.62
N ALA PC 14 -49.80 24.80 -27.46
CA ALA PC 14 -48.43 25.26 -27.35
C ALA PC 14 -47.48 24.35 -28.12
N TYR PC 15 -47.73 23.03 -28.06
CA TYR PC 15 -46.93 22.10 -28.85
C TYR PC 15 -47.15 22.31 -30.34
N ALA PC 16 -48.37 22.68 -30.72
CA ALA PC 16 -48.66 22.99 -32.12
C ALA PC 16 -47.92 24.24 -32.56
N LYS PC 17 -47.85 25.24 -31.69
CA LYS PC 17 -47.13 26.47 -32.03
C LYS PC 17 -45.63 26.21 -32.15
N ILE PC 18 -45.10 25.35 -31.29
CA ILE PC 18 -43.67 24.99 -31.36
C ILE PC 18 -43.39 24.23 -32.65
N LEU PC 19 -44.30 23.34 -33.03
CA LEU PC 19 -44.12 22.60 -34.27
C LEU PC 19 -44.27 23.50 -35.48
N GLU PC 20 -45.13 24.52 -35.39
CA GLU PC 20 -45.26 25.48 -36.48
C GLU PC 20 -44.01 26.34 -36.64
N ALA PC 21 -43.40 26.73 -35.51
CA ALA PC 21 -42.16 27.49 -35.58
C ALA PC 21 -41.03 26.63 -36.11
N HIS PC 22 -41.01 25.34 -35.76
CA HIS PC 22 -40.03 24.42 -36.31
C HIS PC 22 -40.24 24.23 -37.81
N ALA PC 23 -41.50 24.21 -38.25
CA ALA PC 23 -41.81 24.11 -39.66
C ALA PC 23 -41.36 25.34 -40.42
N GLU PC 24 -41.54 26.52 -39.82
CA GLU PC 24 -41.12 27.77 -40.45
C GLU PC 24 -39.61 27.85 -40.54
N ILE PC 25 -38.91 27.41 -39.50
CA ILE PC 25 -37.46 27.54 -39.51
C ILE PC 25 -36.83 26.46 -40.39
N LEU PC 26 -37.53 25.34 -40.62
CA LEU PC 26 -37.05 24.40 -41.62
C LEU PC 26 -37.42 24.85 -43.03
N LYS PC 27 -38.48 25.66 -43.16
CA LYS PC 27 -38.77 26.29 -44.44
C LYS PC 27 -37.70 27.33 -44.79
N ALA PC 28 -37.18 28.01 -43.77
CA ALA PC 28 -36.16 29.03 -44.00
C ALA PC 28 -34.81 28.41 -44.40
N GLN PC 29 -34.55 27.19 -43.95
CA GLN PC 29 -33.31 26.50 -44.30
C GLN PC 29 -33.34 26.00 -45.73
N GLN QC 1 20.06 -2.94 46.04
CA GLN QC 1 20.15 -1.97 47.11
C GLN QC 1 21.06 -0.82 46.74
N ALA QC 2 21.92 -1.06 45.76
CA ALA QC 2 22.95 -0.09 45.41
C ALA QC 2 22.36 1.15 44.79
N LYS QC 3 21.21 1.02 44.13
CA LYS QC 3 20.57 2.16 43.51
C LYS QC 3 20.02 3.12 44.55
N ILE QC 4 19.65 2.61 45.73
CA ILE QC 4 19.18 3.47 46.81
C ILE QC 4 20.29 4.37 47.32
N LEU QC 5 21.47 3.79 47.53
CA LEU QC 5 22.62 4.58 47.98
C LEU QC 5 23.08 5.52 46.89
N GLU QC 6 22.97 5.10 45.63
CA GLU QC 6 23.24 5.98 44.51
C GLU QC 6 22.30 7.18 44.49
N ALA QC 7 21.03 6.95 44.84
CA ALA QC 7 20.07 8.05 44.88
C ALA QC 7 20.35 8.97 46.06
N ASP QC 8 20.83 8.42 47.18
CA ASP QC 8 21.25 9.26 48.30
C ASP QC 8 22.41 10.16 47.90
N ALA QC 9 23.37 9.59 47.16
CA ALA QC 9 24.48 10.38 46.65
C ALA QC 9 24.00 11.43 45.65
N GLU QC 10 22.95 11.11 44.89
CA GLU QC 10 22.40 12.10 43.96
C GLU QC 10 21.73 13.25 44.71
N ILE QC 11 21.06 12.94 45.83
CA ILE QC 11 20.47 13.97 46.67
C ILE QC 11 21.55 14.89 47.22
N LEU QC 12 22.64 14.31 47.71
CA LEU QC 12 23.69 15.12 48.29
C LEU QC 12 24.44 15.92 47.23
N LYS QC 13 24.59 15.36 46.02
CA LYS QC 13 25.19 16.10 44.92
C LYS QC 13 24.30 17.27 44.50
N ALA QC 14 22.98 17.07 44.56
CA ALA QC 14 22.06 18.17 44.28
C ALA QC 14 22.20 19.27 45.31
N TYR QC 15 22.36 18.89 46.59
CA TYR QC 15 22.57 19.90 47.62
C TYR QC 15 23.89 20.64 47.42
N ALA QC 16 24.91 19.91 46.95
CA ALA QC 16 26.18 20.55 46.64
C ALA QC 16 26.05 21.54 45.49
N LYS QC 17 25.21 21.21 44.52
CA LYS QC 17 24.99 22.13 43.40
C LYS QC 17 24.21 23.35 43.86
N ILE QC 18 23.32 23.17 44.84
CA ILE QC 18 22.63 24.31 45.45
C ILE QC 18 23.63 25.26 46.10
N LEU QC 19 24.55 24.70 46.90
CA LEU QC 19 25.52 25.55 47.59
C LEU QC 19 26.49 26.20 46.61
N GLU QC 20 26.84 25.50 45.53
CA GLU QC 20 27.69 26.08 44.51
C GLU QC 20 26.99 27.23 43.81
N ALA QC 21 25.69 27.08 43.54
CA ALA QC 21 24.93 28.18 42.96
C ALA QC 21 24.84 29.36 43.91
N HIS QC 22 24.70 29.08 45.21
CA HIS QC 22 24.61 30.16 46.19
C HIS QC 22 25.91 30.94 46.27
N ALA QC 23 27.03 30.22 46.22
CA ALA QC 23 28.33 30.88 46.20
C ALA QC 23 28.54 31.62 44.88
N GLU QC 24 27.91 31.14 43.81
CA GLU QC 24 28.00 31.84 42.53
C GLU QC 24 27.24 33.16 42.57
N ILE QC 25 26.09 33.17 43.25
CA ILE QC 25 25.36 34.42 43.49
C ILE QC 25 26.21 35.38 44.30
N LEU QC 26 26.80 34.86 45.39
CA LEU QC 26 27.54 35.71 46.31
C LEU QC 26 28.80 36.27 45.67
N LYS QC 27 29.41 35.50 44.77
CA LYS QC 27 30.59 35.98 44.05
C LYS QC 27 30.19 36.96 42.95
N ALA QC 28 29.00 36.79 42.39
CA ALA QC 28 28.65 37.54 41.18
C ALA QC 28 28.34 39.00 41.45
N GLN QC 29 28.18 39.40 42.70
CA GLN QC 29 27.70 40.76 43.00
C GLN QC 29 28.68 41.88 42.68
N GLN RC 1 18.07 2.73 57.01
CA GLN RC 1 18.42 3.81 56.10
C GLN RC 1 17.60 5.06 56.41
N ALA RC 2 16.61 4.91 57.29
CA ALA RC 2 15.70 6.00 57.60
C ALA RC 2 16.41 7.12 58.35
N LYS RC 3 17.50 6.81 59.05
CA LYS RC 3 18.29 7.83 59.70
C LYS RC 3 18.95 8.75 58.69
N ILE RC 4 19.33 8.20 57.54
CA ILE RC 4 19.92 9.02 56.47
C ILE RC 4 18.90 10.01 55.93
N LEU RC 5 17.67 9.54 55.70
CA LEU RC 5 16.64 10.42 55.16
C LEU RC 5 16.22 11.46 56.19
N GLU RC 6 16.20 11.09 57.47
CA GLU RC 6 15.87 12.05 58.52
C GLU RC 6 16.98 13.08 58.66
N ALA RC 7 18.23 12.68 58.45
CA ALA RC 7 19.33 13.63 58.45
C ALA RC 7 19.23 14.57 57.26
N ASP RC 8 18.79 14.06 56.11
CA ASP RC 8 18.55 14.92 54.96
C ASP RC 8 17.44 15.93 55.25
N ALA RC 9 16.41 15.50 55.97
CA ALA RC 9 15.33 16.40 56.37
C ALA RC 9 15.85 17.49 57.31
N GLU RC 10 16.72 17.12 58.25
CA GLU RC 10 17.29 18.10 59.15
C GLU RC 10 18.20 19.08 58.42
N ILE RC 11 18.95 18.58 57.43
CA ILE RC 11 19.82 19.42 56.62
C ILE RC 11 19.02 20.44 55.84
N LEU RC 12 17.94 19.99 55.20
CA LEU RC 12 17.14 20.90 54.39
C LEU RC 12 16.35 21.87 55.26
N LYS RC 13 15.95 21.43 56.46
CA LYS RC 13 15.31 22.36 57.39
C LYS RC 13 16.27 23.42 57.88
N ALA RC 14 17.53 23.04 58.09
CA ALA RC 14 18.54 24.03 58.48
C ALA RC 14 18.81 25.01 57.36
N TYR RC 15 18.80 24.52 56.11
CA TYR RC 15 18.96 25.41 54.97
C TYR RC 15 17.77 26.36 54.85
N ALA RC 16 16.58 25.87 55.18
CA ALA RC 16 15.40 26.73 55.18
C ALA RC 16 15.48 27.79 56.26
N LYS RC 17 16.03 27.43 57.42
CA LYS RC 17 16.19 28.40 58.50
C LYS RC 17 17.21 29.47 58.13
N ILE RC 18 18.31 29.06 57.47
CA ILE RC 18 19.33 30.01 57.03
C ILE RC 18 18.75 30.95 55.98
N LEU RC 19 17.95 30.40 55.06
CA LEU RC 19 17.32 31.23 54.04
C LEU RC 19 16.29 32.17 54.64
N GLU RC 20 15.60 31.74 55.69
CA GLU RC 20 14.63 32.61 56.36
C GLU RC 20 15.33 33.75 57.09
N ALA RC 21 16.46 33.46 57.73
CA ALA RC 21 17.22 34.51 58.39
C ALA RC 21 17.81 35.49 57.38
N HIS RC 22 18.25 34.97 56.23
CA HIS RC 22 18.72 35.83 55.15
C HIS RC 22 17.59 36.69 54.59
N ALA RC 23 16.38 36.13 54.53
CA ALA RC 23 15.22 36.88 54.08
C ALA RC 23 14.86 37.98 55.06
N GLU RC 24 14.96 37.70 56.36
CA GLU RC 24 14.66 38.70 57.38
C GLU RC 24 15.71 39.81 57.36
N ILE RC 25 16.98 39.46 57.16
CA ILE RC 25 18.01 40.49 57.20
C ILE RC 25 18.02 41.29 55.90
N LEU RC 26 17.48 40.74 54.80
CA LEU RC 26 17.27 41.57 53.62
C LEU RC 26 16.00 42.39 53.72
N LYS RC 27 15.04 41.93 54.52
CA LYS RC 27 13.88 42.75 54.83
C LYS RC 27 14.29 43.95 55.68
N ALA RC 28 15.26 43.75 56.58
CA ALA RC 28 15.73 44.86 57.42
C ALA RC 28 16.53 45.88 56.63
N GLN RC 29 17.19 45.45 55.56
CA GLN RC 29 17.96 46.37 54.73
C GLN RC 29 17.05 47.23 53.86
N GLN SC 1 -31.80 -22.82 -55.53
CA GLN SC 1 -30.79 -23.84 -55.32
C GLN SC 1 -30.30 -23.85 -53.90
N ALA SC 2 -30.85 -22.94 -53.09
CA ALA SC 2 -30.35 -22.75 -51.74
C ALA SC 2 -30.66 -23.93 -50.84
N LYS SC 3 -31.75 -24.65 -51.16
CA LYS SC 3 -32.11 -25.82 -50.36
C LYS SC 3 -31.13 -26.97 -50.58
N ILE SC 4 -30.50 -27.01 -51.76
CA ILE SC 4 -29.50 -28.05 -52.04
C ILE SC 4 -28.28 -27.85 -51.17
N LEU SC 5 -27.77 -26.62 -51.12
CA LEU SC 5 -26.60 -26.33 -50.29
C LEU SC 5 -26.96 -26.41 -48.81
N GLU SC 6 -28.20 -26.08 -48.47
CA GLU SC 6 -28.68 -26.27 -47.10
C GLU SC 6 -28.68 -27.75 -46.72
N ALA SC 7 -29.04 -28.62 -47.66
CA ALA SC 7 -29.00 -30.05 -47.41
C ALA SC 7 -27.57 -30.55 -47.29
N ASP SC 8 -26.66 -29.97 -48.06
CA ASP SC 8 -25.24 -30.30 -47.92
C ASP SC 8 -24.73 -29.92 -46.53
N ALA SC 9 -25.13 -28.73 -46.06
CA ALA SC 9 -24.76 -28.29 -44.73
C ALA SC 9 -25.35 -29.19 -43.66
N GLU SC 10 -26.57 -29.69 -43.90
CA GLU SC 10 -27.18 -30.61 -42.94
C GLU SC 10 -26.46 -31.96 -42.93
N ILE SC 11 -25.97 -32.40 -44.10
CA ILE SC 11 -25.17 -33.61 -44.17
C ILE SC 11 -23.90 -33.48 -43.34
N LEU SC 12 -23.19 -32.37 -43.53
CA LEU SC 12 -21.92 -32.21 -42.83
C LEU SC 12 -22.14 -31.95 -41.34
N LYS SC 13 -23.25 -31.29 -40.98
CA LYS SC 13 -23.60 -31.10 -39.58
C LYS SC 13 -23.95 -32.42 -38.91
N ALA SC 14 -24.62 -33.31 -39.65
CA ALA SC 14 -24.93 -34.63 -39.12
C ALA SC 14 -23.66 -35.43 -38.91
N TYR SC 15 -22.71 -35.32 -39.84
CA TYR SC 15 -21.42 -35.98 -39.68
C TYR SC 15 -20.66 -35.43 -38.47
N ALA SC 16 -20.78 -34.12 -38.23
CA ALA SC 16 -20.19 -33.52 -37.05
C ALA SC 16 -20.85 -34.01 -35.78
N LYS SC 17 -22.15 -34.29 -35.83
CA LYS SC 17 -22.83 -34.80 -34.65
C LYS SC 17 -22.42 -36.24 -34.37
N ILE SC 18 -22.19 -37.02 -35.44
CA ILE SC 18 -21.60 -38.36 -35.28
C ILE SC 18 -20.25 -38.27 -34.61
N LEU SC 19 -19.45 -37.30 -35.04
CA LEU SC 19 -18.08 -37.17 -34.53
C LEU SC 19 -18.09 -36.71 -33.07
N GLU SC 20 -19.02 -35.84 -32.72
CA GLU SC 20 -19.17 -35.40 -31.33
C GLU SC 20 -19.66 -36.52 -30.44
N ALA SC 21 -20.55 -37.37 -30.96
CA ALA SC 21 -21.01 -38.51 -30.17
C ALA SC 21 -19.88 -39.50 -29.94
N HIS SC 22 -19.02 -39.68 -30.96
CA HIS SC 22 -17.85 -40.53 -30.78
C HIS SC 22 -16.90 -39.92 -29.74
N ALA SC 23 -16.81 -38.59 -29.74
CA ALA SC 23 -16.02 -37.90 -28.73
C ALA SC 23 -16.59 -38.12 -27.33
N GLU SC 24 -17.92 -38.11 -27.22
CA GLU SC 24 -18.56 -38.29 -25.93
C GLU SC 24 -18.36 -39.71 -25.43
N ILE SC 25 -18.40 -40.69 -26.33
CA ILE SC 25 -18.12 -42.08 -25.96
C ILE SC 25 -16.69 -42.24 -25.49
N LEU SC 26 -15.75 -41.62 -26.21
CA LEU SC 26 -14.35 -41.74 -25.83
C LEU SC 26 -14.05 -40.99 -24.53
N LYS SC 27 -14.78 -39.91 -24.27
CA LYS SC 27 -14.61 -39.18 -23.03
C LYS SC 27 -15.17 -39.96 -21.85
N ALA SC 28 -16.28 -40.65 -22.05
CA ALA SC 28 -16.96 -41.30 -20.94
C ALA SC 28 -16.24 -42.57 -20.49
N GLN SC 29 -15.35 -43.10 -21.30
CA GLN SC 29 -14.65 -44.34 -20.95
C GLN SC 29 -13.68 -44.13 -19.81
N GLN TC 1 -21.48 -29.96 -58.59
CA GLN TC 1 -21.82 -30.26 -57.21
C GLN TC 1 -21.63 -31.73 -56.91
N ALA TC 2 -21.38 -32.51 -57.97
CA ALA TC 2 -21.13 -33.94 -57.80
C ALA TC 2 -19.78 -34.18 -57.13
N LYS TC 3 -18.86 -33.22 -57.26
CA LYS TC 3 -17.58 -33.32 -56.55
C LYS TC 3 -17.78 -33.26 -55.04
N ILE TC 4 -18.78 -32.48 -54.60
CA ILE TC 4 -19.10 -32.39 -53.18
C ILE TC 4 -19.58 -33.73 -52.66
N LEU TC 5 -20.48 -34.39 -53.40
CA LEU TC 5 -21.00 -35.66 -52.96
C LEU TC 5 -19.94 -36.75 -53.03
N GLU TC 6 -19.05 -36.68 -54.01
CA GLU TC 6 -17.96 -37.65 -54.10
C GLU TC 6 -16.99 -37.46 -52.94
N ALA TC 7 -16.77 -36.20 -52.54
CA ALA TC 7 -15.92 -35.95 -51.38
C ALA TC 7 -16.59 -36.43 -50.10
N ASP TC 8 -17.91 -36.32 -50.01
CA ASP TC 8 -18.64 -36.88 -48.89
C ASP TC 8 -18.50 -38.38 -48.83
N ALA TC 9 -18.55 -39.03 -50.00
CA ALA TC 9 -18.34 -40.47 -50.07
C ALA TC 9 -16.94 -40.85 -49.64
N GLU TC 10 -15.94 -40.04 -50.00
CA GLU TC 10 -14.58 -40.29 -49.57
C GLU TC 10 -14.43 -40.11 -48.07
N ILE TC 11 -15.13 -39.11 -47.50
CA ILE TC 11 -15.08 -38.85 -46.07
C ILE TC 11 -15.69 -40.02 -45.30
N LEU TC 12 -16.85 -40.50 -45.75
CA LEU TC 12 -17.50 -41.60 -45.05
C LEU TC 12 -16.74 -42.91 -45.25
N LYS TC 13 -16.09 -43.08 -46.40
CA LYS TC 13 -15.25 -44.25 -46.60
C LYS TC 13 -14.03 -44.23 -45.69
N ALA TC 14 -13.45 -43.04 -45.48
CA ALA TC 14 -12.33 -42.91 -44.57
C ALA TC 14 -12.75 -43.18 -43.14
N TYR TC 15 -13.95 -42.71 -42.77
CA TYR TC 15 -14.48 -42.99 -41.44
C TYR TC 15 -14.75 -44.48 -41.27
N ALA TC 16 -15.18 -45.14 -42.35
CA ALA TC 16 -15.40 -46.58 -42.30
C ALA TC 16 -14.08 -47.32 -42.13
N LYS TC 17 -13.02 -46.86 -42.78
CA LYS TC 17 -11.72 -47.48 -42.61
C LYS TC 17 -11.18 -47.26 -41.20
N ILE TC 18 -11.43 -46.08 -40.63
CA ILE TC 18 -11.00 -45.79 -39.26
C ILE TC 18 -11.75 -46.69 -38.28
N LEU TC 19 -13.05 -46.87 -38.50
CA LEU TC 19 -13.82 -47.74 -37.62
C LEU TC 19 -13.44 -49.20 -37.80
N GLU TC 20 -13.04 -49.58 -39.01
CA GLU TC 20 -12.59 -50.94 -39.24
C GLU TC 20 -11.27 -51.22 -38.53
N ALA TC 21 -10.34 -50.26 -38.57
CA ALA TC 21 -9.09 -50.43 -37.87
C ALA TC 21 -9.30 -50.42 -36.36
N HIS TC 22 -10.25 -49.60 -35.87
CA HIS TC 22 -10.58 -49.59 -34.46
C HIS TC 22 -11.22 -50.90 -34.03
N ALA TC 23 -12.06 -51.49 -34.89
CA ALA TC 23 -12.67 -52.77 -34.59
C ALA TC 23 -11.65 -53.89 -34.60
N GLU TC 24 -10.67 -53.82 -35.50
CA GLU TC 24 -9.62 -54.82 -35.55
C GLU TC 24 -8.72 -54.73 -34.32
N ILE TC 25 -8.39 -53.51 -33.89
CA ILE TC 25 -7.51 -53.38 -32.74
C ILE TC 25 -8.27 -53.64 -31.44
N LEU TC 26 -9.61 -53.54 -31.46
CA LEU TC 26 -10.39 -54.01 -30.32
C LEU TC 26 -10.53 -55.52 -30.34
N LYS TC 27 -10.50 -56.12 -31.52
CA LYS TC 27 -10.46 -57.58 -31.63
C LYS TC 27 -9.15 -58.14 -31.11
N ALA TC 28 -8.05 -57.41 -31.35
CA ALA TC 28 -6.74 -57.87 -30.90
C ALA TC 28 -6.60 -57.80 -29.38
N GLN TC 29 -7.32 -56.88 -28.73
CA GLN TC 29 -7.28 -56.77 -27.28
C GLN TC 29 -8.05 -57.92 -26.62
N GLN UC 1 50.32 -3.31 -10.24
CA GLN UC 1 51.30 -4.15 -9.56
C GLN UC 1 51.60 -3.63 -8.17
N ALA UC 2 51.15 -2.39 -7.90
CA ALA UC 2 51.49 -1.72 -6.66
C ALA UC 2 50.84 -2.40 -5.46
N LYS UC 3 49.67 -3.02 -5.68
CA LYS UC 3 48.98 -3.67 -4.58
C LYS UC 3 49.70 -4.94 -4.15
N ILE UC 4 50.44 -5.57 -5.06
CA ILE UC 4 51.24 -6.74 -4.71
C ILE UC 4 52.35 -6.37 -3.75
N LEU UC 5 53.08 -5.30 -4.07
CA LEU UC 5 54.15 -4.85 -3.19
C LEU UC 5 53.61 -4.29 -1.88
N GLU UC 6 52.43 -3.67 -1.95
CA GLU UC 6 51.75 -3.23 -0.73
C GLU UC 6 51.40 -4.42 0.17
N ALA UC 7 50.98 -5.53 -0.44
CA ALA UC 7 50.68 -6.72 0.34
C ALA UC 7 51.94 -7.34 0.92
N ASP UC 8 53.04 -7.26 0.18
CA ASP UC 8 54.34 -7.71 0.72
C ASP UC 8 54.72 -6.88 1.94
N ALA UC 9 54.52 -5.56 1.86
CA ALA UC 9 54.79 -4.70 3.00
C ALA UC 9 53.86 -5.01 4.16
N GLU UC 10 52.62 -5.43 3.87
CA GLU UC 10 51.70 -5.82 4.93
C GLU UC 10 52.15 -7.10 5.61
N ILE UC 11 52.70 -8.04 4.82
CA ILE UC 11 53.27 -9.27 5.38
C ILE UC 11 54.42 -8.95 6.32
N LEU UC 12 55.31 -8.06 5.88
CA LEU UC 12 56.46 -7.73 6.71
C LEU UC 12 56.07 -6.94 7.95
N LYS UC 13 55.05 -6.08 7.83
CA LYS UC 13 54.56 -5.36 9.00
C LYS UC 13 53.90 -6.30 10.00
N ALA UC 14 53.22 -7.33 9.49
CA ALA UC 14 52.66 -8.35 10.36
C ALA UC 14 53.75 -9.11 11.10
N TYR UC 15 54.85 -9.42 10.39
CA TYR UC 15 55.98 -10.10 11.04
C TYR UC 15 56.61 -9.21 12.10
N ALA UC 16 56.67 -7.91 11.84
CA ALA UC 16 57.17 -6.96 12.82
C ALA UC 16 56.27 -6.91 14.04
N LYS UC 17 54.96 -7.01 13.84
CA LYS UC 17 54.04 -7.02 14.97
C LYS UC 17 54.19 -8.30 15.78
N ILE UC 18 54.51 -9.41 15.10
CA ILE UC 18 54.79 -10.67 15.79
C ILE UC 18 56.00 -10.52 16.70
N LEU UC 19 57.08 -9.95 16.16
CA LEU UC 19 58.30 -9.81 16.95
C LEU UC 19 58.11 -8.81 18.08
N GLU UC 20 57.30 -7.77 17.85
CA GLU UC 20 56.99 -6.81 18.90
C GLU UC 20 56.19 -7.44 20.02
N ALA UC 21 55.24 -8.31 19.67
CA ALA UC 21 54.47 -8.99 20.70
C ALA UC 21 55.32 -9.99 21.47
N HIS UC 22 56.27 -10.62 20.79
CA HIS UC 22 57.15 -11.57 21.46
C HIS UC 22 58.06 -10.84 22.43
N ALA UC 23 58.54 -9.67 22.02
CA ALA UC 23 59.33 -8.83 22.93
C ALA UC 23 58.46 -8.27 24.05
N GLU UC 24 57.17 -8.08 23.79
CA GLU UC 24 56.26 -7.65 24.83
C GLU UC 24 56.11 -8.71 25.92
N ILE UC 25 56.01 -9.98 25.50
CA ILE UC 25 56.00 -11.08 26.45
C ILE UC 25 57.30 -11.12 27.24
N LEU UC 26 58.42 -11.02 26.53
CA LEU UC 26 59.73 -11.16 27.16
C LEU UC 26 60.01 -10.01 28.12
N LYS UC 27 59.47 -8.83 27.82
CA LYS UC 27 59.61 -7.69 28.71
C LYS UC 27 58.69 -7.81 29.91
N ALA UC 28 57.50 -8.38 29.72
CA ALA UC 28 56.49 -8.33 30.77
C ALA UC 28 56.77 -9.31 31.90
N GLN UC 29 57.71 -10.23 31.72
CA GLN UC 29 57.93 -11.33 32.66
C GLN UC 29 58.42 -10.89 34.04
N GLN VC 1 59.14 -12.03 -8.77
CA GLN VC 1 58.76 -11.72 -7.40
C GLN VC 1 58.74 -12.96 -6.54
N ALA VC 2 58.95 -14.11 -7.17
CA ALA VC 2 58.89 -15.38 -6.46
C ALA VC 2 60.05 -15.53 -5.49
N LYS VC 3 61.16 -14.84 -5.75
CA LYS VC 3 62.27 -14.84 -4.81
C LYS VC 3 61.89 -14.15 -3.51
N ILE VC 4 61.05 -13.11 -3.60
CA ILE VC 4 60.58 -12.41 -2.41
C ILE VC 4 59.71 -13.32 -1.56
N LEU VC 5 58.81 -14.06 -2.20
CA LEU VC 5 57.93 -14.96 -1.47
C LEU VC 5 58.71 -16.13 -0.88
N GLU VC 6 59.72 -16.61 -1.61
CA GLU VC 6 60.55 -17.70 -1.10
C GLU VC 6 61.40 -17.22 0.08
N ALA VC 7 61.82 -15.96 0.04
CA ALA VC 7 62.54 -15.39 1.16
C ALA VC 7 61.63 -15.24 2.37
N ASP VC 8 60.36 -14.90 2.14
CA ASP VC 8 59.38 -14.87 3.23
C ASP VC 8 59.20 -16.26 3.83
N ALA VC 9 59.18 -17.28 2.97
CA ALA VC 9 59.07 -18.65 3.45
C ALA VC 9 60.27 -19.05 4.28
N GLU VC 10 61.47 -18.63 3.86
CA GLU VC 10 62.68 -18.94 4.62
C GLU VC 10 62.68 -18.21 5.96
N ILE VC 11 62.20 -16.96 5.97
CA ILE VC 11 62.09 -16.19 7.21
C ILE VC 11 61.14 -16.89 8.18
N LEU VC 12 59.99 -17.33 7.68
CA LEU VC 12 59.00 -17.95 8.55
C LEU VC 12 59.46 -19.32 9.02
N LYS VC 13 60.20 -20.05 8.17
CA LYS VC 13 60.77 -21.33 8.61
C LYS VC 13 61.84 -21.12 9.67
N ALA VC 14 62.62 -20.04 9.55
CA ALA VC 14 63.61 -19.73 10.57
C ALA VC 14 62.95 -19.36 11.89
N TYR VC 15 61.84 -18.63 11.82
CA TYR VC 15 61.08 -18.31 13.03
C TYR VC 15 60.50 -19.56 13.64
N ALA VC 16 60.08 -20.52 12.81
CA ALA VC 16 59.58 -21.79 13.31
C ALA VC 16 60.69 -22.57 14.01
N LYS VC 17 61.90 -22.54 13.45
CA LYS VC 17 63.02 -23.24 14.07
C LYS VC 17 63.41 -22.61 15.39
N ILE VC 18 63.38 -21.27 15.46
CA ILE VC 18 63.69 -20.58 16.72
C ILE VC 18 62.63 -20.89 17.77
N LEU VC 19 61.37 -20.96 17.35
CA LEU VC 19 60.30 -21.30 18.27
C LEU VC 19 60.39 -22.75 18.73
N GLU VC 20 60.84 -23.64 17.85
CA GLU VC 20 61.00 -25.04 18.24
C GLU VC 20 62.15 -25.21 19.23
N ALA VC 21 63.25 -24.48 19.01
CA ALA VC 21 64.35 -24.53 19.96
C ALA VC 21 63.97 -23.94 21.30
N HIS VC 22 63.16 -22.87 21.28
CA HIS VC 22 62.65 -22.29 22.52
C HIS VC 22 61.70 -23.26 23.22
N ALA VC 23 60.91 -24.00 22.44
CA ALA VC 23 60.04 -25.02 23.01
C ALA VC 23 60.82 -26.15 23.64
N GLU VC 24 61.94 -26.54 23.01
CA GLU VC 24 62.77 -27.61 23.55
C GLU VC 24 63.47 -27.15 24.83
N ILE VC 25 63.92 -25.90 24.86
CA ILE VC 25 64.63 -25.42 26.04
C ILE VC 25 63.67 -25.12 27.18
N LEU VC 26 62.38 -24.90 26.88
CA LEU VC 26 61.40 -24.84 27.95
C LEU VC 26 60.93 -26.22 28.35
N LYS VC 27 61.04 -27.20 27.46
CA LYS VC 27 60.78 -28.59 27.84
C LYS VC 27 61.86 -29.10 28.79
N ALA VC 28 63.11 -28.69 28.57
CA ALA VC 28 64.19 -29.13 29.44
C ALA VC 28 64.13 -28.47 30.82
N GLN VC 29 63.53 -27.29 30.91
CA GLN VC 29 63.40 -26.60 32.18
C GLN VC 29 62.33 -27.24 33.06
N GLN WC 1 -49.44 -49.58 -0.22
CA GLN WC 1 -49.74 -48.88 1.02
C GLN WC 1 -49.16 -47.49 1.01
N ALA WC 2 -48.54 -47.12 -0.11
CA ALA WC 2 -47.82 -45.86 -0.18
C ALA WC 2 -48.74 -44.67 -0.14
N LYS WC 3 -49.97 -44.84 -0.63
CA LYS WC 3 -50.92 -43.73 -0.64
C LYS WC 3 -51.41 -43.41 0.76
N ILE WC 4 -51.41 -44.39 1.66
CA ILE WC 4 -51.80 -44.15 3.04
C ILE WC 4 -50.79 -43.26 3.74
N LEU WC 5 -49.51 -43.59 3.60
CA LEU WC 5 -48.45 -42.78 4.21
C LEU WC 5 -48.36 -41.42 3.53
N GLU WC 6 -48.66 -41.38 2.24
CA GLU WC 6 -48.74 -40.11 1.52
C GLU WC 6 -49.85 -39.23 2.08
N ALA WC 7 -50.98 -39.85 2.44
CA ALA WC 7 -52.08 -39.09 3.05
C ALA WC 7 -51.71 -38.60 4.44
N ASP WC 8 -50.94 -39.40 5.19
CA ASP WC 8 -50.44 -38.94 6.48
C ASP WC 8 -49.54 -37.74 6.32
N ALA WC 9 -48.64 -37.79 5.33
CA ALA WC 9 -47.76 -36.67 5.05
C ALA WC 9 -48.55 -35.44 4.61
N GLU WC 10 -49.66 -35.65 3.89
CA GLU WC 10 -50.49 -34.52 3.49
C GLU WC 10 -51.21 -33.91 4.68
N ILE WC 11 -51.60 -34.75 5.65
CA ILE WC 11 -52.21 -34.25 6.88
C ILE WC 11 -51.23 -33.36 7.63
N LEU WC 12 -49.99 -33.84 7.79
CA LEU WC 12 -49.02 -33.07 8.54
C LEU WC 12 -48.58 -31.82 7.79
N LYS WC 13 -48.54 -31.89 6.45
CA LYS WC 13 -48.25 -30.71 5.65
C LYS WC 13 -49.36 -29.68 5.77
N ALA WC 14 -50.61 -30.13 5.85
CA ALA WC 14 -51.73 -29.21 6.05
C ALA WC 14 -51.63 -28.56 7.42
N TYR WC 15 -51.22 -29.32 8.43
CA TYR WC 15 -51.03 -28.73 9.75
C TYR WC 15 -49.90 -27.70 9.74
N ALA WC 16 -48.86 -27.96 8.96
CA ALA WC 16 -47.78 -27.00 8.82
C ALA WC 16 -48.24 -25.74 8.11
N LYS WC 17 -49.14 -25.89 7.14
CA LYS WC 17 -49.65 -24.71 6.44
C LYS WC 17 -50.57 -23.90 7.34
N ILE WC 18 -51.31 -24.58 8.22
CA ILE WC 18 -52.07 -23.91 9.27
C ILE WC 18 -51.15 -23.09 10.15
N LEU WC 19 -50.02 -23.67 10.52
CA LEU WC 19 -49.12 -23.01 11.44
C LEU WC 19 -48.41 -21.83 10.76
N GLU WC 20 -48.11 -21.96 9.47
CA GLU WC 20 -47.53 -20.86 8.72
C GLU WC 20 -48.52 -19.72 8.53
N ALA WC 21 -49.80 -20.04 8.33
CA ALA WC 21 -50.80 -18.99 8.23
C ALA WC 21 -50.96 -18.26 9.55
N HIS WC 22 -50.87 -19.01 10.66
CA HIS WC 22 -50.89 -18.39 11.98
C HIS WC 22 -49.68 -17.50 12.17
N ALA WC 23 -48.53 -17.93 11.64
CA ALA WC 23 -47.32 -17.12 11.68
C ALA WC 23 -47.48 -15.83 10.89
N GLU WC 24 -48.12 -15.91 9.73
CA GLU WC 24 -48.29 -14.72 8.90
C GLU WC 24 -49.27 -13.75 9.55
N ILE WC 25 -50.29 -14.28 10.22
CA ILE WC 25 -51.25 -13.45 10.94
C ILE WC 25 -50.56 -12.74 12.10
N LEU WC 26 -49.72 -13.49 12.83
CA LEU WC 26 -49.02 -12.90 13.97
C LEU WC 26 -47.97 -11.89 13.51
N LYS WC 27 -47.35 -12.13 12.36
CA LYS WC 27 -46.33 -11.22 11.86
C LYS WC 27 -46.96 -9.93 11.33
N ALA WC 28 -48.16 -10.02 10.77
CA ALA WC 28 -48.77 -8.85 10.16
C ALA WC 28 -49.33 -7.90 11.21
N GLN WC 29 -49.44 -8.33 12.46
CA GLN WC 29 -50.04 -7.50 13.50
C GLN WC 29 -49.19 -6.30 13.85
N GLN XC 1 -50.86 -48.45 12.49
CA GLN XC 1 -50.79 -47.04 12.15
C GLN XC 1 -51.81 -46.24 12.95
N ALA XC 2 -52.53 -46.94 13.83
CA ALA XC 2 -53.51 -46.26 14.67
C ALA XC 2 -52.84 -45.35 15.69
N LYS XC 3 -51.60 -45.67 16.06
CA LYS XC 3 -50.81 -44.79 16.92
C LYS XC 3 -50.53 -43.47 16.23
N ILE XC 4 -50.31 -43.50 14.92
CA ILE XC 4 -50.05 -42.27 14.16
C ILE XC 4 -51.28 -41.37 14.15
N LEU XC 5 -52.45 -41.95 13.89
CA LEU XC 5 -53.68 -41.18 13.86
C LEU XC 5 -54.03 -40.67 15.25
N GLU XC 6 -53.76 -41.47 16.28
CA GLU XC 6 -54.01 -41.03 17.65
C GLU XC 6 -53.07 -39.89 18.03
N ALA XC 7 -51.84 -39.93 17.54
CA ALA XC 7 -50.91 -38.83 17.79
C ALA XC 7 -51.34 -37.58 17.04
N ASP XC 8 -51.91 -37.74 15.84
CA ASP XC 8 -52.48 -36.60 15.13
C ASP XC 8 -53.64 -35.99 15.89
N ALA XC 9 -54.46 -36.84 16.51
CA ALA XC 9 -55.56 -36.35 17.34
C ALA XC 9 -55.03 -35.61 18.56
N GLU XC 10 -53.94 -36.10 19.15
CA GLU XC 10 -53.35 -35.41 20.29
C GLU XC 10 -52.76 -34.06 19.88
N ILE XC 11 -52.17 -34.01 18.69
CA ILE XC 11 -51.62 -32.76 18.17
C ILE XC 11 -52.72 -31.73 17.95
N LEU XC 12 -53.81 -32.16 17.33
CA LEU XC 12 -54.91 -31.25 17.06
C LEU XC 12 -55.62 -30.83 18.35
N LYS XC 13 -55.68 -31.72 19.34
CA LYS XC 13 -56.24 -31.36 20.63
C LYS XC 13 -55.37 -30.34 21.35
N ALA XC 14 -54.05 -30.49 21.21
CA ALA XC 14 -53.14 -29.51 21.81
C ALA XC 14 -53.25 -28.16 21.12
N TYR XC 15 -53.43 -28.17 19.81
CA TYR XC 15 -53.65 -26.93 19.08
C TYR XC 15 -54.96 -26.27 19.48
N ALA XC 16 -55.97 -27.09 19.75
CA ALA XC 16 -57.25 -26.57 20.24
C ALA XC 16 -57.09 -25.95 21.62
N LYS XC 17 -56.28 -26.57 22.48
CA LYS XC 17 -56.05 -26.01 23.81
C LYS XC 17 -55.28 -24.70 23.73
N ILE XC 18 -54.31 -24.61 22.81
CA ILE XC 18 -53.55 -23.38 22.62
C ILE XC 18 -54.46 -22.26 22.12
N LEU XC 19 -55.35 -22.59 21.17
CA LEU XC 19 -56.29 -21.60 20.67
C LEU XC 19 -57.30 -21.19 21.72
N GLU XC 20 -57.68 -22.12 22.60
CA GLU XC 20 -58.60 -21.80 23.68
C GLU XC 20 -57.96 -20.86 24.69
N ALA XC 21 -56.70 -21.10 25.04
CA ALA XC 21 -56.02 -20.22 25.98
C ALA XC 21 -55.76 -18.86 25.35
N HIS XC 22 -55.48 -18.83 24.04
CA HIS XC 22 -55.31 -17.55 23.35
C HIS XC 22 -56.63 -16.79 23.28
N ALA XC 23 -57.74 -17.51 23.12
CA ALA XC 23 -59.05 -16.86 23.10
C ALA XC 23 -59.42 -16.34 24.47
N GLU XC 24 -59.05 -17.07 25.52
CA GLU XC 24 -59.31 -16.61 26.89
C GLU XC 24 -58.47 -15.38 27.22
N ILE XC 25 -57.22 -15.35 26.77
CA ILE XC 25 -56.38 -14.20 27.08
C ILE XC 25 -56.72 -13.02 26.18
N LEU XC 26 -57.39 -13.26 25.06
CA LEU XC 26 -57.95 -12.15 24.29
C LEU XC 26 -59.26 -11.66 24.89
N LYS XC 27 -59.99 -12.56 25.55
CA LYS XC 27 -61.17 -12.14 26.31
C LYS XC 27 -60.77 -11.30 27.50
N ALA XC 28 -59.63 -11.60 28.12
CA ALA XC 28 -59.16 -10.84 29.28
C ALA XC 28 -58.70 -9.44 28.87
N GLN XC 29 -58.24 -9.27 27.64
CA GLN XC 29 -57.80 -7.96 27.17
C GLN XC 29 -58.99 -7.05 26.88
N GLN YC 1 18.84 46.97 13.28
CA GLN YC 1 19.82 47.82 12.61
C GLN YC 1 21.23 47.26 12.78
N ALA YC 2 21.38 46.35 13.75
CA ALA YC 2 22.69 45.84 14.09
C ALA YC 2 23.27 44.98 12.97
N LYS YC 3 22.39 44.33 12.20
CA LYS YC 3 22.85 43.50 11.11
C LYS YC 3 23.43 44.33 9.98
N ILE YC 4 22.95 45.57 9.83
CA ILE YC 4 23.49 46.47 8.82
C ILE YC 4 24.93 46.84 9.13
N LEU YC 5 25.19 47.22 10.39
CA LEU YC 5 26.54 47.55 10.81
C LEU YC 5 27.43 46.32 10.79
N GLU YC 6 26.86 45.15 11.10
CA GLU YC 6 27.60 43.91 10.98
C GLU YC 6 28.01 43.64 9.54
N ALA YC 7 27.13 43.95 8.59
CA ALA YC 7 27.46 43.78 7.18
C ALA YC 7 28.52 44.78 6.74
N ASP YC 8 28.48 45.99 7.32
CA ASP YC 8 29.54 46.97 7.06
C ASP YC 8 30.89 46.45 7.54
N ALA YC 9 30.90 45.84 8.72
CA ALA YC 9 32.12 45.24 9.24
C ALA YC 9 32.58 44.07 8.37
N GLU YC 10 31.64 43.33 7.80
CA GLU YC 10 32.01 42.24 6.91
C GLU YC 10 32.60 42.76 5.60
N ILE YC 11 32.08 43.90 5.12
CA ILE YC 11 32.65 44.56 3.94
C ILE YC 11 34.09 44.97 4.20
N LEU YC 12 34.33 45.59 5.36
CA LEU YC 12 35.68 46.05 5.66
C LEU YC 12 36.62 44.88 5.93
N LYS YC 13 36.11 43.80 6.52
CA LYS YC 13 36.93 42.61 6.72
C LYS YC 13 37.29 41.96 5.39
N ALA YC 14 36.36 42.01 4.43
CA ALA YC 14 36.65 41.51 3.10
C ALA YC 14 37.74 42.34 2.44
N TYR YC 15 37.68 43.67 2.61
CA TYR YC 15 38.73 44.53 2.06
C TYR YC 15 40.07 44.26 2.70
N ALA YC 16 40.07 43.98 4.01
CA ALA YC 16 41.30 43.62 4.70
C ALA YC 16 41.85 42.29 4.19
N LYS YC 17 40.97 41.37 3.83
CA LYS YC 17 41.44 40.10 3.28
C LYS YC 17 42.01 40.29 1.88
N ILE YC 18 41.46 41.26 1.13
CA ILE YC 18 42.04 41.61 -0.18
C ILE YC 18 43.46 42.11 -0.01
N LEU YC 19 43.65 43.02 0.96
CA LEU YC 19 44.98 43.57 1.19
C LEU YC 19 45.95 42.51 1.70
N GLU YC 20 45.45 41.58 2.53
CA GLU YC 20 46.29 40.50 3.02
C GLU YC 20 46.71 39.57 1.89
N ALA YC 21 45.81 39.29 0.96
CA ALA YC 21 46.16 38.46 -0.18
C ALA YC 21 47.15 39.17 -1.10
N HIS YC 22 47.00 40.48 -1.27
CA HIS YC 22 47.90 41.22 -2.13
C HIS YC 22 49.30 41.27 -1.53
N ALA YC 23 49.37 41.45 -0.20
CA ALA YC 23 50.66 41.40 0.48
C ALA YC 23 51.23 39.99 0.48
N GLU YC 24 50.36 38.99 0.41
CA GLU YC 24 50.84 37.61 0.33
C GLU YC 24 51.49 37.35 -1.02
N ILE YC 25 50.91 37.92 -2.09
CA ILE YC 25 51.54 37.87 -3.42
C ILE YC 25 52.89 38.58 -3.38
N LEU YC 26 52.91 39.79 -2.82
CA LEU YC 26 54.12 40.60 -2.85
C LEU YC 26 55.21 40.00 -1.97
N LYS YC 27 54.83 39.26 -0.94
CA LYS YC 27 55.80 38.52 -0.14
C LYS YC 27 56.30 37.29 -0.88
N ALA YC 28 55.43 36.65 -1.66
CA ALA YC 28 55.74 35.34 -2.19
C ALA YC 28 56.74 35.40 -3.34
N GLN YC 29 56.93 36.56 -3.96
CA GLN YC 29 57.73 36.66 -5.17
C GLN YC 29 59.22 36.38 -4.98
N GLN ZC 1 23.30 56.72 6.86
CA GLN ZC 1 24.37 55.73 6.77
C GLN ZC 1 24.94 55.69 5.38
N ALA ZC 2 24.38 56.50 4.48
CA ALA ZC 2 24.81 56.48 3.09
C ALA ZC 2 26.22 57.03 2.92
N LYS ZC 3 26.68 57.84 3.89
CA LYS ZC 3 28.05 58.32 3.88
C LYS ZC 3 29.04 57.18 4.04
N ILE ZC 4 28.65 56.15 4.80
CA ILE ZC 4 29.52 55.00 5.01
C ILE ZC 4 29.72 54.23 3.72
N LEU ZC 5 28.62 53.94 3.02
CA LEU ZC 5 28.73 53.19 1.76
C LEU ZC 5 29.38 54.04 0.68
N GLU ZC 6 29.18 55.36 0.72
CA GLU ZC 6 29.86 56.24 -0.22
C GLU ZC 6 31.36 56.26 0.04
N ALA ZC 7 31.76 56.18 1.30
CA ALA ZC 7 33.17 56.07 1.64
C ALA ZC 7 33.74 54.73 1.18
N ASP ZC 8 32.94 53.66 1.27
CA ASP ZC 8 33.36 52.38 0.73
C ASP ZC 8 33.55 52.44 -0.77
N ALA ZC 9 32.67 53.18 -1.46
CA ALA ZC 9 32.80 53.36 -2.89
C ALA ZC 9 34.06 54.13 -3.24
N GLU ZC 10 34.38 55.17 -2.47
CA GLU ZC 10 35.60 55.93 -2.69
C GLU ZC 10 36.84 55.08 -2.43
N ILE ZC 11 36.77 54.23 -1.40
CA ILE ZC 11 37.87 53.32 -1.07
C ILE ZC 11 38.12 52.34 -2.21
N LEU ZC 12 37.04 51.76 -2.74
CA LEU ZC 12 37.19 50.77 -3.79
C LEU ZC 12 37.61 51.41 -5.10
N LYS ZC 13 37.16 52.64 -5.34
CA LYS ZC 13 37.61 53.38 -6.53
C LYS ZC 13 39.10 53.72 -6.42
N ALA ZC 14 39.56 54.04 -5.21
CA ALA ZC 14 40.98 54.32 -5.03
C ALA ZC 14 41.80 53.05 -5.23
N TYR ZC 15 41.29 51.90 -4.76
CA TYR ZC 15 41.96 50.64 -4.99
C TYR ZC 15 41.99 50.30 -6.47
N ALA ZC 16 40.94 50.66 -7.20
CA ALA ZC 16 40.91 50.45 -8.65
C ALA ZC 16 41.93 51.33 -9.34
N LYS ZC 17 42.10 52.57 -8.87
CA LYS ZC 17 43.10 53.46 -9.45
C LYS ZC 17 44.52 52.96 -9.18
N ILE ZC 18 44.74 52.43 -7.98
CA ILE ZC 18 46.06 51.88 -7.65
C ILE ZC 18 46.34 50.65 -8.49
N LEU ZC 19 45.32 49.82 -8.72
CA LEU ZC 19 45.50 48.64 -9.54
C LEU ZC 19 45.71 49.01 -11.01
N GLU ZC 20 45.09 50.09 -11.46
CA GLU ZC 20 45.30 50.54 -12.84
C GLU ZC 20 46.70 51.10 -13.02
N ALA ZC 21 47.21 51.81 -12.01
CA ALA ZC 21 48.58 52.31 -12.07
C ALA ZC 21 49.58 51.16 -12.03
N HIS ZC 22 49.29 50.13 -11.24
CA HIS ZC 22 50.12 48.93 -11.22
C HIS ZC 22 50.05 48.21 -12.56
N ALA ZC 23 48.88 48.24 -13.21
CA ALA ZC 23 48.71 47.59 -14.50
C ALA ZC 23 49.52 48.28 -15.58
N GLU ZC 24 49.45 49.61 -15.64
CA GLU ZC 24 50.20 50.33 -16.67
C GLU ZC 24 51.70 50.32 -16.38
N ILE ZC 25 52.08 50.22 -15.10
CA ILE ZC 25 53.50 50.19 -14.81
C ILE ZC 25 54.08 48.80 -15.04
N LEU ZC 26 53.25 47.75 -15.01
CA LEU ZC 26 53.71 46.45 -15.49
C LEU ZC 26 53.64 46.36 -17.01
N LYS ZC 27 52.77 47.16 -17.63
CA LYS ZC 27 52.78 47.28 -19.08
C LYS ZC 27 54.06 47.96 -19.56
N ALA ZC 28 54.56 48.93 -18.79
CA ALA ZC 28 55.81 49.60 -19.15
C ALA ZC 28 57.02 48.68 -18.98
N GLN ZC 29 56.94 47.72 -18.07
CA GLN ZC 29 58.04 46.79 -17.86
C GLN ZC 29 58.12 45.76 -18.99
N GLN AD 1 -67.89 8.50 -19.62
CA GLN AD 1 -67.21 9.44 -20.50
C GLN AD 1 -65.75 9.04 -20.69
N ALA AD 2 -65.34 8.00 -19.97
CA ALA AD 2 -63.92 7.65 -19.92
C ALA AD 2 -63.43 7.09 -21.24
N LYS AD 3 -64.33 6.51 -22.03
CA LYS AD 3 -63.93 5.94 -23.31
C LYS AD 3 -63.58 7.04 -24.31
N ILE AD 4 -64.18 8.21 -24.16
CA ILE AD 4 -63.85 9.35 -25.02
C ILE AD 4 -62.41 9.79 -24.79
N LEU AD 5 -62.03 9.97 -23.52
CA LEU AD 5 -60.68 10.38 -23.19
C LEU AD 5 -59.68 9.28 -23.50
N GLU AD 6 -60.11 8.02 -23.36
CA GLU AD 6 -59.29 6.89 -23.76
C GLU AD 6 -59.01 6.92 -25.27
N ALA AD 7 -60.02 7.30 -26.05
CA ALA AD 7 -59.83 7.42 -27.50
C ALA AD 7 -58.90 8.57 -27.84
N ASP AD 8 -58.98 9.66 -27.07
CA ASP AD 8 -58.04 10.76 -27.27
C ASP AD 8 -56.61 10.32 -26.98
N ALA AD 9 -56.43 9.53 -25.91
CA ALA AD 9 -55.13 8.99 -25.58
C ALA AD 9 -54.63 8.05 -26.67
N GLU AD 10 -55.53 7.29 -27.28
CA GLU AD 10 -55.14 6.41 -28.37
C GLU AD 10 -54.74 7.21 -29.61
N ILE AD 11 -55.40 8.35 -29.84
CA ILE AD 11 -55.02 9.24 -30.94
C ILE AD 11 -53.60 9.77 -30.75
N LEU AD 12 -53.32 10.25 -29.54
CA LEU AD 12 -51.99 10.83 -29.31
C LEU AD 12 -50.92 9.75 -29.27
N LYS AD 13 -51.27 8.54 -28.82
CA LYS AD 13 -50.33 7.42 -28.87
C LYS AD 13 -50.04 7.02 -30.30
N ALA AD 14 -51.06 7.10 -31.17
CA ALA AD 14 -50.84 6.82 -32.58
C ALA AD 14 -49.92 7.86 -33.21
N TYR AD 15 -50.09 9.13 -32.82
CA TYR AD 15 -49.18 10.17 -33.32
C TYR AD 15 -47.77 9.95 -32.82
N ALA AD 16 -47.62 9.45 -31.59
CA ALA AD 16 -46.31 9.12 -31.06
C ALA AD 16 -45.69 7.98 -31.84
N LYS AD 17 -46.50 7.01 -32.27
CA LYS AD 17 -45.97 5.90 -33.07
C LYS AD 17 -45.58 6.38 -34.46
N ILE AD 18 -46.29 7.39 -34.98
CA ILE AD 18 -45.89 8.03 -36.24
C ILE AD 18 -44.51 8.64 -36.11
N LEU AD 19 -44.29 9.37 -35.01
CA LEU AD 19 -42.99 10.02 -34.82
C LEU AD 19 -41.89 9.01 -34.56
N GLU AD 20 -42.21 7.89 -33.88
CA GLU AD 20 -41.20 6.86 -33.66
C GLU AD 20 -40.83 6.16 -34.95
N ALA AD 21 -41.81 5.94 -35.84
CA ALA AD 21 -41.51 5.33 -37.13
C ALA AD 21 -40.69 6.28 -37.99
N HIS AD 22 -40.96 7.58 -37.89
CA HIS AD 22 -40.17 8.55 -38.64
C HIS AD 22 -38.76 8.60 -38.10
N ALA AD 23 -38.60 8.41 -36.78
CA ALA AD 23 -37.28 8.31 -36.18
C ALA AD 23 -36.56 7.06 -36.63
N GLU AD 24 -37.30 5.97 -36.81
CA GLU AD 24 -36.72 4.74 -37.33
C GLU AD 24 -36.20 4.93 -38.74
N ILE AD 25 -36.97 5.66 -39.57
CA ILE AD 25 -36.56 5.95 -40.94
C ILE AD 25 -35.31 6.82 -40.94
N LEU AD 26 -35.28 7.83 -40.08
CA LEU AD 26 -34.14 8.73 -40.02
C LEU AD 26 -32.90 8.04 -39.46
N LYS AD 27 -33.11 7.08 -38.56
CA LYS AD 27 -31.99 6.35 -37.98
C LYS AD 27 -31.41 5.36 -38.97
N ALA AD 28 -32.26 4.80 -39.83
CA ALA AD 28 -31.79 3.79 -40.76
C ALA AD 28 -30.93 4.37 -41.87
N GLN AD 29 -31.09 5.65 -42.17
CA GLN AD 29 -30.36 6.27 -43.28
C GLN AD 29 -28.88 6.39 -42.99
N GLN BD 1 -64.17 19.94 -24.78
CA GLN BD 1 -63.54 18.79 -25.43
C GLN BD 1 -63.25 19.07 -26.89
N ALA BD 2 -64.01 20.01 -27.46
CA ALA BD 2 -63.79 20.39 -28.85
C ALA BD 2 -62.46 21.10 -29.04
N LYS BD 3 -61.97 21.75 -27.97
CA LYS BD 3 -60.66 22.40 -28.03
C LYS BD 3 -59.56 21.36 -28.17
N ILE BD 4 -59.76 20.18 -27.58
CA ILE BD 4 -58.77 19.10 -27.70
C ILE BD 4 -58.67 18.63 -29.15
N LEU BD 5 -59.81 18.42 -29.80
CA LEU BD 5 -59.81 17.97 -31.18
C LEU BD 5 -59.31 19.06 -32.12
N GLU BD 6 -59.58 20.32 -31.78
CA GLU BD 6 -59.08 21.42 -32.59
C GLU BD 6 -57.56 21.53 -32.47
N ALA BD 7 -57.03 21.29 -31.27
CA ALA BD 7 -55.59 21.26 -31.09
C ALA BD 7 -54.97 20.06 -31.81
N ASP BD 8 -55.70 18.94 -31.86
CA ASP BD 8 -55.24 17.80 -32.65
C ASP BD 8 -55.18 18.14 -34.13
N ALA BD 9 -56.17 18.89 -34.62
CA ALA BD 9 -56.15 19.34 -36.00
C ALA BD 9 -54.99 20.27 -36.27
N GLU BD 10 -54.67 21.14 -35.31
CA GLU BD 10 -53.52 22.02 -35.45
C GLU BD 10 -52.21 21.23 -35.46
N ILE BD 11 -52.14 20.18 -34.64
CA ILE BD 11 -50.95 19.33 -34.57
C ILE BD 11 -50.74 18.61 -35.89
N LEU BD 12 -51.81 18.03 -36.43
CA LEU BD 12 -51.67 17.30 -37.69
C LEU BD 12 -51.43 18.24 -38.86
N LYS BD 13 -51.97 19.45 -38.81
CA LYS BD 13 -51.67 20.43 -39.85
C LYS BD 13 -50.21 20.88 -39.79
N ALA BD 14 -49.67 21.00 -38.57
CA ALA BD 14 -48.26 21.34 -38.44
C ALA BD 14 -47.37 20.22 -38.94
N TYR BD 15 -47.77 18.97 -38.67
CA TYR BD 15 -47.02 17.83 -39.17
C TYR BD 15 -47.08 17.76 -40.70
N ALA BD 16 -48.23 18.15 -41.27
CA ALA BD 16 -48.35 18.21 -42.71
C ALA BD 16 -47.46 19.30 -43.29
N LYS BD 17 -47.33 20.42 -42.59
CA LYS BD 17 -46.46 21.49 -43.04
C LYS BD 17 -45.00 21.08 -42.98
N ILE BD 18 -44.62 20.33 -41.94
CA ILE BD 18 -43.26 19.82 -41.81
C ILE BD 18 -42.96 18.84 -42.93
N LEU BD 19 -43.93 17.98 -43.24
CA LEU BD 19 -43.73 17.01 -44.32
C LEU BD 19 -43.69 17.69 -45.68
N GLU BD 20 -44.44 18.78 -45.84
CA GLU BD 20 -44.40 19.53 -47.10
C GLU BD 20 -43.06 20.23 -47.28
N ALA BD 21 -42.53 20.79 -46.20
CA ALA BD 21 -41.21 21.43 -46.27
C ALA BD 21 -40.12 20.40 -46.53
N HIS BD 22 -40.26 19.21 -45.95
CA HIS BD 22 -39.31 18.13 -46.19
C HIS BD 22 -39.40 17.65 -47.63
N ALA BD 23 -40.61 17.59 -48.18
CA ALA BD 23 -40.77 17.19 -49.57
C ALA BD 23 -40.21 18.24 -50.51
N GLU BD 24 -40.36 19.52 -50.15
CA GLU BD 24 -39.81 20.59 -50.97
C GLU BD 24 -38.28 20.57 -50.94
N ILE BD 25 -37.69 20.30 -49.77
CA ILE BD 25 -36.24 20.32 -49.69
C ILE BD 25 -35.64 19.05 -50.29
N LEU BD 26 -36.41 17.96 -50.37
CA LEU BD 26 -35.95 16.82 -51.15
C LEU BD 26 -36.15 17.03 -52.64
N LYS BD 27 -37.14 17.86 -53.01
CA LYS BD 27 -37.27 18.27 -54.41
C LYS BD 27 -36.10 19.15 -54.82
N ALA BD 28 -35.60 19.98 -53.90
CA ALA BD 28 -34.47 20.84 -54.19
C ALA BD 28 -33.17 20.05 -54.35
N GLN BD 29 -33.06 18.91 -53.67
CA GLN BD 29 -31.87 18.08 -53.77
C GLN BD 29 -31.84 17.31 -55.09
#